data_9FYZ
#
_entry.id   9FYZ
#
_cell.length_a   105.978
_cell.length_b   105.978
_cell.length_c   753.691
_cell.angle_alpha   90.00
_cell.angle_beta   90.00
_cell.angle_gamma   120.00
#
_symmetry.space_group_name_H-M   'P 32 2 1'
#
loop_
_entity.id
_entity.type
_entity.pdbx_description
1 polymer 'Neopullulanase SusA'
2 branched alpha-D-glucopyranose-(1-6)-alpha-D-glucopyranose
3 non-polymer (1~{S},4~{S},5~{R})-6-(hydroxymethyl)cyclohexane-1,2,3,4,5-pentol
4 non-polymer OCTAN-1-OL
5 non-polymer IMIDAZOLE
6 non-polymer 'CALCIUM ION'
7 water water
#
_entity_poly.entity_id   1
_entity_poly.type   'polypeptide(L)'
_entity_poly.pdbx_seq_one_letter_code
;MHHHHHHENLYFQGATSTIKKVAPTFWWAGMKNPELQILLYGDRISSADVSLSADNITLQEVVKQENPNYLVLYLDLSKA
APQNFDIILKQGKKQTKIPYELKQRRPNASAVEGFDSSDVLYLIMPDRFANGNPSNDIIPGMLEGNVDRNEPFARHGGDL
KGIENHLDYIADLGVTSIWLNPIQENDMKEGSYHGYAITDYYQVDRRFGSNEEFRKLTQEANAKGLKVVMDMIFNHCGSD
NYLFKDMPSKDWFNFEGNYVQTSFKTATQMDPYASDYEKKIAIDGWFTLTMPDFNQRNRHVATYLIQSSIWWIEYAGING
IRQDTHPYADFDMMARWCKAVNEEYPKFNIVGETWLGNNVLISYWQKDSRLAYPKNSNLPTVMDFPLMEEMNKAFDEETT
EWNGGLFRLYEYLSQDIVYSHPMSLLTFLDNHDTSRFYRSEADTKNLDRYKQALTFLLTTRGIPQIYYGTEILMAADKAN
GDGLLRCDFPGGWPNDTKNCFDAANRTPQQNEAFSFMQKLLQWRKGNEVIAKGQLKHFAPNKGVYVYERKYGDKSVVVFL
NGNDREQTIDLVPYQEILPASSAFDLLTEKKVELRNELTLPSREIYLLSF
;
_entity_poly.pdbx_strand_id   A,B,C,D,E,F
#
# COMPACT_ATOMS: atom_id res chain seq x y z
N SER A 17 -83.33 -29.51 80.42
CA SER A 17 -84.13 -28.78 79.40
C SER A 17 -83.63 -29.11 78.00
N THR A 18 -83.68 -28.11 77.10
CA THR A 18 -83.13 -28.27 75.76
C THR A 18 -81.60 -28.08 75.75
N ILE A 19 -81.02 -27.65 76.87
CA ILE A 19 -79.58 -27.42 76.99
C ILE A 19 -78.93 -28.60 77.70
N LYS A 20 -78.09 -29.36 76.96
CA LYS A 20 -77.38 -30.51 77.51
C LYS A 20 -76.07 -30.09 78.19
N LYS A 21 -75.28 -29.17 77.61
CA LYS A 21 -73.98 -28.83 78.17
C LYS A 21 -73.65 -27.35 77.99
N VAL A 22 -73.05 -26.77 79.03
CA VAL A 22 -72.67 -25.38 79.09
C VAL A 22 -71.21 -25.27 79.51
N ALA A 23 -70.36 -24.64 78.67
CA ALA A 23 -68.93 -24.56 78.97
C ALA A 23 -68.41 -23.14 78.81
N PRO A 24 -67.59 -22.61 79.75
CA PRO A 24 -67.36 -23.26 81.04
C PRO A 24 -68.59 -23.29 81.94
N THR A 25 -68.56 -24.15 82.95
CA THR A 25 -69.65 -24.32 83.89
C THR A 25 -70.00 -22.95 84.49
N PHE A 26 -68.96 -22.21 84.86
CA PHE A 26 -69.08 -20.84 85.32
C PHE A 26 -67.75 -20.11 85.14
N TRP A 27 -67.72 -18.82 85.40
CA TRP A 27 -66.52 -18.01 85.28
C TRP A 27 -66.39 -17.08 86.47
N TRP A 28 -65.42 -16.16 86.38
CA TRP A 28 -65.12 -15.21 87.43
C TRP A 28 -65.12 -13.80 86.86
N ALA A 29 -65.37 -12.84 87.75
CA ALA A 29 -65.21 -11.44 87.40
C ALA A 29 -63.78 -11.03 87.66
N GLY A 30 -63.29 -10.09 86.86
CA GLY A 30 -61.98 -9.49 87.10
C GLY A 30 -60.82 -10.39 86.70
N MET A 31 -60.98 -11.25 85.69
CA MET A 31 -59.83 -11.93 85.08
C MET A 31 -59.08 -10.92 84.20
N LYS A 32 -57.77 -11.11 84.03
CA LYS A 32 -56.96 -10.19 83.23
C LYS A 32 -57.51 -10.09 81.81
N ASN A 33 -57.76 -11.26 81.19
CA ASN A 33 -58.44 -11.30 79.91
C ASN A 33 -59.95 -11.16 80.16
N PRO A 34 -60.59 -10.07 79.71
CA PRO A 34 -62.01 -9.85 80.02
C PRO A 34 -62.97 -10.59 79.10
N GLU A 35 -62.46 -11.32 78.10
CA GLU A 35 -63.30 -12.03 77.17
C GLU A 35 -63.72 -13.37 77.79
N LEU A 36 -64.96 -13.78 77.54
CA LEU A 36 -65.47 -15.08 77.95
C LEU A 36 -66.18 -15.70 76.78
N GLN A 37 -65.75 -16.90 76.39
CA GLN A 37 -66.47 -17.70 75.42
C GLN A 37 -67.35 -18.66 76.21
N ILE A 38 -68.66 -18.62 75.94
CA ILE A 38 -69.55 -19.63 76.50
C ILE A 38 -70.05 -20.48 75.35
N LEU A 39 -69.77 -21.79 75.43
CA LEU A 39 -70.17 -22.75 74.42
C LEU A 39 -71.46 -23.43 74.91
N LEU A 40 -72.51 -23.36 74.10
CA LEU A 40 -73.81 -23.96 74.42
C LEU A 40 -74.05 -25.15 73.49
N TYR A 41 -74.47 -26.27 74.09
CA TYR A 41 -74.83 -27.47 73.38
C TYR A 41 -76.24 -27.93 73.75
N GLY A 42 -77.09 -28.09 72.74
CA GLY A 42 -78.44 -28.63 72.95
C GLY A 42 -79.13 -29.05 71.66
N ASP A 43 -80.45 -29.21 71.72
CA ASP A 43 -81.23 -29.71 70.59
C ASP A 43 -81.60 -28.54 69.68
N ARG A 44 -81.14 -28.61 68.42
CA ARG A 44 -81.36 -27.58 67.41
C ARG A 44 -81.49 -26.18 68.03
N ILE A 45 -80.43 -25.67 68.68
CA ILE A 45 -80.47 -24.39 69.36
C ILE A 45 -79.93 -23.26 68.51
N SER A 46 -79.34 -23.57 67.35
CA SER A 46 -78.45 -22.60 66.68
C SER A 46 -79.23 -21.44 66.05
N SER A 47 -80.53 -21.64 65.82
CA SER A 47 -81.36 -20.62 65.19
C SER A 47 -81.86 -19.61 66.23
N ALA A 48 -81.65 -19.91 67.52
CA ALA A 48 -82.23 -19.13 68.60
C ALA A 48 -81.79 -17.67 68.55
N ASP A 49 -82.64 -16.80 69.09
CA ASP A 49 -82.28 -15.40 69.32
C ASP A 49 -81.75 -15.29 70.73
N VAL A 50 -80.54 -14.73 70.88
CA VAL A 50 -79.81 -14.81 72.14
C VAL A 50 -79.80 -13.42 72.72
N SER A 51 -79.98 -13.37 74.04
CA SER A 51 -79.83 -12.13 74.79
C SER A 51 -79.35 -12.49 76.18
N LEU A 52 -78.97 -11.45 76.91
CA LEU A 52 -78.53 -11.57 78.27
C LEU A 52 -79.39 -10.68 79.16
N SER A 53 -79.61 -11.20 80.37
CA SER A 53 -80.16 -10.43 81.45
C SER A 53 -79.09 -10.39 82.51
N ALA A 54 -78.41 -9.25 82.59
CA ALA A 54 -77.20 -9.12 83.36
C ALA A 54 -76.88 -7.66 83.61
N ASP A 55 -75.85 -7.47 84.43
CA ASP A 55 -75.42 -6.16 84.89
C ASP A 55 -74.01 -5.90 84.34
N ASN A 56 -73.93 -5.06 83.30
CA ASN A 56 -72.66 -4.61 82.74
C ASN A 56 -71.88 -5.77 82.12
N ILE A 57 -72.57 -6.53 81.27
CA ILE A 57 -71.97 -7.56 80.46
C ILE A 57 -72.44 -7.30 79.04
N THR A 58 -71.51 -7.31 78.09
CA THR A 58 -71.87 -7.16 76.68
C THR A 58 -71.77 -8.51 75.99
N LEU A 59 -72.84 -8.92 75.33
CA LEU A 59 -72.81 -9.99 74.34
C LEU A 59 -72.24 -9.42 73.04
N GLN A 60 -71.00 -9.79 72.72
CA GLN A 60 -70.29 -9.23 71.59
C GLN A 60 -70.75 -9.90 70.31
N GLU A 61 -70.98 -11.21 70.33
CA GLU A 61 -71.00 -12.04 69.12
C GLU A 61 -71.67 -13.36 69.45
N VAL A 62 -72.48 -13.88 68.52
CA VAL A 62 -73.03 -15.22 68.58
C VAL A 62 -72.62 -15.91 67.28
N VAL A 63 -71.97 -17.08 67.42
CA VAL A 63 -71.39 -17.78 66.28
C VAL A 63 -72.18 -19.05 66.02
N LYS A 64 -72.63 -19.20 64.78
CA LYS A 64 -73.37 -20.35 64.30
C LYS A 64 -72.46 -21.12 63.35
N GLN A 65 -72.59 -22.44 63.36
CA GLN A 65 -71.76 -23.35 62.58
C GLN A 65 -72.64 -24.46 62.03
N GLU A 66 -72.07 -25.28 61.14
CA GLU A 66 -72.77 -26.33 60.44
C GLU A 66 -73.72 -27.08 61.37
N ASN A 67 -73.22 -27.53 62.51
CA ASN A 67 -74.02 -28.31 63.43
C ASN A 67 -75.01 -27.40 64.14
N PRO A 68 -76.34 -27.63 64.02
CA PRO A 68 -77.32 -26.78 64.70
C PRO A 68 -77.49 -27.04 66.19
N ASN A 69 -76.70 -27.95 66.76
CA ASN A 69 -76.81 -28.24 68.18
C ASN A 69 -75.94 -27.30 69.03
N TYR A 70 -75.26 -26.34 68.41
CA TYR A 70 -74.30 -25.52 69.15
C TYR A 70 -74.54 -24.04 68.90
N LEU A 71 -74.24 -23.26 69.92
CA LEU A 71 -74.02 -21.83 69.80
C LEU A 71 -72.72 -21.49 70.52
N VAL A 72 -71.95 -20.57 69.96
CA VAL A 72 -70.77 -20.05 70.64
C VAL A 72 -70.99 -18.56 70.91
N LEU A 73 -70.96 -18.20 72.20
CA LEU A 73 -71.19 -16.84 72.63
C LEU A 73 -69.85 -16.25 73.06
N TYR A 74 -69.62 -14.98 72.70
CA TYR A 74 -68.49 -14.22 73.17
C TYR A 74 -69.00 -13.02 73.98
N LEU A 75 -68.64 -12.97 75.27
CA LEU A 75 -69.05 -11.93 76.18
C LEU A 75 -67.84 -11.07 76.52
N ASP A 76 -68.07 -9.77 76.76
CA ASP A 76 -67.06 -8.87 77.32
C ASP A 76 -67.40 -8.59 78.79
N LEU A 77 -66.46 -8.88 79.69
CA LEU A 77 -66.66 -8.81 81.13
C LEU A 77 -65.87 -7.67 81.76
N SER A 78 -65.40 -6.72 80.94
CA SER A 78 -64.43 -5.75 81.43
C SER A 78 -65.03 -4.83 82.50
N LYS A 79 -66.35 -4.58 82.41
CA LYS A 79 -67.03 -3.65 83.29
C LYS A 79 -67.89 -4.38 84.32
N ALA A 80 -67.68 -5.70 84.51
CA ALA A 80 -68.67 -6.52 85.18
C ALA A 80 -68.18 -6.96 86.55
N ALA A 81 -69.09 -6.95 87.53
CA ALA A 81 -68.78 -7.38 88.87
C ALA A 81 -69.42 -8.75 89.09
N PRO A 82 -68.98 -9.47 90.15
CA PRO A 82 -69.54 -10.78 90.46
C PRO A 82 -71.06 -10.67 90.49
N GLN A 83 -71.74 -11.69 89.97
CA GLN A 83 -73.17 -11.63 89.82
C GLN A 83 -73.68 -12.97 89.30
N ASN A 84 -75.00 -13.20 89.43
CA ASN A 84 -75.70 -14.23 88.73
C ASN A 84 -76.50 -13.57 87.61
N PHE A 85 -76.52 -14.21 86.43
CA PHE A 85 -77.12 -13.62 85.26
C PHE A 85 -77.71 -14.74 84.44
N ASP A 86 -78.49 -14.37 83.43
CA ASP A 86 -79.22 -15.35 82.64
C ASP A 86 -78.85 -15.15 81.17
N ILE A 87 -78.68 -16.27 80.48
CA ILE A 87 -78.60 -16.31 79.03
C ILE A 87 -79.97 -16.77 78.55
N ILE A 88 -80.49 -16.11 77.53
CA ILE A 88 -81.88 -16.29 77.14
C ILE A 88 -81.93 -16.62 75.65
N LEU A 89 -82.46 -17.81 75.35
CA LEU A 89 -82.71 -18.26 74.00
C LEU A 89 -84.21 -18.21 73.73
N LYS A 90 -84.61 -17.45 72.71
CA LYS A 90 -86.00 -17.36 72.29
C LYS A 90 -86.12 -17.99 70.90
N GLN A 91 -86.85 -19.10 70.79
CA GLN A 91 -87.11 -19.75 69.51
C GLN A 91 -88.63 -19.83 69.30
N GLY A 92 -89.18 -19.00 68.41
CA GLY A 92 -90.62 -18.89 68.23
C GLY A 92 -91.36 -18.62 69.54
N LYS A 93 -92.10 -19.65 70.00
CA LYS A 93 -92.88 -19.59 71.22
C LYS A 93 -92.03 -20.01 72.43
N LYS A 94 -91.06 -20.92 72.23
CA LYS A 94 -90.24 -21.47 73.31
C LYS A 94 -89.21 -20.44 73.78
N GLN A 95 -88.95 -20.39 75.10
CA GLN A 95 -87.94 -19.52 75.67
C GLN A 95 -87.19 -20.28 76.77
N THR A 96 -85.85 -20.36 76.65
CA THR A 96 -85.02 -21.06 77.63
C THR A 96 -84.17 -20.05 78.37
N LYS A 97 -84.19 -20.10 79.71
CA LYS A 97 -83.33 -19.28 80.55
C LYS A 97 -82.18 -20.17 81.05
N ILE A 98 -80.93 -19.85 80.66
CA ILE A 98 -79.75 -20.53 81.18
C ILE A 98 -79.11 -19.65 82.23
N PRO A 99 -79.11 -20.04 83.52
CA PRO A 99 -78.47 -19.23 84.55
C PRO A 99 -76.96 -19.41 84.45
N TYR A 100 -76.19 -18.41 84.92
CA TYR A 100 -74.74 -18.41 84.80
C TYR A 100 -74.17 -17.54 85.90
N GLU A 101 -73.10 -18.04 86.54
CA GLU A 101 -72.50 -17.32 87.65
C GLU A 101 -71.14 -16.74 87.26
N LEU A 102 -70.91 -15.46 87.58
CA LEU A 102 -69.59 -14.86 87.66
C LEU A 102 -69.15 -14.82 89.11
N LYS A 103 -68.29 -15.76 89.51
CA LYS A 103 -67.88 -15.85 90.90
C LYS A 103 -66.95 -14.70 91.20
N GLN A 104 -66.67 -14.52 92.49
CA GLN A 104 -65.79 -13.48 92.95
C GLN A 104 -64.47 -14.18 93.26
N ARG A 105 -63.37 -13.59 92.79
CA ARG A 105 -62.07 -14.25 92.90
C ARG A 105 -61.61 -14.18 94.35
N ARG A 106 -61.08 -15.30 94.83
CA ARG A 106 -60.22 -15.30 96.01
C ARG A 106 -59.28 -14.10 95.90
N PRO A 107 -58.90 -13.45 97.01
CA PRO A 107 -57.86 -12.43 96.95
C PRO A 107 -56.52 -13.13 96.64
N ASN A 108 -55.70 -12.49 95.81
CA ASN A 108 -54.37 -12.96 95.46
C ASN A 108 -54.38 -14.28 94.68
N ALA A 109 -55.45 -14.57 93.93
CA ALA A 109 -55.51 -15.77 93.09
C ALA A 109 -54.41 -15.74 92.03
N SER A 110 -54.18 -14.56 91.46
CA SER A 110 -53.13 -14.28 90.51
C SER A 110 -51.77 -14.68 91.03
N ALA A 111 -51.57 -14.64 92.34
CA ALA A 111 -50.22 -14.74 92.87
C ALA A 111 -49.91 -16.17 93.35
N VAL A 112 -50.68 -17.13 92.88
CA VAL A 112 -50.42 -18.51 93.26
C VAL A 112 -48.99 -18.86 92.85
N GLU A 113 -48.26 -19.49 93.78
CA GLU A 113 -46.93 -20.00 93.51
C GLU A 113 -46.99 -21.06 92.41
N GLY A 114 -45.94 -21.09 91.57
CA GLY A 114 -45.71 -22.16 90.62
C GLY A 114 -44.94 -23.29 91.29
N PHE A 115 -44.20 -24.08 90.49
CA PHE A 115 -43.19 -24.96 91.06
C PHE A 115 -41.88 -24.73 90.34
N ASP A 116 -40.78 -25.15 90.94
CA ASP A 116 -39.46 -24.80 90.46
C ASP A 116 -38.45 -25.76 91.06
N SER A 117 -37.15 -25.43 90.94
CA SER A 117 -36.11 -26.40 91.25
C SER A 117 -36.02 -26.65 92.74
N SER A 118 -36.69 -25.83 93.55
CA SER A 118 -36.78 -26.08 94.98
C SER A 118 -37.75 -27.24 95.26
N ASP A 119 -38.56 -27.60 94.27
CA ASP A 119 -39.55 -28.64 94.43
C ASP A 119 -39.04 -29.99 93.96
N VAL A 120 -39.75 -31.03 94.41
CA VAL A 120 -39.67 -32.38 93.86
C VAL A 120 -41.10 -32.84 93.63
N LEU A 121 -41.40 -33.33 92.42
CA LEU A 121 -42.75 -33.71 92.07
C LEU A 121 -42.93 -35.22 92.20
N TYR A 122 -44.10 -35.63 92.74
CA TYR A 122 -44.43 -37.04 92.94
C TYR A 122 -45.57 -37.39 92.01
N LEU A 123 -45.28 -38.24 91.01
CA LEU A 123 -46.21 -38.47 89.92
C LEU A 123 -47.09 -39.67 90.26
N ILE A 124 -48.41 -39.46 90.20
CA ILE A 124 -49.41 -40.45 90.60
C ILE A 124 -50.41 -40.67 89.47
N MET A 125 -50.63 -41.92 89.12
CA MET A 125 -51.73 -42.33 88.23
C MET A 125 -52.95 -42.66 89.10
N PRO A 126 -53.95 -41.79 89.20
CA PRO A 126 -55.01 -41.89 90.22
C PRO A 126 -55.72 -43.25 90.35
N ASP A 127 -56.02 -43.86 89.22
CA ASP A 127 -56.70 -45.14 89.20
C ASP A 127 -55.87 -46.27 89.80
N ARG A 128 -54.61 -46.03 90.16
CA ARG A 128 -53.68 -47.10 90.49
C ARG A 128 -52.94 -46.80 91.78
N PHE A 129 -53.35 -45.74 92.49
CA PHE A 129 -52.63 -45.38 93.71
C PHE A 129 -53.40 -45.88 94.93
N ALA A 130 -54.64 -45.41 95.15
CA ALA A 130 -55.42 -45.82 96.30
C ALA A 130 -56.93 -45.70 96.08
N ASN A 131 -57.67 -46.74 96.53
CA ASN A 131 -59.12 -46.79 96.49
C ASN A 131 -59.67 -46.41 97.86
N GLY A 132 -60.08 -45.15 97.99
CA GLY A 132 -60.56 -44.63 99.28
C GLY A 132 -62.09 -44.58 99.31
N ASN A 133 -62.73 -44.86 98.18
CA ASN A 133 -64.18 -44.97 98.11
C ASN A 133 -64.57 -46.00 97.06
N PRO A 134 -64.79 -47.28 97.44
CA PRO A 134 -65.13 -48.32 96.46
C PRO A 134 -66.48 -48.15 95.77
N SER A 135 -67.35 -47.30 96.33
CA SER A 135 -68.69 -47.10 95.81
C SER A 135 -68.71 -46.42 94.44
N ASN A 136 -67.59 -45.75 94.09
CA ASN A 136 -67.52 -45.02 92.84
C ASN A 136 -66.69 -45.79 91.81
N ASP A 137 -66.20 -47.00 92.15
CA ASP A 137 -65.44 -47.81 91.21
C ASP A 137 -66.25 -48.07 89.93
N ILE A 138 -67.57 -48.22 90.07
CA ILE A 138 -68.45 -48.35 88.91
C ILE A 138 -69.51 -47.26 89.01
N ILE A 139 -69.77 -46.57 87.87
CA ILE A 139 -70.73 -45.49 87.86
C ILE A 139 -71.80 -45.80 86.82
N PRO A 140 -73.08 -45.93 87.25
CA PRO A 140 -74.16 -46.28 86.33
C PRO A 140 -74.17 -45.33 85.15
N GLY A 141 -74.25 -45.87 83.95
CA GLY A 141 -74.39 -45.07 82.74
C GLY A 141 -73.08 -44.93 81.97
N MET A 142 -71.94 -44.97 82.67
CA MET A 142 -70.64 -44.85 82.05
C MET A 142 -70.35 -46.09 81.21
N LEU A 143 -69.76 -45.85 80.03
CA LEU A 143 -69.57 -46.87 79.00
C LEU A 143 -68.68 -48.01 79.48
N GLU A 144 -67.70 -47.73 80.34
CA GLU A 144 -66.84 -48.78 80.87
C GLU A 144 -67.36 -49.09 82.26
N GLY A 145 -68.13 -50.18 82.37
CA GLY A 145 -68.89 -50.48 83.57
C GLY A 145 -68.22 -51.53 84.46
N ASN A 146 -66.93 -51.73 84.26
CA ASN A 146 -66.22 -52.84 84.84
C ASN A 146 -64.99 -52.37 85.60
N VAL A 147 -64.68 -53.02 86.71
CA VAL A 147 -63.37 -52.96 87.33
C VAL A 147 -62.81 -54.38 87.47
N ASP A 148 -61.51 -54.49 87.29
CA ASP A 148 -60.83 -55.77 87.27
C ASP A 148 -59.36 -55.53 87.57
N ARG A 149 -59.01 -55.65 88.85
CA ARG A 149 -57.67 -55.43 89.33
C ARG A 149 -56.66 -56.42 88.77
N ASN A 150 -57.11 -57.48 88.10
CA ASN A 150 -56.21 -58.50 87.56
C ASN A 150 -56.00 -58.29 86.07
N GLU A 151 -56.69 -57.31 85.48
CA GLU A 151 -56.44 -56.92 84.08
C GLU A 151 -55.61 -55.63 84.08
N PRO A 152 -54.37 -55.64 83.51
CA PRO A 152 -53.54 -54.44 83.49
C PRO A 152 -54.16 -53.23 82.80
N PHE A 153 -55.03 -53.44 81.81
CA PHE A 153 -55.60 -52.39 81.00
C PHE A 153 -57.04 -52.04 81.39
N ALA A 154 -57.47 -52.49 82.55
CA ALA A 154 -58.83 -52.19 83.01
C ALA A 154 -58.75 -51.23 84.19
N ARG A 155 -59.89 -50.62 84.53
CA ARG A 155 -59.96 -49.77 85.71
C ARG A 155 -59.78 -50.66 86.94
N HIS A 156 -59.09 -50.13 87.94
CA HIS A 156 -58.79 -50.83 89.18
C HIS A 156 -59.51 -50.20 90.37
N GLY A 157 -59.94 -48.95 90.23
CA GLY A 157 -60.81 -48.31 91.23
C GLY A 157 -60.14 -47.23 92.06
N GLY A 158 -58.91 -46.82 91.69
CA GLY A 158 -58.26 -45.73 92.43
C GLY A 158 -59.06 -44.43 92.33
N ASP A 159 -58.92 -43.54 93.32
CA ASP A 159 -59.68 -42.32 93.35
C ASP A 159 -58.99 -41.23 94.16
N LEU A 160 -59.63 -40.03 94.13
CA LEU A 160 -59.11 -38.84 94.80
C LEU A 160 -59.07 -39.02 96.31
N LYS A 161 -60.14 -39.60 96.86
CA LYS A 161 -60.23 -39.88 98.28
C LYS A 161 -59.02 -40.70 98.72
N GLY A 162 -58.66 -41.67 97.89
CA GLY A 162 -57.46 -42.49 98.11
C GLY A 162 -56.20 -41.66 98.23
N ILE A 163 -56.02 -40.66 97.35
CA ILE A 163 -54.86 -39.80 97.43
C ILE A 163 -54.98 -38.98 98.71
N GLU A 164 -56.16 -38.43 98.95
CA GLU A 164 -56.38 -37.61 100.16
C GLU A 164 -56.05 -38.41 101.42
N ASN A 165 -56.42 -39.70 101.43
CA ASN A 165 -56.17 -40.53 102.59
C ASN A 165 -54.68 -40.68 102.87
N HIS A 166 -53.82 -40.56 101.84
CA HIS A 166 -52.40 -40.86 102.01
C HIS A 166 -51.50 -39.63 101.79
N LEU A 167 -52.06 -38.43 101.85
CA LEU A 167 -51.24 -37.22 101.85
C LEU A 167 -50.17 -37.24 102.93
N ASP A 168 -50.50 -37.79 104.10
CA ASP A 168 -49.58 -37.89 105.23
C ASP A 168 -48.32 -38.64 104.79
N TYR A 169 -48.52 -39.71 104.01
CA TYR A 169 -47.44 -40.59 103.58
C TYR A 169 -46.56 -39.82 102.59
N ILE A 170 -47.21 -39.14 101.65
CA ILE A 170 -46.53 -38.39 100.61
C ILE A 170 -45.67 -37.29 101.24
N ALA A 171 -46.22 -36.50 102.18
CA ALA A 171 -45.47 -35.43 102.82
C ALA A 171 -44.29 -35.97 103.61
N ASP A 172 -44.50 -37.12 104.26
CA ASP A 172 -43.49 -37.71 105.11
C ASP A 172 -42.34 -38.23 104.25
N LEU A 173 -42.66 -38.68 103.03
CA LEU A 173 -41.64 -39.13 102.09
C LEU A 173 -40.67 -38.01 101.78
N GLY A 174 -41.16 -36.78 101.73
CA GLY A 174 -40.28 -35.60 101.63
C GLY A 174 -40.44 -34.82 100.30
N VAL A 175 -41.37 -35.25 99.44
CA VAL A 175 -41.60 -34.58 98.19
C VAL A 175 -42.35 -33.28 98.49
N THR A 176 -42.43 -32.36 97.54
CA THR A 176 -43.03 -31.06 97.81
C THR A 176 -44.30 -30.89 97.00
N SER A 177 -44.56 -31.79 96.04
CA SER A 177 -45.69 -31.61 95.15
C SER A 177 -46.22 -32.97 94.70
N ILE A 178 -47.55 -33.05 94.52
CA ILE A 178 -48.14 -34.18 93.85
C ILE A 178 -48.41 -33.73 92.43
N TRP A 179 -48.15 -34.63 91.47
CA TRP A 179 -48.48 -34.43 90.08
C TRP A 179 -49.38 -35.60 89.64
N LEU A 180 -50.57 -35.27 89.15
CA LEU A 180 -51.57 -36.26 88.79
C LEU A 180 -51.60 -36.44 87.28
N ASN A 181 -51.62 -37.69 86.84
CA ASN A 181 -52.06 -38.01 85.48
C ASN A 181 -53.48 -37.50 85.36
N PRO A 182 -54.03 -37.39 84.15
CA PRO A 182 -55.28 -36.67 83.94
C PRO A 182 -56.44 -37.19 84.80
N ILE A 183 -57.15 -36.25 85.42
CA ILE A 183 -58.28 -36.52 86.27
C ILE A 183 -59.57 -36.11 85.57
N GLN A 184 -59.47 -35.43 84.43
CA GLN A 184 -60.65 -35.08 83.68
C GLN A 184 -61.30 -36.36 83.11
N GLU A 185 -62.63 -36.33 82.99
CA GLU A 185 -63.42 -37.52 82.75
C GLU A 185 -63.03 -38.19 81.43
N ASN A 186 -62.84 -39.52 81.50
CA ASN A 186 -62.62 -40.36 80.33
C ASN A 186 -63.76 -41.38 80.20
N ASP A 187 -64.92 -40.94 79.72
CA ASP A 187 -66.06 -41.83 79.54
C ASP A 187 -65.90 -42.58 78.22
N MET A 188 -64.94 -43.52 78.19
CA MET A 188 -64.68 -44.33 77.02
C MET A 188 -65.04 -45.81 77.28
N LYS A 189 -65.31 -46.58 76.22
CA LYS A 189 -65.63 -48.00 76.30
C LYS A 189 -64.43 -48.77 76.86
N GLU A 190 -63.23 -48.56 76.29
CA GLU A 190 -62.03 -49.21 76.78
C GLU A 190 -60.94 -48.16 77.03
N GLY A 191 -59.98 -48.51 77.88
CA GLY A 191 -58.77 -47.74 78.08
C GLY A 191 -58.97 -46.46 78.90
N SER A 192 -60.09 -46.37 79.64
CA SER A 192 -60.46 -45.14 80.32
C SER A 192 -59.59 -44.90 81.54
N TYR A 193 -58.89 -45.94 82.01
CA TYR A 193 -58.19 -45.88 83.28
C TYR A 193 -57.07 -44.84 83.30
N HIS A 194 -56.44 -44.54 82.15
CA HIS A 194 -55.18 -43.80 82.14
C HIS A 194 -55.43 -42.30 82.07
N GLY A 195 -56.54 -41.89 81.46
CA GLY A 195 -57.00 -40.51 81.52
C GLY A 195 -56.73 -39.68 80.26
N TYR A 196 -56.10 -40.25 79.24
CA TYR A 196 -55.57 -39.45 78.14
C TYR A 196 -56.56 -39.35 76.98
N ALA A 197 -57.82 -39.74 77.23
CA ALA A 197 -58.88 -39.54 76.26
C ALA A 197 -60.08 -38.89 76.94
N ILE A 198 -60.03 -37.57 77.03
CA ILE A 198 -60.95 -36.81 77.85
C ILE A 198 -62.27 -36.65 77.11
N THR A 199 -63.38 -36.88 77.83
CA THR A 199 -64.71 -36.71 77.23
C THR A 199 -65.41 -35.48 77.81
N ASP A 200 -64.93 -34.98 78.96
CA ASP A 200 -65.42 -33.71 79.46
C ASP A 200 -64.28 -32.92 80.11
N TYR A 201 -63.94 -31.78 79.54
CA TYR A 201 -62.85 -30.97 80.06
C TYR A 201 -63.24 -30.23 81.33
N TYR A 202 -64.55 -30.18 81.67
CA TYR A 202 -64.98 -29.42 82.84
C TYR A 202 -65.45 -30.30 83.98
N GLN A 203 -65.18 -31.59 83.94
CA GLN A 203 -65.60 -32.51 84.99
C GLN A 203 -64.50 -33.48 85.35
N VAL A 204 -64.22 -33.62 86.65
CA VAL A 204 -63.43 -34.75 87.11
C VAL A 204 -64.17 -36.03 86.76
N ASP A 205 -63.41 -37.09 86.45
CA ASP A 205 -64.00 -38.38 86.16
C ASP A 205 -64.79 -38.83 87.39
N ARG A 206 -66.08 -39.16 87.17
CA ARG A 206 -66.97 -39.49 88.29
C ARG A 206 -66.47 -40.71 89.07
N ARG A 207 -65.63 -41.54 88.46
CA ARG A 207 -65.01 -42.67 89.16
C ARG A 207 -63.86 -42.25 90.06
N PHE A 208 -63.36 -41.01 89.90
CA PHE A 208 -62.31 -40.50 90.77
C PHE A 208 -62.91 -39.64 91.89
N GLY A 209 -64.02 -38.97 91.60
CA GLY A 209 -64.54 -37.97 92.54
C GLY A 209 -65.37 -36.94 91.79
N SER A 210 -65.85 -35.95 92.55
CA SER A 210 -66.45 -34.75 91.99
C SER A 210 -65.40 -33.64 91.88
N ASN A 211 -65.78 -32.55 91.21
CA ASN A 211 -64.95 -31.36 91.14
C ASN A 211 -64.58 -30.90 92.55
N GLU A 212 -65.58 -30.84 93.44
CA GLU A 212 -65.38 -30.38 94.80
C GLU A 212 -64.36 -31.25 95.52
N GLU A 213 -64.37 -32.55 95.25
CA GLU A 213 -63.41 -33.44 95.89
C GLU A 213 -61.99 -33.02 95.49
N PHE A 214 -61.81 -32.60 94.22
CA PHE A 214 -60.49 -32.21 93.74
C PHE A 214 -60.04 -30.93 94.45
N ARG A 215 -60.95 -29.96 94.57
CA ARG A 215 -60.64 -28.73 95.28
C ARG A 215 -60.22 -29.04 96.72
N LYS A 216 -60.94 -29.98 97.36
CA LYS A 216 -60.67 -30.34 98.74
C LYS A 216 -59.30 -31.00 98.82
N LEU A 217 -59.03 -31.95 97.90
CA LEU A 217 -57.73 -32.61 97.83
C LEU A 217 -56.61 -31.56 97.77
N THR A 218 -56.81 -30.53 96.93
CA THR A 218 -55.79 -29.50 96.76
C THR A 218 -55.61 -28.75 98.07
N GLN A 219 -56.73 -28.32 98.68
CA GLN A 219 -56.70 -27.64 99.97
C GLN A 219 -55.93 -28.49 100.99
N GLU A 220 -56.24 -29.78 101.03
CA GLU A 220 -55.67 -30.67 102.01
C GLU A 220 -54.18 -30.79 101.75
N ALA A 221 -53.82 -30.94 100.46
CA ALA A 221 -52.41 -31.05 100.07
C ALA A 221 -51.63 -29.79 100.46
N ASN A 222 -52.19 -28.62 100.13
CA ASN A 222 -51.55 -27.35 100.43
C ASN A 222 -51.30 -27.19 101.94
N ALA A 223 -52.23 -27.67 102.76
CA ALA A 223 -52.12 -27.50 104.21
C ALA A 223 -51.05 -28.41 104.79
N LYS A 224 -50.73 -29.52 104.10
CA LYS A 224 -49.59 -30.34 104.48
C LYS A 224 -48.31 -29.89 103.77
N GLY A 225 -48.32 -28.73 103.10
CA GLY A 225 -47.13 -28.18 102.47
C GLY A 225 -46.82 -28.78 101.08
N LEU A 226 -47.83 -29.27 100.38
CA LEU A 226 -47.66 -29.92 99.09
C LEU A 226 -48.31 -29.09 98.00
N LYS A 227 -47.62 -28.89 96.87
CA LYS A 227 -48.20 -28.30 95.67
C LYS A 227 -48.95 -29.35 94.87
N VAL A 228 -49.77 -28.90 93.92
CA VAL A 228 -50.49 -29.82 93.06
C VAL A 228 -50.27 -29.45 91.60
N VAL A 229 -49.87 -30.44 90.79
CA VAL A 229 -49.73 -30.25 89.36
C VAL A 229 -50.68 -31.18 88.63
N MET A 230 -51.24 -30.69 87.53
CA MET A 230 -52.29 -31.37 86.81
C MET A 230 -51.88 -31.58 85.36
N ASP A 231 -52.05 -32.81 84.87
CA ASP A 231 -51.92 -33.12 83.46
C ASP A 231 -53.12 -32.66 82.66
N MET A 232 -52.88 -32.04 81.52
CA MET A 232 -53.92 -31.66 80.59
C MET A 232 -53.49 -32.00 79.19
N ILE A 233 -54.46 -32.13 78.27
CA ILE A 233 -54.21 -32.58 76.93
C ILE A 233 -55.06 -31.74 75.99
N PHE A 234 -54.38 -30.95 75.14
CA PHE A 234 -55.01 -30.11 74.16
C PHE A 234 -54.89 -30.71 72.78
N ASN A 235 -53.91 -31.61 72.58
CA ASN A 235 -53.68 -32.19 71.25
C ASN A 235 -54.91 -32.98 70.82
N HIS A 236 -55.53 -33.69 71.77
CA HIS A 236 -56.60 -34.60 71.44
C HIS A 236 -57.56 -34.79 72.61
N CYS A 237 -58.78 -35.19 72.25
CA CYS A 237 -59.78 -35.66 73.21
C CYS A 237 -60.16 -37.08 72.88
N GLY A 238 -60.96 -37.71 73.73
CA GLY A 238 -61.50 -39.04 73.46
C GLY A 238 -62.61 -38.97 72.42
N SER A 239 -62.76 -40.04 71.64
CA SER A 239 -63.77 -40.05 70.58
C SER A 239 -65.20 -40.01 71.14
N ASP A 240 -65.39 -40.19 72.45
CA ASP A 240 -66.72 -40.11 73.03
C ASP A 240 -67.00 -38.74 73.67
N ASN A 241 -66.10 -37.78 73.48
CA ASN A 241 -66.34 -36.39 73.88
C ASN A 241 -67.45 -35.84 73.01
N TYR A 242 -68.39 -35.10 73.62
CA TYR A 242 -69.49 -34.56 72.85
C TYR A 242 -68.96 -33.70 71.72
N LEU A 243 -67.82 -33.03 71.95
CA LEU A 243 -67.28 -32.11 70.96
C LEU A 243 -66.90 -32.88 69.70
N PHE A 244 -66.51 -34.16 69.85
CA PHE A 244 -66.13 -34.99 68.71
C PHE A 244 -67.34 -35.77 68.18
N LYS A 245 -68.02 -36.53 69.05
CA LYS A 245 -69.19 -37.36 68.70
C LYS A 245 -70.17 -36.52 67.88
N ASP A 246 -70.42 -35.29 68.34
CA ASP A 246 -71.35 -34.38 67.70
C ASP A 246 -70.62 -33.08 67.37
N MET A 247 -69.78 -33.10 66.34
CA MET A 247 -68.85 -32.02 66.04
C MET A 247 -69.60 -30.73 65.74
N PRO A 248 -69.23 -29.58 66.36
CA PRO A 248 -69.72 -28.29 65.91
C PRO A 248 -69.51 -28.08 64.40
N SER A 249 -68.31 -28.42 63.92
CA SER A 249 -67.99 -28.38 62.49
C SER A 249 -66.77 -29.24 62.19
N LYS A 250 -66.56 -29.52 60.91
CA LYS A 250 -65.43 -30.31 60.43
C LYS A 250 -64.11 -29.63 60.79
N ASP A 251 -64.15 -28.30 61.04
CA ASP A 251 -62.92 -27.56 61.23
C ASP A 251 -62.39 -27.73 62.67
N TRP A 252 -63.16 -28.33 63.57
CA TRP A 252 -62.74 -28.49 64.97
C TRP A 252 -61.67 -29.58 65.12
N PHE A 253 -61.61 -30.50 64.16
CA PHE A 253 -60.64 -31.57 64.23
C PHE A 253 -59.90 -31.67 62.91
N ASN A 254 -58.64 -32.10 62.97
CA ASN A 254 -57.78 -32.10 61.80
C ASN A 254 -58.18 -33.23 60.88
N PHE A 255 -57.82 -33.07 59.61
CA PHE A 255 -58.21 -33.92 58.51
C PHE A 255 -59.72 -33.93 58.41
N GLU A 256 -60.33 -32.75 58.65
CA GLU A 256 -61.77 -32.54 58.50
C GLU A 256 -62.57 -33.64 59.20
N GLY A 257 -62.07 -34.11 60.35
CA GLY A 257 -62.83 -35.05 61.18
C GLY A 257 -62.64 -36.50 60.76
N ASN A 258 -61.83 -36.76 59.74
CA ASN A 258 -61.51 -38.11 59.28
C ASN A 258 -60.19 -38.60 59.88
N TYR A 259 -60.19 -39.85 60.34
CA TYR A 259 -59.03 -40.48 60.96
C TYR A 259 -57.89 -40.59 59.95
N VAL A 260 -56.77 -39.90 60.26
CA VAL A 260 -55.49 -40.14 59.62
C VAL A 260 -54.46 -40.28 60.72
N GLN A 261 -53.70 -41.37 60.69
CA GLN A 261 -52.79 -41.75 61.77
C GLN A 261 -51.52 -40.90 61.70
N THR A 262 -51.10 -40.34 62.85
CA THR A 262 -49.88 -39.56 62.95
C THR A 262 -48.69 -40.52 62.79
N SER A 263 -47.60 -39.99 62.24
CA SER A 263 -46.28 -40.65 62.17
C SER A 263 -45.52 -40.61 63.50
N PHE A 264 -45.89 -39.69 64.39
CA PHE A 264 -45.19 -39.42 65.63
C PHE A 264 -43.89 -38.64 65.36
N LYS A 265 -43.64 -38.23 64.11
CA LYS A 265 -42.43 -37.51 63.77
C LYS A 265 -42.61 -36.02 64.05
N THR A 266 -42.42 -35.61 65.32
CA THR A 266 -42.66 -34.24 65.74
C THR A 266 -41.45 -33.35 65.49
N ALA A 267 -40.31 -33.95 65.12
CA ALA A 267 -39.16 -33.19 64.64
C ALA A 267 -39.51 -32.33 63.44
N THR A 268 -40.62 -32.62 62.77
CA THR A 268 -41.00 -31.87 61.58
C THR A 268 -41.31 -30.41 61.89
N GLN A 269 -41.58 -30.07 63.15
CA GLN A 269 -41.85 -28.68 63.51
C GLN A 269 -40.60 -27.82 63.32
N MET A 270 -39.41 -28.37 63.56
CA MET A 270 -38.21 -27.55 63.59
C MET A 270 -37.14 -28.05 62.60
N ASP A 271 -37.27 -29.28 62.08
CA ASP A 271 -36.32 -29.83 61.15
C ASP A 271 -36.16 -28.90 59.95
N PRO A 272 -34.96 -28.36 59.65
CA PRO A 272 -34.81 -27.46 58.52
C PRO A 272 -35.02 -28.14 57.18
N TYR A 273 -35.02 -29.47 57.19
CA TYR A 273 -35.19 -30.26 55.96
C TYR A 273 -36.58 -30.90 55.88
N ALA A 274 -37.51 -30.50 56.74
CA ALA A 274 -38.82 -31.17 56.77
C ALA A 274 -39.60 -30.97 55.48
N SER A 275 -40.38 -32.01 55.11
CA SER A 275 -41.30 -31.91 53.98
C SER A 275 -42.67 -31.37 54.43
N ASP A 276 -43.44 -30.79 53.52
CA ASP A 276 -44.80 -30.35 53.80
C ASP A 276 -45.67 -31.55 54.14
N TYR A 277 -45.54 -32.62 53.34
CA TYR A 277 -46.36 -33.80 53.56
C TYR A 277 -46.16 -34.32 54.99
N GLU A 278 -44.91 -34.38 55.45
CA GLU A 278 -44.61 -35.02 56.73
C GLU A 278 -45.04 -34.12 57.90
N LYS A 279 -44.88 -32.80 57.77
CA LYS A 279 -45.31 -31.89 58.80
C LYS A 279 -46.81 -32.10 59.08
N LYS A 280 -47.60 -32.24 58.00
CA LYS A 280 -49.04 -32.35 58.14
C LYS A 280 -49.40 -33.68 58.80
N ILE A 281 -48.82 -34.77 58.30
CA ILE A 281 -49.11 -36.08 58.85
C ILE A 281 -48.80 -36.09 60.35
N ALA A 282 -47.68 -35.50 60.76
CA ALA A 282 -47.29 -35.54 62.16
C ALA A 282 -48.21 -34.69 63.03
N ILE A 283 -48.44 -33.43 62.65
CA ILE A 283 -48.94 -32.45 63.61
C ILE A 283 -50.47 -32.40 63.49
N ASP A 284 -51.00 -32.70 62.30
CA ASP A 284 -52.43 -32.83 62.11
C ASP A 284 -52.90 -34.28 62.23
N GLY A 285 -51.99 -35.26 62.33
CA GLY A 285 -52.38 -36.66 62.40
C GLY A 285 -52.89 -37.05 63.79
N TRP A 286 -53.79 -38.03 63.84
CA TRP A 286 -54.40 -38.49 65.09
C TRP A 286 -53.49 -39.52 65.77
N PHE A 287 -53.44 -39.49 67.09
CA PHE A 287 -52.62 -40.39 67.87
C PHE A 287 -53.11 -41.83 67.75
N THR A 288 -54.42 -42.04 67.84
CA THR A 288 -55.12 -43.28 67.47
C THR A 288 -56.52 -42.88 67.00
N LEU A 289 -57.33 -43.89 66.67
CA LEU A 289 -58.68 -43.68 66.18
C LEU A 289 -59.54 -43.01 67.25
N THR A 290 -59.36 -43.41 68.51
CA THR A 290 -60.22 -42.96 69.58
C THR A 290 -59.66 -41.71 70.27
N MET A 291 -58.61 -41.09 69.69
CA MET A 291 -58.03 -39.86 70.21
C MET A 291 -57.91 -38.85 69.10
N PRO A 292 -59.04 -38.32 68.61
CA PRO A 292 -59.02 -37.41 67.46
C PRO A 292 -58.28 -36.11 67.77
N ASP A 293 -57.70 -35.54 66.70
CA ASP A 293 -56.74 -34.47 66.84
C ASP A 293 -57.48 -33.13 66.74
N PHE A 294 -57.46 -32.35 67.82
CA PHE A 294 -58.03 -31.02 67.80
C PHE A 294 -57.28 -30.17 66.77
N ASN A 295 -58.05 -29.32 66.09
CA ASN A 295 -57.50 -28.29 65.25
C ASN A 295 -57.31 -27.01 66.08
N GLN A 296 -56.11 -26.83 66.66
CA GLN A 296 -55.91 -25.67 67.51
C GLN A 296 -55.84 -24.38 66.69
N ARG A 297 -55.85 -24.46 65.37
CA ARG A 297 -55.85 -23.24 64.58
C ARG A 297 -57.26 -22.65 64.52
N ASN A 298 -58.27 -23.42 64.95
CA ASN A 298 -59.64 -22.90 65.03
C ASN A 298 -59.76 -22.03 66.29
N ARG A 299 -60.19 -20.78 66.11
CA ARG A 299 -60.27 -19.81 67.20
C ARG A 299 -61.15 -20.32 68.35
N HIS A 300 -62.25 -21.00 68.03
CA HIS A 300 -63.18 -21.50 69.04
C HIS A 300 -62.56 -22.64 69.83
N VAL A 301 -61.91 -23.58 69.11
CA VAL A 301 -61.24 -24.68 69.78
C VAL A 301 -60.19 -24.14 70.75
N ALA A 302 -59.43 -23.15 70.28
CA ALA A 302 -58.30 -22.66 71.07
C ALA A 302 -58.79 -22.00 72.35
N THR A 303 -59.79 -21.09 72.21
CA THR A 303 -60.27 -20.42 73.41
C THR A 303 -60.91 -21.44 74.34
N TYR A 304 -61.69 -22.37 73.78
CA TYR A 304 -62.30 -23.40 74.61
C TYR A 304 -61.26 -24.06 75.49
N LEU A 305 -60.16 -24.52 74.87
CA LEU A 305 -59.12 -25.24 75.60
C LEU A 305 -58.36 -24.34 76.54
N ILE A 306 -58.00 -23.14 76.08
CA ILE A 306 -57.28 -22.20 76.94
C ILE A 306 -58.09 -21.94 78.21
N GLN A 307 -59.37 -21.58 78.02
CA GLN A 307 -60.26 -21.26 79.15
C GLN A 307 -60.30 -22.45 80.11
N SER A 308 -60.41 -23.68 79.56
CA SER A 308 -60.45 -24.87 80.42
C SER A 308 -59.27 -24.90 81.36
N SER A 309 -58.07 -24.56 80.88
CA SER A 309 -56.89 -24.64 81.74
C SER A 309 -56.99 -23.60 82.84
N ILE A 310 -57.43 -22.40 82.46
CA ILE A 310 -57.47 -21.29 83.40
C ILE A 310 -58.51 -21.59 84.47
N TRP A 311 -59.66 -22.15 84.03
CA TRP A 311 -60.71 -22.56 84.93
C TRP A 311 -60.20 -23.41 86.08
N TRP A 312 -59.46 -24.47 85.75
CA TRP A 312 -58.94 -25.35 86.78
C TRP A 312 -57.92 -24.65 87.67
N ILE A 313 -57.23 -23.62 87.17
CA ILE A 313 -56.25 -22.94 88.01
C ILE A 313 -57.01 -22.09 89.02
N GLU A 314 -57.98 -21.27 88.54
CA GLU A 314 -58.80 -20.46 89.46
C GLU A 314 -59.54 -21.36 90.44
N TYR A 315 -60.26 -22.36 89.91
CA TYR A 315 -61.16 -23.15 90.70
C TYR A 315 -60.43 -23.98 91.75
N ALA A 316 -59.34 -24.64 91.38
CA ALA A 316 -58.76 -25.67 92.25
C ALA A 316 -57.51 -25.21 92.97
N GLY A 317 -56.90 -24.09 92.57
CA GLY A 317 -55.71 -23.61 93.24
C GLY A 317 -54.46 -24.45 92.91
N ILE A 318 -54.38 -25.01 91.68
CA ILE A 318 -53.22 -25.79 91.31
C ILE A 318 -52.01 -24.88 91.07
N ASN A 319 -50.82 -25.48 91.15
CA ASN A 319 -49.57 -24.74 91.04
C ASN A 319 -48.88 -24.94 89.69
N GLY A 320 -49.39 -25.87 88.88
CA GLY A 320 -48.68 -26.32 87.70
C GLY A 320 -49.55 -27.15 86.78
N ILE A 321 -49.24 -27.07 85.48
CA ILE A 321 -49.80 -27.94 84.48
C ILE A 321 -48.67 -28.61 83.71
N ARG A 322 -48.86 -29.90 83.42
CA ARG A 322 -48.07 -30.56 82.41
C ARG A 322 -48.96 -30.76 81.19
N GLN A 323 -48.54 -30.17 80.07
CA GLN A 323 -49.23 -30.33 78.82
C GLN A 323 -48.57 -31.50 78.12
N ASP A 324 -49.27 -32.63 78.11
CA ASP A 324 -48.82 -33.81 77.41
C ASP A 324 -48.95 -33.49 75.93
N THR A 325 -48.07 -34.11 75.12
CA THR A 325 -48.26 -34.14 73.69
C THR A 325 -48.00 -32.73 73.15
N HIS A 326 -47.31 -31.85 73.90
CA HIS A 326 -47.16 -30.44 73.54
C HIS A 326 -46.66 -30.32 72.10
N PRO A 327 -45.61 -31.08 71.68
CA PRO A 327 -45.07 -30.97 70.30
C PRO A 327 -45.97 -31.44 69.16
N TYR A 328 -47.06 -32.14 69.46
CA TYR A 328 -48.01 -32.61 68.45
C TYR A 328 -49.05 -31.53 68.15
N ALA A 329 -48.98 -30.42 68.87
CA ALA A 329 -49.96 -29.35 68.70
C ALA A 329 -49.35 -28.16 67.94
N ASP A 330 -50.25 -27.28 67.47
CA ASP A 330 -49.86 -26.09 66.73
C ASP A 330 -48.97 -25.24 67.61
N PHE A 331 -47.82 -24.85 67.07
CA PHE A 331 -46.78 -24.17 67.82
C PHE A 331 -47.27 -22.80 68.29
N ASP A 332 -47.87 -22.03 67.38
CA ASP A 332 -48.32 -20.66 67.61
C ASP A 332 -49.39 -20.62 68.70
N MET A 333 -50.31 -21.61 68.68
CA MET A 333 -51.41 -21.57 69.63
C MET A 333 -50.89 -21.94 71.01
N MET A 334 -49.95 -22.88 71.09
CA MET A 334 -49.40 -23.25 72.37
C MET A 334 -48.55 -22.12 72.97
N ALA A 335 -47.89 -21.31 72.13
CA ALA A 335 -47.21 -20.12 72.60
C ALA A 335 -48.24 -19.11 73.14
N ARG A 336 -49.37 -18.92 72.45
CA ARG A 336 -50.42 -18.04 72.92
C ARG A 336 -50.97 -18.51 74.26
N TRP A 337 -51.11 -19.84 74.39
CA TRP A 337 -51.62 -20.46 75.61
C TRP A 337 -50.71 -20.15 76.80
N CYS A 338 -49.41 -20.42 76.65
CA CYS A 338 -48.46 -20.17 77.72
C CYS A 338 -48.46 -18.69 78.10
N LYS A 339 -48.43 -17.80 77.10
CA LYS A 339 -48.53 -16.37 77.36
C LYS A 339 -49.83 -16.07 78.14
N ALA A 340 -50.96 -16.60 77.72
CA ALA A 340 -52.24 -16.23 78.37
C ALA A 340 -52.27 -16.73 79.82
N VAL A 341 -51.66 -17.89 80.08
CA VAL A 341 -51.65 -18.41 81.43
C VAL A 341 -50.76 -17.54 82.30
N ASN A 342 -49.58 -17.15 81.79
CA ASN A 342 -48.62 -16.42 82.60
C ASN A 342 -49.08 -14.98 82.81
N GLU A 343 -49.85 -14.42 81.87
CA GLU A 343 -50.45 -13.10 82.05
C GLU A 343 -51.41 -13.11 83.24
N GLU A 344 -52.11 -14.23 83.48
CA GLU A 344 -53.05 -14.33 84.58
C GLU A 344 -52.34 -14.75 85.86
N TYR A 345 -51.36 -15.67 85.77
CA TYR A 345 -50.69 -16.20 86.94
C TYR A 345 -49.18 -16.10 86.74
N PRO A 346 -48.54 -14.96 87.07
CA PRO A 346 -47.15 -14.73 86.68
C PRO A 346 -46.09 -15.70 87.23
N LYS A 347 -46.38 -16.38 88.33
CA LYS A 347 -45.44 -17.30 88.92
C LYS A 347 -45.74 -18.75 88.50
N PHE A 348 -46.85 -18.99 87.78
CA PHE A 348 -47.29 -20.35 87.46
C PHE A 348 -46.27 -21.00 86.52
N ASN A 349 -46.07 -22.30 86.65
CA ASN A 349 -45.13 -23.04 85.82
C ASN A 349 -45.88 -24.06 84.98
N ILE A 350 -45.50 -24.15 83.71
CA ILE A 350 -46.05 -25.13 82.77
C ILE A 350 -44.88 -25.93 82.28
N VAL A 351 -45.04 -27.25 82.30
CA VAL A 351 -44.06 -28.13 81.72
C VAL A 351 -44.73 -28.78 80.50
N GLY A 352 -44.01 -28.83 79.37
CA GLY A 352 -44.47 -29.55 78.19
C GLY A 352 -43.73 -30.88 78.02
N GLU A 353 -44.47 -31.90 77.57
CA GLU A 353 -43.86 -33.18 77.25
C GLU A 353 -43.03 -32.99 75.98
N THR A 354 -41.71 -33.05 76.12
CA THR A 354 -40.85 -32.87 74.96
C THR A 354 -40.14 -34.20 74.75
N TRP A 355 -40.88 -35.21 74.28
CA TRP A 355 -40.32 -36.55 74.17
C TRP A 355 -39.64 -36.71 72.82
N LEU A 356 -38.35 -36.35 72.80
CA LEU A 356 -37.55 -36.35 71.60
C LEU A 356 -36.21 -36.97 71.97
N GLY A 357 -35.41 -37.27 70.98
CA GLY A 357 -34.21 -38.08 71.20
C GLY A 357 -33.01 -37.28 71.69
N ASN A 358 -33.03 -35.94 71.62
CA ASN A 358 -31.83 -35.15 71.84
C ASN A 358 -32.18 -33.76 72.41
N ASN A 359 -31.17 -33.18 73.05
CA ASN A 359 -31.25 -31.87 73.70
C ASN A 359 -31.50 -30.78 72.67
N VAL A 360 -31.00 -30.97 71.44
CA VAL A 360 -31.15 -29.90 70.46
C VAL A 360 -32.63 -29.63 70.22
N LEU A 361 -33.38 -30.68 69.86
CA LEU A 361 -34.78 -30.52 69.48
C LEU A 361 -35.60 -30.17 70.71
N ILE A 362 -35.26 -30.72 71.89
CA ILE A 362 -35.98 -30.37 73.09
C ILE A 362 -35.81 -28.88 73.40
N SER A 363 -34.60 -28.37 73.21
CA SER A 363 -34.29 -26.99 73.62
C SER A 363 -35.14 -26.01 72.81
N TYR A 364 -35.52 -26.40 71.59
CA TYR A 364 -36.35 -25.55 70.74
C TYR A 364 -37.68 -25.21 71.41
N TRP A 365 -38.20 -26.14 72.21
CA TRP A 365 -39.51 -25.97 72.82
C TRP A 365 -39.44 -25.15 74.10
N GLN A 366 -38.24 -24.87 74.61
CA GLN A 366 -38.15 -24.11 75.85
C GLN A 366 -38.24 -22.62 75.56
N LYS A 367 -38.91 -21.90 76.45
CA LYS A 367 -39.01 -20.45 76.37
C LYS A 367 -37.62 -19.82 76.21
N ASP A 368 -37.51 -18.86 75.28
CA ASP A 368 -36.29 -18.10 74.99
C ASP A 368 -35.21 -18.97 74.34
N SER A 369 -35.61 -20.08 73.71
CA SER A 369 -34.69 -20.93 72.96
C SER A 369 -33.81 -20.10 72.03
N ARG A 370 -32.51 -20.29 72.09
CA ARG A 370 -31.66 -19.61 71.14
C ARG A 370 -31.83 -20.19 69.75
N LEU A 371 -32.16 -21.49 69.66
CA LEU A 371 -32.24 -22.12 68.36
C LEU A 371 -33.61 -21.87 67.73
N ALA A 372 -34.63 -21.54 68.52
CA ALA A 372 -35.93 -21.22 67.92
C ALA A 372 -36.00 -19.76 67.52
N TYR A 373 -35.13 -18.93 68.10
CA TYR A 373 -35.23 -17.48 67.91
C TYR A 373 -35.31 -17.21 66.43
N PRO A 374 -36.19 -16.33 65.93
CA PRO A 374 -37.00 -15.44 66.77
C PRO A 374 -38.34 -15.97 67.25
N LYS A 375 -38.70 -17.21 66.88
CA LYS A 375 -39.82 -17.90 67.47
C LYS A 375 -39.59 -18.05 68.97
N ASN A 376 -40.67 -18.10 69.74
CA ASN A 376 -40.56 -18.35 71.17
C ASN A 376 -41.80 -19.11 71.66
N SER A 377 -41.58 -20.30 72.21
CA SER A 377 -42.66 -21.16 72.68
C SER A 377 -43.36 -20.60 73.92
N ASN A 378 -42.65 -19.77 74.68
CA ASN A 378 -43.10 -19.25 75.96
C ASN A 378 -43.31 -20.35 76.98
N LEU A 379 -42.83 -21.57 76.70
CA LEU A 379 -42.99 -22.70 77.58
C LEU A 379 -41.86 -22.75 78.60
N PRO A 380 -42.11 -22.44 79.88
CA PRO A 380 -41.02 -22.33 80.84
C PRO A 380 -40.26 -23.63 81.06
N THR A 381 -40.96 -24.75 81.17
CA THR A 381 -40.32 -26.01 81.58
C THR A 381 -40.55 -27.05 80.52
N VAL A 382 -39.49 -27.79 80.19
CA VAL A 382 -39.57 -28.92 79.28
C VAL A 382 -38.96 -30.13 80.01
N MET A 383 -39.08 -31.31 79.41
CA MET A 383 -38.75 -32.55 80.06
C MET A 383 -37.47 -33.11 79.48
N ASP A 384 -36.55 -33.49 80.36
CA ASP A 384 -35.22 -33.94 79.97
C ASP A 384 -35.21 -35.46 79.79
N PHE A 385 -35.87 -35.92 78.72
CA PHE A 385 -35.86 -37.32 78.42
C PHE A 385 -34.46 -37.83 78.14
N PRO A 386 -33.57 -37.09 77.45
CA PRO A 386 -32.23 -37.59 77.19
C PRO A 386 -31.49 -37.88 78.49
N LEU A 387 -31.66 -37.00 79.51
CA LEU A 387 -30.98 -37.24 80.77
C LEU A 387 -31.50 -38.55 81.36
N MET A 388 -32.81 -38.81 81.19
CA MET A 388 -33.37 -40.05 81.66
C MET A 388 -32.67 -41.25 81.00
N GLU A 389 -32.58 -41.24 79.67
CA GLU A 389 -31.90 -42.33 78.96
C GLU A 389 -30.49 -42.54 79.53
N GLU A 390 -29.73 -41.46 79.74
CA GLU A 390 -28.36 -41.61 80.24
C GLU A 390 -28.36 -42.19 81.65
N MET A 391 -29.30 -41.72 82.50
CA MET A 391 -29.30 -42.14 83.90
C MET A 391 -29.67 -43.61 84.03
N ASN A 392 -30.41 -44.14 83.04
CA ASN A 392 -30.79 -45.54 83.05
C ASN A 392 -29.68 -46.46 82.58
N LYS A 393 -28.52 -45.88 82.19
CA LYS A 393 -27.35 -46.71 81.87
C LYS A 393 -26.13 -46.31 82.70
N ALA A 394 -26.07 -45.07 83.17
CA ALA A 394 -24.85 -44.51 83.72
C ALA A 394 -24.42 -45.18 85.04
N PHE A 395 -25.36 -45.79 85.76
CA PHE A 395 -25.05 -46.36 87.07
C PHE A 395 -24.80 -47.87 87.00
N ASP A 396 -24.92 -48.45 85.81
CA ASP A 396 -24.76 -49.89 85.64
C ASP A 396 -23.46 -50.20 84.90
N GLU A 397 -22.88 -49.25 84.18
CA GLU A 397 -21.73 -49.55 83.35
C GLU A 397 -20.46 -49.26 84.14
N GLU A 398 -19.37 -49.85 83.67
CA GLU A 398 -18.05 -49.50 84.15
C GLU A 398 -17.74 -48.06 83.72
N THR A 399 -17.19 -47.27 84.62
CA THR A 399 -16.65 -45.97 84.26
C THR A 399 -15.14 -46.11 84.05
N THR A 400 -14.68 -46.21 82.80
CA THR A 400 -13.25 -46.38 82.49
C THR A 400 -12.54 -45.04 82.62
N GLU A 401 -11.31 -44.97 82.10
CA GLU A 401 -10.51 -43.76 82.15
C GLU A 401 -11.07 -42.78 81.12
N TRP A 402 -11.68 -43.29 80.03
CA TRP A 402 -12.04 -42.48 78.88
C TRP A 402 -13.55 -42.34 78.71
N ASN A 403 -14.35 -43.38 79.02
CA ASN A 403 -15.75 -43.40 78.65
C ASN A 403 -16.55 -44.35 79.54
N GLY A 404 -17.87 -44.38 79.34
CA GLY A 404 -18.76 -45.29 80.00
C GLY A 404 -19.24 -44.76 81.35
N GLY A 405 -20.38 -45.31 81.81
CA GLY A 405 -20.86 -45.09 83.16
C GLY A 405 -21.12 -43.61 83.41
N LEU A 406 -20.44 -43.09 84.43
CA LEU A 406 -20.68 -41.73 84.89
C LEU A 406 -20.18 -40.69 83.89
N PHE A 407 -19.38 -41.10 82.87
CA PHE A 407 -19.06 -40.19 81.79
C PHE A 407 -20.31 -39.73 81.06
N ARG A 408 -21.33 -40.57 80.99
CA ARG A 408 -22.55 -40.20 80.29
C ARG A 408 -23.13 -38.94 80.91
N LEU A 409 -22.99 -38.79 82.22
CA LEU A 409 -23.55 -37.65 82.95
C LEU A 409 -22.68 -36.42 82.72
N TYR A 410 -21.36 -36.59 82.81
CA TYR A 410 -20.41 -35.52 82.56
C TYR A 410 -20.62 -34.95 81.17
N GLU A 411 -20.66 -35.84 80.19
CA GLU A 411 -20.76 -35.44 78.80
C GLU A 411 -22.12 -34.80 78.49
N TYR A 412 -23.19 -35.31 79.07
CA TYR A 412 -24.51 -34.77 78.75
C TYR A 412 -24.64 -33.37 79.33
N LEU A 413 -24.23 -33.21 80.59
CA LEU A 413 -24.43 -31.94 81.25
C LEU A 413 -23.61 -30.83 80.62
N SER A 414 -22.43 -31.17 80.06
CA SER A 414 -21.57 -30.15 79.48
C SER A 414 -22.21 -29.52 78.26
N GLN A 415 -23.24 -30.18 77.69
CA GLN A 415 -23.99 -29.66 76.57
C GLN A 415 -25.10 -28.71 76.97
N ASP A 416 -25.19 -28.33 78.23
CA ASP A 416 -26.29 -27.49 78.70
C ASP A 416 -26.30 -26.08 78.11
N ILE A 417 -25.27 -25.70 77.33
CA ILE A 417 -25.36 -24.42 76.62
C ILE A 417 -26.54 -24.40 75.68
N VAL A 418 -27.03 -25.58 75.19
CA VAL A 418 -28.17 -25.59 74.29
C VAL A 418 -29.44 -25.05 74.99
N TYR A 419 -29.53 -25.26 76.30
CA TYR A 419 -30.80 -25.02 77.00
C TYR A 419 -30.84 -23.59 77.53
N SER A 420 -31.95 -22.90 77.29
CA SER A 420 -32.08 -21.51 77.70
C SER A 420 -32.26 -21.39 79.20
N HIS A 421 -32.94 -22.38 79.82
CA HIS A 421 -33.19 -22.33 81.25
C HIS A 421 -32.98 -23.71 81.86
N PRO A 422 -31.71 -24.10 82.10
CA PRO A 422 -31.39 -25.45 82.58
C PRO A 422 -32.04 -25.83 83.92
N MET A 423 -32.27 -24.85 84.80
CA MET A 423 -32.93 -25.07 86.07
C MET A 423 -34.45 -25.21 85.92
N SER A 424 -34.99 -25.04 84.72
CA SER A 424 -36.40 -25.37 84.45
C SER A 424 -36.50 -26.58 83.53
N LEU A 425 -35.67 -27.59 83.78
CA LEU A 425 -35.77 -28.86 83.09
C LEU A 425 -36.27 -29.90 84.09
N LEU A 426 -37.38 -30.56 83.76
CA LEU A 426 -37.86 -31.66 84.58
C LEU A 426 -36.98 -32.86 84.35
N THR A 427 -36.44 -33.42 85.43
CA THR A 427 -35.57 -34.55 85.40
C THR A 427 -36.23 -35.72 86.13
N PHE A 428 -35.90 -36.94 85.71
CA PHE A 428 -36.62 -38.11 86.18
C PHE A 428 -35.96 -39.39 85.69
N LEU A 429 -36.08 -40.45 86.50
CA LEU A 429 -35.56 -41.77 86.17
C LEU A 429 -36.52 -42.52 85.29
N ASP A 430 -37.83 -42.20 85.41
CA ASP A 430 -38.85 -42.94 84.70
C ASP A 430 -40.17 -42.19 84.85
N ASN A 431 -41.19 -42.67 84.13
CA ASN A 431 -42.55 -42.22 84.35
C ASN A 431 -43.52 -43.27 83.83
N HIS A 432 -44.81 -42.92 83.76
CA HIS A 432 -45.87 -43.85 83.47
C HIS A 432 -45.82 -44.38 82.03
N ASP A 433 -44.91 -43.83 81.20
CA ASP A 433 -44.79 -44.24 79.82
C ASP A 433 -43.49 -45.02 79.58
N THR A 434 -42.67 -45.20 80.60
CA THR A 434 -41.39 -45.89 80.43
C THR A 434 -41.34 -47.11 81.32
N SER A 435 -40.40 -48.01 80.99
CA SER A 435 -39.92 -48.96 81.96
C SER A 435 -39.64 -48.19 83.23
N ARG A 436 -39.93 -48.81 84.38
CA ARG A 436 -39.53 -48.24 85.66
C ARG A 436 -38.01 -48.40 85.81
N PHE A 437 -37.43 -47.60 86.71
CA PHE A 437 -35.99 -47.59 86.95
C PHE A 437 -35.48 -49.00 87.08
N TYR A 438 -36.16 -49.82 87.90
CA TYR A 438 -35.93 -51.26 87.98
C TYR A 438 -36.93 -51.97 87.06
N ARG A 439 -36.39 -52.77 86.13
CA ARG A 439 -37.21 -53.34 85.08
C ARG A 439 -37.98 -54.55 85.64
N SER A 440 -37.36 -55.28 86.56
CA SER A 440 -37.96 -56.48 87.14
C SER A 440 -37.75 -56.51 88.66
N GLU A 441 -38.59 -57.30 89.35
CA GLU A 441 -38.52 -57.46 90.79
C GLU A 441 -37.12 -57.98 91.17
N ALA A 442 -36.58 -58.89 90.34
CA ALA A 442 -35.27 -59.50 90.59
C ALA A 442 -34.15 -58.45 90.59
N ASP A 443 -34.25 -57.42 89.75
CA ASP A 443 -33.18 -56.43 89.64
C ASP A 443 -33.06 -55.63 90.94
N THR A 444 -34.13 -55.58 91.75
CA THR A 444 -34.16 -54.72 92.95
C THR A 444 -33.31 -55.30 94.07
N LYS A 445 -32.67 -56.46 93.84
CA LYS A 445 -31.82 -57.11 94.83
C LYS A 445 -30.61 -56.24 95.14
N ASN A 446 -30.16 -55.40 94.19
CA ASN A 446 -29.03 -54.51 94.43
C ASN A 446 -29.49 -53.06 94.36
N LEU A 447 -29.21 -52.30 95.43
CA LEU A 447 -29.71 -50.93 95.57
C LEU A 447 -28.62 -49.88 95.30
N ASP A 448 -27.42 -50.30 94.91
CA ASP A 448 -26.34 -49.37 94.60
C ASP A 448 -26.78 -48.36 93.56
N ARG A 449 -27.28 -48.87 92.43
CA ARG A 449 -27.72 -48.03 91.34
C ARG A 449 -28.83 -47.08 91.81
N TYR A 450 -29.77 -47.59 92.63
CA TYR A 450 -30.84 -46.76 93.16
C TYR A 450 -30.24 -45.60 93.96
N LYS A 451 -29.21 -45.87 94.75
CA LYS A 451 -28.72 -44.88 95.68
C LYS A 451 -27.93 -43.81 94.93
N GLN A 452 -27.10 -44.24 93.95
CA GLN A 452 -26.34 -43.32 93.14
C GLN A 452 -27.30 -42.49 92.27
N ALA A 453 -28.25 -43.15 91.60
CA ALA A 453 -29.15 -42.46 90.69
C ALA A 453 -29.91 -41.36 91.44
N LEU A 454 -30.45 -41.70 92.61
CA LEU A 454 -31.28 -40.73 93.31
C LEU A 454 -30.40 -39.64 93.93
N THR A 455 -29.17 -39.97 94.35
CA THR A 455 -28.29 -38.93 94.87
C THR A 455 -28.04 -37.89 93.77
N PHE A 456 -27.73 -38.39 92.57
CA PHE A 456 -27.49 -37.56 91.40
C PHE A 456 -28.73 -36.72 91.09
N LEU A 457 -29.86 -37.38 90.91
CA LEU A 457 -31.10 -36.71 90.57
C LEU A 457 -31.41 -35.58 91.53
N LEU A 458 -31.21 -35.81 92.81
CA LEU A 458 -31.71 -34.86 93.81
C LEU A 458 -30.66 -33.84 94.20
N THR A 459 -29.46 -33.88 93.58
CA THR A 459 -28.45 -32.88 93.85
C THR A 459 -28.05 -32.09 92.59
N THR A 460 -28.23 -32.65 91.38
CA THR A 460 -27.78 -31.97 90.18
C THR A 460 -28.86 -30.95 89.77
N ARG A 461 -28.65 -30.34 88.61
CA ARG A 461 -29.51 -29.25 88.18
C ARG A 461 -30.87 -29.81 87.79
N GLY A 462 -31.89 -28.96 87.82
CA GLY A 462 -33.21 -29.28 87.32
C GLY A 462 -34.27 -29.43 88.43
N ILE A 463 -35.43 -29.91 88.00
CA ILE A 463 -36.63 -30.09 88.82
C ILE A 463 -36.94 -31.57 88.86
N PRO A 464 -36.55 -32.30 89.92
CA PRO A 464 -36.77 -33.74 89.98
C PRO A 464 -38.24 -34.16 90.10
N GLN A 465 -38.55 -35.30 89.49
CA GLN A 465 -39.83 -35.95 89.60
C GLN A 465 -39.59 -37.42 89.96
N ILE A 466 -40.32 -37.88 91.00
CA ILE A 466 -40.34 -39.28 91.38
C ILE A 466 -41.68 -39.87 90.98
N TYR A 467 -41.65 -41.01 90.31
CA TYR A 467 -42.83 -41.76 89.94
C TYR A 467 -43.26 -42.60 91.14
N TYR A 468 -44.60 -42.63 91.41
CA TYR A 468 -45.15 -43.30 92.60
C TYR A 468 -44.68 -44.75 92.63
N GLY A 469 -44.24 -45.19 93.81
CA GLY A 469 -43.80 -46.56 93.98
C GLY A 469 -42.32 -46.77 93.81
N THR A 470 -41.61 -45.73 93.37
CA THR A 470 -40.17 -45.83 93.18
C THR A 470 -39.53 -46.11 94.54
N GLU A 471 -40.09 -45.45 95.55
CA GLU A 471 -39.57 -45.45 96.90
C GLU A 471 -39.77 -46.81 97.58
N ILE A 472 -40.53 -47.74 96.99
CA ILE A 472 -40.71 -49.08 97.55
C ILE A 472 -40.38 -50.15 96.52
N LEU A 473 -39.58 -49.80 95.52
CA LEU A 473 -38.99 -50.74 94.58
C LEU A 473 -40.01 -51.43 93.71
N MET A 474 -41.11 -50.75 93.35
CA MET A 474 -41.97 -51.28 92.31
C MET A 474 -41.16 -51.36 91.00
N ALA A 475 -41.35 -52.44 90.25
CA ALA A 475 -40.59 -52.72 89.06
C ALA A 475 -41.51 -52.98 87.89
N ALA A 476 -41.00 -52.74 86.67
CA ALA A 476 -41.80 -52.91 85.47
C ALA A 476 -40.93 -52.71 84.25
N ASP A 477 -41.29 -53.42 83.18
CA ASP A 477 -40.58 -53.36 81.92
C ASP A 477 -41.58 -53.04 80.82
N LYS A 478 -41.22 -52.06 80.00
CA LYS A 478 -42.04 -51.56 78.91
C LYS A 478 -42.50 -52.71 78.02
N ALA A 479 -41.69 -53.76 77.90
CA ALA A 479 -41.98 -54.85 76.98
C ALA A 479 -43.24 -55.62 77.40
N ASN A 480 -43.64 -55.55 78.68
CA ASN A 480 -44.85 -56.23 79.12
C ASN A 480 -46.10 -55.37 79.02
N GLY A 481 -46.03 -54.27 78.26
CA GLY A 481 -47.19 -53.41 78.07
C GLY A 481 -47.32 -52.32 79.14
N ASP A 482 -48.13 -51.31 78.80
CA ASP A 482 -48.22 -50.10 79.60
C ASP A 482 -48.97 -50.36 80.91
N GLY A 483 -49.93 -51.28 80.90
CA GLY A 483 -50.75 -51.55 82.09
C GLY A 483 -49.90 -51.92 83.30
N LEU A 484 -48.85 -52.74 83.10
CA LEU A 484 -48.00 -53.17 84.19
C LEU A 484 -46.94 -52.12 84.55
N LEU A 485 -46.91 -50.99 83.82
CA LEU A 485 -46.09 -49.87 84.23
C LEU A 485 -46.75 -49.11 85.38
N ARG A 486 -48.04 -49.43 85.61
CA ARG A 486 -48.91 -48.61 86.45
C ARG A 486 -49.68 -49.53 87.41
N CYS A 487 -48.93 -50.42 88.08
CA CYS A 487 -49.51 -51.37 89.00
C CYS A 487 -50.04 -50.65 90.24
N ASP A 488 -50.94 -51.33 90.95
CA ASP A 488 -51.58 -50.76 92.12
C ASP A 488 -50.52 -50.60 93.22
N PHE A 489 -50.53 -49.44 93.87
CA PHE A 489 -49.66 -49.26 95.02
C PHE A 489 -50.11 -50.29 96.06
N PRO A 490 -49.20 -51.16 96.55
CA PRO A 490 -49.59 -52.19 97.50
C PRO A 490 -49.91 -51.56 98.84
N GLY A 491 -51.21 -51.54 99.18
CA GLY A 491 -51.70 -50.84 100.36
C GLY A 491 -52.85 -49.89 100.05
N GLY A 492 -53.08 -49.63 98.76
CA GLY A 492 -54.07 -48.63 98.37
C GLY A 492 -55.47 -49.20 98.35
N TRP A 493 -55.57 -50.53 98.45
CA TRP A 493 -56.85 -51.21 98.43
C TRP A 493 -57.11 -51.84 99.79
N PRO A 494 -58.39 -51.83 100.23
CA PRO A 494 -58.74 -52.37 101.55
C PRO A 494 -58.33 -53.83 101.74
N ASN A 495 -58.36 -54.64 100.66
CA ASN A 495 -58.06 -56.06 100.80
C ASN A 495 -56.62 -56.47 100.50
N ASP A 496 -55.72 -55.51 100.29
CA ASP A 496 -54.33 -55.82 99.96
C ASP A 496 -53.70 -56.51 101.17
N THR A 497 -52.82 -57.51 100.91
CA THR A 497 -52.20 -58.28 101.99
C THR A 497 -51.15 -57.43 102.70
N LYS A 498 -50.23 -56.81 101.95
CA LYS A 498 -49.17 -56.02 102.55
C LYS A 498 -49.40 -54.54 102.23
N ASN A 499 -49.55 -53.72 103.27
CA ASN A 499 -49.86 -52.31 103.14
C ASN A 499 -48.56 -51.51 103.29
N CYS A 500 -47.97 -51.15 102.14
CA CYS A 500 -46.64 -50.57 102.10
C CYS A 500 -46.64 -49.07 102.42
N PHE A 501 -47.81 -48.49 102.71
CA PHE A 501 -47.83 -47.12 103.21
C PHE A 501 -47.24 -47.04 104.62
N ASP A 502 -47.08 -48.17 105.31
CA ASP A 502 -46.53 -48.20 106.66
C ASP A 502 -45.27 -49.08 106.64
N ALA A 503 -44.24 -48.61 107.35
CA ALA A 503 -42.95 -49.28 107.39
C ALA A 503 -43.09 -50.71 107.92
N ALA A 504 -44.08 -50.94 108.78
CA ALA A 504 -44.23 -52.20 109.48
C ALA A 504 -44.49 -53.36 108.52
N ASN A 505 -45.07 -53.08 107.35
CA ASN A 505 -45.45 -54.12 106.41
C ASN A 505 -44.50 -54.19 105.21
N ARG A 506 -43.33 -53.53 105.30
CA ARG A 506 -42.45 -53.45 104.14
C ARG A 506 -41.29 -54.42 104.32
N THR A 507 -40.82 -54.99 103.21
CA THR A 507 -39.60 -55.80 103.23
C THR A 507 -38.44 -54.96 103.76
N PRO A 508 -37.37 -55.58 104.27
CA PRO A 508 -36.22 -54.81 104.75
C PRO A 508 -35.67 -53.93 103.64
N GLN A 509 -35.64 -54.49 102.43
CA GLN A 509 -35.06 -53.82 101.29
C GLN A 509 -35.91 -52.62 100.91
N GLN A 510 -37.23 -52.81 100.89
CA GLN A 510 -38.17 -51.72 100.68
C GLN A 510 -37.95 -50.59 101.67
N ASN A 511 -37.60 -50.91 102.92
CA ASN A 511 -37.42 -49.87 103.93
C ASN A 511 -36.06 -49.20 103.75
N GLU A 512 -35.07 -49.97 103.28
CA GLU A 512 -33.77 -49.38 102.98
C GLU A 512 -33.94 -48.32 101.89
N ALA A 513 -34.66 -48.70 100.82
CA ALA A 513 -34.94 -47.83 99.70
C ALA A 513 -35.73 -46.60 100.13
N PHE A 514 -36.82 -46.82 100.85
CA PHE A 514 -37.71 -45.75 101.26
C PHE A 514 -36.95 -44.77 102.15
N SER A 515 -36.16 -45.29 103.08
CA SER A 515 -35.47 -44.44 104.04
C SER A 515 -34.41 -43.57 103.36
N PHE A 516 -33.77 -44.14 102.32
CA PHE A 516 -32.72 -43.44 101.59
C PHE A 516 -33.30 -42.24 100.84
N MET A 517 -34.37 -42.49 100.06
CA MET A 517 -34.99 -41.43 99.30
C MET A 517 -35.49 -40.34 100.26
N GLN A 518 -36.06 -40.76 101.39
CA GLN A 518 -36.65 -39.83 102.34
C GLN A 518 -35.55 -38.96 102.95
N LYS A 519 -34.40 -39.55 103.25
CA LYS A 519 -33.30 -38.76 103.81
C LYS A 519 -32.97 -37.63 102.83
N LEU A 520 -32.72 -37.98 101.56
CA LEU A 520 -32.35 -37.00 100.54
C LEU A 520 -33.44 -35.95 100.38
N LEU A 521 -34.69 -36.39 100.23
CA LEU A 521 -35.81 -35.47 99.97
C LEU A 521 -36.01 -34.50 101.14
N GLN A 522 -35.92 -35.02 102.37
CA GLN A 522 -36.17 -34.21 103.56
C GLN A 522 -35.07 -33.16 103.68
N TRP A 523 -33.84 -33.56 103.32
CA TRP A 523 -32.69 -32.66 103.33
C TRP A 523 -32.77 -31.62 102.21
N ARG A 524 -33.30 -32.02 101.05
CA ARG A 524 -33.39 -31.15 99.89
C ARG A 524 -34.42 -30.06 100.11
N LYS A 525 -35.56 -30.41 100.73
CA LYS A 525 -36.63 -29.47 100.98
C LYS A 525 -36.05 -28.27 101.74
N GLY A 526 -36.36 -27.05 101.28
CA GLY A 526 -35.86 -25.83 101.91
C GLY A 526 -34.40 -25.50 101.59
N ASN A 527 -33.66 -26.43 100.99
CA ASN A 527 -32.23 -26.28 100.78
C ASN A 527 -31.93 -25.34 99.61
N GLU A 528 -31.50 -24.11 99.92
CA GLU A 528 -31.25 -23.09 98.91
C GLU A 528 -30.07 -23.44 98.01
N VAL A 529 -29.12 -24.24 98.51
CA VAL A 529 -27.96 -24.58 97.69
C VAL A 529 -28.41 -25.37 96.45
N ILE A 530 -29.26 -26.39 96.64
CA ILE A 530 -29.68 -27.25 95.57
C ILE A 530 -30.69 -26.52 94.70
N ALA A 531 -31.52 -25.70 95.35
CA ALA A 531 -32.58 -25.04 94.64
C ALA A 531 -32.04 -23.95 93.72
N LYS A 532 -31.00 -23.22 94.12
CA LYS A 532 -30.61 -22.02 93.40
C LYS A 532 -29.13 -21.96 93.06
N GLY A 533 -28.33 -22.94 93.50
CA GLY A 533 -26.90 -22.81 93.45
C GLY A 533 -26.36 -23.10 92.04
N GLN A 534 -25.19 -22.52 91.77
CA GLN A 534 -24.38 -22.85 90.62
C GLN A 534 -24.06 -24.34 90.71
N LEU A 535 -23.67 -24.91 89.57
CA LEU A 535 -23.21 -26.29 89.50
C LEU A 535 -21.81 -26.26 88.90
N LYS A 536 -20.92 -27.08 89.46
CA LYS A 536 -19.58 -27.26 88.92
C LYS A 536 -19.21 -28.73 89.07
N HIS A 537 -18.73 -29.35 87.99
CA HIS A 537 -18.43 -30.77 87.99
C HIS A 537 -17.07 -31.02 87.35
N PHE A 538 -16.59 -32.25 87.56
CA PHE A 538 -15.27 -32.70 87.12
C PHE A 538 -15.42 -33.98 86.34
N ALA A 539 -14.60 -34.16 85.32
CA ALA A 539 -14.57 -35.40 84.58
C ALA A 539 -14.33 -36.55 85.55
N PRO A 540 -14.96 -37.71 85.32
CA PRO A 540 -14.68 -38.88 86.14
C PRO A 540 -13.18 -39.05 86.28
N ASN A 541 -12.74 -39.25 87.52
CA ASN A 541 -11.35 -39.40 87.92
C ASN A 541 -11.15 -40.83 88.42
N LYS A 542 -10.50 -41.65 87.62
CA LYS A 542 -10.37 -43.08 87.91
C LYS A 542 -11.72 -43.61 88.31
N GLY A 543 -12.75 -43.19 87.56
CA GLY A 543 -14.09 -43.75 87.68
C GLY A 543 -14.98 -42.94 88.62
N VAL A 544 -14.44 -41.90 89.30
CA VAL A 544 -15.18 -41.19 90.32
C VAL A 544 -15.59 -39.81 89.80
N TYR A 545 -16.92 -39.58 89.73
CA TYR A 545 -17.51 -38.33 89.31
C TYR A 545 -17.71 -37.47 90.53
N VAL A 546 -17.30 -36.18 90.46
CA VAL A 546 -17.39 -35.28 91.59
C VAL A 546 -18.00 -33.97 91.11
N TYR A 547 -18.90 -33.37 91.92
CA TYR A 547 -19.45 -32.08 91.56
C TYR A 547 -19.91 -31.32 92.81
N GLU A 548 -20.16 -30.02 92.60
CA GLU A 548 -20.44 -29.08 93.65
C GLU A 548 -21.68 -28.28 93.27
N ARG A 549 -22.58 -28.08 94.24
CA ARG A 549 -23.59 -27.04 94.15
C ARG A 549 -23.20 -25.98 95.16
N LYS A 550 -23.36 -24.70 94.80
CA LYS A 550 -22.82 -23.61 95.58
C LYS A 550 -23.69 -22.39 95.45
N TYR A 551 -24.18 -21.86 96.58
CA TYR A 551 -24.99 -20.65 96.63
C TYR A 551 -24.42 -19.74 97.71
N GLY A 552 -24.01 -18.52 97.32
CA GLY A 552 -23.21 -17.70 98.22
C GLY A 552 -22.01 -18.46 98.74
N ASP A 553 -21.95 -18.64 100.07
CA ASP A 553 -20.81 -19.28 100.71
C ASP A 553 -21.15 -20.70 101.18
N LYS A 554 -22.42 -21.08 101.15
CA LYS A 554 -22.79 -22.44 101.47
C LYS A 554 -22.62 -23.27 100.21
N SER A 555 -22.11 -24.50 100.36
CA SER A 555 -21.96 -25.39 99.22
C SER A 555 -22.24 -26.84 99.61
N VAL A 556 -22.44 -27.71 98.61
CA VAL A 556 -22.61 -29.13 98.75
C VAL A 556 -21.72 -29.82 97.73
N VAL A 557 -21.13 -30.97 98.07
CA VAL A 557 -20.22 -31.65 97.19
C VAL A 557 -20.58 -33.13 97.17
N VAL A 558 -20.72 -33.70 95.96
CA VAL A 558 -21.06 -35.10 95.80
C VAL A 558 -19.86 -35.83 95.22
N PHE A 559 -19.59 -37.01 95.76
CA PHE A 559 -18.66 -37.97 95.14
C PHE A 559 -19.47 -39.21 94.80
N LEU A 560 -19.37 -39.69 93.57
CA LEU A 560 -19.98 -40.92 93.15
C LEU A 560 -18.89 -41.77 92.53
N ASN A 561 -18.63 -42.91 93.14
CA ASN A 561 -17.69 -43.85 92.58
C ASN A 561 -18.40 -44.70 91.56
N GLY A 562 -17.92 -44.67 90.32
CA GLY A 562 -18.63 -45.22 89.18
C GLY A 562 -18.18 -46.62 88.83
N ASN A 563 -17.73 -47.37 89.83
CA ASN A 563 -17.26 -48.74 89.59
C ASN A 563 -17.55 -49.61 90.81
N ASP A 564 -17.60 -50.92 90.56
CA ASP A 564 -17.81 -51.96 91.56
C ASP A 564 -16.46 -52.36 92.18
N ARG A 565 -15.74 -51.40 92.77
CA ARG A 565 -14.41 -51.66 93.31
C ARG A 565 -13.95 -50.47 94.12
N GLU A 566 -12.92 -50.70 94.94
CA GLU A 566 -12.30 -49.65 95.74
C GLU A 566 -11.38 -48.83 94.84
N GLN A 567 -11.35 -47.52 95.06
CA GLN A 567 -10.48 -46.64 94.27
C GLN A 567 -9.95 -45.52 95.15
N THR A 568 -8.64 -45.31 95.07
CA THR A 568 -8.03 -44.14 95.66
C THR A 568 -7.81 -43.12 94.54
N ILE A 569 -8.08 -41.85 94.86
CA ILE A 569 -7.95 -40.78 93.89
C ILE A 569 -7.20 -39.63 94.54
N ASP A 570 -6.54 -38.84 93.68
CA ASP A 570 -5.91 -37.60 94.08
C ASP A 570 -7.02 -36.56 94.25
N LEU A 571 -6.96 -35.79 95.34
CA LEU A 571 -7.91 -34.74 95.65
C LEU A 571 -7.42 -33.36 95.19
N VAL A 572 -6.21 -33.27 94.62
CA VAL A 572 -5.66 -31.98 94.26
C VAL A 572 -6.57 -31.30 93.24
N PRO A 573 -7.07 -32.02 92.21
CA PRO A 573 -8.05 -31.43 91.28
C PRO A 573 -9.18 -30.62 91.94
N TYR A 574 -9.66 -31.05 93.11
CA TYR A 574 -10.89 -30.51 93.65
C TYR A 574 -10.63 -29.42 94.67
N GLN A 575 -9.38 -28.91 94.74
CA GLN A 575 -9.06 -27.95 95.79
C GLN A 575 -10.08 -26.80 95.78
N GLU A 576 -10.54 -26.40 94.59
CA GLU A 576 -11.37 -25.21 94.49
C GLU A 576 -12.80 -25.45 94.99
N ILE A 577 -13.18 -26.70 95.26
CA ILE A 577 -14.51 -26.97 95.83
C ILE A 577 -14.42 -27.61 97.23
N LEU A 578 -13.21 -27.75 97.79
CA LEU A 578 -13.03 -28.36 99.11
C LEU A 578 -12.43 -27.34 100.07
N PRO A 579 -13.27 -26.48 100.70
CA PRO A 579 -12.77 -25.39 101.52
C PRO A 579 -12.34 -25.75 102.95
N ALA A 580 -12.30 -27.07 103.25
CA ALA A 580 -11.96 -27.55 104.57
C ALA A 580 -11.41 -28.97 104.46
N SER A 581 -10.71 -29.41 105.51
CA SER A 581 -9.89 -30.62 105.47
C SER A 581 -10.74 -31.85 105.77
N SER A 582 -12.02 -31.65 106.10
CA SER A 582 -12.94 -32.73 106.36
C SER A 582 -14.38 -32.23 106.25
N ALA A 583 -15.31 -33.18 106.11
CA ALA A 583 -16.72 -32.85 106.20
C ALA A 583 -17.54 -34.10 106.55
N PHE A 584 -18.81 -33.89 106.85
CA PHE A 584 -19.71 -34.96 107.22
C PHE A 584 -20.57 -35.34 106.03
N ASP A 585 -20.52 -36.65 105.68
CA ASP A 585 -21.48 -37.28 104.78
C ASP A 585 -22.88 -37.27 105.39
N LEU A 586 -23.86 -36.66 104.71
CA LEU A 586 -25.23 -36.55 105.17
C LEU A 586 -25.88 -37.93 105.30
N LEU A 587 -25.42 -38.91 104.51
CA LEU A 587 -26.15 -40.17 104.37
C LEU A 587 -25.82 -41.11 105.53
N THR A 588 -24.51 -41.36 105.76
CA THR A 588 -24.08 -42.23 106.84
C THR A 588 -23.81 -41.45 108.12
N GLU A 589 -23.85 -40.12 108.04
CA GLU A 589 -23.49 -39.22 109.14
C GLU A 589 -22.06 -39.48 109.64
N LYS A 590 -21.16 -39.96 108.77
CA LYS A 590 -19.78 -40.20 109.14
C LYS A 590 -18.86 -39.17 108.48
N LYS A 591 -17.70 -38.98 109.11
CA LYS A 591 -16.77 -37.93 108.71
C LYS A 591 -15.95 -38.46 107.54
N VAL A 592 -15.68 -37.57 106.57
CA VAL A 592 -14.84 -37.90 105.42
C VAL A 592 -13.66 -36.93 105.42
N GLU A 593 -12.46 -37.51 105.27
CA GLU A 593 -11.25 -36.75 105.43
C GLU A 593 -10.84 -36.25 104.05
N LEU A 594 -10.61 -34.95 103.92
CA LEU A 594 -10.26 -34.34 102.65
C LEU A 594 -8.82 -33.80 102.69
N ARG A 595 -7.85 -34.69 102.53
CA ARG A 595 -6.45 -34.35 102.61
C ARG A 595 -5.67 -35.20 101.60
N ASN A 596 -5.40 -34.65 100.43
CA ASN A 596 -4.41 -35.17 99.47
C ASN A 596 -4.93 -36.37 98.69
N GLU A 597 -5.42 -37.41 99.37
CA GLU A 597 -6.01 -38.55 98.69
C GLU A 597 -7.27 -39.00 99.42
N LEU A 598 -8.09 -39.80 98.70
CA LEU A 598 -9.33 -40.32 99.25
C LEU A 598 -9.57 -41.71 98.67
N THR A 599 -9.88 -42.68 99.55
CA THR A 599 -10.15 -44.04 99.12
C THR A 599 -11.66 -44.27 99.21
N LEU A 600 -12.25 -44.70 98.10
CA LEU A 600 -13.70 -44.84 98.00
C LEU A 600 -14.03 -46.31 97.83
N PRO A 601 -14.79 -46.90 98.78
CA PRO A 601 -15.29 -48.26 98.59
C PRO A 601 -16.14 -48.39 97.34
N SER A 602 -16.34 -49.63 96.90
CA SER A 602 -17.23 -49.96 95.80
C SER A 602 -18.51 -49.10 95.86
N ARG A 603 -18.78 -48.36 94.79
CA ARG A 603 -20.03 -47.65 94.58
C ARG A 603 -20.30 -46.64 95.70
N GLU A 604 -19.24 -46.11 96.30
CA GLU A 604 -19.40 -45.17 97.39
C GLU A 604 -20.16 -43.92 96.93
N ILE A 605 -20.84 -43.29 97.87
CA ILE A 605 -21.50 -42.02 97.70
C ILE A 605 -21.13 -41.17 98.91
N TYR A 606 -20.61 -39.96 98.67
CA TYR A 606 -20.44 -38.99 99.74
C TYR A 606 -21.24 -37.75 99.35
N LEU A 607 -21.95 -37.19 100.32
CA LEU A 607 -22.71 -35.97 100.12
C LEU A 607 -22.32 -35.04 101.26
N LEU A 608 -21.38 -34.11 100.94
CA LEU A 608 -20.74 -33.28 101.93
C LEU A 608 -21.36 -31.89 101.93
N SER A 609 -21.43 -31.25 103.09
CA SER A 609 -21.84 -29.85 103.21
C SER A 609 -20.66 -29.00 103.66
N PHE A 610 -20.65 -27.73 103.26
CA PHE A 610 -19.68 -26.75 103.76
C PHE A 610 -20.30 -25.35 103.90
N SER B 17 -84.04 -6.85 45.98
CA SER B 17 -83.73 -7.85 47.01
C SER B 17 -83.69 -7.19 48.40
N THR B 18 -83.63 -8.06 49.41
CA THR B 18 -83.55 -7.64 50.80
C THR B 18 -82.11 -7.24 51.18
N ILE B 19 -81.14 -7.47 50.28
CA ILE B 19 -79.73 -7.25 50.50
C ILE B 19 -79.31 -5.91 49.90
N LYS B 20 -78.92 -4.96 50.75
CA LYS B 20 -78.50 -3.63 50.32
C LYS B 20 -77.01 -3.62 49.93
N LYS B 21 -76.12 -4.26 50.72
CA LYS B 21 -74.68 -4.09 50.51
C LYS B 21 -73.94 -5.40 50.81
N VAL B 22 -73.03 -5.76 49.92
CA VAL B 22 -72.23 -6.97 50.01
C VAL B 22 -70.74 -6.61 49.94
N ALA B 23 -69.97 -6.93 50.98
CA ALA B 23 -68.54 -6.61 51.02
C ALA B 23 -67.70 -7.84 51.33
N PRO B 24 -66.60 -8.10 50.57
CA PRO B 24 -66.27 -7.32 49.36
C PRO B 24 -67.22 -7.64 48.22
N THR B 25 -67.27 -6.76 47.21
CA THR B 25 -68.16 -6.90 46.07
C THR B 25 -68.00 -8.28 45.45
N PHE B 26 -66.74 -8.68 45.31
CA PHE B 26 -66.35 -10.01 44.87
C PHE B 26 -64.91 -10.27 45.34
N TRP B 27 -64.44 -11.49 45.14
CA TRP B 27 -63.11 -11.88 45.54
C TRP B 27 -62.46 -12.72 44.43
N TRP B 28 -61.30 -13.31 44.74
CA TRP B 28 -60.53 -14.08 43.77
C TRP B 28 -60.22 -15.44 44.36
N ALA B 29 -59.97 -16.39 43.44
CA ALA B 29 -59.47 -17.69 43.85
C ALA B 29 -57.96 -17.64 43.90
N GLY B 30 -57.38 -18.44 44.79
CA GLY B 30 -55.94 -18.62 44.85
C GLY B 30 -55.19 -17.42 45.44
N MET B 31 -55.79 -16.72 46.41
CA MET B 31 -55.07 -15.76 47.21
C MET B 31 -54.26 -16.56 48.23
N LYS B 32 -53.12 -15.99 48.69
CA LYS B 32 -52.25 -16.68 49.64
C LYS B 32 -53.03 -16.98 50.92
N ASN B 33 -53.71 -15.96 51.46
CA ASN B 33 -54.63 -16.16 52.56
C ASN B 33 -55.93 -16.71 52.00
N PRO B 34 -56.31 -17.97 52.31
CA PRO B 34 -57.52 -18.56 51.74
C PRO B 34 -58.83 -18.17 52.42
N GLU B 35 -58.75 -17.38 53.50
CA GLU B 35 -59.94 -16.97 54.24
C GLU B 35 -60.60 -15.80 53.52
N LEU B 36 -61.94 -15.80 53.43
CA LEU B 36 -62.68 -14.65 52.96
C LEU B 36 -63.80 -14.34 53.94
N GLN B 37 -63.80 -13.09 54.42
CA GLN B 37 -64.91 -12.59 55.20
C GLN B 37 -65.86 -11.87 54.24
N ILE B 38 -67.12 -12.31 54.20
CA ILE B 38 -68.15 -11.59 53.47
C ILE B 38 -69.08 -10.97 54.51
N LEU B 39 -69.20 -9.63 54.47
CA LEU B 39 -70.15 -8.87 55.26
C LEU B 39 -71.41 -8.64 54.42
N LEU B 40 -72.55 -9.09 54.96
CA LEU B 40 -73.85 -8.91 54.32
C LEU B 40 -74.66 -7.90 55.12
N TYR B 41 -75.25 -6.94 54.40
CA TYR B 41 -76.09 -5.89 54.99
C TYR B 41 -77.44 -5.87 54.30
N GLY B 42 -78.52 -6.03 55.09
CA GLY B 42 -79.87 -6.07 54.56
C GLY B 42 -80.91 -5.88 55.68
N ASP B 43 -82.17 -6.12 55.34
CA ASP B 43 -83.28 -5.92 56.27
C ASP B 43 -83.46 -7.17 57.13
N ARG B 44 -83.31 -7.00 58.44
CA ARG B 44 -83.41 -8.08 59.42
C ARG B 44 -82.99 -9.43 58.83
N ILE B 45 -81.70 -9.56 58.44
CA ILE B 45 -81.19 -10.77 57.80
C ILE B 45 -80.50 -11.67 58.82
N SER B 46 -80.27 -11.21 60.06
CA SER B 46 -79.33 -11.86 60.96
C SER B 46 -79.79 -13.21 61.48
N SER B 47 -81.08 -13.46 61.43
CA SER B 47 -81.64 -14.70 61.95
C SER B 47 -81.53 -15.81 60.90
N ALA B 48 -81.16 -15.45 59.66
CA ALA B 48 -81.17 -16.37 58.55
C ALA B 48 -80.26 -17.56 58.79
N ASP B 49 -80.64 -18.70 58.21
CA ASP B 49 -79.81 -19.90 58.21
C ASP B 49 -79.10 -19.88 56.86
N VAL B 50 -77.75 -19.97 56.93
CA VAL B 50 -76.94 -19.71 55.75
C VAL B 50 -76.41 -21.03 55.23
N SER B 51 -76.37 -21.13 53.90
CA SER B 51 -75.71 -22.25 53.22
C SER B 51 -75.15 -21.73 51.90
N LEU B 52 -74.36 -22.58 51.23
CA LEU B 52 -73.76 -22.26 49.96
C LEU B 52 -74.18 -23.29 48.91
N SER B 53 -74.33 -22.80 47.67
CA SER B 53 -74.34 -23.63 46.49
C SER B 53 -73.10 -23.30 45.68
N ALA B 54 -72.09 -24.16 45.81
CA ALA B 54 -70.75 -23.84 45.33
C ALA B 54 -69.93 -25.10 45.14
N ASP B 55 -68.76 -24.90 44.53
CA ASP B 55 -67.84 -25.97 44.19
C ASP B 55 -66.58 -25.81 45.04
N ASN B 56 -66.46 -26.63 46.10
CA ASN B 56 -65.26 -26.70 46.93
C ASN B 56 -65.04 -25.38 47.68
N ILE B 57 -66.10 -24.91 48.33
CA ILE B 57 -66.01 -23.79 49.25
C ILE B 57 -66.64 -24.25 50.55
N THR B 58 -65.95 -24.00 51.66
CA THR B 58 -66.48 -24.29 52.97
C THR B 58 -66.97 -22.99 53.61
N LEU B 59 -68.22 -23.03 54.09
CA LEU B 59 -68.71 -22.02 55.01
C LEU B 59 -68.26 -22.40 56.41
N GLN B 60 -67.29 -21.67 56.97
CA GLN B 60 -66.74 -22.04 58.27
C GLN B 60 -67.69 -21.65 59.40
N GLU B 61 -68.25 -20.45 59.32
CA GLU B 61 -69.02 -19.90 60.43
C GLU B 61 -69.79 -18.66 59.97
N VAL B 62 -70.89 -18.42 60.70
CA VAL B 62 -71.73 -17.24 60.51
C VAL B 62 -71.79 -16.50 61.84
N VAL B 63 -71.51 -15.20 61.84
CA VAL B 63 -71.47 -14.40 63.05
C VAL B 63 -72.65 -13.43 63.08
N LYS B 64 -73.41 -13.49 64.20
CA LYS B 64 -74.49 -12.56 64.45
C LYS B 64 -74.04 -11.58 65.52
N GLN B 65 -74.47 -10.31 65.37
CA GLN B 65 -74.19 -9.26 66.32
C GLN B 65 -75.48 -8.47 66.61
N GLU B 66 -75.41 -7.55 67.59
CA GLU B 66 -76.55 -6.77 68.07
C GLU B 66 -77.46 -6.36 66.92
N ASN B 67 -76.88 -5.73 65.89
CA ASN B 67 -77.68 -5.20 64.80
C ASN B 67 -78.16 -6.34 63.92
N PRO B 68 -79.48 -6.54 63.75
CA PRO B 68 -79.99 -7.61 62.91
C PRO B 68 -79.89 -7.38 61.40
N ASN B 69 -79.35 -6.23 60.99
CA ASN B 69 -79.23 -5.94 59.56
C ASN B 69 -77.96 -6.54 58.96
N TYR B 70 -77.16 -7.26 59.75
CA TYR B 70 -75.86 -7.74 59.31
C TYR B 70 -75.71 -9.23 59.54
N LEU B 71 -74.99 -9.86 58.61
CA LEU B 71 -74.39 -11.16 58.86
C LEU B 71 -72.91 -11.08 58.47
N VAL B 72 -72.06 -11.75 59.25
CA VAL B 72 -70.65 -11.88 58.89
C VAL B 72 -70.37 -13.36 58.58
N LEU B 73 -69.97 -13.63 57.34
CA LEU B 73 -69.64 -14.98 56.89
C LEU B 73 -68.13 -15.10 56.78
N TYR B 74 -67.62 -16.26 57.24
CA TYR B 74 -66.23 -16.64 57.02
C TYR B 74 -66.22 -17.88 56.14
N LEU B 75 -65.63 -17.74 54.94
CA LEU B 75 -65.49 -18.85 54.01
C LEU B 75 -64.03 -19.27 53.96
N ASP B 76 -63.80 -20.56 53.68
CA ASP B 76 -62.49 -21.08 53.34
C ASP B 76 -62.44 -21.38 51.84
N LEU B 77 -61.48 -20.76 51.14
CA LEU B 77 -61.36 -20.85 49.69
C LEU B 77 -60.13 -21.67 49.27
N SER B 78 -59.57 -22.47 50.19
CA SER B 78 -58.27 -23.08 49.96
C SER B 78 -58.32 -24.08 48.82
N LYS B 79 -59.47 -24.73 48.65
CA LYS B 79 -59.64 -25.82 47.70
C LYS B 79 -60.44 -25.36 46.47
N ALA B 80 -60.60 -24.05 46.26
CA ALA B 80 -61.64 -23.56 45.38
C ALA B 80 -61.05 -22.97 44.10
N ALA B 81 -61.75 -23.19 42.99
CA ALA B 81 -61.36 -22.62 41.72
C ALA B 81 -62.28 -21.45 41.39
N PRO B 82 -61.88 -20.58 40.44
CA PRO B 82 -62.73 -19.48 40.01
C PRO B 82 -64.10 -20.03 39.65
N GLN B 83 -65.15 -19.28 39.98
CA GLN B 83 -66.50 -19.76 39.82
C GLN B 83 -67.49 -18.66 40.19
N ASN B 84 -68.74 -18.82 39.76
CA ASN B 84 -69.87 -18.11 40.32
C ASN B 84 -70.63 -19.06 41.23
N PHE B 85 -71.08 -18.56 42.38
CA PHE B 85 -71.70 -19.41 43.38
C PHE B 85 -72.77 -18.59 44.07
N ASP B 86 -73.61 -19.26 44.88
CA ASP B 86 -74.73 -18.61 45.51
C ASP B 86 -74.61 -18.77 47.03
N ILE B 87 -74.91 -17.68 47.74
CA ILE B 87 -75.11 -17.69 49.19
C ILE B 87 -76.61 -17.72 49.41
N ILE B 88 -77.07 -18.57 50.32
CA ILE B 88 -78.49 -18.85 50.45
C ILE B 88 -78.92 -18.64 51.89
N LEU B 89 -79.82 -17.67 52.08
CA LEU B 89 -80.40 -17.34 53.37
C LEU B 89 -81.83 -17.85 53.41
N LYS B 90 -82.14 -18.76 54.34
CA LYS B 90 -83.48 -19.28 54.55
C LYS B 90 -84.01 -18.72 55.87
N GLN B 91 -85.10 -17.94 55.80
CA GLN B 91 -85.89 -17.57 56.96
C GLN B 91 -87.27 -18.24 56.88
N GLY B 92 -87.47 -19.25 57.74
CA GLY B 92 -88.61 -20.15 57.65
C GLY B 92 -88.75 -20.76 56.26
N LYS B 93 -89.79 -20.34 55.54
CA LYS B 93 -90.06 -20.86 54.20
C LYS B 93 -89.41 -19.97 53.15
N LYS B 94 -89.23 -18.66 53.45
CA LYS B 94 -88.66 -17.68 52.50
C LYS B 94 -87.16 -17.91 52.31
N GLN B 95 -86.66 -17.71 51.08
CA GLN B 95 -85.28 -18.01 50.71
C GLN B 95 -84.73 -16.89 49.80
N THR B 96 -83.56 -16.33 50.16
CA THR B 96 -82.86 -15.35 49.32
C THR B 96 -81.59 -15.97 48.76
N LYS B 97 -81.39 -15.84 47.43
CA LYS B 97 -80.19 -16.35 46.76
C LYS B 97 -79.30 -15.15 46.42
N ILE B 98 -78.12 -15.06 47.06
CA ILE B 98 -77.17 -13.98 46.80
C ILE B 98 -76.06 -14.54 45.93
N PRO B 99 -75.91 -14.08 44.67
CA PRO B 99 -74.81 -14.55 43.83
C PRO B 99 -73.48 -13.91 44.27
N TYR B 100 -72.37 -14.62 44.02
CA TYR B 100 -71.04 -14.16 44.40
C TYR B 100 -70.00 -14.74 43.44
N GLU B 101 -69.04 -13.91 43.04
CA GLU B 101 -68.05 -14.30 42.05
C GLU B 101 -66.68 -14.46 42.71
N LEU B 102 -66.00 -15.59 42.42
CA LEU B 102 -64.57 -15.74 42.62
C LEU B 102 -63.89 -15.55 41.27
N LYS B 103 -63.30 -14.37 41.05
CA LYS B 103 -62.67 -14.10 39.78
C LYS B 103 -61.39 -14.93 39.69
N GLN B 104 -60.83 -14.95 38.47
CA GLN B 104 -59.58 -15.63 38.20
C GLN B 104 -58.51 -14.56 38.19
N ARG B 105 -57.40 -14.84 38.88
CA ARG B 105 -56.36 -13.84 39.01
C ARG B 105 -55.63 -13.67 37.67
N ARG B 106 -55.37 -12.43 37.28
CA ARG B 106 -54.29 -12.12 36.37
C ARG B 106 -53.09 -13.01 36.68
N PRO B 107 -52.32 -13.46 35.67
CA PRO B 107 -51.06 -14.14 35.95
C PRO B 107 -50.06 -13.14 36.54
N ASN B 108 -49.28 -13.60 37.52
CA ASN B 108 -48.25 -12.81 38.19
C ASN B 108 -48.81 -11.62 38.97
N ALA B 109 -50.04 -11.71 39.48
CA ALA B 109 -50.62 -10.61 40.24
C ALA B 109 -49.83 -10.36 41.53
N SER B 110 -49.38 -11.46 42.16
CA SER B 110 -48.53 -11.45 43.33
C SER B 110 -47.26 -10.64 43.11
N ALA B 111 -46.79 -10.56 41.87
CA ALA B 111 -45.44 -10.06 41.66
C ALA B 111 -45.45 -8.60 41.22
N VAL B 112 -46.57 -7.91 41.45
CA VAL B 112 -46.66 -6.52 41.06
C VAL B 112 -45.52 -5.77 41.77
N GLU B 113 -44.85 -4.90 41.04
CA GLU B 113 -43.80 -4.06 41.60
C GLU B 113 -44.41 -3.12 42.65
N GLY B 114 -43.61 -2.81 43.69
CA GLY B 114 -43.86 -1.74 44.61
C GLY B 114 -43.32 -0.44 44.07
N PHE B 115 -42.97 0.49 44.95
CA PHE B 115 -42.19 1.66 44.58
C PHE B 115 -41.04 1.80 45.56
N ASP B 116 -40.02 2.53 45.16
CA ASP B 116 -38.78 2.56 45.89
C ASP B 116 -37.98 3.78 45.48
N SER B 117 -36.70 3.84 45.86
CA SER B 117 -35.90 5.03 45.69
C SER B 117 -35.58 5.33 44.22
N SER B 118 -35.89 4.38 43.32
CA SER B 118 -35.79 4.66 41.90
C SER B 118 -36.97 5.52 41.45
N ASP B 119 -38.01 5.59 42.26
CA ASP B 119 -39.22 6.31 41.89
C ASP B 119 -39.21 7.75 42.41
N VAL B 120 -40.02 8.58 41.76
CA VAL B 120 -40.47 9.85 42.30
C VAL B 120 -42.00 9.90 42.20
N LEU B 121 -42.66 10.27 43.29
CA LEU B 121 -44.12 10.22 43.36
C LEU B 121 -44.68 11.62 43.15
N TYR B 122 -45.78 11.69 42.37
CA TYR B 122 -46.47 12.94 42.10
C TYR B 122 -47.83 12.92 42.79
N LEU B 123 -47.99 13.79 43.79
CA LEU B 123 -49.15 13.71 44.67
C LEU B 123 -50.25 14.63 44.16
N ILE B 124 -51.44 14.06 43.95
CA ILE B 124 -52.57 14.73 43.31
C ILE B 124 -53.80 14.61 44.22
N MET B 125 -54.44 15.75 44.49
CA MET B 125 -55.77 15.78 45.09
C MET B 125 -56.81 15.78 43.96
N PRO B 126 -57.47 14.63 43.67
CA PRO B 126 -58.26 14.49 42.43
C PRO B 126 -59.28 15.59 42.12
N ASP B 127 -59.99 16.05 43.15
CA ASP B 127 -61.02 17.05 42.96
C ASP B 127 -60.46 18.40 42.51
N ARG B 128 -59.12 18.54 42.49
CA ARG B 128 -58.51 19.85 42.28
C ARG B 128 -57.45 19.80 41.18
N PHE B 129 -57.42 18.70 40.41
CA PHE B 129 -56.40 18.58 39.39
C PHE B 129 -56.98 18.89 38.01
N ALA B 130 -57.96 18.11 37.56
CA ALA B 130 -58.57 18.33 36.27
C ALA B 130 -60.00 17.79 36.18
N ASN B 131 -60.88 18.58 35.53
CA ASN B 131 -62.25 18.20 35.26
C ASN B 131 -62.38 17.73 33.82
N GLY B 132 -62.36 16.41 33.64
CA GLY B 132 -62.41 15.82 32.32
C GLY B 132 -63.82 15.35 31.96
N ASN B 133 -64.74 15.39 32.93
CA ASN B 133 -66.13 15.02 32.69
C ASN B 133 -67.01 15.86 33.60
N PRO B 134 -67.54 17.02 33.14
CA PRO B 134 -68.34 17.89 34.00
C PRO B 134 -69.70 17.31 34.41
N SER B 135 -70.14 16.25 33.72
CA SER B 135 -71.46 15.67 33.96
C SER B 135 -71.53 14.98 35.33
N ASN B 136 -70.37 14.67 35.92
CA ASN B 136 -70.32 13.95 37.18
C ASN B 136 -69.97 14.90 38.33
N ASP B 137 -69.81 16.19 38.06
CA ASP B 137 -69.52 17.17 39.11
C ASP B 137 -70.60 17.14 40.19
N ILE B 138 -71.87 16.93 39.79
CA ILE B 138 -72.95 16.75 40.74
C ILE B 138 -73.60 15.42 40.43
N ILE B 139 -73.94 14.65 41.49
CA ILE B 139 -74.50 13.33 41.33
C ILE B 139 -75.84 13.28 42.06
N PRO B 140 -76.95 12.99 41.36
CA PRO B 140 -78.27 12.92 42.00
C PRO B 140 -78.20 11.99 43.21
N GLY B 141 -78.71 12.46 44.35
CA GLY B 141 -78.83 11.64 45.55
C GLY B 141 -77.75 11.95 46.58
N MET B 142 -76.56 12.36 46.12
CA MET B 142 -75.41 12.57 46.99
C MET B 142 -75.66 13.82 47.85
N LEU B 143 -75.25 13.72 49.11
CA LEU B 143 -75.57 14.69 50.14
C LEU B 143 -74.97 16.06 49.85
N GLU B 144 -73.79 16.10 49.21
CA GLU B 144 -73.19 17.38 48.84
C GLU B 144 -73.51 17.64 47.37
N GLY B 145 -74.54 18.46 47.13
CA GLY B 145 -75.20 18.53 45.83
C GLY B 145 -74.77 19.75 45.02
N ASN B 146 -73.67 20.40 45.41
CA ASN B 146 -73.20 21.58 44.72
C ASN B 146 -71.73 21.43 44.36
N VAL B 147 -71.30 22.22 43.37
CA VAL B 147 -69.91 22.56 43.16
C VAL B 147 -69.77 24.07 43.13
N ASP B 148 -68.64 24.55 43.63
CA ASP B 148 -68.38 25.98 43.70
C ASP B 148 -66.87 26.21 43.70
N ARG B 149 -66.32 26.48 42.52
CA ARG B 149 -64.89 26.66 42.36
C ARG B 149 -64.37 27.91 43.06
N ASN B 150 -65.26 28.78 43.57
CA ASN B 150 -64.84 29.98 44.28
C ASN B 150 -64.86 29.77 45.79
N GLU B 151 -65.30 28.60 46.25
CA GLU B 151 -65.21 28.23 47.66
C GLU B 151 -64.06 27.25 47.86
N PRO B 152 -63.02 27.58 48.65
CA PRO B 152 -61.91 26.66 48.90
C PRO B 152 -62.30 25.31 49.49
N PHE B 153 -63.40 25.26 50.28
CA PHE B 153 -63.79 24.04 50.99
C PHE B 153 -64.93 23.30 50.32
N ALA B 154 -65.25 23.66 49.07
CA ALA B 154 -66.30 22.96 48.35
C ALA B 154 -65.72 22.10 47.24
N ARG B 155 -66.54 21.21 46.69
CA ARG B 155 -66.14 20.42 45.54
C ARG B 155 -65.97 21.37 44.36
N HIS B 156 -64.95 21.10 43.53
CA HIS B 156 -64.64 21.90 42.36
C HIS B 156 -64.87 21.12 41.06
N GLY B 157 -64.97 19.79 41.14
CA GLY B 157 -65.38 18.98 40.00
C GLY B 157 -64.24 18.18 39.35
N GLY B 158 -63.06 18.10 39.99
CA GLY B 158 -61.98 17.29 39.48
C GLY B 158 -62.39 15.81 39.43
N ASP B 159 -61.79 15.04 38.51
CA ASP B 159 -62.15 13.65 38.36
C ASP B 159 -61.02 12.83 37.74
N LEU B 160 -61.26 11.51 37.66
CA LEU B 160 -60.30 10.53 37.16
C LEU B 160 -60.02 10.77 35.68
N LYS B 161 -61.08 11.03 34.91
CA LYS B 161 -60.95 11.33 33.49
C LYS B 161 -59.96 12.46 33.30
N GLY B 162 -60.06 13.48 34.16
CA GLY B 162 -59.13 14.59 34.18
C GLY B 162 -57.68 14.15 34.33
N ILE B 163 -57.42 13.21 35.26
CA ILE B 163 -56.07 12.71 35.46
C ILE B 163 -55.67 11.95 34.18
N GLU B 164 -56.57 11.08 33.71
CA GLU B 164 -56.32 10.28 32.52
C GLU B 164 -55.98 11.18 31.34
N ASN B 165 -56.68 12.31 31.20
CA ASN B 165 -56.45 13.21 30.08
C ASN B 165 -55.03 13.78 30.12
N HIS B 166 -54.40 13.87 31.30
CA HIS B 166 -53.14 14.58 31.42
C HIS B 166 -51.99 13.67 31.85
N LEU B 167 -52.15 12.34 31.71
CA LEU B 167 -51.06 11.41 31.94
C LEU B 167 -49.85 11.76 31.09
N ASP B 168 -50.08 12.21 29.85
CA ASP B 168 -49.01 12.59 28.94
C ASP B 168 -48.13 13.67 29.59
N TYR B 169 -48.78 14.63 30.25
CA TYR B 169 -48.12 15.77 30.87
C TYR B 169 -47.29 15.26 32.06
N ILE B 170 -47.92 14.40 32.87
CA ILE B 170 -47.30 13.85 34.05
C ILE B 170 -46.04 13.07 33.66
N ALA B 171 -46.14 12.17 32.69
CA ALA B 171 -45.00 11.35 32.29
C ALA B 171 -43.89 12.22 31.71
N ASP B 172 -44.27 13.26 30.97
CA ASP B 172 -43.30 14.11 30.30
C ASP B 172 -42.56 14.92 31.36
N LEU B 173 -43.23 15.26 32.47
CA LEU B 173 -42.61 15.99 33.57
C LEU B 173 -41.44 15.19 34.11
N GLY B 174 -41.56 13.85 34.15
CA GLY B 174 -40.45 12.99 34.46
C GLY B 174 -40.65 12.15 35.73
N VAL B 175 -41.81 12.26 36.39
CA VAL B 175 -42.06 11.51 37.61
C VAL B 175 -42.32 10.06 37.22
N THR B 176 -42.32 9.13 38.17
CA THR B 176 -42.47 7.72 37.84
C THR B 176 -43.78 7.15 38.37
N SER B 177 -44.47 7.93 39.22
CA SER B 177 -45.67 7.42 39.86
C SER B 177 -46.64 8.56 40.13
N ILE B 178 -47.95 8.25 40.01
CA ILE B 178 -48.97 9.15 40.51
C ILE B 178 -49.39 8.61 41.87
N TRP B 179 -49.59 9.54 42.81
CA TRP B 179 -50.09 9.20 44.14
C TRP B 179 -51.34 10.05 44.39
N LEU B 180 -52.47 9.38 44.60
CA LEU B 180 -53.76 10.03 44.73
C LEU B 180 -54.15 10.12 46.20
N ASN B 181 -54.60 11.32 46.62
CA ASN B 181 -55.36 11.44 47.85
C ASN B 181 -56.57 10.54 47.71
N PRO B 182 -57.28 10.23 48.80
CA PRO B 182 -58.32 9.21 48.77
C PRO B 182 -59.37 9.40 47.69
N ILE B 183 -59.66 8.32 46.96
CA ILE B 183 -60.61 8.31 45.88
C ILE B 183 -61.83 7.49 46.29
N GLN B 184 -61.78 6.83 47.45
CA GLN B 184 -62.94 6.08 47.89
C GLN B 184 -64.04 7.09 48.28
N GLU B 185 -65.30 6.67 48.11
CA GLU B 185 -66.43 7.60 48.13
C GLU B 185 -66.56 8.29 49.48
N ASN B 186 -66.74 9.61 49.43
CA ASN B 186 -67.03 10.45 50.59
C ASN B 186 -68.41 11.10 50.43
N ASP B 187 -69.48 10.32 50.63
CA ASP B 187 -70.84 10.86 50.55
C ASP B 187 -71.19 11.57 51.85
N MET B 188 -70.56 12.72 52.08
CA MET B 188 -70.79 13.54 53.26
C MET B 188 -71.46 14.86 52.84
N LYS B 189 -72.16 15.49 53.81
CA LYS B 189 -72.86 16.74 53.57
C LYS B 189 -71.86 17.85 53.25
N GLU B 190 -70.82 17.99 54.08
CA GLU B 190 -69.79 18.99 53.86
C GLU B 190 -68.41 18.32 53.87
N GLY B 191 -67.45 18.97 53.20
CA GLY B 191 -66.03 18.61 53.27
C GLY B 191 -65.67 17.34 52.50
N SER B 192 -66.51 16.93 51.55
CA SER B 192 -66.37 15.66 50.87
C SER B 192 -65.21 15.71 49.88
N TYR B 193 -64.74 16.91 49.53
CA TYR B 193 -63.82 17.09 48.42
C TYR B 193 -62.47 16.39 48.67
N HIS B 194 -62.05 16.30 49.94
CA HIS B 194 -60.67 15.95 50.26
C HIS B 194 -60.48 14.43 50.34
N GLY B 195 -61.55 13.70 50.72
CA GLY B 195 -61.59 12.26 50.61
C GLY B 195 -61.37 11.51 51.92
N TYR B 196 -61.15 12.22 53.05
CA TYR B 196 -60.67 11.60 54.26
C TYR B 196 -61.81 11.18 55.19
N ALA B 197 -63.03 11.11 54.65
CA ALA B 197 -64.18 10.58 55.39
C ALA B 197 -64.97 9.64 54.48
N ILE B 198 -64.52 8.40 54.43
CA ILE B 198 -64.99 7.43 53.47
C ILE B 198 -66.34 6.87 53.92
N THR B 199 -67.28 6.77 52.98
CA THR B 199 -68.59 6.22 53.26
C THR B 199 -68.78 4.88 52.57
N ASP B 200 -67.93 4.56 51.58
CA ASP B 200 -67.94 3.22 51.01
C ASP B 200 -66.51 2.81 50.68
N TYR B 201 -66.00 1.79 51.36
CA TYR B 201 -64.62 1.35 51.13
C TYR B 201 -64.48 0.61 49.79
N TYR B 202 -65.60 0.19 49.18
CA TYR B 202 -65.54 -0.62 47.98
C TYR B 202 -66.02 0.11 46.74
N GLN B 203 -66.14 1.45 46.80
CA GLN B 203 -66.54 2.22 45.64
C GLN B 203 -65.70 3.49 45.49
N VAL B 204 -65.24 3.75 44.28
CA VAL B 204 -64.71 5.08 43.98
C VAL B 204 -65.84 6.09 44.13
N ASP B 205 -65.50 7.31 44.56
CA ASP B 205 -66.48 8.37 44.66
C ASP B 205 -67.10 8.62 43.29
N ARG B 206 -68.43 8.56 43.21
CA ARG B 206 -69.15 8.64 41.95
C ARG B 206 -68.88 9.98 41.25
N ARG B 207 -68.46 11.01 41.98
CA ARG B 207 -68.09 12.28 41.37
C ARG B 207 -66.70 12.25 40.73
N PHE B 208 -65.89 11.22 41.04
CA PHE B 208 -64.58 11.06 40.42
C PHE B 208 -64.65 10.08 39.26
N GLY B 209 -65.55 9.09 39.35
CA GLY B 209 -65.71 8.09 38.31
C GLY B 209 -66.26 6.80 38.92
N SER B 210 -66.28 5.73 38.12
CA SER B 210 -66.59 4.39 38.59
C SER B 210 -65.30 3.62 38.94
N ASN B 211 -65.48 2.45 39.55
CA ASN B 211 -64.39 1.53 39.79
C ASN B 211 -63.65 1.25 38.48
N GLU B 212 -64.40 0.95 37.42
CA GLU B 212 -63.81 0.61 36.13
C GLU B 212 -62.96 1.75 35.61
N GLU B 213 -63.40 2.99 35.82
CA GLU B 213 -62.62 4.13 35.39
C GLU B 213 -61.25 4.11 36.07
N PHE B 214 -61.22 3.72 37.35
CA PHE B 214 -59.97 3.72 38.12
C PHE B 214 -59.03 2.65 37.56
N ARG B 215 -59.59 1.46 37.26
CA ARG B 215 -58.79 0.39 36.68
C ARG B 215 -58.19 0.86 35.35
N LYS B 216 -58.99 1.57 34.55
CA LYS B 216 -58.56 2.06 33.24
C LYS B 216 -57.46 3.09 33.44
N LEU B 217 -57.67 4.02 34.37
CA LEU B 217 -56.64 5.01 34.69
C LEU B 217 -55.32 4.31 34.99
N THR B 218 -55.38 3.24 35.81
CA THR B 218 -54.18 2.55 36.21
C THR B 218 -53.53 1.90 34.98
N GLN B 219 -54.33 1.20 34.17
CA GLN B 219 -53.86 0.61 32.92
C GLN B 219 -53.16 1.67 32.07
N GLU B 220 -53.81 2.82 31.94
CA GLU B 220 -53.31 3.87 31.07
C GLU B 220 -52.00 4.39 31.63
N ALA B 221 -51.97 4.58 32.95
CA ALA B 221 -50.78 5.09 33.63
C ALA B 221 -49.62 4.12 33.46
N ASN B 222 -49.88 2.83 33.69
CA ASN B 222 -48.86 1.80 33.58
C ASN B 222 -48.25 1.79 32.18
N ALA B 223 -49.08 2.00 31.15
CA ALA B 223 -48.64 1.92 29.77
C ALA B 223 -47.74 3.10 29.42
N LYS B 224 -47.89 4.22 30.13
CA LYS B 224 -46.96 5.34 29.95
C LYS B 224 -45.80 5.24 30.94
N GLY B 225 -45.64 4.10 31.62
CA GLY B 225 -44.51 3.88 32.51
C GLY B 225 -44.69 4.48 33.91
N LEU B 226 -45.93 4.67 34.35
CA LEU B 226 -46.21 5.30 35.64
C LEU B 226 -46.82 4.29 36.60
N LYS B 227 -46.32 4.27 37.85
CA LYS B 227 -46.95 3.50 38.92
C LYS B 227 -48.09 4.30 39.55
N VAL B 228 -48.94 3.61 40.32
CA VAL B 228 -50.04 4.29 40.98
C VAL B 228 -50.02 3.94 42.47
N VAL B 229 -50.10 4.98 43.31
CA VAL B 229 -50.17 4.83 44.76
C VAL B 229 -51.48 5.43 45.28
N MET B 230 -52.06 4.78 46.27
CA MET B 230 -53.39 5.08 46.74
C MET B 230 -53.36 5.36 48.25
N ASP B 231 -53.98 6.47 48.66
CA ASP B 231 -54.21 6.81 50.06
C ASP B 231 -55.41 6.01 50.59
N MET B 232 -55.24 5.46 51.80
CA MET B 232 -56.30 4.76 52.48
C MET B 232 -56.33 5.20 53.94
N ILE B 233 -57.48 4.97 54.60
CA ILE B 233 -57.69 5.40 55.97
C ILE B 233 -58.42 4.30 56.73
N PHE B 234 -57.73 3.70 57.72
CA PHE B 234 -58.29 2.66 58.55
C PHE B 234 -58.71 3.22 59.92
N ASN B 235 -58.10 4.34 60.33
CA ASN B 235 -58.31 4.88 61.66
C ASN B 235 -59.77 5.32 61.78
N HIS B 236 -60.34 5.86 60.72
CA HIS B 236 -61.70 6.38 60.76
C HIS B 236 -62.39 6.32 59.41
N CYS B 237 -63.73 6.31 59.47
CA CYS B 237 -64.58 6.50 58.31
C CYS B 237 -65.42 7.76 58.50
N GLY B 238 -66.17 8.15 57.46
CA GLY B 238 -67.11 9.25 57.56
C GLY B 238 -68.35 8.81 58.33
N SER B 239 -68.99 9.76 59.02
CA SER B 239 -70.16 9.44 59.82
C SER B 239 -71.35 8.98 58.97
N ASP B 240 -71.28 9.15 57.64
CA ASP B 240 -72.38 8.71 56.78
C ASP B 240 -72.11 7.36 56.13
N ASN B 241 -71.03 6.68 56.54
CA ASN B 241 -70.78 5.30 56.14
C ASN B 241 -71.86 4.41 56.74
N TYR B 242 -72.39 3.47 55.97
CA TYR B 242 -73.40 2.56 56.47
C TYR B 242 -72.88 1.84 57.73
N LEU B 243 -71.59 1.56 57.77
CA LEU B 243 -71.03 0.81 58.87
C LEU B 243 -71.18 1.60 60.17
N PHE B 244 -71.16 2.95 60.09
CA PHE B 244 -71.29 3.79 61.26
C PHE B 244 -72.76 4.16 61.51
N LYS B 245 -73.43 4.73 60.48
CA LYS B 245 -74.84 5.12 60.54
C LYS B 245 -75.67 4.00 61.14
N ASP B 246 -75.45 2.78 60.64
CA ASP B 246 -76.18 1.60 61.07
C ASP B 246 -75.18 0.54 61.58
N MET B 247 -74.62 0.78 62.77
CA MET B 247 -73.50 0.01 63.30
C MET B 247 -73.85 -1.47 63.42
N PRO B 248 -73.00 -2.40 62.96
CA PRO B 248 -73.14 -3.82 63.32
C PRO B 248 -73.24 -4.02 64.82
N SER B 249 -72.34 -3.36 65.56
CA SER B 249 -72.36 -3.34 67.01
C SER B 249 -71.55 -2.16 67.52
N LYS B 250 -71.76 -1.81 68.79
CA LYS B 250 -71.08 -0.70 69.44
C LYS B 250 -69.58 -0.97 69.48
N ASP B 251 -69.17 -2.24 69.33
CA ASP B 251 -67.76 -2.59 69.48
C ASP B 251 -66.95 -2.23 68.21
N TRP B 252 -67.63 -1.87 67.11
CA TRP B 252 -66.96 -1.51 65.87
C TRP B 252 -66.28 -0.16 65.95
N PHE B 253 -66.68 0.70 66.88
CA PHE B 253 -66.11 2.04 66.98
C PHE B 253 -65.71 2.31 68.42
N ASN B 254 -64.65 3.10 68.60
CA ASN B 254 -64.11 3.38 69.91
C ASN B 254 -65.02 4.42 70.55
N PHE B 255 -65.01 4.45 71.89
CA PHE B 255 -65.76 5.42 72.67
C PHE B 255 -65.07 5.60 74.03
N TYR B 259 -66.85 11.01 71.02
CA TYR B 259 -65.77 11.05 72.04
C TYR B 259 -65.69 12.48 72.58
N VAL B 260 -64.49 13.07 72.48
CA VAL B 260 -64.26 14.46 72.83
C VAL B 260 -63.45 15.05 71.66
N GLN B 261 -62.22 14.56 71.55
CA GLN B 261 -61.20 15.05 70.63
C GLN B 261 -59.90 14.32 70.98
N THR B 262 -59.23 13.74 69.95
CA THR B 262 -57.94 13.12 70.14
C THR B 262 -56.90 14.18 70.48
N SER B 263 -55.95 13.74 71.35
CA SER B 263 -54.77 14.53 71.63
C SER B 263 -53.79 14.11 70.55
N PHE B 264 -53.23 15.12 69.88
CA PHE B 264 -52.27 14.86 68.81
C PHE B 264 -50.89 14.58 69.39
N LYS B 265 -50.85 14.16 70.66
CA LYS B 265 -49.66 13.63 71.31
C LYS B 265 -49.49 12.16 70.91
N THR B 266 -48.93 11.92 69.71
CA THR B 266 -48.71 10.56 69.19
C THR B 266 -47.42 9.97 69.75
N ALA B 267 -46.59 10.82 70.38
CA ALA B 267 -45.41 10.37 71.10
C ALA B 267 -45.78 9.34 72.17
N THR B 268 -47.06 9.27 72.56
CA THR B 268 -47.44 8.47 73.72
C THR B 268 -47.19 6.98 73.49
N GLN B 269 -47.07 6.55 72.23
CA GLN B 269 -46.87 5.12 71.99
C GLN B 269 -45.47 4.71 72.41
N MET B 270 -44.48 5.62 72.26
CA MET B 270 -43.09 5.23 72.49
C MET B 270 -42.42 6.07 73.60
N ASP B 271 -43.02 7.16 74.04
CA ASP B 271 -42.49 7.93 75.17
C ASP B 271 -42.36 7.01 76.40
N PRO B 272 -41.16 6.77 76.95
CA PRO B 272 -41.04 5.88 78.10
C PRO B 272 -41.69 6.44 79.34
N TYR B 273 -41.98 7.74 79.35
CA TYR B 273 -42.53 8.44 80.50
C TYR B 273 -44.00 8.77 80.30
N ALA B 274 -44.66 8.18 79.30
CA ALA B 274 -46.05 8.49 79.02
C ALA B 274 -46.96 8.14 80.21
N SER B 275 -47.99 8.99 80.38
CA SER B 275 -48.99 8.81 81.42
C SER B 275 -50.12 7.92 80.91
N ASP B 276 -50.81 7.21 81.84
CA ASP B 276 -51.94 6.40 81.46
C ASP B 276 -53.05 7.26 80.89
N TYR B 277 -53.30 8.39 81.53
CA TYR B 277 -54.35 9.30 81.07
C TYR B 277 -54.13 9.68 79.62
N GLU B 278 -52.91 10.03 79.24
CA GLU B 278 -52.63 10.56 77.91
C GLU B 278 -52.62 9.47 76.86
N LYS B 279 -52.15 8.27 77.21
CA LYS B 279 -52.23 7.13 76.29
C LYS B 279 -53.68 6.91 75.88
N LYS B 280 -54.61 6.96 76.85
CA LYS B 280 -56.01 6.67 76.60
C LYS B 280 -56.61 7.78 75.72
N ILE B 281 -56.36 9.04 76.06
CA ILE B 281 -56.91 10.14 75.28
C ILE B 281 -56.45 10.02 73.82
N ALA B 282 -55.18 9.67 73.59
CA ALA B 282 -54.65 9.59 72.25
C ALA B 282 -55.24 8.40 71.47
N ILE B 283 -55.33 7.19 72.08
CA ILE B 283 -56.03 6.02 71.56
C ILE B 283 -57.53 6.26 71.27
N ASP B 284 -58.23 6.89 72.21
CA ASP B 284 -59.68 6.81 72.27
C ASP B 284 -60.33 8.01 71.57
N GLY B 285 -59.55 9.06 71.28
CA GLY B 285 -60.16 10.27 70.74
C GLY B 285 -60.42 10.16 69.23
N TRP B 286 -61.48 10.84 68.76
CA TRP B 286 -61.77 10.98 67.34
C TRP B 286 -61.01 12.22 66.81
N PHE B 287 -60.78 12.23 65.49
CA PHE B 287 -60.22 13.40 64.85
C PHE B 287 -61.25 14.56 64.87
N THR B 288 -62.50 14.25 64.51
CA THR B 288 -63.65 15.14 64.61
C THR B 288 -64.91 14.30 64.77
N LEU B 289 -66.04 15.00 64.90
CA LEU B 289 -67.33 14.39 65.14
C LEU B 289 -67.74 13.52 63.95
N THR B 290 -67.47 13.96 62.72
CA THR B 290 -67.96 13.27 61.54
C THR B 290 -66.93 12.27 60.99
N MET B 291 -65.86 12.01 61.77
CA MET B 291 -64.86 11.02 61.43
C MET B 291 -64.68 10.05 62.60
N PRO B 292 -65.67 9.18 62.86
CA PRO B 292 -65.60 8.28 64.01
C PRO B 292 -64.48 7.27 63.90
N ASP B 293 -63.91 6.91 65.05
CA ASP B 293 -62.73 6.08 65.14
C ASP B 293 -63.13 4.61 65.15
N PHE B 294 -62.66 3.88 64.13
CA PHE B 294 -62.78 2.44 64.11
C PHE B 294 -62.07 1.85 65.34
N ASN B 295 -62.64 0.78 65.86
CA ASN B 295 -61.99 -0.09 66.83
C ASN B 295 -61.20 -1.18 66.12
N GLN B 296 -59.91 -0.96 65.82
CA GLN B 296 -59.15 -1.97 65.09
C GLN B 296 -58.90 -3.22 65.91
N ARG B 297 -59.22 -3.19 67.22
CA ARG B 297 -59.03 -4.38 68.02
C ARG B 297 -60.19 -5.36 67.79
N ASN B 298 -61.25 -4.94 67.11
CA ASN B 298 -62.32 -5.83 66.74
C ASN B 298 -61.90 -6.66 65.53
N ARG B 299 -61.95 -7.99 65.65
CA ARG B 299 -61.49 -8.91 64.63
C ARG B 299 -62.20 -8.67 63.29
N HIS B 300 -63.51 -8.42 63.32
CA HIS B 300 -64.31 -8.22 62.11
C HIS B 300 -63.93 -6.89 61.44
N VAL B 301 -63.76 -5.84 62.23
CA VAL B 301 -63.36 -4.55 61.70
C VAL B 301 -62.03 -4.70 60.96
N ALA B 302 -61.10 -5.38 61.62
CA ALA B 302 -59.73 -5.48 61.12
C ALA B 302 -59.73 -6.23 59.79
N THR B 303 -60.40 -7.41 59.74
CA THR B 303 -60.42 -8.17 58.52
C THR B 303 -61.11 -7.36 57.42
N TYR B 304 -62.22 -6.71 57.77
CA TYR B 304 -62.95 -5.91 56.77
C TYR B 304 -61.98 -4.92 56.12
N LEU B 305 -61.25 -4.18 56.94
CA LEU B 305 -60.34 -3.16 56.42
C LEU B 305 -59.16 -3.76 55.68
N ILE B 306 -58.56 -4.82 56.24
CA ILE B 306 -57.43 -5.46 55.59
C ILE B 306 -57.84 -5.93 54.19
N GLN B 307 -58.97 -6.63 54.11
CA GLN B 307 -59.47 -7.15 52.84
C GLN B 307 -59.66 -6.01 51.85
N SER B 308 -60.24 -4.89 52.33
CA SER B 308 -60.47 -3.74 51.46
C SER B 308 -59.17 -3.33 50.77
N SER B 309 -58.06 -3.31 51.50
CA SER B 309 -56.80 -2.84 50.90
C SER B 309 -56.35 -3.84 49.84
N ILE B 310 -56.49 -5.12 50.14
CA ILE B 310 -56.03 -6.14 49.22
C ILE B 310 -56.87 -6.11 47.95
N TRP B 311 -58.18 -5.93 48.12
CA TRP B 311 -59.13 -5.86 47.01
C TRP B 311 -58.66 -4.83 45.98
N TRP B 312 -58.34 -3.62 46.42
CA TRP B 312 -57.92 -2.59 45.50
C TRP B 312 -56.59 -2.93 44.84
N ILE B 313 -55.73 -3.71 45.50
CA ILE B 313 -54.46 -4.07 44.90
C ILE B 313 -54.72 -5.07 43.78
N GLU B 314 -55.50 -6.13 44.05
CA GLU B 314 -55.85 -7.10 43.02
C GLU B 314 -56.60 -6.43 41.88
N TYR B 315 -57.67 -5.71 42.24
CA TYR B 315 -58.59 -5.21 41.23
C TYR B 315 -57.93 -4.17 40.34
N ALA B 316 -57.20 -3.22 40.92
CA ALA B 316 -56.78 -2.05 40.17
C ALA B 316 -55.30 -2.10 39.76
N GLY B 317 -54.51 -3.01 40.31
CA GLY B 317 -53.11 -3.14 39.90
C GLY B 317 -52.22 -2.02 40.44
N ILE B 318 -52.54 -1.47 41.62
CA ILE B 318 -51.76 -0.39 42.21
C ILE B 318 -50.46 -0.93 42.79
N ASN B 319 -49.50 -0.02 42.98
CA ASN B 319 -48.13 -0.35 43.33
C ASN B 319 -47.81 0.02 44.78
N GLY B 320 -48.72 0.74 45.45
CA GLY B 320 -48.41 1.33 46.74
C GLY B 320 -49.64 1.87 47.47
N ILE B 321 -49.56 1.85 48.80
CA ILE B 321 -50.56 2.45 49.66
C ILE B 321 -49.87 3.37 50.66
N ARG B 322 -50.47 4.54 50.87
CA ARG B 322 -50.11 5.37 52.01
C ARG B 322 -51.28 5.29 53.01
N GLN B 323 -50.97 4.82 54.21
CA GLN B 323 -51.92 4.76 55.30
C GLN B 323 -51.77 6.02 56.13
N ASP B 324 -52.78 6.89 56.08
CA ASP B 324 -52.82 8.02 57.00
C ASP B 324 -53.02 7.53 58.43
N THR B 325 -52.45 8.23 59.41
CA THR B 325 -52.51 7.80 60.80
C THR B 325 -52.45 9.03 61.75
N HIS B 326 -52.87 10.22 61.26
CA HIS B 326 -52.46 11.50 61.84
C HIS B 326 -52.70 11.50 63.35
N PRO B 327 -53.89 11.11 63.86
CA PRO B 327 -54.12 11.11 65.32
C PRO B 327 -53.34 10.03 66.11
N TYR B 328 -53.18 8.81 65.53
CA TYR B 328 -52.86 7.62 66.32
C TYR B 328 -53.28 6.32 65.61
N ALA B 329 -52.37 5.34 65.46
CA ALA B 329 -52.74 4.06 64.84
C ALA B 329 -52.52 2.91 65.82
N ASP B 330 -53.33 1.84 65.84
CA ASP B 330 -52.99 0.69 66.64
C ASP B 330 -51.73 0.06 66.06
N PHE B 331 -50.69 -0.13 66.86
CA PHE B 331 -49.39 -0.51 66.34
C PHE B 331 -49.42 -1.96 65.87
N ASP B 332 -50.00 -2.83 66.70
CA ASP B 332 -50.08 -4.26 66.44
C ASP B 332 -50.91 -4.56 65.19
N MET B 333 -51.99 -3.80 65.00
CA MET B 333 -52.88 -4.08 63.89
C MET B 333 -52.24 -3.63 62.59
N MET B 334 -51.50 -2.54 62.64
CA MET B 334 -50.79 -2.06 61.47
C MET B 334 -49.65 -3.03 61.10
N ALA B 335 -49.00 -3.66 62.08
CA ALA B 335 -48.06 -4.74 61.81
C ALA B 335 -48.72 -5.95 61.15
N ARG B 336 -49.91 -6.33 61.61
CA ARG B 336 -50.64 -7.43 61.01
C ARG B 336 -50.99 -7.09 59.57
N TRP B 337 -51.39 -5.84 59.37
CA TRP B 337 -51.84 -5.37 58.06
C TRP B 337 -50.70 -5.42 57.04
N CYS B 338 -49.56 -4.84 57.40
CA CYS B 338 -48.36 -4.85 56.58
C CYS B 338 -47.96 -6.28 56.26
N LYS B 339 -47.91 -7.16 57.25
CA LYS B 339 -47.58 -8.55 57.02
C LYS B 339 -48.58 -9.16 56.04
N ALA B 340 -49.89 -8.90 56.22
CA ALA B 340 -50.86 -9.57 55.34
C ALA B 340 -50.68 -9.11 53.89
N VAL B 341 -50.36 -7.82 53.72
CA VAL B 341 -50.23 -7.29 52.38
C VAL B 341 -48.98 -7.85 51.74
N ASN B 342 -47.87 -7.94 52.49
CA ASN B 342 -46.60 -8.37 51.92
C ASN B 342 -46.60 -9.88 51.68
N GLU B 343 -47.39 -10.64 52.44
CA GLU B 343 -47.55 -12.07 52.19
C GLU B 343 -48.22 -12.30 50.84
N GLU B 344 -49.10 -11.39 50.42
CA GLU B 344 -49.75 -11.51 49.12
C GLU B 344 -48.90 -10.89 48.01
N TYR B 345 -48.27 -9.75 48.29
CA TYR B 345 -47.54 -8.99 47.29
C TYR B 345 -46.15 -8.66 47.81
N PRO B 346 -45.14 -9.56 47.66
CA PRO B 346 -43.87 -9.40 48.35
C PRO B 346 -43.05 -8.15 48.03
N LYS B 347 -43.28 -7.53 46.88
CA LYS B 347 -42.53 -6.33 46.50
C LYS B 347 -43.30 -5.06 46.82
N PHE B 348 -44.57 -5.18 47.27
CA PHE B 348 -45.44 -4.02 47.45
C PHE B 348 -44.89 -3.13 48.57
N ASN B 349 -45.02 -1.82 48.43
CA ASN B 349 -44.51 -0.87 49.41
C ASN B 349 -45.69 -0.12 50.05
N ILE B 350 -45.59 0.05 51.37
CA ILE B 350 -46.57 0.78 52.15
C ILE B 350 -45.79 1.88 52.85
N VAL B 351 -46.36 3.09 52.79
CA VAL B 351 -45.80 4.19 53.52
C VAL B 351 -46.84 4.58 54.57
N GLY B 352 -46.38 4.82 55.80
CA GLY B 352 -47.22 5.35 56.86
C GLY B 352 -46.94 6.82 57.13
N GLU B 353 -48.00 7.58 57.37
CA GLU B 353 -47.87 8.98 57.76
C GLU B 353 -47.29 9.02 59.15
N THR B 354 -46.04 9.45 59.29
CA THR B 354 -45.38 9.45 60.58
C THR B 354 -45.10 10.91 60.94
N TRP B 355 -46.17 11.65 61.28
CA TRP B 355 -46.02 13.09 61.47
C TRP B 355 -45.60 13.39 62.90
N LEU B 356 -44.30 13.45 63.10
CA LEU B 356 -43.68 13.60 64.40
C LEU B 356 -42.49 14.53 64.21
N GLY B 357 -41.97 15.07 65.29
CA GLY B 357 -41.04 16.17 65.17
C GLY B 357 -39.59 15.75 65.00
N ASN B 358 -39.26 14.46 65.22
CA ASN B 358 -37.86 14.06 65.24
C ASN B 358 -37.66 12.65 64.69
N ASN B 359 -36.42 12.36 64.28
CA ASN B 359 -36.05 11.11 63.66
C ASN B 359 -36.17 9.95 64.66
N VAL B 360 -35.95 10.23 65.94
CA VAL B 360 -36.02 9.16 66.92
C VAL B 360 -37.41 8.53 66.93
N LEU B 361 -38.44 9.36 67.05
CA LEU B 361 -39.80 8.84 67.19
C LEU B 361 -40.28 8.26 65.87
N ILE B 362 -39.88 8.89 64.75
CA ILE B 362 -40.29 8.38 63.46
C ILE B 362 -39.65 7.01 63.21
N SER B 363 -38.39 6.85 63.63
CA SER B 363 -37.65 5.63 63.33
C SER B 363 -38.35 4.42 63.96
N TYR B 364 -39.05 4.64 65.08
CA TYR B 364 -39.74 3.57 65.78
C TYR B 364 -40.79 2.92 64.89
N TRP B 365 -41.39 3.68 64.00
CA TRP B 365 -42.47 3.17 63.14
C TRP B 365 -41.94 2.43 61.91
N GLN B 366 -40.65 2.52 61.63
CA GLN B 366 -40.14 1.84 60.43
C GLN B 366 -39.84 0.38 60.72
N LYS B 367 -40.08 -0.46 59.73
CA LYS B 367 -39.78 -1.90 59.84
C LYS B 367 -38.33 -2.13 60.29
N ASP B 368 -38.14 -3.04 61.26
CA ASP B 368 -36.84 -3.44 61.79
C ASP B 368 -36.19 -2.32 62.61
N SER B 369 -36.99 -1.38 63.12
CA SER B 369 -36.50 -0.34 64.01
C SER B 369 -35.65 -0.93 65.13
N ARG B 370 -34.47 -0.38 65.33
CA ARG B 370 -33.65 -0.83 66.44
C ARG B 370 -34.24 -0.38 67.76
N LEU B 371 -34.92 0.76 67.76
CA LEU B 371 -35.41 1.33 69.00
C LEU B 371 -36.76 0.69 69.37
N ALA B 372 -37.49 0.14 68.39
CA ALA B 372 -38.73 -0.52 68.73
C ALA B 372 -38.50 -1.98 69.15
N TYR B 373 -37.35 -2.53 68.77
CA TYR B 373 -37.10 -3.96 68.98
C TYR B 373 -37.43 -4.30 70.43
N PRO B 374 -38.10 -5.41 70.74
CA PRO B 374 -38.46 -6.44 69.75
C PRO B 374 -39.75 -6.26 69.00
N LYS B 375 -40.50 -5.19 69.28
CA LYS B 375 -41.65 -4.83 68.48
C LYS B 375 -41.18 -4.50 67.06
N ASN B 376 -42.05 -4.71 66.08
CA ASN B 376 -41.71 -4.46 64.70
C ASN B 376 -42.96 -4.12 63.89
N SER B 377 -42.98 -2.90 63.35
CA SER B 377 -44.14 -2.38 62.66
C SER B 377 -44.38 -3.09 61.33
N ASN B 378 -43.32 -3.66 60.74
CA ASN B 378 -43.33 -4.23 59.41
C ASN B 378 -43.66 -3.19 58.34
N LEU B 379 -43.57 -1.91 58.69
CA LEU B 379 -43.93 -0.83 57.77
C LEU B 379 -42.67 -0.43 57.01
N PRO B 380 -42.58 -0.73 55.70
CA PRO B 380 -41.37 -0.46 54.95
C PRO B 380 -40.96 1.00 54.89
N THR B 381 -41.93 1.87 54.64
CA THR B 381 -41.63 3.27 54.37
C THR B 381 -42.36 4.17 55.36
N VAL B 382 -41.62 5.14 55.88
CA VAL B 382 -42.18 6.19 56.73
C VAL B 382 -41.80 7.52 56.11
N MET B 383 -42.41 8.60 56.62
CA MET B 383 -42.34 9.91 56.00
C MET B 383 -41.39 10.80 56.80
N ASP B 384 -40.42 11.41 56.10
CA ASP B 384 -39.37 12.18 56.73
C ASP B 384 -39.82 13.63 56.90
N PHE B 385 -40.77 13.86 57.82
CA PHE B 385 -41.21 15.20 58.12
C PHE B 385 -40.07 16.06 58.62
N PRO B 386 -39.14 15.56 59.46
CA PRO B 386 -38.05 16.41 59.94
C PRO B 386 -37.21 16.95 58.78
N LEU B 387 -36.94 16.11 57.78
CA LEU B 387 -36.16 16.57 56.63
C LEU B 387 -36.93 17.67 55.93
N MET B 388 -38.26 17.55 55.88
CA MET B 388 -39.08 18.58 55.26
C MET B 388 -38.88 19.91 55.99
N GLU B 389 -39.00 19.89 57.32
CA GLU B 389 -38.83 21.10 58.09
C GLU B 389 -37.47 21.72 57.78
N GLU B 390 -36.41 20.89 57.76
CA GLU B 390 -35.08 21.44 57.54
C GLU B 390 -35.00 22.03 56.13
N MET B 391 -35.57 21.36 55.12
CA MET B 391 -35.41 21.79 53.74
C MET B 391 -36.15 23.12 53.50
N ASN B 392 -37.23 23.36 54.26
CA ASN B 392 -37.98 24.60 54.16
C ASN B 392 -37.26 25.76 54.84
N LYS B 393 -36.08 25.55 55.43
CA LYS B 393 -35.31 26.62 56.05
C LYS B 393 -33.86 26.63 55.54
N ALA B 394 -33.35 25.48 55.10
CA ALA B 394 -31.93 25.32 54.82
C ALA B 394 -31.45 26.14 53.62
N PHE B 395 -32.35 26.47 52.70
CA PHE B 395 -31.96 27.15 51.47
C PHE B 395 -32.19 28.65 51.55
N ASP B 396 -32.72 29.13 52.69
CA ASP B 396 -33.00 30.52 52.90
C ASP B 396 -31.98 31.16 53.85
N GLU B 397 -31.28 30.37 54.66
CA GLU B 397 -30.40 30.94 55.66
C GLU B 397 -28.99 31.06 55.11
N GLU B 398 -28.19 31.90 55.75
CA GLU B 398 -26.76 31.93 55.53
C GLU B 398 -26.16 30.61 56.02
N THR B 399 -25.25 30.03 55.24
CA THR B 399 -24.43 28.92 55.71
C THR B 399 -23.08 29.47 56.18
N THR B 400 -22.91 29.63 57.50
CA THR B 400 -21.67 30.18 58.05
C THR B 400 -20.58 29.10 58.07
N GLU B 401 -19.51 29.36 58.80
CA GLU B 401 -18.41 28.42 58.91
C GLU B 401 -18.83 27.29 59.84
N TRP B 402 -19.75 27.58 60.79
CA TRP B 402 -20.06 26.67 61.88
C TRP B 402 -21.48 26.12 61.80
N ASN B 403 -22.46 26.92 61.33
CA ASN B 403 -23.87 26.55 61.46
C ASN B 403 -24.74 27.27 60.43
N GLY B 404 -26.02 26.90 60.42
CA GLY B 404 -27.03 27.56 59.59
C GLY B 404 -27.09 27.00 58.17
N GLY B 405 -28.24 27.22 57.54
CA GLY B 405 -28.40 26.92 56.12
C GLY B 405 -28.18 25.45 55.82
N LEU B 406 -27.22 25.18 54.96
CA LEU B 406 -27.00 23.82 54.47
C LEU B 406 -26.43 22.92 55.59
N PHE B 407 -25.97 23.49 56.70
CA PHE B 407 -25.59 22.68 57.85
C PHE B 407 -26.77 21.86 58.34
N ARG B 408 -27.99 22.39 58.22
CA ARG B 408 -29.16 21.66 58.68
C ARG B 408 -29.24 20.29 58.02
N LEU B 409 -28.84 20.23 56.74
CA LEU B 409 -28.91 19.02 55.96
C LEU B 409 -27.76 18.08 56.36
N TYR B 410 -26.56 18.63 56.48
CA TYR B 410 -25.40 17.83 56.87
C TYR B 410 -25.66 17.18 58.23
N GLU B 411 -26.13 17.98 59.17
CA GLU B 411 -26.30 17.54 60.55
C GLU B 411 -27.42 16.53 60.63
N TYR B 412 -28.52 16.73 59.89
CA TYR B 412 -29.63 15.82 60.00
C TYR B 412 -29.26 14.46 59.42
N LEU B 413 -28.62 14.46 58.23
CA LEU B 413 -28.35 13.21 57.55
C LEU B 413 -27.33 12.37 58.33
N SER B 414 -26.41 13.01 59.05
CA SER B 414 -25.39 12.29 59.78
C SER B 414 -26.00 11.45 60.91
N GLN B 415 -27.25 11.74 61.28
CA GLN B 415 -27.96 10.98 62.30
C GLN B 415 -28.67 9.76 61.71
N ASP B 416 -28.46 9.44 60.43
CA ASP B 416 -29.27 8.41 59.80
C ASP B 416 -29.03 7.01 60.38
N ILE B 417 -28.06 6.83 61.30
CA ILE B 417 -27.94 5.58 62.02
C ILE B 417 -29.25 5.24 62.76
N VAL B 418 -30.11 6.22 63.12
CA VAL B 418 -31.33 5.92 63.84
C VAL B 418 -32.29 5.14 62.96
N TYR B 419 -32.21 5.33 61.63
CA TYR B 419 -33.20 4.77 60.72
C TYR B 419 -32.76 3.39 60.26
N SER B 420 -33.66 2.42 60.29
CA SER B 420 -33.35 1.07 59.89
C SER B 420 -33.17 0.98 58.37
N HIS B 421 -33.94 1.75 57.60
CA HIS B 421 -33.88 1.69 56.15
C HIS B 421 -33.98 3.12 55.58
N PRO B 422 -32.86 3.89 55.60
CA PRO B 422 -32.86 5.26 55.11
C PRO B 422 -33.30 5.47 53.67
N MET B 423 -33.05 4.46 52.81
CA MET B 423 -33.51 4.56 51.42
C MET B 423 -35.00 4.26 51.27
N SER B 424 -35.72 3.92 52.34
CA SER B 424 -37.17 3.83 52.32
C SER B 424 -37.81 4.91 53.17
N LEU B 425 -37.25 6.12 53.08
CA LEU B 425 -37.85 7.28 53.70
C LEU B 425 -38.43 8.15 52.61
N LEU B 426 -39.72 8.47 52.72
CA LEU B 426 -40.34 9.37 51.79
C LEU B 426 -39.89 10.78 52.13
N THR B 427 -39.40 11.49 51.11
CA THR B 427 -38.88 12.83 51.28
C THR B 427 -39.69 13.77 50.43
N PHE B 428 -39.83 15.02 50.86
CA PHE B 428 -40.78 15.94 50.24
C PHE B 428 -40.63 17.32 50.82
N LEU B 429 -40.91 18.33 49.96
CA LEU B 429 -40.82 19.72 50.36
C LEU B 429 -42.13 20.17 51.02
N ASP B 430 -43.24 19.52 50.66
CA ASP B 430 -44.55 19.88 51.12
C ASP B 430 -45.55 18.79 50.76
N ASN B 431 -46.80 18.96 51.21
CA ASN B 431 -47.89 18.13 50.75
C ASN B 431 -49.21 18.84 51.01
N HIS B 432 -50.33 18.13 50.84
CA HIS B 432 -51.66 18.71 50.89
C HIS B 432 -52.05 19.18 52.29
N ASP B 433 -51.21 18.93 53.29
CA ASP B 433 -51.50 19.33 54.67
C ASP B 433 -50.55 20.41 55.15
N THR B 434 -49.60 20.83 54.29
CA THR B 434 -48.65 21.87 54.68
C THR B 434 -48.82 23.09 53.80
N SER B 435 -48.28 24.22 54.27
CA SER B 435 -47.89 25.29 53.39
C SER B 435 -47.13 24.66 52.21
N ARG B 436 -47.35 25.18 51.00
CA ARG B 436 -46.53 24.83 49.84
C ARG B 436 -45.13 25.41 50.02
N PHE B 437 -44.16 24.83 49.31
CA PHE B 437 -42.76 25.24 49.36
C PHE B 437 -42.66 26.77 49.30
N TYR B 438 -43.37 27.37 48.33
CA TYR B 438 -43.57 28.80 48.24
C TYR B 438 -44.90 29.17 48.92
N ARG B 439 -44.82 30.07 49.91
CA ARG B 439 -45.98 30.35 50.74
C ARG B 439 -46.95 31.28 49.99
N SER B 440 -46.42 32.20 49.18
CA SER B 440 -47.21 33.16 48.43
C SER B 440 -46.69 33.30 47.00
N GLU B 441 -47.55 33.80 46.10
CA GLU B 441 -47.19 34.03 44.70
C GLU B 441 -45.99 34.98 44.62
N ALA B 442 -45.92 35.95 45.51
CA ALA B 442 -44.86 36.94 45.55
C ALA B 442 -43.49 36.30 45.82
N ASP B 443 -43.47 35.26 46.65
CA ASP B 443 -42.22 34.63 47.05
C ASP B 443 -41.57 33.93 45.85
N THR B 444 -42.36 33.58 44.82
CA THR B 444 -41.88 32.78 43.69
C THR B 444 -41.01 33.61 42.76
N LYS B 445 -40.82 34.91 43.04
CA LYS B 445 -40.03 35.79 42.22
C LYS B 445 -38.56 35.33 42.19
N ASN B 446 -38.10 34.64 43.26
CA ASN B 446 -36.73 34.12 43.28
C ASN B 446 -36.75 32.59 43.31
N LEU B 447 -36.06 31.97 42.34
CA LEU B 447 -36.11 30.54 42.11
C LEU B 447 -34.85 29.82 42.59
N ASP B 448 -33.90 30.55 43.19
CA ASP B 448 -32.70 29.93 43.73
C ASP B 448 -33.05 28.78 44.70
N ARG B 449 -33.89 29.10 45.69
CA ARG B 449 -34.26 28.13 46.70
C ARG B 449 -34.94 26.93 46.05
N TYR B 450 -35.79 27.17 45.05
CA TYR B 450 -36.47 26.10 44.33
C TYR B 450 -35.44 25.18 43.70
N LYS B 451 -34.39 25.76 43.11
CA LYS B 451 -33.47 24.98 42.31
C LYS B 451 -32.58 24.14 43.23
N GLN B 452 -32.10 24.76 44.31
CA GLN B 452 -31.27 24.04 45.27
C GLN B 452 -32.10 22.96 45.98
N ALA B 453 -33.28 23.32 46.47
CA ALA B 453 -34.11 22.37 47.20
C ALA B 453 -34.39 21.13 46.35
N LEU B 454 -34.78 21.33 45.08
CA LEU B 454 -35.14 20.19 44.25
C LEU B 454 -33.90 19.41 43.83
N THR B 455 -32.75 20.09 43.66
CA THR B 455 -31.53 19.38 43.33
C THR B 455 -31.22 18.41 44.48
N PHE B 456 -31.30 18.93 45.71
CA PHE B 456 -31.02 18.16 46.91
C PHE B 456 -31.99 17.00 47.00
N LEU B 457 -33.30 17.32 46.96
CA LEU B 457 -34.32 16.31 47.09
C LEU B 457 -34.11 15.15 46.12
N LEU B 458 -33.76 15.47 44.87
CA LEU B 458 -33.80 14.47 43.83
C LEU B 458 -32.43 13.84 43.62
N THR B 459 -31.42 14.20 44.45
CA THR B 459 -30.14 13.49 44.39
C THR B 459 -29.76 12.82 45.70
N THR B 460 -30.31 13.27 46.86
CA THR B 460 -29.94 12.67 48.13
C THR B 460 -30.73 11.39 48.33
N ARG B 461 -30.54 10.79 49.51
CA ARG B 461 -31.12 9.50 49.81
C ARG B 461 -32.63 9.66 49.94
N GLY B 462 -33.35 8.53 49.71
CA GLY B 462 -34.77 8.47 49.98
C GLY B 462 -35.62 8.36 48.70
N ILE B 463 -36.93 8.49 48.90
CA ILE B 463 -37.94 8.34 47.88
C ILE B 463 -38.66 9.68 47.74
N PRO B 464 -38.32 10.51 46.72
CA PRO B 464 -38.93 11.84 46.60
C PRO B 464 -40.38 11.85 46.20
N GLN B 465 -41.10 12.86 46.70
CA GLN B 465 -42.48 13.12 46.34
C GLN B 465 -42.63 14.59 45.97
N ILE B 466 -43.25 14.85 44.82
CA ILE B 466 -43.59 16.21 44.39
C ILE B 466 -45.10 16.37 44.51
N TYR B 467 -45.52 17.48 45.13
CA TYR B 467 -46.93 17.84 45.22
C TYR B 467 -47.35 18.53 43.92
N TYR B 468 -48.53 18.20 43.41
CA TYR B 468 -49.01 18.69 42.10
C TYR B 468 -49.00 20.22 42.09
N GLY B 469 -48.48 20.79 41.00
CA GLY B 469 -48.45 22.24 40.86
C GLY B 469 -47.14 22.87 41.33
N THR B 470 -46.27 22.08 41.97
CA THR B 470 -45.00 22.59 42.43
C THR B 470 -44.19 23.03 41.21
N GLU B 471 -44.34 22.26 40.12
CA GLU B 471 -43.59 22.46 38.90
C GLU B 471 -44.01 23.73 38.15
N ILE B 472 -45.11 24.40 38.55
CA ILE B 472 -45.53 25.65 37.93
C ILE B 472 -45.69 26.75 38.98
N LEU B 473 -45.04 26.58 40.13
CA LEU B 473 -44.95 27.61 41.16
C LEU B 473 -46.30 27.98 41.76
N MET B 474 -47.23 27.02 41.90
CA MET B 474 -48.39 27.25 42.74
C MET B 474 -47.92 27.50 44.18
N ALA B 475 -48.57 28.45 44.85
CA ALA B 475 -48.14 28.88 46.17
C ALA B 475 -49.33 28.81 47.13
N ALA B 476 -49.03 28.71 48.44
CA ALA B 476 -50.07 28.59 49.44
C ALA B 476 -49.46 28.62 50.83
N ASP B 477 -50.23 29.17 51.79
CA ASP B 477 -49.77 29.31 53.16
C ASP B 477 -50.82 28.67 54.07
N LYS B 478 -50.36 27.83 54.99
CA LYS B 478 -51.21 27.08 55.91
C LYS B 478 -52.20 28.01 56.63
N ALA B 479 -51.78 29.25 56.87
CA ALA B 479 -52.58 30.21 57.62
C ALA B 479 -53.89 30.56 56.90
N ASN B 480 -53.95 30.39 55.57
CA ASN B 480 -55.16 30.70 54.81
C ASN B 480 -56.08 29.49 54.67
N GLY B 481 -55.87 28.46 55.48
CA GLY B 481 -56.78 27.33 55.50
C GLY B 481 -56.38 26.24 54.50
N ASP B 482 -56.90 25.04 54.72
CA ASP B 482 -56.49 23.85 53.98
C ASP B 482 -57.00 23.92 52.54
N GLY B 483 -58.18 24.51 52.32
CA GLY B 483 -58.79 24.62 51.00
C GLY B 483 -57.85 25.24 49.97
N LEU B 484 -57.14 26.31 50.35
CA LEU B 484 -56.26 27.01 49.45
C LEU B 484 -54.88 26.35 49.34
N LEU B 485 -54.65 25.25 50.08
CA LEU B 485 -53.46 24.44 49.90
C LEU B 485 -53.64 23.56 48.66
N ARG B 486 -54.88 23.49 48.15
CA ARG B 486 -55.30 22.52 47.17
C ARG B 486 -56.10 23.21 46.06
N CYS B 487 -55.53 24.31 45.56
CA CYS B 487 -56.18 25.08 44.49
C CYS B 487 -56.20 24.27 43.19
N ASP B 488 -57.09 24.68 42.28
CA ASP B 488 -57.27 24.02 41.01
C ASP B 488 -56.03 24.22 40.16
N PHE B 489 -55.57 23.14 39.53
CA PHE B 489 -54.46 23.24 38.59
C PHE B 489 -54.95 24.15 37.47
N PRO B 490 -54.24 25.25 37.17
CA PRO B 490 -54.67 26.16 36.11
C PRO B 490 -54.52 25.51 34.75
N GLY B 491 -55.66 25.12 34.13
CA GLY B 491 -55.69 24.34 32.91
C GLY B 491 -56.56 23.08 33.03
N GLY B 492 -56.96 22.73 34.25
CA GLY B 492 -57.68 21.49 34.47
C GLY B 492 -59.17 21.63 34.15
N TRP B 493 -59.63 22.88 34.00
CA TRP B 493 -61.02 23.17 33.72
C TRP B 493 -61.16 23.76 32.31
N PRO B 494 -62.29 23.47 31.61
CA PRO B 494 -62.42 23.88 30.21
C PRO B 494 -62.29 25.39 29.99
N ASN B 495 -62.75 26.20 30.96
CA ASN B 495 -62.83 27.63 30.77
C ASN B 495 -61.69 28.40 31.44
N ASP B 496 -60.66 27.71 31.91
CA ASP B 496 -59.55 28.38 32.59
C ASP B 496 -58.83 29.27 31.59
N THR B 497 -58.35 30.44 32.06
CA THR B 497 -57.78 31.45 31.18
C THR B 497 -56.41 31.01 30.65
N LYS B 498 -55.51 30.59 31.56
CA LYS B 498 -54.21 30.08 31.16
C LYS B 498 -54.17 28.58 31.43
N ASN B 499 -53.90 27.78 30.38
CA ASN B 499 -53.80 26.32 30.51
C ASN B 499 -52.35 25.91 30.65
N CYS B 500 -51.91 25.72 31.90
CA CYS B 500 -50.52 25.51 32.22
C CYS B 500 -50.02 24.10 31.94
N PHE B 501 -50.89 23.21 31.44
CA PHE B 501 -50.43 21.90 31.01
C PHE B 501 -49.59 21.99 29.74
N ASP B 502 -49.63 23.15 29.05
CA ASP B 502 -48.84 23.35 27.84
C ASP B 502 -47.89 24.52 28.07
N ALA B 503 -46.64 24.36 27.62
CA ALA B 503 -45.60 25.37 27.80
C ALA B 503 -46.01 26.70 27.15
N ALA B 504 -46.81 26.60 26.08
CA ALA B 504 -47.20 27.78 25.30
C ALA B 504 -47.98 28.80 26.13
N ASN B 505 -48.68 28.37 27.19
CA ASN B 505 -49.53 29.25 27.97
C ASN B 505 -48.90 29.58 29.32
N ARG B 506 -47.61 29.30 29.52
CA ARG B 506 -47.03 29.45 30.84
C ARG B 506 -46.18 30.72 30.87
N THR B 507 -46.16 31.41 32.03
CA THR B 507 -45.26 32.53 32.20
C THR B 507 -43.81 32.05 31.98
N PRO B 508 -42.86 32.96 31.64
CA PRO B 508 -41.48 32.56 31.49
C PRO B 508 -40.96 31.90 32.76
N GLN B 509 -41.36 32.46 33.91
CA GLN B 509 -40.87 31.96 35.19
C GLN B 509 -41.41 30.55 35.45
N GLN B 510 -42.69 30.35 35.16
CA GLN B 510 -43.30 29.04 35.23
C GLN B 510 -42.55 28.03 34.36
N ASN B 511 -42.05 28.45 33.20
CA ASN B 511 -41.34 27.52 32.30
C ASN B 511 -39.91 27.30 32.79
N GLU B 512 -39.31 28.32 33.45
CA GLU B 512 -38.00 28.14 34.05
C GLU B 512 -38.09 27.04 35.11
N ALA B 513 -39.11 27.15 35.98
CA ALA B 513 -39.33 26.21 37.06
C ALA B 513 -39.62 24.82 36.52
N PHE B 514 -40.56 24.74 35.57
CA PHE B 514 -40.99 23.46 35.03
C PHE B 514 -39.81 22.78 34.36
N SER B 515 -39.02 23.54 33.58
CA SER B 515 -37.93 22.96 32.82
C SER B 515 -36.84 22.40 33.74
N PHE B 516 -36.61 23.09 34.85
CA PHE B 516 -35.59 22.68 35.80
C PHE B 516 -35.94 21.33 36.45
N MET B 517 -37.15 21.24 37.00
CA MET B 517 -37.59 20.01 37.64
C MET B 517 -37.58 18.87 36.62
N GLN B 518 -38.00 19.17 35.39
CA GLN B 518 -38.11 18.16 34.34
C GLN B 518 -36.72 17.63 33.97
N LYS B 519 -35.73 18.54 33.93
CA LYS B 519 -34.37 18.11 33.64
C LYS B 519 -33.97 17.05 34.67
N LEU B 520 -34.08 17.40 35.97
CA LEU B 520 -33.67 16.52 37.06
C LEU B 520 -34.45 15.21 37.02
N LEU B 521 -35.78 15.29 36.90
CA LEU B 521 -36.61 14.09 36.93
C LEU B 521 -36.32 13.16 35.76
N GLN B 522 -36.15 13.73 34.56
CA GLN B 522 -35.94 12.94 33.35
C GLN B 522 -34.60 12.23 33.47
N TRP B 523 -33.61 12.93 34.03
CA TRP B 523 -32.29 12.36 34.27
C TRP B 523 -32.30 11.30 35.38
N ARG B 524 -33.12 11.52 36.42
CA ARG B 524 -33.17 10.61 37.57
C ARG B 524 -33.83 9.29 37.20
N LYS B 525 -34.88 9.35 36.36
CA LYS B 525 -35.60 8.16 35.95
C LYS B 525 -34.59 7.18 35.35
N GLY B 526 -34.65 5.92 35.78
CA GLY B 526 -33.78 4.86 35.27
C GLY B 526 -32.34 4.93 35.80
N ASN B 527 -31.98 6.02 36.49
CA ASN B 527 -30.63 6.23 36.94
C ASN B 527 -30.29 5.37 38.17
N GLU B 528 -29.49 4.32 37.97
CA GLU B 528 -29.13 3.39 39.03
C GLU B 528 -28.27 4.05 40.11
N VAL B 529 -27.52 5.10 39.76
CA VAL B 529 -26.67 5.73 40.75
C VAL B 529 -27.50 6.33 41.88
N ILE B 530 -28.54 7.06 41.52
CA ILE B 530 -29.38 7.74 42.51
C ILE B 530 -30.28 6.71 43.19
N ALA B 531 -30.73 5.73 42.42
CA ALA B 531 -31.65 4.75 42.95
C ALA B 531 -30.99 3.82 43.98
N LYS B 532 -29.72 3.44 43.75
CA LYS B 532 -29.12 2.37 44.55
C LYS B 532 -27.76 2.73 45.13
N GLY B 533 -27.26 3.93 44.84
CA GLY B 533 -25.88 4.22 45.17
C GLY B 533 -25.71 4.62 46.63
N GLN B 534 -24.50 4.38 47.13
CA GLN B 534 -24.06 4.89 48.41
C GLN B 534 -24.18 6.40 48.37
N LEU B 535 -24.14 7.02 49.54
CA LEU B 535 -24.12 8.45 49.71
C LEU B 535 -22.90 8.77 50.55
N LYS B 536 -22.20 9.84 50.15
CA LYS B 536 -21.07 10.34 50.91
C LYS B 536 -21.13 11.85 50.82
N HIS B 537 -21.02 12.54 51.96
CA HIS B 537 -21.11 13.99 51.99
C HIS B 537 -19.96 14.56 52.82
N PHE B 538 -19.82 15.89 52.70
CA PHE B 538 -18.81 16.67 53.38
C PHE B 538 -19.49 17.82 54.11
N ALA B 539 -18.95 18.19 55.28
CA ALA B 539 -19.43 19.38 55.97
C ALA B 539 -19.38 20.57 55.03
N PRO B 540 -20.36 21.49 55.11
CA PRO B 540 -20.28 22.73 54.37
C PRO B 540 -18.89 23.34 54.51
N ASN B 541 -18.30 23.68 53.38
CA ASN B 541 -16.96 24.22 53.24
C ASN B 541 -17.06 25.66 52.75
N LYS B 542 -16.83 26.62 53.66
CA LYS B 542 -17.03 28.02 53.38
C LYS B 542 -18.39 28.18 52.71
N GLY B 543 -19.38 27.46 53.26
CA GLY B 543 -20.77 27.64 52.86
C GLY B 543 -21.22 26.64 51.79
N VAL B 544 -20.32 25.79 51.30
CA VAL B 544 -20.62 24.94 50.15
C VAL B 544 -20.73 23.49 50.59
N TYR B 545 -21.93 22.92 50.42
CA TYR B 545 -22.20 21.53 50.76
C TYR B 545 -21.92 20.69 49.51
N VAL B 546 -21.18 19.58 49.68
CA VAL B 546 -20.80 18.74 48.56
C VAL B 546 -21.10 17.29 48.93
N TYR B 547 -21.64 16.51 47.97
CA TYR B 547 -21.84 15.10 48.24
C TYR B 547 -21.83 14.28 46.96
N GLU B 548 -21.74 12.97 47.13
CA GLU B 548 -21.55 12.02 46.07
C GLU B 548 -22.56 10.88 46.23
N ARG B 549 -23.19 10.48 45.12
CA ARG B 549 -23.86 9.21 45.02
C ARG B 549 -23.01 8.35 44.08
N LYS B 550 -22.83 7.07 44.41
CA LYS B 550 -21.90 6.21 43.71
C LYS B 550 -22.42 4.77 43.75
N TYR B 551 -22.57 4.17 42.57
CA TYR B 551 -22.90 2.75 42.43
C TYR B 551 -21.92 2.10 41.45
N GLY B 552 -21.25 1.03 41.88
CA GLY B 552 -20.12 0.49 41.13
C GLY B 552 -19.09 1.59 40.86
N ASP B 553 -18.86 1.91 39.59
CA ASP B 553 -17.86 2.90 39.22
C ASP B 553 -18.50 4.17 38.72
N LYS B 554 -19.81 4.14 38.45
CA LYS B 554 -20.51 5.33 37.99
C LYS B 554 -20.88 6.13 39.23
N SER B 555 -20.77 7.46 39.15
CA SER B 555 -20.98 8.31 40.29
C SER B 555 -21.59 9.64 39.85
N VAL B 556 -22.19 10.34 40.81
CA VAL B 556 -22.71 11.70 40.62
C VAL B 556 -22.22 12.54 41.78
N VAL B 557 -21.90 13.81 41.52
CA VAL B 557 -21.42 14.69 42.56
C VAL B 557 -22.17 16.00 42.49
N VAL B 558 -22.67 16.46 43.64
CA VAL B 558 -23.44 17.69 43.73
C VAL B 558 -22.61 18.69 44.52
N PHE B 559 -22.60 19.94 44.05
CA PHE B 559 -22.11 21.08 44.79
C PHE B 559 -23.28 22.02 44.96
N LEU B 560 -23.52 22.49 46.19
CA LEU B 560 -24.54 23.48 46.46
C LEU B 560 -23.87 24.58 47.26
N ASN B 561 -23.85 25.77 46.68
CA ASN B 561 -23.33 26.93 47.38
C ASN B 561 -24.44 27.49 48.24
N GLY B 562 -24.18 27.54 49.56
CA GLY B 562 -25.21 27.83 50.54
C GLY B 562 -25.26 29.29 50.96
N ASN B 563 -24.87 30.18 50.04
CA ASN B 563 -24.85 31.60 50.35
C ASN B 563 -25.17 32.42 49.10
N ASP B 564 -25.61 33.64 49.37
CA ASP B 564 -25.95 34.63 48.36
C ASP B 564 -24.69 35.42 47.95
N ARG B 565 -23.65 34.73 47.47
CA ARG B 565 -22.37 35.35 47.18
C ARG B 565 -21.46 34.37 46.45
N GLU B 566 -20.39 34.89 45.84
CA GLU B 566 -19.41 34.06 45.14
C GLU B 566 -18.49 33.46 46.19
N GLN B 567 -18.04 32.22 45.97
CA GLN B 567 -17.10 31.55 46.87
C GLN B 567 -16.18 30.64 46.09
N THR B 568 -14.89 30.80 46.36
CA THR B 568 -13.90 29.88 45.84
C THR B 568 -13.55 28.93 46.98
N ILE B 569 -13.38 27.65 46.64
CA ILE B 569 -13.01 26.64 47.61
C ILE B 569 -11.88 25.81 47.03
N ASP B 570 -11.08 25.23 47.94
CA ASP B 570 -10.06 24.27 47.60
C ASP B 570 -10.77 22.94 47.29
N LEU B 571 -10.34 22.26 46.22
CA LEU B 571 -10.92 20.99 45.81
C LEU B 571 -10.15 19.80 46.37
N VAL B 572 -9.02 20.05 47.05
CA VAL B 572 -8.17 18.96 47.52
C VAL B 572 -8.98 18.05 48.45
N PRO B 573 -9.78 18.58 49.39
CA PRO B 573 -10.67 17.74 50.21
C PRO B 573 -11.45 16.66 49.46
N TYR B 574 -11.92 16.98 48.24
CA TYR B 574 -12.88 16.13 47.55
C TYR B 574 -12.19 15.14 46.60
N GLN B 575 -10.85 15.01 46.68
CA GLN B 575 -10.14 14.21 45.70
C GLN B 575 -10.76 12.82 45.60
N GLU B 576 -11.25 12.28 46.71
CA GLU B 576 -11.74 10.90 46.74
C GLU B 576 -13.06 10.74 45.99
N ILE B 577 -13.74 11.84 45.62
CA ILE B 577 -14.98 11.74 44.85
C ILE B 577 -14.84 12.44 43.48
N LEU B 578 -13.66 12.97 43.14
CA LEU B 578 -13.45 13.63 41.86
C LEU B 578 -12.40 12.87 41.05
N PRO B 579 -12.79 11.82 40.32
CA PRO B 579 -11.83 10.97 39.63
C PRO B 579 -11.25 11.50 38.31
N ALA B 580 -11.55 12.76 37.98
CA ALA B 580 -11.13 13.35 36.72
C ALA B 580 -11.09 14.88 36.86
N SER B 581 -10.34 15.51 35.96
CA SER B 581 -10.00 16.92 36.06
C SER B 581 -11.09 17.79 35.43
N SER B 582 -12.12 17.13 34.87
CA SER B 582 -13.26 17.84 34.31
C SER B 582 -14.48 16.93 34.30
N ALA B 583 -15.65 17.53 34.09
CA ALA B 583 -16.89 16.77 34.01
C ALA B 583 -17.97 17.60 33.31
N PHE B 584 -19.10 16.95 33.01
CA PHE B 584 -20.24 17.60 32.37
C PHE B 584 -21.30 17.92 33.42
N ASP B 585 -21.63 19.21 33.57
CA ASP B 585 -22.72 19.63 34.44
C ASP B 585 -24.06 19.34 33.75
N LEU B 586 -24.92 18.55 34.40
CA LEU B 586 -26.20 18.16 33.82
C LEU B 586 -27.14 19.38 33.72
N LEU B 587 -26.90 20.43 34.51
CA LEU B 587 -27.86 21.52 34.61
C LEU B 587 -27.67 22.53 33.49
N THR B 588 -26.43 23.02 33.31
CA THR B 588 -26.11 23.97 32.25
C THR B 588 -25.71 23.26 30.96
N GLU B 589 -25.52 21.92 31.04
CA GLU B 589 -25.08 21.09 29.93
C GLU B 589 -23.74 21.59 29.39
N LYS B 590 -22.89 22.18 30.24
CA LYS B 590 -21.57 22.63 29.86
C LYS B 590 -20.51 21.77 30.55
N LYS B 591 -19.28 21.85 30.06
CA LYS B 591 -18.12 21.25 30.70
C LYS B 591 -17.70 22.12 31.88
N VAL B 592 -17.34 21.47 33.01
CA VAL B 592 -16.84 22.13 34.18
C VAL B 592 -15.43 21.63 34.48
N GLU B 593 -14.53 22.57 34.73
CA GLU B 593 -13.15 22.28 34.99
C GLU B 593 -12.94 22.03 36.49
N LEU B 594 -12.33 20.89 36.82
CA LEU B 594 -12.09 20.53 38.21
C LEU B 594 -10.60 20.50 38.48
N ARG B 595 -10.00 21.68 38.73
CA ARG B 595 -8.55 21.72 38.91
C ARG B 595 -8.13 22.63 40.06
N ASN B 596 -7.87 22.01 41.23
CA ASN B 596 -7.23 22.66 42.36
C ASN B 596 -8.20 23.56 43.14
N GLU B 597 -8.91 24.45 42.46
CA GLU B 597 -9.91 25.30 43.10
C GLU B 597 -11.15 25.36 42.22
N LEU B 598 -12.24 25.86 42.80
CA LEU B 598 -13.50 25.98 42.12
C LEU B 598 -14.23 27.21 42.65
N THR B 599 -14.69 28.05 41.73
CA THR B 599 -15.38 29.28 42.09
C THR B 599 -16.85 29.09 41.81
N LEU B 600 -17.69 29.35 42.82
CA LEU B 600 -19.11 29.13 42.68
C LEU B 600 -19.81 30.48 42.78
N PRO B 601 -20.49 30.94 41.71
CA PRO B 601 -21.38 32.11 41.83
C PRO B 601 -22.43 31.94 42.93
N SER B 602 -23.04 33.05 43.32
CA SER B 602 -24.16 33.06 44.24
C SER B 602 -25.11 31.87 43.96
N ARG B 603 -25.31 31.02 44.98
CA ARG B 603 -26.31 29.96 44.97
C ARG B 603 -26.08 28.97 43.82
N GLU B 604 -24.84 28.81 43.38
CA GLU B 604 -24.58 27.95 42.25
C GLU B 604 -24.93 26.51 42.61
N ILE B 605 -25.25 25.72 41.58
CA ILE B 605 -25.47 24.29 41.68
C ILE B 605 -24.67 23.62 40.58
N TYR B 606 -23.87 22.62 40.93
CA TYR B 606 -23.24 21.77 39.93
C TYR B 606 -23.68 20.33 40.16
N LEU B 607 -24.04 19.65 39.08
CA LEU B 607 -24.45 18.26 39.15
C LEU B 607 -23.63 17.47 38.12
N LEU B 608 -22.55 16.85 38.60
CA LEU B 608 -21.50 16.28 37.75
C LEU B 608 -21.67 14.76 37.65
N SER B 609 -21.37 14.21 36.47
CA SER B 609 -21.34 12.76 36.27
C SER B 609 -19.91 12.27 36.06
N PHE B 610 -19.64 11.04 36.48
CA PHE B 610 -18.37 10.37 36.21
C PHE B 610 -18.55 8.82 36.07
N SER C 17 -28.62 -17.87 -21.13
CA SER C 17 -29.49 -16.96 -21.92
C SER C 17 -28.66 -15.83 -22.53
N THR C 18 -29.22 -15.23 -23.58
CA THR C 18 -28.52 -14.24 -24.38
C THR C 18 -28.60 -12.85 -23.74
N ILE C 19 -29.44 -12.69 -22.69
CA ILE C 19 -29.74 -11.38 -22.12
C ILE C 19 -28.93 -11.16 -20.84
N LYS C 20 -27.99 -10.19 -20.88
CA LYS C 20 -27.17 -9.86 -19.71
C LYS C 20 -27.89 -8.88 -18.76
N LYS C 21 -28.51 -7.82 -19.30
CA LYS C 21 -29.02 -6.74 -18.45
C LYS C 21 -30.34 -6.18 -18.98
N VAL C 22 -31.30 -6.03 -18.06
CA VAL C 22 -32.65 -5.58 -18.38
C VAL C 22 -32.99 -4.37 -17.49
N ALA C 23 -33.28 -3.23 -18.11
CA ALA C 23 -33.55 -2.01 -17.35
C ALA C 23 -34.85 -1.34 -17.82
N PRO C 24 -35.74 -0.92 -16.90
CA PRO C 24 -35.61 -1.20 -15.47
C PRO C 24 -35.84 -2.67 -15.14
N THR C 25 -35.40 -3.08 -13.95
CA THR C 25 -35.52 -4.47 -13.49
C THR C 25 -36.97 -4.90 -13.62
N PHE C 26 -37.87 -4.02 -13.18
CA PHE C 26 -39.31 -4.19 -13.33
C PHE C 26 -39.97 -2.82 -13.23
N TRP C 27 -41.28 -2.78 -13.47
CA TRP C 27 -42.03 -1.55 -13.42
C TRP C 27 -43.35 -1.78 -12.69
N TRP C 28 -44.22 -0.76 -12.72
CA TRP C 28 -45.50 -0.82 -12.06
C TRP C 28 -46.61 -0.50 -13.07
N ALA C 29 -47.82 -0.99 -12.76
CA ALA C 29 -49.00 -0.58 -13.50
C ALA C 29 -49.55 0.70 -12.88
N GLY C 30 -50.15 1.54 -13.73
CA GLY C 30 -50.86 2.72 -13.28
C GLY C 30 -49.94 3.85 -12.80
N MET C 31 -48.79 4.02 -13.45
CA MET C 31 -48.01 5.23 -13.30
C MET C 31 -48.68 6.34 -14.11
N LYS C 32 -48.53 7.61 -13.70
CA LYS C 32 -49.15 8.74 -14.40
C LYS C 32 -48.68 8.78 -15.85
N ASN C 33 -47.37 8.67 -16.07
CA ASN C 33 -46.83 8.48 -17.41
C ASN C 33 -46.98 7.02 -17.80
N PRO C 34 -47.81 6.67 -18.80
CA PRO C 34 -48.03 5.27 -19.15
C PRO C 34 -46.95 4.64 -20.04
N GLU C 35 -45.95 5.43 -20.46
CA GLU C 35 -44.91 4.93 -21.33
C GLU C 35 -43.85 4.22 -20.46
N LEU C 36 -43.31 3.12 -20.98
CA LEU C 36 -42.21 2.41 -20.34
C LEU C 36 -41.16 2.11 -21.40
N GLN C 37 -39.94 2.59 -21.16
CA GLN C 37 -38.79 2.20 -21.96
C GLN C 37 -38.13 1.02 -21.27
N ILE C 38 -38.00 -0.10 -21.98
CA ILE C 38 -37.23 -1.23 -21.49
C ILE C 38 -35.99 -1.33 -22.37
N LEU C 39 -34.81 -1.22 -21.73
CA LEU C 39 -33.52 -1.33 -22.39
C LEU C 39 -33.03 -2.76 -22.20
N LEU C 40 -32.76 -3.45 -23.33
CA LEU C 40 -32.27 -4.82 -23.32
C LEU C 40 -30.81 -4.79 -23.79
N TYR C 41 -29.97 -5.53 -23.05
CA TYR C 41 -28.55 -5.66 -23.33
C TYR C 41 -28.17 -7.13 -23.38
N GLY C 42 -27.61 -7.57 -24.53
CA GLY C 42 -27.25 -8.96 -24.73
C GLY C 42 -26.31 -9.14 -25.92
N ASP C 43 -26.09 -10.40 -26.32
CA ASP C 43 -25.16 -10.73 -27.38
C ASP C 43 -25.89 -10.63 -28.73
N ARG C 44 -25.40 -9.74 -29.59
CA ARG C 44 -25.98 -9.46 -30.91
C ARG C 44 -27.50 -9.71 -30.92
N ILE C 45 -28.25 -8.91 -30.14
CA ILE C 45 -29.69 -9.10 -30.00
C ILE C 45 -30.46 -8.18 -30.95
N SER C 46 -29.79 -7.22 -31.62
CA SER C 46 -30.47 -6.08 -32.21
C SER C 46 -31.26 -6.46 -33.47
N SER C 47 -30.95 -7.60 -34.08
CA SER C 47 -31.64 -8.02 -35.29
C SER C 47 -32.95 -8.74 -34.96
N ALA C 48 -33.16 -9.06 -33.67
CA ALA C 48 -34.25 -9.94 -33.27
C ALA C 48 -35.60 -9.33 -33.62
N ASP C 49 -36.61 -10.19 -33.81
CA ASP C 49 -38.00 -9.76 -33.92
C ASP C 49 -38.63 -9.83 -32.53
N VAL C 50 -39.21 -8.72 -32.10
CA VAL C 50 -39.70 -8.60 -30.74
C VAL C 50 -41.22 -8.68 -30.76
N SER C 51 -41.77 -9.40 -29.78
CA SER C 51 -43.20 -9.46 -29.55
C SER C 51 -43.46 -9.62 -28.06
N LEU C 52 -44.72 -9.50 -27.67
CA LEU C 52 -45.11 -9.62 -26.28
C LEU C 52 -46.17 -10.71 -26.11
N SER C 53 -46.08 -11.42 -24.99
CA SER C 53 -47.15 -12.26 -24.50
C SER C 53 -47.65 -11.64 -23.20
N ALA C 54 -48.77 -10.92 -23.30
CA ALA C 54 -49.20 -10.02 -22.24
C ALA C 54 -50.68 -9.68 -22.37
N ASP C 55 -51.20 -9.03 -21.33
CA ASP C 55 -52.59 -8.63 -21.23
C ASP C 55 -52.67 -7.10 -21.30
N ASN C 56 -53.09 -6.58 -22.47
CA ASN C 56 -53.38 -5.17 -22.66
C ASN C 56 -52.11 -4.32 -22.53
N ILE C 57 -51.06 -4.73 -23.25
CA ILE C 57 -49.84 -3.94 -23.36
C ILE C 57 -49.55 -3.79 -24.85
N THR C 58 -49.26 -2.58 -25.29
CA THR C 58 -48.87 -2.34 -26.67
C THR C 58 -47.36 -2.14 -26.72
N LEU C 59 -46.69 -2.90 -27.59
CA LEU C 59 -45.33 -2.59 -28.01
C LEU C 59 -45.41 -1.50 -29.09
N GLN C 60 -45.03 -0.27 -28.74
CA GLN C 60 -45.18 0.86 -29.63
C GLN C 60 -44.08 0.84 -30.70
N GLU C 61 -42.84 0.56 -30.30
CA GLU C 61 -41.72 0.63 -31.21
C GLU C 61 -40.49 -0.06 -30.61
N VAL C 62 -39.60 -0.50 -31.50
CA VAL C 62 -38.33 -1.09 -31.15
C VAL C 62 -37.24 -0.27 -31.85
N VAL C 63 -36.24 0.18 -31.09
CA VAL C 63 -35.19 1.05 -31.61
C VAL C 63 -33.87 0.27 -31.67
N LYS C 64 -33.28 0.28 -32.87
CA LYS C 64 -31.97 -0.31 -33.12
C LYS C 64 -30.96 0.82 -33.28
N GLN C 65 -29.74 0.58 -32.79
CA GLN C 65 -28.66 1.55 -32.87
C GLN C 65 -27.37 0.86 -33.28
N GLU C 66 -26.32 1.66 -33.55
CA GLU C 66 -25.04 1.17 -34.02
C GLU C 66 -24.63 -0.12 -33.31
N ASN C 67 -24.66 -0.12 -31.98
CA ASN C 67 -24.21 -1.28 -31.24
C ASN C 67 -25.28 -2.37 -31.31
N PRO C 68 -24.95 -3.57 -31.83
CA PRO C 68 -25.94 -4.65 -31.92
C PRO C 68 -26.26 -5.38 -30.62
N ASN C 69 -25.63 -4.95 -29.51
CA ASN C 69 -25.86 -5.61 -28.23
C ASN C 69 -27.07 -5.03 -27.50
N TYR C 70 -27.77 -4.07 -28.12
CA TYR C 70 -28.86 -3.38 -27.44
C TYR C 70 -30.12 -3.41 -28.29
N LEU C 71 -31.25 -3.47 -27.57
CA LEU C 71 -32.54 -3.09 -28.11
C LEU C 71 -33.18 -2.10 -27.14
N VAL C 72 -33.84 -1.06 -27.66
CA VAL C 72 -34.66 -0.18 -26.84
C VAL C 72 -36.13 -0.38 -27.21
N LEU C 73 -36.92 -0.83 -26.23
CA LEU C 73 -38.35 -1.07 -26.42
C LEU C 73 -39.12 0.06 -25.75
N TYR C 74 -40.16 0.54 -26.44
CA TYR C 74 -41.13 1.47 -25.87
C TYR C 74 -42.48 0.77 -25.81
N LEU C 75 -42.99 0.58 -24.59
CA LEU C 75 -44.30 -0.02 -24.36
C LEU C 75 -45.28 1.06 -23.89
N ASP C 76 -46.56 0.89 -24.23
CA ASP C 76 -47.64 1.70 -23.69
C ASP C 76 -48.43 0.85 -22.69
N LEU C 77 -48.52 1.34 -21.44
CA LEU C 77 -49.10 0.60 -20.33
C LEU C 77 -50.44 1.20 -19.90
N SER C 78 -51.05 2.05 -20.73
CA SER C 78 -52.18 2.86 -20.29
C SER C 78 -53.37 1.98 -19.94
N LYS C 79 -53.51 0.84 -20.62
CA LYS C 79 -54.69 -0.02 -20.45
C LYS C 79 -54.35 -1.27 -19.63
N ALA C 80 -53.22 -1.28 -18.93
CA ALA C 80 -52.65 -2.52 -18.43
C ALA C 80 -52.77 -2.62 -16.91
N ALA C 81 -53.08 -3.83 -16.43
CA ALA C 81 -53.18 -4.07 -15.00
C ALA C 81 -51.93 -4.85 -14.56
N PRO C 82 -51.67 -4.89 -13.23
CA PRO C 82 -50.54 -5.63 -12.71
C PRO C 82 -50.56 -7.04 -13.27
N GLN C 83 -49.39 -7.57 -13.60
CA GLN C 83 -49.30 -8.86 -14.26
C GLN C 83 -47.84 -9.26 -14.39
N ASN C 84 -47.60 -10.54 -14.67
CA ASN C 84 -46.33 -11.00 -15.21
C ASN C 84 -46.52 -11.30 -16.69
N PHE C 85 -45.55 -10.92 -17.52
CA PHE C 85 -45.67 -11.03 -18.96
C PHE C 85 -44.30 -11.37 -19.52
N ASP C 86 -44.26 -11.72 -20.82
CA ASP C 86 -43.03 -12.18 -21.44
C ASP C 86 -42.73 -11.26 -22.63
N ILE C 87 -41.43 -10.92 -22.77
CA ILE C 87 -40.89 -10.31 -23.97
C ILE C 87 -40.23 -11.41 -24.75
N ILE C 88 -40.48 -11.48 -26.06
CA ILE C 88 -40.10 -12.64 -26.85
C ILE C 88 -39.26 -12.17 -28.05
N LEU C 89 -37.99 -12.62 -28.07
CA LEU C 89 -37.05 -12.34 -29.15
C LEU C 89 -36.89 -13.59 -29.99
N LYS C 90 -37.23 -13.54 -31.29
CA LYS C 90 -37.38 -14.75 -32.11
C LYS C 90 -36.05 -15.11 -32.80
N GLN C 95 -35.54 -18.78 -30.03
CA GLN C 95 -36.53 -17.89 -29.35
C GLN C 95 -36.12 -17.74 -27.88
N THR C 96 -35.96 -16.49 -27.41
CA THR C 96 -35.69 -16.21 -26.00
C THR C 96 -36.90 -15.56 -25.36
N LYS C 97 -37.33 -16.08 -24.20
CA LYS C 97 -38.43 -15.52 -23.44
C LYS C 97 -37.86 -14.74 -22.26
N ILE C 98 -38.06 -13.40 -22.24
CA ILE C 98 -37.63 -12.55 -21.13
C ILE C 98 -38.85 -12.23 -20.28
N PRO C 99 -38.94 -12.73 -19.04
CA PRO C 99 -40.08 -12.44 -18.17
C PRO C 99 -39.97 -11.02 -17.62
N TYR C 100 -41.12 -10.39 -17.34
CA TYR C 100 -41.15 -9.00 -16.87
C TYR C 100 -42.38 -8.81 -16.00
N GLU C 101 -42.21 -8.13 -14.87
CA GLU C 101 -43.29 -7.93 -13.91
C GLU C 101 -43.75 -6.47 -13.92
N LEU C 102 -45.08 -6.26 -14.01
CA LEU C 102 -45.71 -5.01 -13.66
C LEU C 102 -46.28 -5.14 -12.25
N LYS C 103 -45.58 -4.58 -11.26
CA LYS C 103 -46.02 -4.71 -9.89
C LYS C 103 -47.27 -3.87 -9.67
N GLN C 104 -47.92 -4.11 -8.54
CA GLN C 104 -49.09 -3.37 -8.15
C GLN C 104 -48.65 -2.29 -7.17
N ARG C 105 -49.11 -1.06 -7.37
CA ARG C 105 -48.61 0.04 -6.58
C ARG C 105 -49.22 -0.05 -5.18
N ARG C 106 -48.38 0.18 -4.18
CA ARG C 106 -48.88 0.54 -2.86
C ARG C 106 -49.99 1.57 -3.04
N PRO C 107 -51.03 1.59 -2.18
CA PRO C 107 -51.99 2.69 -2.21
C PRO C 107 -51.30 3.98 -1.74
N ASN C 108 -51.64 5.09 -2.39
CA ASN C 108 -51.16 6.43 -2.05
C ASN C 108 -49.65 6.59 -2.26
N ALA C 109 -49.06 5.85 -3.22
CA ALA C 109 -47.64 5.98 -3.51
C ALA C 109 -47.33 7.38 -4.04
N SER C 110 -48.24 7.89 -4.87
CA SER C 110 -48.17 9.24 -5.40
C SER C 110 -48.06 10.29 -4.31
N ALA C 111 -48.60 10.01 -3.12
CA ALA C 111 -48.78 11.07 -2.14
C ALA C 111 -47.66 11.08 -1.11
N VAL C 112 -46.55 10.40 -1.40
CA VAL C 112 -45.43 10.39 -0.49
C VAL C 112 -45.01 11.84 -0.22
N GLU C 113 -44.79 12.15 1.05
CA GLU C 113 -44.31 13.47 1.47
C GLU C 113 -42.92 13.71 0.88
N GLY C 114 -42.64 14.97 0.56
CA GLY C 114 -41.31 15.43 0.21
C GLY C 114 -40.59 15.87 1.47
N PHE C 115 -39.64 16.80 1.35
CA PHE C 115 -39.08 17.47 2.51
C PHE C 115 -39.12 18.97 2.26
N ASP C 116 -38.97 19.74 3.33
CA ASP C 116 -39.24 21.16 3.27
C ASP C 116 -38.62 21.82 4.49
N SER C 117 -38.96 23.09 4.74
CA SER C 117 -38.30 23.88 5.76
C SER C 117 -38.63 23.41 7.17
N SER C 118 -39.62 22.52 7.30
CA SER C 118 -39.90 21.90 8.59
C SER C 118 -38.86 20.84 8.90
N ASP C 119 -38.10 20.42 7.88
CA ASP C 119 -37.13 19.36 8.04
C ASP C 119 -35.74 19.91 8.31
N VAL C 120 -34.90 19.01 8.83
CA VAL C 120 -33.46 19.19 8.89
C VAL C 120 -32.85 17.89 8.36
N LEU C 121 -31.92 18.02 7.41
CA LEU C 121 -31.34 16.85 6.77
C LEU C 121 -29.98 16.52 7.42
N TYR C 122 -29.73 15.23 7.58
CA TYR C 122 -28.49 14.73 8.17
C TYR C 122 -27.73 13.99 7.08
N LEU C 123 -26.59 14.56 6.65
CA LEU C 123 -25.90 14.09 5.46
C LEU C 123 -24.85 13.07 5.86
N ILE C 124 -24.95 11.88 5.27
CA ILE C 124 -24.14 10.72 5.62
C ILE C 124 -23.47 10.17 4.37
N MET C 125 -22.15 10.00 4.44
CA MET C 125 -21.39 9.25 3.46
C MET C 125 -21.35 7.79 3.92
N PRO C 126 -22.14 6.88 3.30
CA PRO C 126 -22.35 5.54 3.87
C PRO C 126 -21.09 4.74 4.22
N ASP C 127 -20.08 4.80 3.35
CA ASP C 127 -18.85 4.06 3.54
C ASP C 127 -18.08 4.53 4.78
N ARG C 128 -18.51 5.61 5.43
CA ARG C 128 -17.70 6.24 6.47
C ARG C 128 -18.52 6.51 7.73
N PHE C 129 -19.73 5.93 7.81
CA PHE C 129 -20.59 6.19 8.95
C PHE C 129 -20.52 5.02 9.93
N ALA C 130 -20.93 3.82 9.50
CA ALA C 130 -20.91 2.66 10.38
C ALA C 130 -20.84 1.34 9.60
N ASN C 131 -20.03 0.41 10.14
CA ASN C 131 -19.88 -0.92 9.59
C ASN C 131 -20.70 -1.88 10.42
N GLY C 132 -21.90 -2.22 9.92
CA GLY C 132 -22.82 -3.09 10.63
C GLY C 132 -22.75 -4.53 10.10
N ASN C 133 -22.03 -4.73 8.99
CA ASN C 133 -21.84 -6.06 8.43
C ASN C 133 -20.47 -6.12 7.76
N PRO C 134 -19.41 -6.59 8.47
CA PRO C 134 -18.07 -6.62 7.90
C PRO C 134 -17.88 -7.60 6.74
N SER C 135 -18.82 -8.54 6.59
CA SER C 135 -18.72 -9.60 5.59
C SER C 135 -18.82 -9.04 4.16
N ASN C 136 -19.37 -7.82 4.02
CA ASN C 136 -19.57 -7.24 2.71
C ASN C 136 -18.54 -6.15 2.40
N ASP C 137 -17.57 -5.94 3.31
CA ASP C 137 -16.52 -4.95 3.09
C ASP C 137 -15.78 -5.22 1.78
N ILE C 138 -15.55 -6.49 1.46
CA ILE C 138 -14.95 -6.86 0.18
C ILE C 138 -15.93 -7.84 -0.49
N ILE C 139 -16.12 -7.66 -1.81
CA ILE C 139 -17.07 -8.46 -2.57
C ILE C 139 -16.31 -9.12 -3.72
N PRO C 140 -16.29 -10.47 -3.76
CA PRO C 140 -15.61 -11.20 -4.84
C PRO C 140 -16.06 -10.68 -6.19
N GLY C 141 -15.09 -10.37 -7.06
CA GLY C 141 -15.38 -10.00 -8.44
C GLY C 141 -15.27 -8.51 -8.67
N MET C 142 -15.51 -7.71 -7.63
CA MET C 142 -15.53 -6.25 -7.78
C MET C 142 -14.11 -5.74 -7.98
N LEU C 143 -13.97 -4.75 -8.88
CA LEU C 143 -12.68 -4.28 -9.35
C LEU C 143 -11.82 -3.68 -8.24
N GLU C 144 -12.44 -3.05 -7.24
CA GLU C 144 -11.71 -2.52 -6.10
C GLU C 144 -11.83 -3.53 -4.96
N GLY C 145 -10.80 -4.36 -4.77
CA GLY C 145 -10.90 -5.56 -3.97
C GLY C 145 -10.39 -5.42 -2.54
N ASN C 146 -10.13 -4.20 -2.08
CA ASN C 146 -9.49 -4.04 -0.76
C ASN C 146 -10.28 -3.05 0.10
N VAL C 147 -10.08 -3.15 1.43
CA VAL C 147 -10.44 -2.10 2.35
C VAL C 147 -9.21 -1.72 3.18
N ASP C 148 -9.13 -0.45 3.57
CA ASP C 148 -8.01 0.05 4.31
C ASP C 148 -8.42 1.33 5.02
N ARG C 149 -8.78 1.19 6.31
CA ARG C 149 -9.27 2.31 7.10
C ARG C 149 -8.17 3.35 7.37
N ASN C 150 -6.91 3.05 7.03
CA ASN C 150 -5.82 3.98 7.24
C ASN C 150 -5.49 4.75 5.96
N GLU C 151 -6.17 4.42 4.84
CA GLU C 151 -6.06 5.21 3.63
C GLU C 151 -7.31 6.09 3.46
N PRO C 152 -7.18 7.43 3.45
CA PRO C 152 -8.33 8.31 3.24
C PRO C 152 -9.15 8.06 1.97
N PHE C 153 -8.50 7.59 0.89
CA PHE C 153 -9.14 7.44 -0.41
C PHE C 153 -9.52 5.99 -0.72
N ALA C 154 -9.50 5.12 0.30
CA ALA C 154 -9.89 3.74 0.09
C ALA C 154 -11.21 3.45 0.79
N ARG C 155 -11.84 2.32 0.44
CA ARG C 155 -13.06 1.90 1.10
C ARG C 155 -12.71 1.56 2.53
N HIS C 156 -13.63 1.88 3.45
CA HIS C 156 -13.44 1.66 4.88
C HIS C 156 -14.43 0.63 5.42
N GLY C 157 -15.52 0.37 4.67
CA GLY C 157 -16.41 -0.73 4.98
C GLY C 157 -17.75 -0.32 5.57
N GLY C 158 -18.09 0.98 5.52
CA GLY C 158 -19.40 1.42 5.98
C GLY C 158 -20.52 0.81 5.12
N ASP C 159 -21.71 0.65 5.71
CA ASP C 159 -22.81 0.01 4.99
C ASP C 159 -24.18 0.44 5.54
N LEU C 160 -25.23 -0.05 4.87
CA LEU C 160 -26.61 0.30 5.18
C LEU C 160 -27.01 -0.22 6.56
N LYS C 161 -26.61 -1.46 6.86
CA LYS C 161 -26.87 -2.07 8.16
C LYS C 161 -26.35 -1.15 9.27
N GLY C 162 -25.16 -0.58 9.03
CA GLY C 162 -24.56 0.40 9.93
C GLY C 162 -25.47 1.58 10.19
N ILE C 163 -26.09 2.13 9.14
CA ILE C 163 -27.01 3.24 9.31
C ILE C 163 -28.22 2.73 10.08
N GLU C 164 -28.75 1.58 9.67
CA GLU C 164 -29.92 0.99 10.31
C GLU C 164 -29.65 0.80 11.81
N ASN C 165 -28.44 0.36 12.17
CA ASN C 165 -28.10 0.11 13.56
C ASN C 165 -28.18 1.38 14.39
N HIS C 166 -27.98 2.56 13.78
CA HIS C 166 -27.85 3.79 14.55
C HIS C 166 -28.96 4.79 14.25
N LEU C 167 -30.08 4.34 13.66
CA LEU C 167 -31.24 5.20 13.47
C LEU C 167 -31.70 5.80 14.80
N ASP C 168 -31.61 5.03 15.88
CA ASP C 168 -31.99 5.47 17.21
C ASP C 168 -31.22 6.74 17.56
N TYR C 169 -29.92 6.75 17.24
CA TYR C 169 -29.02 7.86 17.56
C TYR C 169 -29.42 9.08 16.75
N ILE C 170 -29.66 8.85 15.45
CA ILE C 170 -30.03 9.90 14.51
C ILE C 170 -31.33 10.57 14.96
N ALA C 171 -32.36 9.78 15.27
CA ALA C 171 -33.64 10.35 15.69
C ALA C 171 -33.52 11.13 16.99
N ASP C 172 -32.69 10.60 17.90
CA ASP C 172 -32.53 11.20 19.21
C ASP C 172 -31.80 12.53 19.07
N LEU C 173 -30.92 12.64 18.07
CA LEU C 173 -30.19 13.87 17.81
C LEU C 173 -31.17 14.99 17.49
N GLY C 174 -32.27 14.64 16.78
CA GLY C 174 -33.35 15.56 16.54
C GLY C 174 -33.55 15.95 15.07
N VAL C 175 -32.75 15.38 14.15
CA VAL C 175 -32.90 15.66 12.73
C VAL C 175 -34.15 14.94 12.23
N THR C 176 -34.64 15.30 11.03
CA THR C 176 -35.90 14.74 10.56
C THR C 176 -35.69 13.86 9.34
N SER C 177 -34.48 13.88 8.77
CA SER C 177 -34.23 13.14 7.54
C SER C 177 -32.77 12.70 7.48
N ILE C 178 -32.54 11.50 6.94
CA ILE C 178 -31.21 11.09 6.54
C ILE C 178 -31.07 11.38 5.05
N TRP C 179 -29.91 11.91 4.68
CA TRP C 179 -29.57 12.18 3.29
C TRP C 179 -28.25 11.46 2.99
N LEU C 180 -28.31 10.51 2.03
CA LEU C 180 -27.19 9.65 1.74
C LEU C 180 -26.49 10.15 0.48
N ASN C 181 -25.15 10.22 0.54
CA ASN C 181 -24.35 10.28 -0.67
C ASN C 181 -24.66 9.04 -1.47
N PRO C 182 -24.28 8.98 -2.76
CA PRO C 182 -24.80 7.95 -3.65
C PRO C 182 -24.58 6.52 -3.15
N ILE C 183 -25.66 5.72 -3.22
CA ILE C 183 -25.63 4.33 -2.79
C ILE C 183 -25.74 3.41 -4.01
N GLN C 184 -25.92 3.98 -5.21
CA GLN C 184 -25.90 3.15 -6.41
C GLN C 184 -24.47 2.64 -6.63
N GLU C 185 -24.38 1.45 -7.23
CA GLU C 185 -23.12 0.71 -7.30
C GLU C 185 -22.06 1.50 -8.08
N ASN C 186 -20.86 1.56 -7.48
CA ASN C 186 -19.66 2.13 -8.07
C ASN C 186 -18.60 1.03 -8.23
N ASP C 187 -18.77 0.16 -9.23
CA ASP C 187 -17.80 -0.90 -9.46
C ASP C 187 -16.66 -0.33 -10.30
N MET C 188 -15.84 0.51 -9.68
CA MET C 188 -14.68 1.13 -10.31
C MET C 188 -13.40 0.58 -9.66
N LYS C 189 -12.29 0.67 -10.42
CA LYS C 189 -10.97 0.26 -9.95
C LYS C 189 -10.55 1.14 -8.76
N GLU C 190 -10.65 2.47 -8.91
CA GLU C 190 -10.24 3.38 -7.87
C GLU C 190 -11.39 4.36 -7.55
N GLY C 191 -11.37 4.89 -6.33
CA GLY C 191 -12.23 5.99 -5.92
C GLY C 191 -13.69 5.59 -5.70
N SER C 192 -13.96 4.30 -5.49
CA SER C 192 -15.33 3.79 -5.51
C SER C 192 -16.07 4.19 -4.24
N TYR C 193 -15.33 4.60 -3.20
CA TYR C 193 -15.89 4.77 -1.87
C TYR C 193 -16.95 5.89 -1.84
N HIS C 194 -16.79 6.92 -2.69
CA HIS C 194 -17.57 8.14 -2.55
C HIS C 194 -18.91 8.04 -3.29
N GLY C 195 -18.98 7.27 -4.37
CA GLY C 195 -20.25 6.91 -4.99
C GLY C 195 -20.57 7.67 -6.28
N TYR C 196 -19.71 8.59 -6.72
CA TYR C 196 -20.07 9.55 -7.76
C TYR C 196 -19.66 9.07 -9.16
N ALA C 197 -19.40 7.75 -9.28
CA ALA C 197 -19.17 7.13 -10.57
C ALA C 197 -19.96 5.83 -10.64
N ILE C 198 -21.22 5.95 -11.02
CA ILE C 198 -22.17 4.85 -10.94
C ILE C 198 -21.95 3.90 -12.10
N THR C 199 -21.96 2.58 -11.81
CA THR C 199 -21.80 1.58 -12.86
C THR C 199 -23.11 0.81 -13.07
N ASP C 200 -24.03 0.89 -12.11
CA ASP C 200 -25.35 0.29 -12.30
C ASP C 200 -26.39 1.19 -11.62
N TYR C 201 -27.27 1.79 -12.44
CA TYR C 201 -28.27 2.70 -11.90
C TYR C 201 -29.39 1.94 -11.18
N TYR C 202 -29.48 0.61 -11.34
CA TYR C 202 -30.59 -0.15 -10.78
C TYR C 202 -30.15 -1.08 -9.64
N GLN C 203 -28.93 -0.89 -9.11
CA GLN C 203 -28.46 -1.74 -8.02
C GLN C 203 -27.77 -0.91 -6.93
N VAL C 204 -28.13 -1.16 -5.67
CA VAL C 204 -27.31 -0.67 -4.59
C VAL C 204 -25.92 -1.30 -4.68
N ASP C 205 -24.90 -0.55 -4.28
CA ASP C 205 -23.55 -1.08 -4.25
C ASP C 205 -23.52 -2.29 -3.30
N ARG C 206 -23.04 -3.44 -3.81
CA ARG C 206 -23.06 -4.68 -3.07
C ARG C 206 -22.27 -4.59 -1.77
N ARG C 207 -21.33 -3.64 -1.68
CA ARG C 207 -20.58 -3.41 -0.45
C ARG C 207 -21.39 -2.65 0.60
N PHE C 208 -22.51 -2.04 0.20
CA PHE C 208 -23.39 -1.34 1.13
C PHE C 208 -24.55 -2.22 1.56
N GLY C 209 -24.99 -3.11 0.65
CA GLY C 209 -26.12 -3.98 0.89
C GLY C 209 -26.81 -4.34 -0.43
N SER C 210 -27.98 -4.97 -0.31
CA SER C 210 -28.86 -5.25 -1.45
C SER C 210 -29.92 -4.17 -1.57
N ASN C 211 -30.67 -4.20 -2.69
CA ASN C 211 -31.82 -3.33 -2.87
C ASN C 211 -32.78 -3.48 -1.69
N GLU C 212 -33.07 -4.72 -1.30
CA GLU C 212 -34.00 -5.00 -0.22
C GLU C 212 -33.53 -4.37 1.09
N GLU C 213 -32.22 -4.38 1.32
CA GLU C 213 -31.67 -3.77 2.53
C GLU C 213 -32.02 -2.29 2.54
N PHE C 214 -31.97 -1.63 1.37
CA PHE C 214 -32.24 -0.20 1.28
C PHE C 214 -33.71 0.05 1.59
N ARG C 215 -34.60 -0.77 1.03
CA ARG C 215 -36.02 -0.63 1.31
C ARG C 215 -36.28 -0.77 2.80
N LYS C 216 -35.60 -1.73 3.44
CA LYS C 216 -35.76 -1.99 4.87
C LYS C 216 -35.27 -0.78 5.66
N LEU C 217 -34.09 -0.26 5.29
CA LEU C 217 -33.54 0.93 5.92
C LEU C 217 -34.58 2.05 5.88
N THR C 218 -35.21 2.25 4.72
CA THR C 218 -36.17 3.32 4.55
C THR C 218 -37.36 3.08 5.47
N GLN C 219 -37.89 1.84 5.45
CA GLN C 219 -38.99 1.46 6.32
C GLN C 219 -38.65 1.79 7.77
N GLU C 220 -37.44 1.38 8.16
CA GLU C 220 -37.03 1.50 9.55
C GLU C 220 -36.93 2.99 9.90
N ALA C 221 -36.33 3.76 8.97
CA ALA C 221 -36.18 5.19 9.17
C ALA C 221 -37.54 5.88 9.31
N ASN C 222 -38.46 5.56 8.40
CA ASN C 222 -39.79 6.14 8.41
C ASN C 222 -40.49 5.89 9.75
N ALA C 223 -40.31 4.69 10.31
CA ALA C 223 -41.00 4.29 11.53
C ALA C 223 -40.46 5.06 12.73
N LYS C 224 -39.20 5.51 12.66
CA LYS C 224 -38.66 6.37 13.70
C LYS C 224 -38.89 7.85 13.37
N GLY C 225 -39.71 8.14 12.35
CA GLY C 225 -40.07 9.52 12.02
C GLY C 225 -39.04 10.24 11.14
N LEU C 226 -38.25 9.48 10.38
CA LEU C 226 -37.17 10.06 9.57
C LEU C 226 -37.48 9.89 8.10
N LYS C 227 -37.26 10.95 7.31
CA LYS C 227 -37.33 10.85 5.86
C LYS C 227 -36.01 10.36 5.29
N VAL C 228 -36.02 9.96 4.02
CA VAL C 228 -34.79 9.54 3.36
C VAL C 228 -34.62 10.30 2.05
N VAL C 229 -33.43 10.89 1.87
CA VAL C 229 -33.09 11.59 0.66
C VAL C 229 -31.88 10.93 0.00
N MET C 230 -31.90 10.88 -1.33
CA MET C 230 -30.96 10.07 -2.10
C MET C 230 -30.25 10.97 -3.13
N ASP C 231 -28.91 10.86 -3.17
CA ASP C 231 -28.09 11.51 -4.18
C ASP C 231 -28.13 10.71 -5.47
N MET C 232 -28.28 11.40 -6.59
CA MET C 232 -28.27 10.77 -7.91
C MET C 232 -27.45 11.66 -8.85
N ILE C 233 -26.96 11.08 -9.94
CA ILE C 233 -26.08 11.77 -10.86
C ILE C 233 -26.47 11.41 -12.27
N PHE C 234 -26.95 12.39 -13.02
CA PHE C 234 -27.36 12.22 -14.42
C PHE C 234 -26.30 12.82 -15.34
N ASN C 235 -25.46 13.74 -14.82
CA ASN C 235 -24.47 14.42 -15.63
C ASN C 235 -23.48 13.40 -16.18
N HIS C 236 -23.12 12.42 -15.35
CA HIS C 236 -22.11 11.44 -15.71
C HIS C 236 -22.31 10.12 -14.99
N CYS C 237 -21.75 9.04 -15.57
CA CYS C 237 -21.60 7.75 -14.91
C CYS C 237 -20.12 7.41 -14.80
N GLY C 238 -19.81 6.28 -14.14
CA GLY C 238 -18.46 5.77 -14.11
C GLY C 238 -18.09 5.13 -15.46
N SER C 239 -16.80 5.17 -15.81
CA SER C 239 -16.36 4.59 -17.08
C SER C 239 -16.53 3.07 -17.12
N ASP C 240 -16.81 2.41 -15.99
CA ASP C 240 -17.01 0.97 -15.99
C ASP C 240 -18.50 0.59 -16.02
N ASN C 241 -19.38 1.57 -16.20
CA ASN C 241 -20.79 1.30 -16.47
C ASN C 241 -20.92 0.63 -17.84
N TYR C 242 -21.76 -0.41 -17.93
CA TYR C 242 -21.93 -1.11 -19.20
C TYR C 242 -22.38 -0.13 -20.27
N LEU C 243 -23.14 0.89 -19.88
CA LEU C 243 -23.68 1.85 -20.84
C LEU C 243 -22.54 2.60 -21.52
N PHE C 244 -21.42 2.81 -20.80
CA PHE C 244 -20.27 3.50 -21.38
C PHE C 244 -19.28 2.52 -22.00
N LYS C 245 -18.85 1.51 -21.23
CA LYS C 245 -17.91 0.47 -21.68
C LYS C 245 -18.34 -0.06 -23.05
N ASP C 246 -19.64 -0.36 -23.17
CA ASP C 246 -20.21 -0.93 -24.39
C ASP C 246 -21.35 -0.03 -24.86
N MET C 247 -20.99 1.15 -25.43
CA MET C 247 -21.94 2.20 -25.73
C MET C 247 -23.00 1.71 -26.72
N PRO C 248 -24.31 1.96 -26.46
CA PRO C 248 -25.33 1.79 -27.49
C PRO C 248 -25.00 2.55 -28.77
N SER C 249 -24.57 3.81 -28.62
CA SER C 249 -24.14 4.62 -29.74
C SER C 249 -23.27 5.79 -29.26
N LYS C 250 -22.54 6.41 -30.19
CA LYS C 250 -21.68 7.55 -29.91
C LYS C 250 -22.51 8.71 -29.36
N ASP C 251 -23.83 8.70 -29.62
CA ASP C 251 -24.66 9.85 -29.28
C ASP C 251 -25.06 9.83 -27.79
N TRP C 252 -24.79 8.72 -27.08
CA TRP C 252 -25.16 8.60 -25.68
C TRP C 252 -24.26 9.43 -24.77
N PHE C 253 -23.06 9.79 -25.25
CA PHE C 253 -22.13 10.57 -24.45
C PHE C 253 -21.63 11.75 -25.28
N ASN C 254 -21.35 12.87 -24.59
CA ASN C 254 -21.00 14.10 -25.28
C ASN C 254 -19.58 13.98 -25.82
N PHE C 255 -19.31 14.79 -26.84
CA PHE C 255 -18.09 14.78 -27.63
C PHE C 255 -17.94 13.40 -28.27
N GLU C 256 -19.08 12.85 -28.71
CA GLU C 256 -19.15 11.58 -29.43
C GLU C 256 -18.33 10.50 -28.73
N GLY C 257 -18.34 10.50 -27.40
CA GLY C 257 -17.75 9.42 -26.62
C GLY C 257 -16.26 9.63 -26.34
N ASN C 258 -15.69 10.74 -26.84
CA ASN C 258 -14.28 11.07 -26.64
C ASN C 258 -14.13 12.06 -25.50
N TYR C 259 -13.12 11.80 -24.65
CA TYR C 259 -12.84 12.63 -23.49
C TYR C 259 -12.47 14.06 -23.92
N VAL C 260 -13.28 15.04 -23.50
CA VAL C 260 -12.92 16.44 -23.53
C VAL C 260 -13.26 17.00 -22.15
N GLN C 261 -12.27 17.67 -21.53
CA GLN C 261 -12.37 18.12 -20.15
C GLN C 261 -13.24 19.36 -20.05
N THR C 262 -14.17 19.38 -19.08
CA THR C 262 -15.03 20.53 -18.83
C THR C 262 -14.19 21.66 -18.25
N SER C 263 -14.62 22.89 -18.55
CA SER C 263 -14.06 24.12 -17.99
C SER C 263 -14.56 24.41 -16.57
N PHE C 264 -15.71 23.82 -16.22
CA PHE C 264 -16.39 24.09 -14.95
C PHE C 264 -17.08 25.47 -14.98
N LYS C 265 -17.04 26.18 -16.12
CA LYS C 265 -17.66 27.50 -16.20
C LYS C 265 -19.15 27.33 -16.54
N THR C 266 -19.98 27.06 -15.52
CA THR C 266 -21.40 26.77 -15.73
C THR C 266 -22.23 28.05 -15.79
N ALA C 267 -21.59 29.20 -15.49
CA ALA C 267 -22.20 30.50 -15.73
C ALA C 267 -22.61 30.69 -17.19
N THR C 268 -22.05 29.86 -18.09
CA THR C 268 -22.33 30.00 -19.52
C THR C 268 -23.80 29.70 -19.83
N GLN C 269 -24.53 29.02 -18.93
CA GLN C 269 -25.93 28.70 -19.18
C GLN C 269 -26.76 29.99 -19.13
N MET C 270 -26.39 30.98 -18.31
CA MET C 270 -27.25 32.13 -18.10
C MET C 270 -26.53 33.45 -18.37
N ASP C 271 -25.19 33.43 -18.51
CA ASP C 271 -24.45 34.65 -18.86
C ASP C 271 -25.02 35.22 -20.15
N PRO C 272 -25.57 36.45 -20.18
CA PRO C 272 -26.17 36.98 -21.40
C PRO C 272 -25.13 37.20 -22.50
N TYR C 273 -23.84 37.24 -22.11
CA TYR C 273 -22.76 37.53 -23.03
C TYR C 273 -21.92 36.28 -23.31
N ALA C 274 -22.46 35.09 -23.03
CA ALA C 274 -21.70 33.86 -23.26
C ALA C 274 -21.42 33.67 -24.74
N SER C 275 -20.26 33.06 -25.03
CA SER C 275 -19.86 32.68 -26.38
C SER C 275 -20.38 31.27 -26.69
N ASP C 276 -20.55 30.98 -27.99
CA ASP C 276 -20.93 29.65 -28.44
C ASP C 276 -19.86 28.64 -28.05
N TYR C 277 -18.59 29.02 -28.28
CA TYR C 277 -17.48 28.13 -28.03
C TYR C 277 -17.49 27.70 -26.56
N GLU C 278 -17.69 28.64 -25.64
CA GLU C 278 -17.58 28.35 -24.21
C GLU C 278 -18.79 27.55 -23.69
N LYS C 279 -19.99 27.81 -24.22
CA LYS C 279 -21.16 27.04 -23.84
C LYS C 279 -20.89 25.56 -24.17
N LYS C 280 -20.33 25.29 -25.35
CA LYS C 280 -20.11 23.91 -25.80
C LYS C 280 -19.06 23.23 -24.91
N ILE C 281 -17.94 23.91 -24.67
CA ILE C 281 -16.88 23.33 -23.85
C ILE C 281 -17.45 22.95 -22.48
N ALA C 282 -18.24 23.85 -21.89
CA ALA C 282 -18.85 23.59 -20.59
C ALA C 282 -20.03 22.65 -20.81
N ILE C 283 -20.63 22.11 -19.76
CA ILE C 283 -21.92 21.40 -19.86
C ILE C 283 -21.78 20.11 -20.67
N ASP C 284 -21.07 20.16 -21.82
CA ASP C 284 -20.83 18.97 -22.63
C ASP C 284 -19.45 18.38 -22.30
N GLY C 285 -18.61 19.11 -21.55
CA GLY C 285 -17.33 18.58 -21.14
C GLY C 285 -17.44 17.55 -20.01
N TRP C 286 -16.47 16.63 -19.96
CA TRP C 286 -16.41 15.58 -18.94
C TRP C 286 -15.76 16.11 -17.67
N PHE C 287 -16.23 15.64 -16.52
CA PHE C 287 -15.70 16.09 -15.24
C PHE C 287 -14.28 15.56 -15.05
N THR C 288 -14.05 14.28 -15.37
CA THR C 288 -12.73 13.67 -15.52
C THR C 288 -12.83 12.55 -16.56
N LEU C 289 -11.72 11.85 -16.77
CA LEU C 289 -11.62 10.79 -17.76
C LEU C 289 -12.54 9.63 -17.40
N THR C 290 -12.67 9.28 -16.11
CA THR C 290 -13.42 8.08 -15.72
C THR C 290 -14.87 8.43 -15.36
N MET C 291 -15.29 9.67 -15.65
CA MET C 291 -16.65 10.12 -15.40
C MET C 291 -17.22 10.73 -16.68
N PRO C 292 -17.50 9.88 -17.70
CA PRO C 292 -17.95 10.39 -18.99
C PRO C 292 -19.30 11.07 -18.91
N ASP C 293 -19.49 12.10 -19.77
CA ASP C 293 -20.61 13.01 -19.71
C ASP C 293 -21.74 12.45 -20.56
N PHE C 294 -22.87 12.14 -19.91
CA PHE C 294 -24.06 11.73 -20.62
C PHE C 294 -24.51 12.86 -21.54
N ASN C 295 -25.03 12.48 -22.72
CA ASN C 295 -25.72 13.39 -23.60
C ASN C 295 -27.21 13.39 -23.27
N GLN C 296 -27.65 14.32 -22.40
CA GLN C 296 -29.03 14.32 -21.98
C GLN C 296 -29.97 14.73 -23.12
N ARG C 297 -29.42 15.22 -24.24
CA ARG C 297 -30.28 15.61 -25.33
C ARG C 297 -30.71 14.37 -26.13
N ASN C 298 -30.10 13.21 -25.88
CA ASN C 298 -30.54 11.97 -26.48
C ASN C 298 -31.79 11.46 -25.76
N ARG C 299 -32.87 11.24 -26.51
CA ARG C 299 -34.17 10.84 -25.99
C ARG C 299 -34.05 9.58 -25.12
N HIS C 300 -33.27 8.60 -25.58
CA HIS C 300 -33.14 7.31 -24.89
C HIS C 300 -32.38 7.48 -23.58
N VAL C 301 -31.29 8.26 -23.61
CA VAL C 301 -30.52 8.52 -22.41
C VAL C 301 -31.43 9.15 -21.37
N ALA C 302 -32.20 10.15 -21.80
CA ALA C 302 -33.00 10.95 -20.88
C ALA C 302 -34.05 10.07 -20.22
N THR C 303 -34.80 9.29 -21.02
CA THR C 303 -35.83 8.46 -20.44
C THR C 303 -35.20 7.42 -19.52
N TYR C 304 -34.09 6.82 -19.95
CA TYR C 304 -33.40 5.84 -19.11
C TYR C 304 -33.16 6.43 -17.72
N LEU C 305 -32.57 7.64 -17.69
CA LEU C 305 -32.21 8.26 -16.42
C LEU C 305 -33.45 8.69 -15.65
N ILE C 306 -34.42 9.30 -16.33
CA ILE C 306 -35.65 9.74 -15.67
C ILE C 306 -36.31 8.54 -14.98
N GLN C 307 -36.49 7.46 -15.72
CA GLN C 307 -37.12 6.24 -15.20
C GLN C 307 -36.37 5.76 -13.97
N SER C 308 -35.03 5.75 -14.04
CA SER C 308 -34.23 5.30 -12.92
C SER C 308 -34.60 6.05 -11.64
N SER C 309 -34.82 7.38 -11.74
CA SER C 309 -35.09 8.15 -10.53
C SER C 309 -36.46 7.75 -10.00
N ILE C 310 -37.41 7.56 -10.91
CA ILE C 310 -38.78 7.26 -10.50
C ILE C 310 -38.83 5.88 -9.86
N TRP C 311 -38.07 4.95 -10.44
CA TRP C 311 -37.98 3.59 -9.93
C TRP C 311 -37.63 3.59 -8.45
N TRP C 312 -36.58 4.32 -8.08
CA TRP C 312 -36.14 4.36 -6.70
C TRP C 312 -37.20 5.01 -5.80
N ILE C 313 -38.00 5.93 -6.34
CA ILE C 313 -39.02 6.56 -5.53
C ILE C 313 -40.13 5.54 -5.24
N GLU C 314 -40.64 4.87 -6.28
CA GLU C 314 -41.66 3.85 -6.11
C GLU C 314 -41.13 2.73 -5.22
N TYR C 315 -39.97 2.19 -5.57
CA TYR C 315 -39.50 0.96 -4.94
C TYR C 315 -39.16 1.21 -3.46
N ALA C 316 -38.46 2.30 -3.16
CA ALA C 316 -37.86 2.45 -1.83
C ALA C 316 -38.63 3.41 -0.93
N GLY C 317 -39.54 4.21 -1.48
CA GLY C 317 -40.33 5.13 -0.66
C GLY C 317 -39.52 6.32 -0.15
N ILE C 318 -38.56 6.80 -0.94
CA ILE C 318 -37.76 7.96 -0.56
C ILE C 318 -38.58 9.23 -0.68
N ASN C 319 -38.11 10.28 0.02
CA ASN C 319 -38.83 11.54 0.14
C ASN C 319 -38.18 12.65 -0.67
N GLY C 320 -36.99 12.39 -1.24
CA GLY C 320 -36.20 13.46 -1.84
C GLY C 320 -35.03 12.93 -2.65
N ILE C 321 -34.65 13.73 -3.64
CA ILE C 321 -33.44 13.50 -4.43
C ILE C 321 -32.62 14.77 -4.44
N ARG C 322 -31.30 14.60 -4.33
CA ARG C 322 -30.37 15.66 -4.65
C ARG C 322 -29.67 15.25 -5.94
N GLN C 323 -29.83 16.08 -6.96
CA GLN C 323 -29.16 15.89 -8.23
C GLN C 323 -27.87 16.68 -8.17
N ASP C 324 -26.77 15.93 -8.04
CA ASP C 324 -25.45 16.53 -8.11
C ASP C 324 -25.21 17.02 -9.53
N THR C 325 -24.41 18.07 -9.64
CA THR C 325 -23.86 18.51 -10.91
C THR C 325 -24.98 19.10 -11.78
N HIS C 326 -26.11 19.50 -11.18
CA HIS C 326 -27.30 19.86 -11.94
C HIS C 326 -26.96 20.87 -13.04
N PRO C 327 -26.21 21.96 -12.76
CA PRO C 327 -25.88 22.97 -13.79
C PRO C 327 -24.98 22.53 -14.97
N TYR C 328 -24.32 21.36 -14.85
CA TYR C 328 -23.47 20.81 -15.90
C TYR C 328 -24.30 19.98 -16.88
N ALA C 329 -25.61 19.90 -16.62
CA ALA C 329 -26.51 19.13 -17.46
C ALA C 329 -27.38 20.04 -18.30
N ASP C 330 -27.99 19.45 -19.35
CA ASP C 330 -28.85 20.19 -20.24
C ASP C 330 -30.01 20.79 -19.45
N PHE C 331 -30.26 22.08 -19.62
CA PHE C 331 -31.24 22.81 -18.83
C PHE C 331 -32.65 22.28 -19.10
N ASP C 332 -32.97 22.12 -20.39
CA ASP C 332 -34.30 21.72 -20.85
C ASP C 332 -34.65 20.32 -20.35
N MET C 333 -33.66 19.42 -20.36
CA MET C 333 -33.94 18.03 -20.01
C MET C 333 -34.13 17.93 -18.50
N MET C 334 -33.38 18.72 -17.75
CA MET C 334 -33.54 18.70 -16.30
C MET C 334 -34.87 19.33 -15.88
N ALA C 335 -35.37 20.30 -16.64
CA ALA C 335 -36.73 20.80 -16.44
C ALA C 335 -37.77 19.72 -16.74
N ARG C 336 -37.58 18.93 -17.80
CA ARG C 336 -38.48 17.85 -18.12
C ARG C 336 -38.47 16.82 -17.00
N TRP C 337 -37.27 16.55 -16.46
CA TRP C 337 -37.10 15.57 -15.38
C TRP C 337 -37.88 15.99 -14.13
N CYS C 338 -37.68 17.24 -13.69
CA CYS C 338 -38.38 17.75 -12.52
C CYS C 338 -39.90 17.69 -12.74
N LYS C 339 -40.36 18.13 -13.91
CA LYS C 339 -41.78 18.05 -14.25
C LYS C 339 -42.24 16.60 -14.17
N ALA C 340 -41.48 15.66 -14.73
CA ALA C 340 -41.94 14.26 -14.77
C ALA C 340 -42.05 13.70 -13.36
N VAL C 341 -41.12 14.08 -12.49
CA VAL C 341 -41.11 13.56 -11.14
C VAL C 341 -42.30 14.14 -10.39
N ASN C 342 -42.56 15.44 -10.55
CA ASN C 342 -43.61 16.08 -9.77
C ASN C 342 -45.00 15.70 -10.29
N GLU C 343 -45.12 15.35 -11.58
CA GLU C 343 -46.37 14.84 -12.12
C GLU C 343 -46.73 13.51 -11.44
N GLU C 344 -45.72 12.70 -11.09
CA GLU C 344 -45.96 11.42 -10.44
C GLU C 344 -46.08 11.58 -8.92
N TYR C 345 -45.27 12.46 -8.34
CA TYR C 345 -45.22 12.63 -6.89
C TYR C 345 -45.34 14.12 -6.54
N PRO C 346 -46.57 14.67 -6.45
CA PRO C 346 -46.74 16.12 -6.34
C PRO C 346 -46.08 16.82 -5.15
N LYS C 347 -45.82 16.09 -4.06
CA LYS C 347 -45.22 16.69 -2.88
C LYS C 347 -43.71 16.48 -2.83
N PHE C 348 -43.15 15.71 -3.77
CA PHE C 348 -41.74 15.32 -3.73
C PHE C 348 -40.86 16.55 -3.93
N ASN C 349 -39.70 16.57 -3.25
CA ASN C 349 -38.78 17.69 -3.37
C ASN C 349 -37.48 17.21 -4.01
N ILE C 350 -36.97 18.01 -4.94
CA ILE C 350 -35.68 17.78 -5.56
C ILE C 350 -34.82 18.99 -5.27
N VAL C 351 -33.58 18.74 -4.86
CA VAL C 351 -32.61 19.81 -4.67
C VAL C 351 -31.53 19.59 -5.71
N GLY C 352 -31.13 20.68 -6.37
CA GLY C 352 -30.00 20.64 -7.30
C GLY C 352 -28.77 21.30 -6.71
N GLU C 353 -27.60 20.72 -7.00
CA GLU C 353 -26.33 21.31 -6.59
C GLU C 353 -26.12 22.56 -7.45
N THR C 354 -26.21 23.72 -6.84
CA THR C 354 -26.02 24.96 -7.55
C THR C 354 -24.77 25.62 -7.01
N TRP C 355 -23.60 25.04 -7.35
CA TRP C 355 -22.35 25.51 -6.75
C TRP C 355 -21.79 26.65 -7.58
N LEU C 356 -22.20 27.87 -7.22
CA LEU C 356 -21.91 29.08 -7.97
C LEU C 356 -21.63 30.17 -6.96
N GLY C 357 -21.07 31.27 -7.42
CA GLY C 357 -20.44 32.23 -6.52
C GLY C 357 -21.42 33.21 -5.89
N ASN C 358 -22.63 33.35 -6.47
CA ASN C 358 -23.54 34.43 -6.08
C ASN C 358 -25.00 33.99 -6.23
N ASN C 359 -25.85 34.72 -5.50
CA ASN C 359 -27.28 34.49 -5.47
C ASN C 359 -27.93 34.71 -6.85
N VAL C 360 -27.38 35.63 -7.64
CA VAL C 360 -28.01 35.92 -8.93
C VAL C 360 -28.00 34.67 -9.80
N LEU C 361 -26.82 34.05 -9.96
CA LEU C 361 -26.70 32.91 -10.85
C LEU C 361 -27.43 31.71 -10.28
N ILE C 362 -27.39 31.54 -8.95
CA ILE C 362 -28.07 30.42 -8.33
C ILE C 362 -29.58 30.56 -8.52
N SER C 363 -30.10 31.80 -8.41
CA SER C 363 -31.53 32.03 -8.45
C SER C 363 -32.11 31.60 -9.78
N TYR C 364 -31.30 31.66 -10.83
CA TYR C 364 -31.74 31.28 -12.17
C TYR C 364 -32.18 29.83 -12.21
N TRP C 365 -31.54 28.98 -11.39
CA TRP C 365 -31.82 27.55 -11.41
C TRP C 365 -33.05 27.17 -10.59
N GLN C 366 -33.58 28.10 -9.81
CA GLN C 366 -34.71 27.73 -8.98
C GLN C 366 -36.00 27.86 -9.78
N LYS C 367 -36.94 26.96 -9.51
CA LYS C 367 -38.26 27.00 -10.13
C LYS C 367 -38.91 28.38 -9.97
N ASP C 368 -39.47 28.89 -11.06
CA ASP C 368 -40.18 30.17 -11.12
C ASP C 368 -39.23 31.36 -10.98
N SER C 369 -37.94 31.16 -11.26
CA SER C 369 -36.97 32.23 -11.28
C SER C 369 -37.49 33.44 -12.06
N ARG C 370 -37.44 34.60 -11.44
CA ARG C 370 -37.81 35.81 -12.14
C ARG C 370 -36.80 36.12 -13.23
N LEU C 371 -35.53 35.80 -12.98
CA LEU C 371 -34.48 36.19 -13.90
C LEU C 371 -34.37 35.18 -15.04
N ALA C 372 -34.83 33.94 -14.85
CA ALA C 372 -34.79 33.00 -15.94
C ALA C 372 -36.02 33.16 -16.86
N TYR C 373 -37.09 33.78 -16.36
CA TYR C 373 -38.33 33.83 -17.08
C TYR C 373 -38.04 34.33 -18.49
N PRO C 374 -38.62 33.74 -19.57
CA PRO C 374 -39.66 32.71 -19.46
C PRO C 374 -39.18 31.25 -19.36
N LYS C 375 -37.87 31.03 -19.36
CA LYS C 375 -37.33 29.70 -19.06
C LYS C 375 -37.73 29.34 -17.62
N ASN C 376 -37.84 28.04 -17.31
CA ASN C 376 -38.17 27.62 -15.95
C ASN C 376 -37.62 26.23 -15.68
N SER C 377 -36.72 26.13 -14.69
CA SER C 377 -36.02 24.88 -14.39
C SER C 377 -36.95 23.84 -13.78
N ASN C 378 -38.05 24.29 -13.15
CA ASN C 378 -38.96 23.45 -12.38
C ASN C 378 -38.26 22.78 -11.19
N LEU C 379 -37.06 23.27 -10.83
CA LEU C 379 -36.28 22.67 -9.75
C LEU C 379 -36.67 23.36 -8.44
N PRO C 380 -37.39 22.67 -7.53
CA PRO C 380 -37.93 23.34 -6.35
C PRO C 380 -36.87 23.89 -5.41
N THR C 381 -35.80 23.12 -5.17
CA THR C 381 -34.82 23.50 -4.16
C THR C 381 -33.44 23.61 -4.79
N VAL C 382 -32.75 24.71 -4.47
CA VAL C 382 -31.35 24.88 -4.82
C VAL C 382 -30.53 25.10 -3.55
N MET C 383 -29.19 25.06 -3.68
CA MET C 383 -28.28 25.03 -2.55
C MET C 383 -27.62 26.39 -2.36
N ASP C 384 -27.68 26.90 -1.13
CA ASP C 384 -27.24 28.26 -0.84
C ASP C 384 -25.75 28.26 -0.46
N PHE C 385 -24.89 27.98 -1.45
CA PHE C 385 -23.47 28.01 -1.20
C PHE C 385 -23.00 29.39 -0.74
N PRO C 386 -23.49 30.51 -1.28
CA PRO C 386 -23.05 31.82 -0.79
C PRO C 386 -23.32 32.00 0.70
N LEU C 387 -24.48 31.52 1.18
CA LEU C 387 -24.78 31.66 2.60
C LEU C 387 -23.75 30.85 3.40
N MET C 388 -23.35 29.71 2.86
CA MET C 388 -22.34 28.89 3.51
C MET C 388 -21.04 29.70 3.66
N GLU C 389 -20.58 30.30 2.56
CA GLU C 389 -19.35 31.09 2.61
C GLU C 389 -19.47 32.17 3.69
N GLU C 390 -20.60 32.85 3.76
CA GLU C 390 -20.75 33.92 4.72
C GLU C 390 -20.73 33.36 6.14
N MET C 391 -21.40 32.23 6.37
CA MET C 391 -21.52 31.68 7.70
C MET C 391 -20.17 31.18 8.23
N ASN C 392 -19.28 30.77 7.31
CA ASN C 392 -17.95 30.31 7.69
C ASN C 392 -17.01 31.47 8.03
N LYS C 393 -17.48 32.72 7.93
CA LYS C 393 -16.68 33.87 8.33
C LYS C 393 -17.42 34.78 9.31
N ALA C 394 -18.76 34.75 9.30
CA ALA C 394 -19.55 35.74 9.99
C ALA C 394 -19.45 35.64 11.52
N PHE C 395 -19.08 34.47 12.04
CA PHE C 395 -19.06 34.25 13.48
C PHE C 395 -17.66 34.43 14.06
N ASP C 396 -16.67 34.69 13.20
CA ASP C 396 -15.28 34.82 13.61
C ASP C 396 -14.82 36.27 13.56
N GLU C 397 -15.50 37.13 12.80
CA GLU C 397 -15.04 38.49 12.63
C GLU C 397 -15.70 39.38 13.67
N GLU C 398 -15.06 40.52 13.93
CA GLU C 398 -15.67 41.58 14.70
C GLU C 398 -16.85 42.15 13.90
N THR C 399 -17.96 42.40 14.57
CA THR C 399 -19.09 43.09 13.97
C THR C 399 -19.02 44.55 14.39
N THR C 400 -18.49 45.44 13.52
CA THR C 400 -18.31 46.84 13.85
C THR C 400 -19.65 47.57 13.75
N GLU C 401 -19.60 48.90 13.73
CA GLU C 401 -20.81 49.70 13.61
C GLU C 401 -21.31 49.62 12.17
N TRP C 402 -20.38 49.40 11.20
CA TRP C 402 -20.68 49.57 9.78
C TRP C 402 -20.62 48.24 9.01
N ASN C 403 -19.71 47.33 9.38
CA ASN C 403 -19.44 46.16 8.55
C ASN C 403 -18.82 45.02 9.36
N GLY C 404 -18.64 43.88 8.71
CA GLY C 404 -17.94 42.73 9.27
C GLY C 404 -18.88 41.82 10.06
N GLY C 405 -18.46 40.57 10.20
CA GLY C 405 -19.11 39.63 11.10
C GLY C 405 -20.56 39.41 10.71
N LEU C 406 -21.47 39.70 11.64
CA LEU C 406 -22.87 39.39 11.44
C LEU C 406 -23.50 40.28 10.36
N PHE C 407 -22.83 41.37 9.95
CA PHE C 407 -23.29 42.14 8.80
C PHE C 407 -23.37 41.26 7.55
N ARG C 408 -22.47 40.29 7.43
CA ARG C 408 -22.48 39.43 6.26
C ARG C 408 -23.84 38.75 6.10
N LEU C 409 -24.45 38.39 7.24
CA LEU C 409 -25.73 37.68 7.23
C LEU C 409 -26.86 38.65 6.92
N TYR C 410 -26.83 39.83 7.57
CA TYR C 410 -27.84 40.85 7.33
C TYR C 410 -27.85 41.21 5.85
N GLU C 411 -26.67 41.49 5.29
CA GLU C 411 -26.55 42.01 3.94
C GLU C 411 -26.97 40.92 2.95
N TYR C 412 -26.58 39.68 3.19
CA TYR C 412 -26.90 38.63 2.23
C TYR C 412 -28.41 38.38 2.20
N LEU C 413 -29.01 38.26 3.37
CA LEU C 413 -30.42 37.89 3.42
C LEU C 413 -31.30 38.99 2.83
N SER C 414 -30.89 40.27 2.96
CA SER C 414 -31.70 41.38 2.46
C SER C 414 -31.83 41.32 0.93
N GLN C 415 -30.95 40.55 0.27
CA GLN C 415 -31.01 40.37 -1.17
C GLN C 415 -31.96 39.24 -1.56
N ASP C 416 -32.76 38.70 -0.64
CA ASP C 416 -33.56 37.52 -0.95
C ASP C 416 -34.66 37.80 -1.98
N ILE C 417 -34.85 39.06 -2.39
CA ILE C 417 -35.70 39.37 -3.53
C ILE C 417 -35.28 38.61 -4.78
N VAL C 418 -34.00 38.22 -4.92
CA VAL C 418 -33.56 37.50 -6.10
C VAL C 418 -34.19 36.12 -6.17
N TYR C 419 -34.50 35.54 -5.00
CA TYR C 419 -34.85 34.11 -4.95
C TYR C 419 -36.35 33.97 -5.06
N SER C 420 -36.80 33.03 -5.90
CA SER C 420 -38.23 32.85 -6.11
C SER C 420 -38.88 32.16 -4.91
N HIS C 421 -38.14 31.25 -4.26
CA HIS C 421 -38.66 30.49 -3.13
C HIS C 421 -37.59 30.38 -2.06
N PRO C 422 -37.36 31.45 -1.27
CA PRO C 422 -36.32 31.47 -0.23
C PRO C 422 -36.41 30.35 0.81
N MET C 423 -37.63 29.88 1.11
CA MET C 423 -37.82 28.78 2.04
C MET C 423 -37.58 27.42 1.41
N SER C 424 -37.23 27.37 0.11
CA SER C 424 -36.74 26.14 -0.51
C SER C 424 -35.27 26.31 -0.90
N LEU C 425 -34.49 26.93 -0.02
CA LEU C 425 -33.06 26.99 -0.19
C LEU C 425 -32.43 26.08 0.85
N LEU C 426 -31.61 25.12 0.40
CA LEU C 426 -30.88 24.27 1.31
C LEU C 426 -29.74 25.09 1.89
N THR C 427 -29.66 25.11 3.22
CA THR C 427 -28.67 25.86 3.95
C THR C 427 -27.81 24.90 4.74
N PHE C 428 -26.53 25.27 4.94
CA PHE C 428 -25.57 24.34 5.51
C PHE C 428 -24.26 25.05 5.78
N LEU C 429 -23.56 24.58 6.81
CA LEU C 429 -22.26 25.13 7.20
C LEU C 429 -21.16 24.46 6.39
N ASP C 430 -21.40 23.22 5.95
CA ASP C 430 -20.39 22.45 5.26
C ASP C 430 -21.05 21.24 4.62
N ASN C 431 -20.26 20.48 3.86
CA ASN C 431 -20.69 19.17 3.39
C ASN C 431 -19.45 18.37 3.00
N HIS C 432 -19.67 17.24 2.32
CA HIS C 432 -18.61 16.28 2.04
C HIS C 432 -17.59 16.82 1.03
N ASP C 433 -17.83 17.99 0.46
CA ASP C 433 -16.93 18.58 -0.54
C ASP C 433 -16.21 19.82 0.01
N THR C 434 -16.52 20.23 1.25
CA THR C 434 -15.90 21.40 1.84
C THR C 434 -15.10 21.01 3.07
N SER C 435 -14.22 21.93 3.49
CA SER C 435 -13.76 21.96 4.86
C SER C 435 -14.98 21.80 5.75
N ARG C 436 -14.84 21.06 6.86
CA ARG C 436 -15.83 21.05 7.92
C ARG C 436 -15.84 22.40 8.63
N PHE C 437 -16.97 22.71 9.28
CA PHE C 437 -17.15 23.96 10.00
C PHE C 437 -15.91 24.26 10.83
N TYR C 438 -15.44 23.26 11.61
CA TYR C 438 -14.15 23.31 12.30
C TYR C 438 -13.09 22.65 11.42
N ARG C 439 -12.03 23.41 11.10
CA ARG C 439 -11.06 22.97 10.12
C ARG C 439 -10.11 21.96 10.79
N SER C 440 -9.80 22.17 12.08
CA SER C 440 -8.87 21.31 12.82
C SER C 440 -9.43 20.97 14.19
N GLU C 441 -8.90 19.89 14.78
CA GLU C 441 -9.31 19.45 16.13
C GLU C 441 -9.05 20.57 17.13
N ALA C 442 -7.95 21.31 16.94
CA ALA C 442 -7.56 22.41 17.84
C ALA C 442 -8.61 23.52 17.87
N ASP C 443 -9.25 23.79 16.72
CA ASP C 443 -10.19 24.88 16.63
C ASP C 443 -11.42 24.60 17.50
N THR C 444 -11.70 23.31 17.81
CA THR C 444 -12.95 22.93 18.46
C THR C 444 -12.91 23.26 19.96
N LYS C 445 -11.78 23.82 20.43
CA LYS C 445 -11.63 24.13 21.85
C LYS C 445 -12.57 25.27 22.22
N ASN C 446 -12.99 26.11 21.27
CA ASN C 446 -13.96 27.16 21.53
C ASN C 446 -15.27 26.89 20.77
N LEU C 447 -16.39 26.85 21.51
CA LEU C 447 -17.68 26.43 20.97
C LEU C 447 -18.61 27.61 20.67
N ASP C 448 -18.16 28.84 20.95
CA ASP C 448 -18.97 30.03 20.68
C ASP C 448 -19.45 30.05 19.22
N ARG C 449 -18.52 29.92 18.28
CA ARG C 449 -18.86 30.00 16.88
C ARG C 449 -19.85 28.88 16.52
N TYR C 450 -19.63 27.68 17.05
CA TYR C 450 -20.52 26.55 16.81
C TYR C 450 -21.93 26.91 17.28
N LYS C 451 -22.05 27.59 18.43
CA LYS C 451 -23.34 27.78 19.02
C LYS C 451 -24.10 28.86 18.26
N GLN C 452 -23.39 29.94 17.90
CA GLN C 452 -24.00 31.01 17.12
C GLN C 452 -24.37 30.51 15.72
N ALA C 453 -23.44 29.83 15.05
CA ALA C 453 -23.68 29.35 13.70
C ALA C 453 -24.91 28.46 13.65
N LEU C 454 -25.01 27.50 14.58
CA LEU C 454 -26.09 26.55 14.54
C LEU C 454 -27.40 27.23 14.96
N THR C 455 -27.33 28.22 15.88
CA THR C 455 -28.54 28.93 16.25
C THR C 455 -29.12 29.61 15.01
N PHE C 456 -28.25 30.31 14.28
CA PHE C 456 -28.61 31.01 13.06
C PHE C 456 -29.19 30.03 12.06
N LEU C 457 -28.41 28.99 11.73
CA LEU C 457 -28.81 28.03 10.72
C LEU C 457 -30.21 27.48 11.02
N LEU C 458 -30.47 27.15 12.30
CA LEU C 458 -31.65 26.38 12.60
C LEU C 458 -32.82 27.28 13.00
N THR C 459 -32.66 28.61 12.92
CA THR C 459 -33.78 29.53 13.15
C THR C 459 -34.09 30.42 11.95
N THR C 460 -33.12 30.64 11.04
CA THR C 460 -33.37 31.55 9.92
C THR C 460 -34.09 30.79 8.82
N ARG C 461 -34.25 31.47 7.68
CA ARG C 461 -35.04 30.91 6.60
C ARG C 461 -34.28 29.74 5.96
N GLY C 462 -35.00 28.83 5.32
CA GLY C 462 -34.38 27.77 4.55
C GLY C 462 -34.62 26.36 5.09
N ILE C 463 -33.93 25.40 4.48
CA ILE C 463 -33.95 24.00 4.80
C ILE C 463 -32.57 23.58 5.29
N PRO C 464 -32.32 23.48 6.62
CA PRO C 464 -30.98 23.15 7.12
C PRO C 464 -30.54 21.73 6.85
N GLN C 465 -29.23 21.58 6.66
CA GLN C 465 -28.58 20.30 6.57
C GLN C 465 -27.38 20.29 7.51
N ILE C 466 -27.26 19.21 8.29
CA ILE C 466 -26.11 18.97 9.15
C ILE C 466 -25.32 17.82 8.55
N TYR C 467 -24.00 18.02 8.44
CA TYR C 467 -23.11 16.97 7.98
C TYR C 467 -22.76 16.06 9.15
N TYR C 468 -22.74 14.73 8.91
CA TYR C 468 -22.55 13.75 9.95
C TYR C 468 -21.26 14.03 10.71
N GLY C 469 -21.31 13.97 12.04
CA GLY C 469 -20.14 14.15 12.89
C GLY C 469 -19.96 15.60 13.38
N THR C 470 -20.78 16.51 12.85
CA THR C 470 -20.71 17.90 13.27
C THR C 470 -21.03 17.97 14.76
N GLU C 471 -21.98 17.13 15.18
CA GLU C 471 -22.53 17.14 16.52
C GLU C 471 -21.54 16.57 17.56
N ILE C 472 -20.41 16.00 17.12
CA ILE C 472 -19.38 15.54 18.04
C ILE C 472 -18.02 16.17 17.73
N LEU C 473 -18.04 17.31 17.03
CA LEU C 473 -16.85 18.12 16.80
C LEU C 473 -15.79 17.40 15.95
N MET C 474 -16.21 16.56 14.99
CA MET C 474 -15.27 16.14 13.95
C MET C 474 -14.81 17.38 13.19
N ALA C 475 -13.53 17.38 12.84
CA ALA C 475 -12.90 18.50 12.14
C ALA C 475 -12.21 17.99 10.87
N ALA C 476 -11.97 18.92 9.94
CA ALA C 476 -11.32 18.57 8.69
C ALA C 476 -11.10 19.83 7.87
N ASP C 477 -10.01 19.80 7.08
CA ASP C 477 -9.61 20.94 6.27
C ASP C 477 -9.43 20.47 4.83
N LYS C 478 -10.05 21.21 3.90
CA LYS C 478 -10.04 20.89 2.47
C LYS C 478 -8.61 20.66 1.98
N ALA C 479 -7.64 21.37 2.58
CA ALA C 479 -6.25 21.31 2.15
C ALA C 479 -5.65 19.92 2.32
N ASN C 480 -6.20 19.09 3.21
CA ASN C 480 -5.65 17.75 3.43
C ASN C 480 -6.35 16.71 2.56
N GLY C 481 -7.06 17.15 1.52
CA GLY C 481 -7.67 16.22 0.57
C GLY C 481 -9.09 15.80 0.99
N ASP C 482 -9.84 15.26 0.02
CA ASP C 482 -11.25 14.99 0.20
C ASP C 482 -11.46 13.80 1.14
N GLY C 483 -10.54 12.81 1.10
CA GLY C 483 -10.66 11.62 1.92
C GLY C 483 -10.85 11.94 3.41
N LEU C 484 -10.09 12.91 3.93
CA LEU C 484 -10.14 13.27 5.34
C LEU C 484 -11.30 14.23 5.66
N LEU C 485 -12.08 14.62 4.64
CA LEU C 485 -13.32 15.33 4.87
C LEU C 485 -14.41 14.36 5.34
N ARG C 486 -14.13 13.06 5.19
CA ARG C 486 -15.12 12.01 5.30
C ARG C 486 -14.57 10.89 6.16
N CYS C 487 -14.03 11.27 7.33
CA CYS C 487 -13.47 10.33 8.28
C CYS C 487 -14.57 9.45 8.88
N ASP C 488 -14.15 8.30 9.41
CA ASP C 488 -15.07 7.34 10.01
C ASP C 488 -15.68 7.94 11.26
N PHE C 489 -17.01 7.80 11.41
CA PHE C 489 -17.65 8.19 12.65
C PHE C 489 -17.06 7.32 13.77
N PRO C 490 -16.49 7.93 14.82
CA PRO C 490 -15.86 7.16 15.90
C PRO C 490 -16.93 6.43 16.72
N GLY C 491 -16.99 5.11 16.53
CA GLY C 491 -18.04 4.29 17.12
C GLY C 491 -18.72 3.39 16.07
N GLY C 492 -18.46 3.65 14.78
CA GLY C 492 -19.17 2.96 13.71
C GLY C 492 -18.55 1.61 13.40
N TRP C 493 -17.34 1.37 13.93
CA TRP C 493 -16.61 0.14 13.70
C TRP C 493 -16.47 -0.64 15.01
N PRO C 494 -16.46 -2.00 14.95
CA PRO C 494 -16.48 -2.82 16.15
C PRO C 494 -15.33 -2.54 17.12
N ASN C 495 -14.15 -2.23 16.58
CA ASN C 495 -12.92 -2.15 17.37
C ASN C 495 -12.54 -0.71 17.71
N ASP C 496 -13.43 0.27 17.46
CA ASP C 496 -13.08 1.67 17.71
C ASP C 496 -12.90 1.85 19.22
N THR C 497 -11.95 2.74 19.61
CA THR C 497 -11.61 2.93 21.02
C THR C 497 -12.73 3.68 21.74
N LYS C 498 -13.17 4.82 21.19
CA LYS C 498 -14.22 5.62 21.81
C LYS C 498 -15.46 5.54 20.92
N ASN C 499 -16.59 5.07 21.47
CA ASN C 499 -17.84 4.94 20.73
C ASN C 499 -18.72 6.16 21.01
N CYS C 500 -18.67 7.14 20.10
CA CYS C 500 -19.30 8.43 20.34
C CYS C 500 -20.81 8.42 20.06
N PHE C 501 -21.38 7.28 19.66
CA PHE C 501 -22.82 7.15 19.55
C PHE C 501 -23.48 7.17 20.93
N ASP C 502 -22.69 6.99 22.01
CA ASP C 502 -23.22 7.02 23.36
C ASP C 502 -22.54 8.14 24.15
N ALA C 503 -23.33 8.89 24.91
CA ALA C 503 -22.86 10.01 25.69
C ALA C 503 -21.77 9.58 26.67
N ALA C 504 -21.86 8.33 27.15
CA ALA C 504 -20.96 7.81 28.16
C ALA C 504 -19.49 7.82 27.72
N ASN C 505 -19.22 7.75 26.41
CA ASN C 505 -17.86 7.64 25.90
C ASN C 505 -17.38 8.97 25.31
N ARG C 506 -18.11 10.06 25.53
CA ARG C 506 -17.81 11.32 24.87
C ARG C 506 -17.12 12.24 25.86
N THR C 507 -16.17 13.05 25.36
CA THR C 507 -15.56 14.08 26.19
C THR C 507 -16.66 15.03 26.69
N PRO C 508 -16.42 15.77 27.79
CA PRO C 508 -17.40 16.75 28.25
C PRO C 508 -17.71 17.76 27.16
N GLN C 509 -16.68 18.18 26.42
CA GLN C 509 -16.86 19.20 25.39
C GLN C 509 -17.74 18.64 24.25
N GLN C 510 -17.46 17.40 23.86
CA GLN C 510 -18.28 16.72 22.88
C GLN C 510 -19.74 16.66 23.32
N ASN C 511 -20.00 16.51 24.63
CA ASN C 511 -21.36 16.41 25.13
C ASN C 511 -21.99 17.81 25.20
N GLU C 512 -21.18 18.83 25.46
CA GLU C 512 -21.67 20.21 25.42
C GLU C 512 -22.17 20.52 24.01
N ALA C 513 -21.36 20.18 23.00
CA ALA C 513 -21.69 20.40 21.60
C ALA C 513 -22.93 19.60 21.19
N PHE C 514 -22.93 18.30 21.50
CA PHE C 514 -24.02 17.44 21.10
C PHE C 514 -25.32 17.92 21.74
N SER C 515 -25.27 18.30 23.02
CA SER C 515 -26.47 18.67 23.76
C SER C 515 -27.06 19.97 23.22
N PHE C 516 -26.18 20.87 22.77
CA PHE C 516 -26.63 22.16 22.23
C PHE C 516 -27.41 21.96 20.93
N MET C 517 -26.80 21.22 19.97
CA MET C 517 -27.45 20.98 18.69
C MET C 517 -28.76 20.23 18.91
N GLN C 518 -28.76 19.28 19.86
CA GLN C 518 -29.93 18.45 20.12
C GLN C 518 -31.06 19.30 20.69
N LYS C 519 -30.73 20.26 21.56
CA LYS C 519 -31.74 21.15 22.09
C LYS C 519 -32.44 21.83 20.91
N LEU C 520 -31.64 22.49 20.05
CA LEU C 520 -32.19 23.26 18.92
C LEU C 520 -33.01 22.34 18.01
N LEU C 521 -32.45 21.21 17.60
CA LEU C 521 -33.10 20.31 16.67
C LEU C 521 -34.41 19.76 17.23
N GLN C 522 -34.40 19.35 18.50
CA GLN C 522 -35.56 18.73 19.13
C GLN C 522 -36.67 19.76 19.23
N TRP C 523 -36.29 21.03 19.49
CA TRP C 523 -37.23 22.13 19.59
C TRP C 523 -37.76 22.53 18.24
N ARG C 524 -36.91 22.47 17.20
CA ARG C 524 -37.28 22.87 15.85
C ARG C 524 -38.26 21.88 15.27
N LYS C 525 -38.04 20.58 15.48
CA LYS C 525 -38.91 19.54 14.94
C LYS C 525 -40.35 19.85 15.36
N GLY C 526 -41.28 19.83 14.40
CA GLY C 526 -42.69 20.10 14.64
C GLY C 526 -43.02 21.58 14.86
N ASN C 527 -41.99 22.45 14.99
CA ASN C 527 -42.21 23.85 15.29
C ASN C 527 -42.66 24.62 14.05
N GLU C 528 -43.95 24.99 14.02
CA GLU C 528 -44.55 25.68 12.89
C GLU C 528 -43.98 27.10 12.71
N VAL C 529 -43.50 27.73 13.79
CA VAL C 529 -42.97 29.08 13.67
C VAL C 529 -41.76 29.09 12.74
N ILE C 530 -40.83 28.16 12.94
CA ILE C 530 -39.61 28.13 12.15
C ILE C 530 -39.91 27.58 10.76
N ALA C 531 -40.83 26.62 10.71
CA ALA C 531 -41.11 25.94 9.46
C ALA C 531 -41.85 26.86 8.49
N LYS C 532 -42.74 27.72 8.97
CA LYS C 532 -43.64 28.44 8.08
C LYS C 532 -43.68 29.94 8.35
N GLY C 533 -42.96 30.43 9.35
CA GLY C 533 -43.19 31.78 9.83
C GLY C 533 -42.47 32.81 8.96
N GLN C 534 -43.00 34.03 8.96
CA GLN C 534 -42.34 35.19 8.38
C GLN C 534 -41.01 35.34 9.06
N LEU C 535 -40.11 36.09 8.40
CA LEU C 535 -38.83 36.44 8.94
C LEU C 535 -38.75 37.96 8.94
N LYS C 536 -38.21 38.52 10.03
CA LYS C 536 -37.96 39.95 10.13
C LYS C 536 -36.67 40.12 10.88
N HIS C 537 -35.73 40.92 10.32
CA HIS C 537 -34.43 41.11 10.93
C HIS C 537 -34.11 42.59 11.02
N PHE C 538 -33.06 42.87 11.81
CA PHE C 538 -32.56 44.20 12.09
C PHE C 538 -31.07 44.23 11.74
N ALA C 539 -30.60 45.36 11.24
CA ALA C 539 -29.17 45.56 11.06
C ALA C 539 -28.49 45.33 12.42
N PRO C 540 -27.29 44.74 12.43
CA PRO C 540 -26.49 44.69 13.63
C PRO C 540 -26.51 46.04 14.35
N ASN C 541 -26.80 45.97 15.65
CA ASN C 541 -26.95 47.11 16.54
C ASN C 541 -25.82 47.01 17.58
N LYS C 542 -24.82 47.86 17.45
CA LYS C 542 -23.63 47.79 18.29
C LYS C 542 -23.17 46.33 18.32
N GLY C 543 -23.20 45.68 17.16
CA GLY C 543 -22.62 44.36 17.00
C GLY C 543 -23.64 43.23 17.16
N VAL C 544 -24.89 43.55 17.50
CA VAL C 544 -25.87 42.53 17.84
C VAL C 544 -26.91 42.41 16.73
N TYR C 545 -26.96 41.23 16.12
CA TYR C 545 -27.93 40.90 15.09
C TYR C 545 -29.16 40.31 15.76
N VAL C 546 -30.35 40.79 15.40
CA VAL C 546 -31.61 40.41 16.03
C VAL C 546 -32.61 40.09 14.92
N TYR C 547 -33.37 39.01 15.07
CA TYR C 547 -34.43 38.73 14.11
C TYR C 547 -35.55 37.90 14.74
N GLU C 548 -36.67 37.84 14.02
CA GLU C 548 -37.93 37.29 14.53
C GLU C 548 -38.48 36.33 13.47
N ARG C 549 -38.90 35.14 13.94
CA ARG C 549 -39.77 34.29 13.15
C ARG C 549 -41.14 34.33 13.82
N LYS C 550 -42.21 34.41 13.01
CA LYS C 550 -43.54 34.66 13.53
C LYS C 550 -44.57 33.98 12.63
N TYR C 551 -45.39 33.11 13.23
CA TYR C 551 -46.50 32.48 12.54
C TYR C 551 -47.76 32.64 13.38
N GLY C 552 -48.81 33.24 12.79
CA GLY C 552 -49.96 33.64 13.56
C GLY C 552 -49.55 34.52 14.73
N ASP C 553 -49.81 34.04 15.96
CA ASP C 553 -49.53 34.85 17.15
C ASP C 553 -48.33 34.30 17.92
N LYS C 554 -47.86 33.10 17.57
CA LYS C 554 -46.68 32.54 18.21
C LYS C 554 -45.47 33.12 17.47
N SER C 555 -44.42 33.49 18.23
CA SER C 555 -43.23 34.06 17.61
C SER C 555 -41.98 33.68 18.38
N VAL C 556 -40.83 33.79 17.71
CA VAL C 556 -39.52 33.50 18.28
C VAL C 556 -38.58 34.62 17.91
N VAL C 557 -37.70 35.00 18.83
CA VAL C 557 -36.77 36.09 18.58
C VAL C 557 -35.36 35.66 18.95
N VAL C 558 -34.41 35.89 18.05
CA VAL C 558 -33.02 35.52 18.25
C VAL C 558 -32.21 36.80 18.44
N PHE C 559 -31.30 36.77 19.42
CA PHE C 559 -30.27 37.77 19.57
C PHE C 559 -28.94 37.04 19.43
N LEU C 560 -28.05 37.56 18.58
CA LEU C 560 -26.69 37.04 18.46
C LEU C 560 -25.78 38.22 18.64
N ASN C 561 -24.96 38.15 19.68
CA ASN C 561 -23.98 39.18 19.92
C ASN C 561 -22.75 38.83 19.09
N GLY C 562 -22.39 39.76 18.18
CA GLY C 562 -21.41 39.50 17.15
C GLY C 562 -20.02 39.98 17.53
N ASN C 563 -19.72 39.99 18.84
CA ASN C 563 -18.43 40.44 19.31
C ASN C 563 -18.01 39.67 20.55
N ASP C 564 -16.70 39.70 20.78
CA ASP C 564 -16.04 39.10 21.92
C ASP C 564 -16.03 40.05 23.11
N ARG C 565 -17.21 40.51 23.56
CA ARG C 565 -17.31 41.50 24.63
C ARG C 565 -18.77 41.67 25.06
N GLU C 566 -19.00 42.32 26.20
CA GLU C 566 -20.34 42.56 26.69
C GLU C 566 -20.92 43.75 25.94
N GLN C 567 -22.22 43.72 25.64
CA GLN C 567 -22.90 44.81 24.98
C GLN C 567 -24.32 44.94 25.50
N THR C 568 -24.63 46.17 25.92
CA THR C 568 -26.01 46.51 26.22
C THR C 568 -26.56 47.25 25.01
N ILE C 569 -27.82 46.96 24.68
CA ILE C 569 -28.50 47.65 23.59
C ILE C 569 -29.84 48.16 24.09
N ASP C 570 -30.29 49.25 23.47
CA ASP C 570 -31.62 49.79 23.66
C ASP C 570 -32.60 48.86 22.93
N LEU C 571 -33.71 48.53 23.59
CA LEU C 571 -34.71 47.62 23.05
C LEU C 571 -35.84 48.39 22.36
N VAL C 572 -35.83 49.73 22.39
CA VAL C 572 -36.91 50.50 21.81
C VAL C 572 -37.03 50.16 20.31
N PRO C 573 -35.93 50.09 19.54
CA PRO C 573 -36.00 49.62 18.15
C PRO C 573 -36.83 48.38 17.89
N TYR C 574 -36.79 47.41 18.82
CA TYR C 574 -37.37 46.10 18.57
C TYR C 574 -38.82 46.01 19.07
N GLN C 575 -39.44 47.13 19.44
CA GLN C 575 -40.76 47.08 20.05
C GLN C 575 -41.73 46.24 19.22
N GLU C 576 -41.61 46.30 17.91
CA GLU C 576 -42.56 45.66 17.02
C GLU C 576 -42.39 44.14 17.00
N ILE C 577 -41.28 43.60 17.58
CA ILE C 577 -41.14 42.15 17.67
C ILE C 577 -41.07 41.67 19.14
N LEU C 578 -41.28 42.56 20.11
CA LEU C 578 -41.26 42.19 21.52
C LEU C 578 -42.63 42.44 22.14
N PRO C 579 -43.57 41.48 22.02
CA PRO C 579 -44.96 41.73 22.43
C PRO C 579 -45.23 41.61 23.93
N ALA C 580 -44.18 41.46 24.74
CA ALA C 580 -44.31 41.34 26.19
C ALA C 580 -43.00 41.73 26.85
N SER C 581 -43.09 42.00 28.15
CA SER C 581 -42.00 42.60 28.92
C SER C 581 -41.01 41.55 29.41
N SER C 582 -41.28 40.27 29.09
CA SER C 582 -40.39 39.18 29.41
C SER C 582 -40.65 38.01 28.48
N ALA C 583 -39.70 37.06 28.47
CA ALA C 583 -39.85 35.85 27.69
C ALA C 583 -38.92 34.75 28.21
N PHE C 584 -39.11 33.54 27.66
CA PHE C 584 -38.36 32.37 28.10
C PHE C 584 -37.26 32.08 27.09
N ASP C 585 -35.99 32.11 27.53
CA ASP C 585 -34.86 31.69 26.70
C ASP C 585 -34.84 30.17 26.62
N LEU C 586 -34.93 29.61 25.40
CA LEU C 586 -34.94 28.17 25.21
C LEU C 586 -33.56 27.57 25.53
N LEU C 587 -32.50 28.36 25.53
CA LEU C 587 -31.14 27.80 25.63
C LEU C 587 -30.76 27.56 27.09
N THR C 588 -30.91 28.59 27.94
CA THR C 588 -30.61 28.48 29.36
C THR C 588 -31.86 28.07 30.15
N GLU C 589 -33.02 28.03 29.49
CA GLU C 589 -34.30 27.70 30.09
C GLU C 589 -34.64 28.66 31.24
N LYS C 590 -34.14 29.91 31.17
CA LYS C 590 -34.43 30.92 32.15
C LYS C 590 -35.37 31.99 31.58
N LYS C 591 -35.99 32.78 32.48
CA LYS C 591 -36.76 33.95 32.09
C LYS C 591 -35.81 35.09 31.79
N VAL C 592 -36.12 35.87 30.74
CA VAL C 592 -35.32 37.05 30.38
C VAL C 592 -36.25 38.27 30.42
N GLU C 593 -35.79 39.32 31.09
CA GLU C 593 -36.56 40.54 31.28
C GLU C 593 -36.31 41.48 30.09
N LEU C 594 -37.41 41.92 29.46
CA LEU C 594 -37.33 42.75 28.26
C LEU C 594 -37.91 44.13 28.56
N ARG C 595 -37.10 44.98 29.17
CA ARG C 595 -37.54 46.27 29.67
C ARG C 595 -36.43 47.28 29.42
N ASN C 596 -36.63 48.09 28.37
CA ASN C 596 -35.81 49.26 28.07
C ASN C 596 -34.46 48.89 27.45
N GLU C 597 -33.72 47.98 28.07
CA GLU C 597 -32.38 47.63 27.63
C GLU C 597 -32.15 46.14 27.87
N LEU C 598 -31.09 45.60 27.24
CA LEU C 598 -30.75 44.20 27.35
C LEU C 598 -29.23 44.02 27.17
N THR C 599 -28.61 43.28 28.11
CA THR C 599 -27.18 43.14 28.17
C THR C 599 -26.81 41.75 27.70
N LEU C 600 -25.88 41.68 26.74
CA LEU C 600 -25.44 40.40 26.24
C LEU C 600 -23.96 40.21 26.59
N PRO C 601 -23.62 39.17 27.38
CA PRO C 601 -22.22 38.74 27.54
C PRO C 601 -21.55 38.48 26.20
N SER C 602 -20.21 38.41 26.22
CA SER C 602 -19.43 37.99 25.06
C SER C 602 -20.10 36.83 24.33
N ARG C 603 -20.42 37.04 23.04
CA ARG C 603 -20.92 36.00 22.14
C ARG C 603 -22.21 35.36 22.65
N GLU C 604 -23.01 36.12 23.41
CA GLU C 604 -24.22 35.56 23.96
C GLU C 604 -25.20 35.24 22.82
N ILE C 605 -26.10 34.30 23.11
CA ILE C 605 -27.22 33.94 22.27
C ILE C 605 -28.48 33.94 23.14
N TYR C 606 -29.54 34.61 22.68
CA TYR C 606 -30.86 34.44 23.26
C TYR C 606 -31.82 33.90 22.21
N LEU C 607 -32.63 32.91 22.61
CA LEU C 607 -33.67 32.37 21.75
C LEU C 607 -35.00 32.43 22.48
N LEU C 608 -35.77 33.49 22.26
CA LEU C 608 -36.91 33.86 23.09
C LEU C 608 -38.24 33.44 22.46
N SER C 609 -39.17 32.98 23.32
CA SER C 609 -40.50 32.58 22.85
C SER C 609 -41.57 33.57 23.32
N PHE C 610 -42.63 33.71 22.52
CA PHE C 610 -43.81 34.46 22.91
C PHE C 610 -45.09 33.84 22.24
N SER D 17 18.11 35.12 -8.06
CA SER D 17 19.07 36.09 -8.66
C SER D 17 19.20 35.84 -10.17
N THR D 18 20.41 35.95 -10.72
CA THR D 18 20.61 36.25 -12.13
C THR D 18 20.57 34.96 -12.98
N ILE D 19 20.60 33.77 -12.34
CA ILE D 19 20.96 32.54 -13.01
C ILE D 19 19.71 31.72 -13.30
N LYS D 20 19.41 31.53 -14.60
CA LYS D 20 18.25 30.77 -15.04
C LYS D 20 18.56 29.26 -15.09
N LYS D 21 19.72 28.86 -15.64
CA LYS D 21 19.98 27.44 -15.90
C LYS D 21 21.45 27.08 -15.65
N VAL D 22 21.65 25.92 -15.00
CA VAL D 22 22.96 25.43 -14.62
C VAL D 22 23.09 23.98 -15.12
N ALA D 23 24.12 23.73 -15.96
CA ALA D 23 24.31 22.38 -16.51
C ALA D 23 25.74 21.92 -16.33
N PRO D 24 25.97 20.66 -15.90
CA PRO D 24 24.91 19.77 -15.41
C PRO D 24 24.33 20.25 -14.07
N THR D 25 23.15 19.72 -13.70
CA THR D 25 22.47 20.07 -12.46
C THR D 25 23.46 19.88 -11.29
N PHE D 26 24.15 18.74 -11.31
CA PHE D 26 25.21 18.45 -10.36
C PHE D 26 26.12 17.38 -10.96
N TRP D 27 27.22 17.08 -10.27
CA TRP D 27 28.17 16.08 -10.73
C TRP D 27 28.58 15.17 -9.57
N TRP D 28 29.60 14.35 -9.81
CA TRP D 28 30.12 13.41 -8.84
C TRP D 28 31.61 13.61 -8.69
N ALA D 29 32.12 13.18 -7.52
CA ALA D 29 33.56 13.10 -7.32
C ALA D 29 34.04 11.75 -7.79
N GLY D 30 35.30 11.72 -8.26
CA GLY D 30 35.98 10.48 -8.60
C GLY D 30 35.47 9.81 -9.87
N MET D 31 35.08 10.62 -10.87
CA MET D 31 34.86 10.10 -12.22
C MET D 31 36.23 9.85 -12.84
N LYS D 32 36.34 8.90 -13.78
CA LYS D 32 37.61 8.61 -14.42
C LYS D 32 38.16 9.86 -15.12
N ASN D 33 37.30 10.54 -15.89
CA ASN D 33 37.63 11.84 -16.42
C ASN D 33 37.42 12.90 -15.33
N PRO D 34 38.48 13.57 -14.87
CA PRO D 34 38.32 14.54 -13.77
C PRO D 34 37.84 15.93 -14.18
N GLU D 35 37.63 16.15 -15.48
CA GLU D 35 37.24 17.47 -15.96
C GLU D 35 35.72 17.63 -15.80
N LEU D 36 35.27 18.82 -15.42
CA LEU D 36 33.85 19.12 -15.35
C LEU D 36 33.61 20.46 -16.05
N GLN D 37 32.75 20.43 -17.07
CA GLN D 37 32.30 21.66 -17.69
C GLN D 37 30.99 22.04 -17.03
N ILE D 38 30.92 23.25 -16.48
CA ILE D 38 29.68 23.78 -15.96
C ILE D 38 29.28 24.94 -16.87
N LEU D 39 28.09 24.81 -17.49
CA LEU D 39 27.53 25.84 -18.34
C LEU D 39 26.55 26.67 -17.52
N LEU D 40 26.79 27.98 -17.46
CA LEU D 40 25.92 28.90 -16.73
C LEU D 40 25.16 29.77 -17.73
N TYR D 41 23.84 29.90 -17.49
CA TYR D 41 22.95 30.71 -18.30
C TYR D 41 22.17 31.70 -17.43
N GLY D 42 22.28 32.99 -17.72
CA GLY D 42 21.56 34.02 -16.99
C GLY D 42 21.57 35.36 -17.72
N ASP D 43 21.20 36.43 -17.00
CA ASP D 43 21.08 37.75 -17.57
C ASP D 43 22.44 38.45 -17.56
N ARG D 44 22.93 38.81 -18.74
CA ARG D 44 24.23 39.45 -18.94
C ARG D 44 25.23 39.06 -17.85
N ILE D 45 25.61 37.76 -17.79
CA ILE D 45 26.51 37.26 -16.77
C ILE D 45 27.95 37.20 -17.27
N SER D 46 28.20 37.41 -18.57
CA SER D 46 29.45 36.99 -19.19
C SER D 46 30.63 37.86 -18.78
N SER D 47 30.37 39.06 -18.28
CA SER D 47 31.43 39.99 -17.89
C SER D 47 31.92 39.68 -16.47
N ALA D 48 31.19 38.81 -15.77
CA ALA D 48 31.42 38.58 -14.34
C ALA D 48 32.85 38.10 -14.08
N ASP D 49 33.35 38.36 -12.87
CA ASP D 49 34.55 37.72 -12.36
C ASP D 49 34.13 36.48 -11.59
N VAL D 50 34.69 35.33 -11.95
CA VAL D 50 34.27 34.06 -11.40
C VAL D 50 35.33 33.58 -10.42
N SER D 51 34.86 33.02 -9.30
CA SER D 51 35.71 32.35 -8.33
C SER D 51 34.93 31.20 -7.71
N LEU D 52 35.64 30.37 -6.93
CA LEU D 52 35.06 29.28 -6.21
C LEU D 52 35.30 29.42 -4.70
N SER D 53 34.33 28.95 -3.92
CA SER D 53 34.53 28.63 -2.53
C SER D 53 34.35 27.12 -2.40
N ALA D 54 35.49 26.39 -2.34
CA ALA D 54 35.45 24.95 -2.41
C ALA D 54 36.67 24.31 -1.76
N ASP D 55 36.67 22.98 -1.72
CA ASP D 55 37.74 22.18 -1.16
C ASP D 55 38.41 21.39 -2.29
N ASN D 56 39.58 21.88 -2.74
CA ASN D 56 40.42 21.16 -3.68
C ASN D 56 39.74 20.99 -5.05
N ILE D 57 39.27 22.13 -5.55
CA ILE D 57 38.75 22.21 -6.90
C ILE D 57 39.48 23.36 -7.57
N THR D 58 39.99 23.13 -8.77
CA THR D 58 40.64 24.17 -9.54
C THR D 58 39.67 24.65 -10.61
N LEU D 59 39.44 25.97 -10.64
CA LEU D 59 38.82 26.63 -11.79
C LEU D 59 39.91 26.84 -12.83
N GLN D 60 39.90 26.05 -13.91
CA GLN D 60 40.98 26.07 -14.88
C GLN D 60 40.82 27.26 -15.82
N GLU D 61 39.57 27.52 -16.27
CA GLU D 61 39.31 28.60 -17.19
C GLU D 61 37.83 28.94 -17.21
N VAL D 62 37.58 30.18 -17.60
CA VAL D 62 36.24 30.69 -17.87
C VAL D 62 36.20 31.16 -19.32
N VAL D 63 35.20 30.68 -20.08
CA VAL D 63 35.11 30.97 -21.50
C VAL D 63 33.93 31.91 -21.75
N LYS D 64 34.23 33.05 -22.40
CA LYS D 64 33.24 34.05 -22.78
C LYS D 64 33.00 33.95 -24.28
N GLN D 65 31.75 34.15 -24.69
CA GLN D 65 31.35 34.02 -26.09
C GLN D 65 30.42 35.18 -26.47
N GLU D 66 30.11 35.30 -27.77
CA GLU D 66 29.31 36.40 -28.31
C GLU D 66 28.12 36.70 -27.41
N ASN D 67 27.34 35.66 -27.07
CA ASN D 67 26.16 35.88 -26.27
C ASN D 67 26.55 36.17 -24.83
N PRO D 68 26.17 37.33 -24.25
CA PRO D 68 26.55 37.64 -22.88
C PRO D 68 25.74 36.92 -21.79
N ASN D 69 24.79 36.07 -22.20
CA ASN D 69 23.95 35.37 -21.24
C ASN D 69 24.61 34.07 -20.74
N TYR D 70 25.83 33.77 -21.21
CA TYR D 70 26.45 32.49 -20.90
C TYR D 70 27.86 32.69 -20.35
N LEU D 71 28.23 31.76 -19.45
CA LEU D 71 29.62 31.50 -19.13
C LEU D 71 29.84 30.00 -19.22
N VAL D 72 31.03 29.60 -19.71
CA VAL D 72 31.43 28.20 -19.67
C VAL D 72 32.62 28.06 -18.71
N LEU D 73 32.43 27.26 -17.66
CA LEU D 73 33.47 27.01 -16.68
C LEU D 73 34.04 25.62 -16.90
N TYR D 74 35.38 25.52 -16.80
CA TYR D 74 36.06 24.24 -16.77
C TYR D 74 36.74 24.07 -15.42
N LEU D 75 36.29 23.06 -14.66
CA LEU D 75 36.85 22.74 -13.37
C LEU D 75 37.66 21.46 -13.47
N ASP D 76 38.73 21.36 -12.66
CA ASP D 76 39.48 20.12 -12.46
C ASP D 76 39.13 19.53 -11.10
N LEU D 77 38.64 18.28 -11.10
CA LEU D 77 38.12 17.62 -9.91
C LEU D 77 39.04 16.49 -9.45
N SER D 78 40.30 16.48 -9.91
CA SER D 78 41.13 15.29 -9.74
C SER D 78 41.45 15.06 -8.26
N LYS D 79 41.55 16.15 -7.48
CA LYS D 79 41.97 16.10 -6.09
C LYS D 79 40.77 16.31 -5.15
N ALA D 80 39.54 16.16 -5.64
CA ALA D 80 38.38 16.69 -4.92
C ALA D 80 37.52 15.56 -4.39
N ALA D 81 37.02 15.74 -3.17
CA ALA D 81 36.14 14.76 -2.58
C ALA D 81 34.69 15.27 -2.65
N PRO D 82 33.71 14.38 -2.44
CA PRO D 82 32.30 14.78 -2.40
C PRO D 82 32.15 15.99 -1.48
N GLN D 83 31.32 16.95 -1.87
CA GLN D 83 31.20 18.20 -1.13
C GLN D 83 30.09 19.06 -1.74
N ASN D 84 29.66 20.09 -1.01
CA ASN D 84 28.91 21.20 -1.55
C ASN D 84 29.83 22.39 -1.63
N PHE D 85 29.73 23.17 -2.72
CA PHE D 85 30.63 24.27 -2.94
C PHE D 85 29.86 25.36 -3.66
N ASP D 86 30.46 26.55 -3.74
CA ASP D 86 29.79 27.71 -4.28
C ASP D 86 30.60 28.25 -5.45
N ILE D 87 29.89 28.64 -6.52
CA ILE D 87 30.43 29.39 -7.63
C ILE D 87 30.02 30.84 -7.41
N ILE D 88 30.95 31.76 -7.58
CA ILE D 88 30.73 33.14 -7.15
C ILE D 88 31.01 34.09 -8.31
N LEU D 89 29.95 34.80 -8.73
CA LEU D 89 30.03 35.79 -9.79
C LEU D 89 29.96 37.19 -9.18
N LYS D 90 31.01 37.98 -9.40
CA LYS D 90 31.10 39.35 -8.87
C LYS D 90 31.08 40.32 -10.05
N GLN D 91 30.02 41.14 -10.13
CA GLN D 91 29.90 42.18 -11.15
C GLN D 91 29.71 43.54 -10.46
N GLY D 92 30.73 44.41 -10.51
CA GLY D 92 30.66 45.70 -9.86
C GLY D 92 30.38 45.56 -8.36
N LYS D 93 29.17 45.96 -7.92
CA LYS D 93 28.79 45.84 -6.51
C LYS D 93 28.09 44.50 -6.26
N LYS D 94 27.39 43.98 -7.28
CA LYS D 94 26.53 42.80 -7.15
C LYS D 94 27.37 41.52 -7.07
N GLN D 95 26.90 40.55 -6.28
CA GLN D 95 27.54 39.25 -6.14
C GLN D 95 26.47 38.15 -6.13
N THR D 96 26.63 37.13 -6.99
CA THR D 96 25.73 35.97 -7.01
C THR D 96 26.48 34.73 -6.50
N LYS D 97 25.87 34.00 -5.56
CA LYS D 97 26.44 32.75 -5.06
C LYS D 97 25.64 31.59 -5.65
N ILE D 98 26.26 30.76 -6.49
CA ILE D 98 25.60 29.62 -7.09
C ILE D 98 26.09 28.37 -6.38
N PRO D 99 25.21 27.65 -5.64
CA PRO D 99 25.63 26.41 -4.98
C PRO D 99 25.75 25.28 -6.00
N TYR D 100 26.62 24.30 -5.71
CA TYR D 100 26.85 23.16 -6.59
C TYR D 100 27.29 21.94 -5.76
N GLU D 101 26.75 20.77 -6.10
CA GLU D 101 27.02 19.56 -5.37
C GLU D 101 27.89 18.59 -6.16
N LEU D 102 28.94 18.06 -5.51
CA LEU D 102 29.63 16.87 -5.97
C LEU D 102 29.13 15.68 -5.15
N LYS D 103 28.27 14.86 -5.74
CA LYS D 103 27.74 13.71 -5.03
C LYS D 103 28.84 12.67 -4.88
N GLN D 104 28.58 11.67 -4.05
CA GLN D 104 29.46 10.56 -3.85
C GLN D 104 28.92 9.41 -4.67
N ARG D 105 29.79 8.73 -5.40
CA ARG D 105 29.38 7.66 -6.29
C ARG D 105 28.96 6.44 -5.49
N ARG D 106 27.83 5.84 -5.86
CA ARG D 106 27.52 4.47 -5.50
C ARG D 106 28.79 3.65 -5.64
N PRO D 107 29.01 2.62 -4.80
CA PRO D 107 30.10 1.68 -5.04
C PRO D 107 29.77 0.85 -6.28
N ASN D 108 30.80 0.59 -7.11
CA ASN D 108 30.69 -0.24 -8.30
C ASN D 108 29.78 0.38 -9.37
N ALA D 109 29.64 1.71 -9.42
CA ALA D 109 28.88 2.37 -10.46
C ALA D 109 29.51 2.10 -11.84
N SER D 110 30.85 2.13 -11.87
CA SER D 110 31.65 1.80 -13.03
C SER D 110 31.31 0.43 -13.60
N ALA D 111 30.85 -0.50 -12.76
CA ALA D 111 30.79 -1.89 -13.20
C ALA D 111 29.39 -2.29 -13.65
N VAL D 112 28.53 -1.30 -13.90
CA VAL D 112 27.19 -1.59 -14.34
C VAL D 112 27.26 -2.45 -15.61
N GLU D 113 26.46 -3.53 -15.63
CA GLU D 113 26.34 -4.38 -16.80
C GLU D 113 25.77 -3.57 -17.97
N GLY D 114 26.23 -3.94 -19.18
CA GLY D 114 25.64 -3.46 -20.42
C GLY D 114 24.53 -4.39 -20.84
N PHE D 115 24.24 -4.45 -22.16
CA PHE D 115 23.38 -5.49 -22.69
C PHE D 115 24.06 -6.13 -23.90
N ASP D 116 23.58 -7.31 -24.29
CA ASP D 116 24.32 -8.14 -25.22
C ASP D 116 23.37 -9.20 -25.76
N SER D 117 23.92 -10.20 -26.47
CA SER D 117 23.09 -11.14 -27.22
C SER D 117 22.32 -12.08 -26.31
N SER D 118 22.62 -12.07 -25.01
CA SER D 118 21.81 -12.81 -24.05
C SER D 118 20.50 -12.07 -23.79
N ASP D 119 20.45 -10.79 -24.16
CA ASP D 119 19.29 -9.97 -23.88
C ASP D 119 18.31 -9.95 -25.07
N VAL D 120 17.07 -9.52 -24.77
CA VAL D 120 16.09 -9.12 -25.76
C VAL D 120 15.50 -7.80 -25.28
N LEU D 121 15.45 -6.81 -26.17
CA LEU D 121 15.03 -5.46 -25.80
C LEU D 121 13.57 -5.23 -26.20
N TYR D 122 12.83 -4.55 -25.32
CA TYR D 122 11.42 -4.25 -25.53
C TYR D 122 11.27 -2.74 -25.69
N LEU D 123 10.92 -2.31 -26.91
CA LEU D 123 10.97 -0.90 -27.25
C LEU D 123 9.61 -0.25 -26.98
N ILE D 124 9.61 0.82 -26.18
CA ILE D 124 8.42 1.49 -25.70
C ILE D 124 8.50 2.99 -26.01
N MET D 125 7.44 3.51 -26.63
CA MET D 125 7.24 4.94 -26.80
C MET D 125 6.43 5.45 -25.60
N PRO D 126 7.05 6.12 -24.61
CA PRO D 126 6.39 6.40 -23.32
C PRO D 126 4.99 7.02 -23.37
N ASP D 127 4.82 8.01 -24.26
CA ASP D 127 3.55 8.71 -24.35
C ASP D 127 2.43 7.82 -24.85
N ARG D 128 2.72 6.57 -25.26
CA ARG D 128 1.75 5.74 -25.96
C ARG D 128 1.67 4.35 -25.35
N PHE D 129 2.27 4.16 -24.16
CA PHE D 129 2.29 2.84 -23.55
C PHE D 129 1.23 2.77 -22.45
N ALA D 130 1.37 3.61 -21.40
CA ALA D 130 0.41 3.58 -20.30
C ALA D 130 0.36 4.90 -19.55
N ASN D 131 -0.87 5.32 -19.21
CA ASN D 131 -1.13 6.52 -18.44
C ASN D 131 -1.41 6.11 -17.00
N GLY D 132 -0.39 6.23 -16.15
CA GLY D 132 -0.49 5.82 -14.76
C GLY D 132 -0.73 7.02 -13.84
N ASN D 133 -0.65 8.24 -14.39
CA ASN D 133 -0.94 9.44 -13.65
C ASN D 133 -1.53 10.49 -14.59
N PRO D 134 -2.88 10.60 -14.70
CA PRO D 134 -3.49 11.54 -15.63
C PRO D 134 -3.29 13.02 -15.28
N SER D 135 -2.87 13.30 -14.04
CA SER D 135 -2.72 14.67 -13.56
C SER D 135 -1.58 15.41 -14.27
N ASN D 136 -0.67 14.66 -14.90
CA ASN D 136 0.49 15.26 -15.55
C ASN D 136 0.32 15.28 -17.07
N ASP D 137 -0.83 14.83 -17.59
CA ASP D 137 -1.08 14.84 -19.02
C ASP D 137 -0.94 16.26 -19.58
N ILE D 138 -1.35 17.26 -18.81
CA ILE D 138 -1.15 18.65 -19.21
C ILE D 138 -0.38 19.33 -18.09
N ILE D 139 0.62 20.15 -18.46
CA ILE D 139 1.45 20.83 -17.49
C ILE D 139 1.38 22.33 -17.76
N PRO D 140 0.88 23.12 -16.79
CA PRO D 140 0.75 24.57 -16.97
C PRO D 140 2.09 25.15 -17.39
N GLY D 141 2.08 25.98 -18.43
CA GLY D 141 3.26 26.71 -18.85
C GLY D 141 3.93 26.10 -20.07
N MET D 142 3.78 24.78 -20.24
CA MET D 142 4.38 24.08 -21.37
C MET D 142 3.65 24.48 -22.67
N LEU D 143 4.44 24.65 -23.74
CA LEU D 143 3.99 25.23 -25.00
C LEU D 143 2.90 24.40 -25.67
N GLU D 144 2.94 23.08 -25.52
CA GLU D 144 1.90 22.23 -26.08
C GLU D 144 0.95 21.88 -24.96
N GLY D 145 -0.19 22.60 -24.92
CA GLY D 145 -1.10 22.57 -23.80
C GLY D 145 -2.33 21.70 -24.08
N ASN D 146 -2.20 20.70 -24.95
CA ASN D 146 -3.33 19.83 -25.27
C ASN D 146 -2.94 18.38 -25.07
N VAL D 147 -3.93 17.52 -24.76
CA VAL D 147 -3.87 16.10 -25.06
C VAL D 147 -5.11 15.73 -25.86
N ASP D 148 -4.97 14.74 -26.74
CA ASP D 148 -6.04 14.33 -27.62
C ASP D 148 -5.72 12.94 -28.15
N ARG D 149 -6.30 11.91 -27.51
CA ARG D 149 -6.03 10.53 -27.87
C ARG D 149 -6.57 10.16 -29.25
N ASN D 150 -7.36 11.04 -29.87
CA ASN D 150 -7.93 10.76 -31.19
C ASN D 150 -7.11 11.45 -32.29
N GLU D 151 -6.09 12.23 -31.91
CA GLU D 151 -5.15 12.80 -32.87
C GLU D 151 -3.84 12.00 -32.84
N PRO D 152 -3.44 11.34 -33.95
CA PRO D 152 -2.19 10.55 -33.97
C PRO D 152 -0.91 11.33 -33.61
N PHE D 153 -0.87 12.63 -33.91
CA PHE D 153 0.33 13.44 -33.74
C PHE D 153 0.26 14.33 -32.49
N ALA D 154 -0.67 14.04 -31.58
CA ALA D 154 -0.79 14.81 -30.35
C ALA D 154 -0.38 13.94 -29.18
N ARG D 155 -0.14 14.59 -28.04
CA ARG D 155 0.17 13.87 -26.81
C ARG D 155 -1.08 13.10 -26.39
N HIS D 156 -0.88 11.89 -25.87
CA HIS D 156 -1.95 11.01 -25.43
C HIS D 156 -1.93 10.80 -23.91
N GLY D 157 -0.81 11.12 -23.26
CA GLY D 157 -0.74 11.19 -21.80
C GLY D 157 0.00 10.01 -21.18
N GLY D 158 0.73 9.19 -21.97
CA GLY D 158 1.53 8.12 -21.40
C GLY D 158 2.62 8.68 -20.48
N ASP D 159 3.06 7.88 -19.50
CA ASP D 159 4.04 8.36 -18.53
C ASP D 159 4.83 7.20 -17.90
N LEU D 160 5.80 7.60 -17.07
CA LEU D 160 6.73 6.67 -16.43
C LEU D 160 5.99 5.76 -15.44
N LYS D 161 5.07 6.36 -14.66
CA LYS D 161 4.26 5.61 -13.72
C LYS D 161 3.55 4.47 -14.44
N GLY D 162 3.05 4.77 -15.65
CA GLY D 162 2.43 3.78 -16.51
C GLY D 162 3.35 2.59 -16.79
N ILE D 163 4.62 2.88 -17.12
CA ILE D 163 5.57 1.80 -17.38
C ILE D 163 5.79 1.04 -16.07
N GLU D 164 6.02 1.80 -14.99
CA GLU D 164 6.26 1.19 -13.68
C GLU D 164 5.10 0.25 -13.31
N ASN D 165 3.86 0.68 -13.59
CA ASN D 165 2.68 -0.11 -13.23
C ASN D 165 2.69 -1.47 -13.94
N HIS D 166 3.33 -1.57 -15.12
CA HIS D 166 3.21 -2.77 -15.93
C HIS D 166 4.53 -3.52 -16.12
N LEU D 167 5.53 -3.24 -15.27
CA LEU D 167 6.76 -4.01 -15.27
C LEU D 167 6.49 -5.50 -15.13
N ASP D 168 5.49 -5.87 -14.33
CA ASP D 168 5.13 -7.26 -14.09
C ASP D 168 4.81 -7.93 -15.44
N TYR D 169 4.09 -7.21 -16.30
CA TYR D 169 3.64 -7.73 -17.58
C TYR D 169 4.85 -7.92 -18.49
N ILE D 170 5.73 -6.90 -18.50
CA ILE D 170 6.91 -6.90 -19.34
C ILE D 170 7.80 -8.09 -18.98
N ALA D 171 8.08 -8.28 -17.68
CA ALA D 171 8.96 -9.35 -17.24
C ALA D 171 8.36 -10.71 -17.56
N ASP D 172 7.04 -10.82 -17.40
CA ASP D 172 6.36 -12.08 -17.59
C ASP D 172 6.39 -12.45 -19.08
N LEU D 173 6.38 -11.44 -19.95
CA LEU D 173 6.45 -11.66 -21.39
C LEU D 173 7.75 -12.40 -21.74
N GLY D 174 8.83 -12.07 -21.02
CA GLY D 174 10.08 -12.83 -21.12
C GLY D 174 11.26 -12.02 -21.67
N VAL D 175 11.05 -10.72 -21.93
CA VAL D 175 12.12 -9.87 -22.43
C VAL D 175 13.07 -9.57 -21.26
N THR D 176 14.27 -9.05 -21.53
CA THR D 176 15.25 -8.85 -20.47
C THR D 176 15.52 -7.37 -20.24
N SER D 177 15.02 -6.51 -21.13
CA SER D 177 15.37 -5.09 -21.05
C SER D 177 14.24 -4.26 -21.65
N ILE D 178 13.99 -3.09 -21.03
CA ILE D 178 13.09 -2.11 -21.59
C ILE D 178 13.98 -1.08 -22.26
N TRP D 179 13.55 -0.64 -23.46
CA TRP D 179 14.23 0.40 -24.19
C TRP D 179 13.21 1.50 -24.48
N LEU D 180 13.48 2.71 -23.96
CA LEU D 180 12.56 3.82 -24.04
C LEU D 180 13.00 4.77 -25.14
N ASN D 181 12.03 5.19 -25.98
CA ASN D 181 12.22 6.36 -26.82
C ASN D 181 12.51 7.52 -25.86
N PRO D 182 12.98 8.67 -26.38
CA PRO D 182 13.49 9.73 -25.52
C PRO D 182 12.50 10.19 -24.44
N ILE D 183 13.02 10.31 -23.22
CA ILE D 183 12.25 10.77 -22.08
C ILE D 183 12.70 12.17 -21.68
N GLN D 184 13.75 12.68 -22.31
CA GLN D 184 14.18 14.05 -22.01
C GLN D 184 13.13 15.04 -22.53
N GLU D 185 13.02 16.17 -21.84
CA GLU D 185 11.91 17.09 -22.05
C GLU D 185 11.89 17.65 -23.48
N ASN D 186 10.69 17.61 -24.08
CA ASN D 186 10.40 18.19 -25.38
C ASN D 186 9.35 19.28 -25.23
N ASP D 187 9.75 20.45 -24.72
CA ASP D 187 8.83 21.56 -24.56
C ASP D 187 8.70 22.29 -25.89
N MET D 188 8.01 21.64 -26.84
CA MET D 188 7.81 22.18 -28.18
C MET D 188 6.33 22.51 -28.40
N LYS D 189 6.06 23.45 -29.33
CA LYS D 189 4.70 23.84 -29.69
C LYS D 189 3.94 22.64 -30.27
N GLU D 190 4.54 21.97 -31.28
CA GLU D 190 3.92 20.81 -31.90
C GLU D 190 4.91 19.64 -31.89
N GLY D 191 4.37 18.42 -31.97
CA GLY D 191 5.15 17.21 -32.20
C GLY D 191 5.95 16.75 -30.98
N SER D 192 5.56 17.20 -29.78
CA SER D 192 6.36 16.97 -28.58
C SER D 192 6.27 15.52 -28.11
N TYR D 193 5.29 14.79 -28.60
CA TYR D 193 4.95 13.48 -28.05
C TYR D 193 6.07 12.45 -28.23
N HIS D 194 6.86 12.58 -29.30
CA HIS D 194 7.76 11.50 -29.73
C HIS D 194 9.11 11.59 -29.03
N GLY D 195 9.55 12.79 -28.67
CA GLY D 195 10.69 12.99 -27.78
C GLY D 195 11.98 13.42 -28.50
N TYR D 196 11.95 13.57 -29.84
CA TYR D 196 13.18 13.68 -30.61
C TYR D 196 13.58 15.14 -30.83
N ALA D 197 12.96 16.05 -30.08
CA ALA D 197 13.32 17.46 -30.10
C ALA D 197 13.45 17.97 -28.67
N ILE D 198 14.64 17.73 -28.11
CA ILE D 198 14.87 17.92 -26.70
C ILE D 198 15.07 19.41 -26.40
N THR D 199 14.42 19.90 -25.33
CA THR D 199 14.59 21.28 -24.93
C THR D 199 15.37 21.39 -23.62
N ASP D 200 15.49 20.28 -22.89
CA ASP D 200 16.35 20.24 -21.71
C ASP D 200 16.99 18.86 -21.59
N TYR D 201 18.32 18.81 -21.74
CA TYR D 201 19.02 17.51 -21.69
C TYR D 201 19.11 16.97 -20.27
N TYR D 202 18.82 17.79 -19.25
CA TYR D 202 19.01 17.38 -17.87
C TYR D 202 17.70 17.18 -17.12
N GLN D 203 16.56 17.15 -17.84
CA GLN D 203 15.27 16.98 -17.19
C GLN D 203 14.41 15.99 -17.95
N VAL D 204 13.82 15.02 -17.24
CA VAL D 204 12.75 14.24 -17.82
C VAL D 204 11.59 15.19 -18.18
N ASP D 205 10.87 14.87 -19.25
CA ASP D 205 9.71 15.65 -19.64
C ASP D 205 8.70 15.61 -18.49
N ARG D 206 8.28 16.80 -18.03
CA ARG D 206 7.40 16.91 -16.87
C ARG D 206 6.07 16.18 -17.08
N ARG D 207 5.68 15.93 -18.35
CA ARG D 207 4.48 15.17 -18.64
C ARG D 207 4.68 13.67 -18.47
N PHE D 208 5.95 13.22 -18.38
CA PHE D 208 6.26 11.80 -18.16
C PHE D 208 6.53 11.54 -16.68
N GLY D 209 7.07 12.54 -15.97
CA GLY D 209 7.47 12.38 -14.59
C GLY D 209 8.62 13.31 -14.25
N SER D 210 9.18 13.13 -13.05
CA SER D 210 10.39 13.81 -12.63
C SER D 210 11.60 12.90 -12.86
N ASN D 211 12.79 13.48 -12.71
CA ASN D 211 14.02 12.72 -12.74
C ASN D 211 13.94 11.56 -11.73
N GLU D 212 13.50 11.85 -10.51
CA GLU D 212 13.43 10.86 -9.45
C GLU D 212 12.53 9.71 -9.85
N GLU D 213 11.43 10.01 -10.56
CA GLU D 213 10.54 8.96 -11.01
C GLU D 213 11.29 8.00 -11.93
N PHE D 214 12.18 8.53 -12.78
CA PHE D 214 12.92 7.71 -13.73
C PHE D 214 13.89 6.81 -12.96
N ARG D 215 14.59 7.37 -11.96
CA ARG D 215 15.49 6.57 -11.13
C ARG D 215 14.73 5.42 -10.47
N LYS D 216 13.52 5.72 -9.97
CA LYS D 216 12.70 4.74 -9.29
C LYS D 216 12.29 3.64 -10.29
N LEU D 217 11.83 4.08 -11.48
CA LEU D 217 11.48 3.14 -12.53
C LEU D 217 12.63 2.17 -12.79
N THR D 218 13.86 2.72 -12.87
CA THR D 218 15.01 1.90 -13.18
C THR D 218 15.23 0.89 -12.05
N GLN D 219 15.21 1.38 -10.79
CA GLN D 219 15.33 0.53 -9.63
C GLN D 219 14.31 -0.61 -9.69
N GLU D 220 13.05 -0.23 -9.99
CA GLU D 220 11.96 -1.18 -9.98
C GLU D 220 12.20 -2.21 -11.07
N ALA D 221 12.62 -1.72 -12.25
CA ALA D 221 12.86 -2.60 -13.39
C ALA D 221 13.99 -3.59 -13.06
N ASN D 222 15.10 -3.07 -12.51
CA ASN D 222 16.24 -3.90 -12.16
C ASN D 222 15.84 -5.02 -11.21
N ALA D 223 14.95 -4.71 -10.26
CA ALA D 223 14.57 -5.68 -9.23
C ALA D 223 13.72 -6.80 -9.82
N LYS D 224 13.01 -6.52 -10.93
CA LYS D 224 12.30 -7.57 -11.65
C LYS D 224 13.18 -8.20 -12.72
N GLY D 225 14.49 -7.90 -12.72
CA GLY D 225 15.44 -8.55 -13.62
C GLY D 225 15.48 -7.91 -15.01
N LEU D 226 15.11 -6.63 -15.13
CA LEU D 226 15.04 -5.96 -16.41
C LEU D 226 16.11 -4.88 -16.47
N LYS D 227 16.82 -4.82 -17.62
CA LYS D 227 17.73 -3.72 -17.88
C LYS D 227 16.97 -2.53 -18.47
N VAL D 228 17.61 -1.35 -18.49
CA VAL D 228 16.99 -0.18 -19.05
C VAL D 228 17.94 0.45 -20.06
N VAL D 229 17.41 0.69 -21.27
CA VAL D 229 18.13 1.39 -22.32
C VAL D 229 17.41 2.68 -22.68
N MET D 230 18.20 3.72 -22.93
CA MET D 230 17.69 5.07 -23.06
C MET D 230 18.13 5.66 -24.41
N ASP D 231 17.17 6.22 -25.15
CA ASP D 231 17.44 6.94 -26.39
C ASP D 231 17.96 8.34 -26.09
N MET D 232 19.01 8.74 -26.81
CA MET D 232 19.55 10.08 -26.71
C MET D 232 19.86 10.59 -28.10
N ILE D 233 19.97 11.92 -28.25
CA ILE D 233 20.11 12.56 -29.53
C ILE D 233 21.11 13.69 -29.40
N PHE D 234 22.26 13.54 -30.06
CA PHE D 234 23.31 14.54 -30.06
C PHE D 234 23.30 15.33 -31.37
N ASN D 235 22.72 14.74 -32.44
CA ASN D 235 22.74 15.37 -33.75
C ASN D 235 21.99 16.70 -33.68
N HIS D 236 20.88 16.72 -32.94
CA HIS D 236 20.02 17.88 -32.90
C HIS D 236 19.26 17.99 -31.59
N CYS D 237 18.84 19.23 -31.29
CA CYS D 237 17.87 19.50 -30.23
C CYS D 237 16.63 20.16 -30.84
N GLY D 238 15.62 20.40 -30.01
CA GLY D 238 14.43 21.13 -30.43
C GLY D 238 14.74 22.62 -30.53
N SER D 239 14.03 23.32 -31.43
CA SER D 239 14.26 24.74 -31.62
C SER D 239 13.85 25.57 -30.40
N ASP D 240 13.15 24.98 -29.43
CA ASP D 240 12.77 25.71 -28.22
C ASP D 240 13.69 25.40 -27.05
N ASN D 241 14.80 24.68 -27.30
CA ASN D 241 15.87 24.51 -26.32
C ASN D 241 16.52 25.88 -26.11
N TYR D 242 16.80 26.23 -24.84
CA TYR D 242 17.43 27.50 -24.56
C TYR D 242 18.75 27.61 -25.32
N LEU D 243 19.44 26.48 -25.50
CA LEU D 243 20.73 26.48 -26.16
C LEU D 243 20.60 26.99 -27.59
N PHE D 244 19.45 26.73 -28.23
CA PHE D 244 19.22 27.18 -29.59
C PHE D 244 18.53 28.55 -29.62
N LYS D 245 17.39 28.68 -28.91
CA LYS D 245 16.61 29.91 -28.86
C LYS D 245 17.53 31.08 -28.54
N ASP D 246 18.42 30.90 -27.56
CA ASP D 246 19.35 31.92 -27.12
C ASP D 246 20.78 31.38 -27.24
N MET D 247 21.29 31.28 -28.48
CA MET D 247 22.54 30.59 -28.78
C MET D 247 23.70 31.23 -28.04
N PRO D 248 24.58 30.43 -27.38
CA PRO D 248 25.85 30.95 -26.89
C PRO D 248 26.66 31.64 -27.99
N SER D 249 26.73 30.98 -29.16
CA SER D 249 27.38 31.55 -30.34
C SER D 249 26.87 30.83 -31.59
N LYS D 250 27.13 31.46 -32.75
CA LYS D 250 26.73 30.91 -34.03
C LYS D 250 27.46 29.58 -34.27
N ASP D 251 28.56 29.32 -33.56
CA ASP D 251 29.36 28.13 -33.82
C ASP D 251 28.74 26.89 -33.17
N TRP D 252 27.73 27.05 -32.31
CA TRP D 252 27.13 25.91 -31.62
C TRP D 252 26.23 25.09 -32.54
N PHE D 253 25.79 25.69 -33.65
CA PHE D 253 24.92 24.99 -34.57
C PHE D 253 25.45 25.18 -35.98
N ASN D 254 25.22 24.17 -36.83
CA ASN D 254 25.82 24.17 -38.14
C ASN D 254 25.08 25.15 -39.06
N PHE D 255 25.78 25.59 -40.10
CA PHE D 255 25.36 26.63 -41.02
C PHE D 255 25.13 27.92 -40.23
N GLU D 256 26.01 28.14 -39.24
CA GLU D 256 26.02 29.35 -38.43
C GLU D 256 24.63 29.68 -37.90
N GLY D 257 23.85 28.66 -37.56
CA GLY D 257 22.57 28.88 -36.89
C GLY D 257 21.41 29.08 -37.87
N ASN D 258 21.71 29.06 -39.18
CA ASN D 258 20.69 29.24 -40.22
C ASN D 258 20.23 27.89 -40.77
N TYR D 259 18.92 27.74 -40.94
CA TYR D 259 18.32 26.49 -41.42
C TYR D 259 18.79 26.18 -42.84
N VAL D 260 19.48 25.04 -43.00
CA VAL D 260 19.71 24.41 -44.29
C VAL D 260 19.36 22.94 -44.13
N GLN D 261 18.51 22.44 -45.03
CA GLN D 261 17.91 21.11 -44.90
C GLN D 261 18.92 20.06 -45.32
N THR D 262 19.05 18.99 -44.51
CA THR D 262 19.94 17.88 -44.84
C THR D 262 19.35 17.11 -46.03
N SER D 263 20.24 16.50 -46.82
CA SER D 263 19.90 15.58 -47.89
C SER D 263 19.55 14.18 -47.38
N PHE D 264 19.97 13.84 -46.15
CA PHE D 264 19.84 12.51 -45.59
C PHE D 264 20.84 11.54 -46.25
N LYS D 265 21.75 12.05 -47.09
CA LYS D 265 22.73 11.20 -47.76
C LYS D 265 23.94 11.01 -46.84
N THR D 266 23.83 10.07 -45.88
CA THR D 266 24.86 9.87 -44.86
C THR D 266 25.96 8.95 -45.36
N ALA D 267 25.76 8.34 -46.55
CA ALA D 267 26.82 7.60 -47.21
C ALA D 267 28.04 8.47 -47.46
N THR D 268 27.87 9.80 -47.40
CA THR D 268 28.96 10.72 -47.69
C THR D 268 30.09 10.59 -46.67
N GLN D 269 29.81 10.01 -45.49
CA GLN D 269 30.85 9.85 -44.47
C GLN D 269 31.90 8.85 -44.93
N MET D 270 31.51 7.81 -45.68
CA MET D 270 32.44 6.75 -46.00
C MET D 270 32.60 6.53 -47.51
N ASP D 271 31.72 7.12 -48.33
CA ASP D 271 31.82 6.99 -49.77
C ASP D 271 33.19 7.48 -50.23
N PRO D 272 34.04 6.64 -50.86
CA PRO D 272 35.37 7.08 -51.27
C PRO D 272 35.31 8.16 -52.34
N TYR D 273 34.15 8.31 -52.99
CA TYR D 273 33.99 9.24 -54.11
C TYR D 273 33.16 10.46 -53.70
N ALA D 274 32.93 10.67 -52.39
CA ALA D 274 32.04 11.74 -51.96
C ALA D 274 32.58 13.11 -52.32
N SER D 275 31.65 14.04 -52.58
CA SER D 275 31.99 15.44 -52.79
C SER D 275 32.01 16.19 -51.46
N ASP D 276 32.79 17.27 -51.41
CA ASP D 276 32.85 18.15 -50.26
C ASP D 276 31.47 18.79 -50.05
N TYR D 277 30.84 19.26 -51.13
CA TYR D 277 29.59 19.98 -51.02
C TYR D 277 28.55 19.05 -50.38
N GLU D 278 28.49 17.78 -50.81
CA GLU D 278 27.45 16.89 -50.33
C GLU D 278 27.71 16.41 -48.90
N LYS D 279 28.98 16.22 -48.51
CA LYS D 279 29.30 15.85 -47.14
C LYS D 279 28.74 16.93 -46.21
N LYS D 280 28.93 18.21 -46.56
CA LYS D 280 28.49 19.31 -45.72
C LYS D 280 26.97 19.35 -45.64
N ILE D 281 26.29 19.26 -46.77
CA ILE D 281 24.84 19.31 -46.79
C ILE D 281 24.28 18.19 -45.90
N ALA D 282 24.85 16.99 -45.99
CA ALA D 282 24.33 15.85 -45.24
C ALA D 282 24.59 16.00 -43.74
N ILE D 283 25.84 16.28 -43.37
CA ILE D 283 26.28 16.05 -41.98
C ILE D 283 26.09 17.33 -41.19
N ASP D 284 26.20 18.49 -41.86
CA ASP D 284 25.90 19.77 -41.25
C ASP D 284 24.46 20.22 -41.49
N GLY D 285 23.70 19.51 -42.32
CA GLY D 285 22.33 19.90 -42.61
C GLY D 285 21.37 19.55 -41.48
N TRP D 286 20.30 20.36 -41.33
CA TRP D 286 19.30 20.16 -40.29
C TRP D 286 18.27 19.13 -40.73
N PHE D 287 17.79 18.34 -39.79
CA PHE D 287 16.83 17.30 -40.08
C PHE D 287 15.48 17.91 -40.46
N THR D 288 15.05 18.95 -39.70
CA THR D 288 13.96 19.84 -40.08
C THR D 288 14.23 21.21 -39.47
N LEU D 289 13.30 22.15 -39.65
CA LEU D 289 13.46 23.51 -39.17
C LEU D 289 13.50 23.53 -37.64
N THR D 290 12.68 22.69 -36.99
CA THR D 290 12.55 22.74 -35.54
C THR D 290 13.50 21.77 -34.85
N MET D 291 14.44 21.18 -35.61
CA MET D 291 15.46 20.28 -35.07
C MET D 291 16.82 20.75 -35.56
N PRO D 292 17.30 21.89 -35.07
CA PRO D 292 18.58 22.43 -35.52
C PRO D 292 19.77 21.52 -35.20
N ASP D 293 20.77 21.57 -36.07
CA ASP D 293 21.88 20.62 -36.08
C ASP D 293 23.00 21.16 -35.19
N PHE D 294 23.30 20.44 -34.12
CA PHE D 294 24.44 20.78 -33.27
C PHE D 294 25.72 20.67 -34.10
N ASN D 295 26.65 21.59 -33.82
CA ASN D 295 28.00 21.50 -34.30
C ASN D 295 28.87 20.73 -33.30
N GLN D 296 28.99 19.42 -33.47
CA GLN D 296 29.75 18.61 -32.53
C GLN D 296 31.25 18.89 -32.64
N ARG D 297 31.68 19.68 -33.62
CA ARG D 297 33.10 19.99 -33.71
C ARG D 297 33.44 21.12 -32.74
N ASN D 298 32.44 21.77 -32.15
CA ASN D 298 32.67 22.77 -31.12
C ASN D 298 32.97 22.05 -29.80
N ARG D 299 34.11 22.38 -29.17
CA ARG D 299 34.59 21.72 -27.95
C ARG D 299 33.53 21.75 -26.85
N HIS D 300 32.86 22.91 -26.68
CA HIS D 300 31.89 23.12 -25.64
C HIS D 300 30.64 22.29 -25.89
N VAL D 301 30.16 22.27 -27.13
CA VAL D 301 28.98 21.49 -27.48
C VAL D 301 29.25 20.02 -27.15
N ALA D 302 30.44 19.55 -27.56
CA ALA D 302 30.76 18.14 -27.45
C ALA D 302 30.79 17.72 -25.98
N THR D 303 31.51 18.49 -25.14
CA THR D 303 31.61 18.13 -23.75
C THR D 303 30.22 18.20 -23.10
N TYR D 304 29.46 19.26 -23.43
CA TYR D 304 28.11 19.39 -22.90
C TYR D 304 27.33 18.10 -23.14
N LEU D 305 27.33 17.62 -24.38
CA LEU D 305 26.55 16.45 -24.75
C LEU D 305 27.13 15.19 -24.12
N ILE D 306 28.46 15.03 -24.18
CA ILE D 306 29.09 13.85 -23.61
C ILE D 306 28.71 13.74 -22.12
N GLN D 307 28.89 14.84 -21.37
CA GLN D 307 28.58 14.88 -19.95
C GLN D 307 27.12 14.48 -19.73
N SER D 308 26.21 14.99 -20.56
CA SER D 308 24.80 14.68 -20.41
C SER D 308 24.59 13.17 -20.41
N SER D 309 25.28 12.45 -21.31
CA SER D 309 25.06 11.02 -21.40
C SER D 309 25.57 10.33 -20.13
N ILE D 310 26.72 10.80 -19.65
CA ILE D 310 27.35 10.18 -18.50
C ILE D 310 26.48 10.42 -17.27
N TRP D 311 25.95 11.64 -17.17
CA TRP D 311 25.07 12.02 -16.08
C TRP D 311 23.94 11.02 -15.89
N TRP D 312 23.24 10.70 -16.97
CA TRP D 312 22.13 9.78 -16.90
C TRP D 312 22.59 8.38 -16.53
N ILE D 313 23.82 8.01 -16.89
CA ILE D 313 24.29 6.68 -16.55
C ILE D 313 24.55 6.60 -15.04
N GLU D 314 25.28 7.59 -14.50
CA GLU D 314 25.54 7.66 -13.08
C GLU D 314 24.24 7.78 -12.30
N TYR D 315 23.41 8.76 -12.67
CA TYR D 315 22.25 9.11 -11.88
C TYR D 315 21.22 8.00 -11.88
N ALA D 316 20.94 7.39 -13.04
CA ALA D 316 19.77 6.54 -13.17
C ALA D 316 20.13 5.05 -13.20
N GLY D 317 21.40 4.70 -13.39
CA GLY D 317 21.80 3.31 -13.40
C GLY D 317 21.36 2.54 -14.64
N ILE D 318 21.34 3.22 -15.80
CA ILE D 318 20.93 2.56 -17.04
C ILE D 318 22.02 1.64 -17.56
N ASN D 319 21.64 0.72 -18.43
CA ASN D 319 22.53 -0.32 -18.94
C ASN D 319 22.97 -0.06 -20.38
N GLY D 320 22.37 0.94 -21.05
CA GLY D 320 22.50 1.09 -22.48
C GLY D 320 21.97 2.44 -22.97
N ILE D 321 22.57 2.92 -24.05
CA ILE D 321 22.09 4.07 -24.77
C ILE D 321 21.95 3.69 -26.24
N ARG D 322 20.86 4.16 -26.85
CA ARG D 322 20.76 4.17 -28.29
C ARG D 322 20.91 5.62 -28.74
N GLN D 323 21.95 5.87 -29.54
CA GLN D 323 22.19 7.19 -30.11
C GLN D 323 21.49 7.20 -31.47
N ASP D 324 20.37 7.89 -31.53
CA ASP D 324 19.65 8.10 -32.77
C ASP D 324 20.50 9.03 -33.63
N THR D 325 20.40 8.85 -34.95
CA THR D 325 20.91 9.82 -35.90
C THR D 325 22.45 9.76 -35.87
N HIS D 326 23.05 8.66 -35.36
CA HIS D 326 24.49 8.61 -35.13
C HIS D 326 25.25 9.03 -36.40
N PRO D 327 24.91 8.50 -37.60
CA PRO D 327 25.60 8.85 -38.84
C PRO D 327 25.52 10.29 -39.34
N TYR D 328 24.58 11.09 -38.80
CA TYR D 328 24.40 12.48 -39.18
C TYR D 328 25.31 13.37 -38.35
N ALA D 329 26.07 12.77 -37.43
CA ALA D 329 26.94 13.52 -36.54
C ALA D 329 28.41 13.36 -36.92
N ASP D 330 29.25 14.28 -36.44
CA ASP D 330 30.67 14.25 -36.69
C ASP D 330 31.25 12.92 -36.20
N PHE D 331 32.00 12.26 -37.09
CA PHE D 331 32.50 10.92 -36.87
C PHE D 331 33.48 10.89 -35.70
N ASP D 332 34.42 11.84 -35.69
CA ASP D 332 35.50 11.92 -34.72
C ASP D 332 34.94 12.12 -33.31
N MET D 333 33.93 12.97 -33.19
CA MET D 333 33.43 13.31 -31.87
C MET D 333 32.61 12.13 -31.33
N MET D 334 31.90 11.42 -32.21
CA MET D 334 31.13 10.27 -31.76
C MET D 334 32.05 9.11 -31.36
N ALA D 335 33.22 8.99 -31.99
CA ALA D 335 34.24 8.05 -31.54
C ALA D 335 34.78 8.45 -30.17
N ARG D 336 35.02 9.74 -29.94
CA ARG D 336 35.49 10.21 -28.65
C ARG D 336 34.43 9.91 -27.58
N TRP D 337 33.16 10.10 -27.94
CA TRP D 337 32.04 9.88 -27.04
C TRP D 337 32.00 8.42 -26.58
N CYS D 338 32.01 7.49 -27.54
CA CYS D 338 31.96 6.08 -27.21
C CYS D 338 33.16 5.69 -26.33
N LYS D 339 34.36 6.15 -26.70
CA LYS D 339 35.54 5.92 -25.89
C LYS D 339 35.32 6.45 -24.48
N ALA D 340 34.82 7.68 -24.34
CA ALA D 340 34.69 8.28 -23.02
C ALA D 340 33.70 7.51 -22.17
N VAL D 341 32.65 7.00 -22.79
CA VAL D 341 31.64 6.25 -22.05
C VAL D 341 32.24 4.94 -21.58
N ASN D 342 32.96 4.24 -22.46
CA ASN D 342 33.47 2.92 -22.12
C ASN D 342 34.64 3.01 -21.14
N GLU D 343 35.38 4.13 -21.13
CA GLU D 343 36.43 4.34 -20.16
C GLU D 343 35.82 4.43 -18.75
N GLU D 344 34.61 4.99 -18.63
CA GLU D 344 33.94 5.15 -17.35
C GLU D 344 33.16 3.89 -16.99
N TYR D 345 32.53 3.23 -17.98
CA TYR D 345 31.70 2.08 -17.76
C TYR D 345 32.09 0.96 -18.72
N PRO D 346 33.11 0.14 -18.38
CA PRO D 346 33.68 -0.81 -19.32
C PRO D 346 32.75 -1.83 -19.94
N LYS D 347 31.65 -2.17 -19.27
CA LYS D 347 30.75 -3.19 -19.79
C LYS D 347 29.56 -2.57 -20.53
N PHE D 348 29.43 -1.23 -20.51
CA PHE D 348 28.27 -0.54 -21.04
C PHE D 348 28.19 -0.75 -22.56
N ASN D 349 26.97 -0.85 -23.10
CA ASN D 349 26.76 -1.01 -24.53
C ASN D 349 26.06 0.21 -25.10
N ILE D 350 26.54 0.69 -26.25
CA ILE D 350 25.91 1.75 -27.01
C ILE D 350 25.54 1.18 -28.36
N VAL D 351 24.31 1.45 -28.79
CA VAL D 351 23.89 1.10 -30.13
C VAL D 351 23.65 2.40 -30.86
N GLY D 352 24.16 2.48 -32.10
CA GLY D 352 23.91 3.62 -32.97
C GLY D 352 22.89 3.26 -34.05
N GLU D 353 22.03 4.23 -34.38
CA GLU D 353 21.09 4.06 -35.48
C GLU D 353 21.89 4.12 -36.78
N THR D 354 22.00 2.98 -37.45
CA THR D 354 22.76 2.93 -38.69
C THR D 354 21.77 2.65 -39.80
N TRP D 355 20.93 3.65 -40.13
CA TRP D 355 19.85 3.42 -41.08
C TRP D 355 20.36 3.63 -42.51
N LEU D 356 20.86 2.54 -43.10
CA LEU D 356 21.49 2.57 -44.40
C LEU D 356 21.04 1.32 -45.14
N GLY D 357 21.33 1.26 -46.43
CA GLY D 357 20.69 0.29 -47.31
C GLY D 357 21.38 -1.07 -47.31
N ASN D 358 22.64 -1.14 -46.85
CA ASN D 358 23.46 -2.34 -47.04
C ASN D 358 24.43 -2.52 -45.87
N ASN D 359 24.88 -3.78 -45.73
CA ASN D 359 25.79 -4.20 -44.68
C ASN D 359 27.15 -3.51 -44.83
N VAL D 360 27.57 -3.19 -46.05
CA VAL D 360 28.89 -2.61 -46.21
C VAL D 360 28.96 -1.27 -45.48
N LEU D 361 28.00 -0.38 -45.74
CA LEU D 361 28.05 0.95 -45.17
C LEU D 361 27.77 0.88 -43.67
N ILE D 362 26.89 -0.03 -43.23
CA ILE D 362 26.59 -0.16 -41.83
C ILE D 362 27.84 -0.65 -41.08
N SER D 363 28.58 -1.58 -41.71
CA SER D 363 29.71 -2.21 -41.03
C SER D 363 30.77 -1.16 -40.68
N TYR D 364 30.84 -0.10 -41.49
CA TYR D 364 31.81 0.95 -41.28
C TYR D 364 31.63 1.59 -39.92
N TRP D 365 30.38 1.68 -39.44
CA TRP D 365 30.10 2.36 -38.19
C TRP D 365 30.36 1.48 -36.96
N GLN D 366 30.58 0.19 -37.15
CA GLN D 366 30.80 -0.67 -36.01
C GLN D 366 32.26 -0.59 -35.57
N LYS D 367 32.46 -0.66 -34.24
CA LYS D 367 33.78 -0.69 -33.65
C LYS D 367 34.64 -1.79 -34.29
N ASP D 368 35.89 -1.43 -34.63
CA ASP D 368 36.89 -2.33 -35.21
C ASP D 368 36.53 -2.76 -36.63
N SER D 369 35.70 -1.96 -37.32
CA SER D 369 35.38 -2.19 -38.72
C SER D 369 36.65 -2.41 -39.53
N ARG D 370 36.68 -3.49 -40.30
CA ARG D 370 37.83 -3.71 -41.16
C ARG D 370 37.87 -2.67 -42.28
N LEU D 371 36.67 -2.24 -42.73
CA LEU D 371 36.60 -1.35 -43.87
C LEU D 371 36.81 0.08 -43.44
N ALA D 372 36.58 0.41 -42.17
CA ALA D 372 36.84 1.77 -41.71
C ALA D 372 38.30 1.98 -41.34
N TYR D 373 39.01 0.87 -41.06
CA TYR D 373 40.38 0.98 -40.57
C TYR D 373 41.12 1.91 -41.54
N PRO D 374 41.97 2.85 -41.07
CA PRO D 374 42.34 2.98 -39.65
C PRO D 374 41.44 3.81 -38.76
N LYS D 375 40.37 4.39 -39.33
CA LYS D 375 39.35 5.07 -38.55
C LYS D 375 38.68 4.02 -37.66
N ASN D 376 38.12 4.43 -36.52
CA ASN D 376 37.41 3.48 -35.66
C ASN D 376 36.32 4.20 -34.87
N SER D 377 35.06 3.81 -35.08
CA SER D 377 33.92 4.50 -34.47
C SER D 377 33.86 4.26 -32.97
N ASN D 378 34.44 3.14 -32.51
CA ASN D 378 34.36 2.66 -31.12
C ASN D 378 32.91 2.39 -30.71
N LEU D 379 32.00 2.28 -31.70
CA LEU D 379 30.59 2.06 -31.44
C LEU D 379 30.35 0.57 -31.40
N PRO D 380 30.06 -0.02 -30.21
CA PRO D 380 29.97 -1.48 -30.11
C PRO D 380 28.86 -2.08 -30.94
N THR D 381 27.68 -1.45 -30.93
CA THR D 381 26.50 -2.07 -31.51
C THR D 381 25.91 -1.14 -32.57
N VAL D 382 25.58 -1.74 -33.72
CA VAL D 382 24.88 -1.05 -34.80
C VAL D 382 23.62 -1.84 -35.13
N MET D 383 22.75 -1.22 -35.93
CA MET D 383 21.40 -1.72 -36.16
C MET D 383 21.31 -2.36 -37.54
N ASP D 384 20.80 -3.59 -37.58
CA ASP D 384 20.77 -4.37 -38.81
C ASP D 384 19.48 -4.10 -39.58
N PHE D 385 19.35 -2.89 -40.12
CA PHE D 385 18.19 -2.55 -40.93
C PHE D 385 18.08 -3.46 -42.15
N PRO D 386 19.17 -3.86 -42.84
CA PRO D 386 19.03 -4.76 -43.98
C PRO D 386 18.36 -6.07 -43.59
N LEU D 387 18.71 -6.62 -42.42
CA LEU D 387 18.11 -7.88 -42.00
C LEU D 387 16.62 -7.64 -41.79
N MET D 388 16.25 -6.46 -41.30
CA MET D 388 14.85 -6.13 -41.12
C MET D 388 14.12 -6.17 -42.46
N GLU D 389 14.67 -5.50 -43.47
CA GLU D 389 14.05 -5.50 -44.79
C GLU D 389 13.85 -6.94 -45.26
N GLU D 390 14.86 -7.79 -45.10
CA GLU D 390 14.77 -9.16 -45.60
C GLU D 390 13.69 -9.91 -44.83
N MET D 391 13.63 -9.72 -43.51
CA MET D 391 12.72 -10.49 -42.67
C MET D 391 11.25 -10.11 -42.96
N ASN D 392 11.03 -8.86 -43.40
CA ASN D 392 9.70 -8.39 -43.75
C ASN D 392 9.24 -8.92 -45.11
N LYS D 393 10.08 -9.70 -45.81
CA LYS D 393 9.68 -10.30 -47.08
C LYS D 393 9.93 -11.81 -47.08
N ALA D 394 10.85 -12.30 -46.25
CA ALA D 394 11.36 -13.65 -46.37
C ALA D 394 10.33 -14.71 -45.98
N PHE D 395 9.34 -14.34 -45.16
CA PHE D 395 8.37 -15.30 -44.66
C PHE D 395 7.07 -15.26 -45.47
N ASP D 396 6.99 -14.36 -46.46
CA ASP D 396 5.80 -14.21 -47.28
C ASP D 396 5.99 -14.80 -48.67
N GLU D 397 7.24 -14.96 -49.12
CA GLU D 397 7.48 -15.39 -50.48
C GLU D 397 7.61 -16.90 -50.53
N GLU D 398 7.45 -17.45 -51.73
CA GLU D 398 7.79 -18.82 -52.02
C GLU D 398 9.31 -18.96 -51.89
N THR D 399 9.78 -20.02 -51.25
CA THR D 399 11.18 -20.39 -51.29
C THR D 399 11.38 -21.47 -52.37
N THR D 400 11.84 -21.08 -53.56
CA THR D 400 12.01 -22.03 -54.66
C THR D 400 13.29 -22.85 -54.45
N GLU D 401 13.73 -23.54 -55.51
CA GLU D 401 14.94 -24.33 -55.46
C GLU D 401 16.15 -23.39 -55.48
N TRP D 402 16.00 -22.20 -56.09
CA TRP D 402 17.13 -21.32 -56.40
C TRP D 402 17.09 -20.01 -55.61
N ASN D 403 15.90 -19.45 -55.33
CA ASN D 403 15.82 -18.10 -54.80
C ASN D 403 14.49 -17.87 -54.08
N GLY D 404 14.36 -16.68 -53.48
CA GLY D 404 13.12 -16.24 -52.86
C GLY D 404 12.99 -16.71 -51.42
N GLY D 405 12.15 -15.99 -50.66
CA GLY D 405 11.74 -16.43 -49.34
C GLY D 405 12.94 -16.55 -48.40
N LEU D 406 13.14 -17.75 -47.87
CA LEU D 406 14.16 -17.98 -46.86
C LEU D 406 15.58 -17.88 -47.44
N PHE D 407 15.72 -17.88 -48.77
CA PHE D 407 17.01 -17.60 -49.38
C PHE D 407 17.53 -16.24 -48.94
N ARG D 408 16.62 -15.27 -48.77
CA ARG D 408 17.04 -13.94 -48.38
C ARG D 408 17.87 -13.98 -47.11
N LEU D 409 17.50 -14.89 -46.19
CA LEU D 409 18.16 -15.02 -44.89
C LEU D 409 19.50 -15.71 -45.06
N TYR D 410 19.51 -16.81 -45.82
CA TYR D 410 20.72 -17.56 -46.08
C TYR D 410 21.76 -16.63 -46.71
N GLU D 411 21.34 -15.91 -47.76
CA GLU D 411 22.27 -15.13 -48.56
C GLU D 411 22.78 -13.95 -47.73
N TYR D 412 21.91 -13.32 -46.93
CA TYR D 412 22.35 -12.14 -46.20
C TYR D 412 23.35 -12.54 -45.11
N LEU D 413 23.04 -13.60 -44.37
CA LEU D 413 23.87 -13.97 -43.24
C LEU D 413 25.26 -14.44 -43.70
N SER D 414 25.35 -15.03 -44.89
CA SER D 414 26.63 -15.54 -45.39
C SER D 414 27.61 -14.40 -45.65
N GLN D 415 27.11 -13.17 -45.75
CA GLN D 415 27.94 -11.99 -45.92
C GLN D 415 28.45 -11.42 -44.59
N ASP D 416 28.26 -12.15 -43.48
CA ASP D 416 28.58 -11.57 -42.17
C ASP D 416 30.08 -11.32 -41.98
N ILE D 417 30.93 -11.76 -42.91
CA ILE D 417 32.34 -11.41 -42.88
C ILE D 417 32.52 -9.90 -42.89
N VAL D 418 31.59 -9.09 -43.40
CA VAL D 418 31.76 -7.64 -43.41
C VAL D 418 31.75 -7.09 -41.99
N TYR D 419 31.04 -7.75 -41.07
CA TYR D 419 30.76 -7.17 -39.77
C TYR D 419 31.84 -7.61 -38.79
N SER D 420 32.38 -6.65 -38.04
CA SER D 420 33.46 -6.92 -37.11
C SER D 420 32.93 -7.69 -35.90
N HIS D 421 31.70 -7.41 -35.46
CA HIS D 421 31.11 -8.05 -34.31
C HIS D 421 29.65 -8.40 -34.60
N PRO D 422 29.40 -9.51 -35.32
CA PRO D 422 28.04 -9.94 -35.67
C PRO D 422 27.09 -10.14 -34.49
N MET D 423 27.63 -10.55 -33.33
CA MET D 423 26.79 -10.75 -32.16
C MET D 423 26.50 -9.43 -31.44
N SER D 424 27.05 -8.29 -31.92
CA SER D 424 26.62 -6.98 -31.45
C SER D 424 25.86 -6.23 -32.54
N LEU D 425 24.98 -6.94 -33.24
CA LEU D 425 24.08 -6.31 -34.18
C LEU D 425 22.67 -6.38 -33.60
N LEU D 426 22.03 -5.22 -33.47
CA LEU D 426 20.63 -5.19 -33.05
C LEU D 426 19.77 -5.64 -34.22
N THR D 427 18.92 -6.64 -33.95
CA THR D 427 18.05 -7.22 -34.95
C THR D 427 16.60 -6.98 -34.55
N PHE D 428 15.71 -6.86 -35.53
CA PHE D 428 14.35 -6.42 -35.24
C PHE D 428 13.48 -6.52 -36.51
N LEU D 429 12.19 -6.78 -36.28
CA LEU D 429 11.22 -6.87 -37.37
C LEU D 429 10.70 -5.48 -37.72
N ASP D 430 10.71 -4.56 -36.75
CA ASP D 430 10.16 -3.23 -36.95
C ASP D 430 10.58 -2.34 -35.80
N ASN D 431 10.21 -1.06 -35.88
CA ASN D 431 10.34 -0.15 -34.75
C ASN D 431 9.42 1.05 -34.98
N HIS D 432 9.57 2.08 -34.14
CA HIS D 432 8.66 3.22 -34.12
C HIS D 432 8.75 4.08 -35.38
N ASP D 433 9.69 3.76 -36.29
CA ASP D 433 9.86 4.55 -37.51
C ASP D 433 9.46 3.75 -38.74
N THR D 434 9.06 2.48 -38.57
CA THR D 434 8.69 1.64 -39.70
C THR D 434 7.22 1.23 -39.59
N SER D 435 6.70 0.75 -40.73
CA SER D 435 5.54 -0.13 -40.70
C SER D 435 5.80 -1.18 -39.63
N ARG D 436 4.75 -1.54 -38.88
CA ARG D 436 4.81 -2.69 -37.98
C ARG D 436 4.87 -3.97 -38.80
N PHE D 437 5.34 -5.04 -38.18
CA PHE D 437 5.49 -6.34 -38.84
C PHE D 437 4.23 -6.66 -39.62
N TYR D 438 3.06 -6.51 -38.97
CA TYR D 438 1.76 -6.59 -39.62
C TYR D 438 1.31 -5.18 -39.99
N ARG D 439 1.01 -4.97 -41.28
CA ARG D 439 0.77 -3.63 -41.78
C ARG D 439 -0.65 -3.19 -41.42
N SER D 440 -1.60 -4.14 -41.41
CA SER D 440 -3.00 -3.86 -41.09
C SER D 440 -3.56 -4.91 -40.15
N GLU D 441 -4.67 -4.57 -39.46
CA GLU D 441 -5.33 -5.49 -38.54
C GLU D 441 -5.76 -6.75 -39.30
N ALA D 442 -6.19 -6.59 -40.55
CA ALA D 442 -6.65 -7.69 -41.38
C ALA D 442 -5.54 -8.72 -41.63
N ASP D 443 -4.29 -8.25 -41.76
CA ASP D 443 -3.19 -9.14 -42.09
C ASP D 443 -2.91 -10.12 -40.95
N THR D 444 -3.33 -9.76 -39.72
CA THR D 444 -3.00 -10.54 -38.53
C THR D 444 -3.81 -11.84 -38.45
N LYS D 445 -4.68 -12.08 -39.43
CA LYS D 445 -5.53 -13.27 -39.45
C LYS D 445 -4.66 -14.52 -39.60
N ASN D 446 -3.48 -14.40 -40.22
CA ASN D 446 -2.58 -15.55 -40.36
C ASN D 446 -1.29 -15.30 -39.56
N LEU D 447 -0.97 -16.25 -38.65
CA LEU D 447 0.12 -16.09 -37.70
C LEU D 447 1.36 -16.91 -38.09
N ASP D 448 1.32 -17.61 -39.23
CA ASP D 448 2.46 -18.38 -39.71
C ASP D 448 3.71 -17.49 -39.78
N ARG D 449 3.60 -16.37 -40.50
CA ARG D 449 4.73 -15.48 -40.70
C ARG D 449 5.23 -14.98 -39.34
N TYR D 450 4.32 -14.66 -38.41
CA TYR D 450 4.69 -14.21 -37.08
C TYR D 450 5.53 -15.28 -36.39
N LYS D 451 5.14 -16.55 -36.54
CA LYS D 451 5.76 -17.62 -35.77
C LYS D 451 7.16 -17.90 -36.33
N GLN D 452 7.26 -17.94 -37.67
CA GLN D 452 8.54 -18.16 -38.31
C GLN D 452 9.48 -16.98 -38.05
N ALA D 453 8.99 -15.75 -38.26
CA ALA D 453 9.82 -14.58 -38.09
C ALA D 453 10.41 -14.53 -36.69
N LEU D 454 9.57 -14.75 -35.67
CA LEU D 454 10.04 -14.62 -34.30
C LEU D 454 10.94 -15.80 -33.94
N THR D 455 10.68 -16.98 -34.49
CA THR D 455 11.56 -18.12 -34.22
C THR D 455 12.97 -17.78 -34.73
N PHE D 456 13.03 -17.27 -35.97
CA PHE D 456 14.28 -16.89 -36.60
C PHE D 456 14.96 -15.81 -35.76
N LEU D 457 14.25 -14.71 -35.51
CA LEU D 457 14.80 -13.58 -34.80
C LEU D 457 15.43 -14.02 -33.47
N LEU D 458 14.75 -14.92 -32.75
CA LEU D 458 15.15 -15.20 -31.39
C LEU D 458 16.06 -16.41 -31.30
N THR D 459 16.44 -17.00 -32.44
CA THR D 459 17.42 -18.09 -32.43
C THR D 459 18.67 -17.78 -33.25
N THR D 460 18.61 -16.84 -34.21
CA THR D 460 19.78 -16.55 -35.03
C THR D 460 20.66 -15.55 -34.27
N ARG D 461 21.71 -15.11 -34.94
CA ARG D 461 22.73 -14.29 -34.32
C ARG D 461 22.15 -12.91 -34.04
N GLY D 462 22.75 -12.21 -33.07
CA GLY D 462 22.44 -10.82 -32.82
C GLY D 462 21.74 -10.58 -31.49
N ILE D 463 21.29 -9.34 -31.31
CA ILE D 463 20.61 -8.85 -30.12
C ILE D 463 19.19 -8.46 -30.51
N PRO D 464 18.16 -9.32 -30.28
CA PRO D 464 16.79 -9.03 -30.71
C PRO D 464 16.12 -7.88 -29.97
N GLN D 465 15.26 -7.17 -30.69
CA GLN D 465 14.42 -6.12 -30.13
C GLN D 465 12.98 -6.36 -30.59
N ILE D 466 12.04 -6.31 -29.64
CA ILE D 466 10.62 -6.39 -29.90
C ILE D 466 10.02 -5.00 -29.67
N TYR D 467 9.22 -4.53 -30.63
CA TYR D 467 8.49 -3.28 -30.49
C TYR D 467 7.21 -3.54 -29.71
N TYR D 468 6.88 -2.63 -28.76
CA TYR D 468 5.74 -2.81 -27.87
C TYR D 468 4.47 -3.03 -28.69
N GLY D 469 3.69 -4.03 -28.27
CA GLY D 469 2.42 -4.32 -28.92
C GLY D 469 2.53 -5.40 -30.00
N THR D 470 3.76 -5.81 -30.33
CA THR D 470 3.95 -6.85 -31.31
C THR D 470 3.31 -8.14 -30.81
N GLU D 471 3.43 -8.34 -29.50
CA GLU D 471 2.98 -9.57 -28.83
C GLU D 471 1.45 -9.67 -28.78
N ILE D 472 0.72 -8.61 -29.13
CA ILE D 472 -0.74 -8.66 -29.17
C ILE D 472 -1.26 -8.22 -30.55
N LEU D 473 -0.42 -8.30 -31.58
CA LEU D 473 -0.80 -8.12 -32.96
C LEU D 473 -1.27 -6.71 -33.28
N MET D 474 -0.72 -5.68 -32.61
CA MET D 474 -0.95 -4.31 -33.05
C MET D 474 -0.37 -4.16 -34.47
N ALA D 475 -1.08 -3.42 -35.32
CA ALA D 475 -0.73 -3.32 -36.74
C ALA D 475 -0.65 -1.86 -37.15
N ALA D 476 0.10 -1.58 -38.23
CA ALA D 476 0.28 -0.21 -38.70
C ALA D 476 1.09 -0.21 -39.99
N ASP D 477 0.82 0.80 -40.83
CA ASP D 477 1.46 0.93 -42.13
C ASP D 477 2.03 2.34 -42.23
N LYS D 478 3.30 2.41 -42.64
CA LYS D 478 4.06 3.64 -42.74
C LYS D 478 3.28 4.69 -43.54
N ALA D 479 2.51 4.24 -44.53
CA ALA D 479 1.81 5.13 -45.45
C ALA D 479 0.77 5.99 -44.73
N ASN D 480 0.27 5.54 -43.56
CA ASN D 480 -0.74 6.28 -42.83
C ASN D 480 -0.12 7.25 -41.80
N GLY D 481 1.18 7.53 -41.94
CA GLY D 481 1.82 8.52 -41.08
C GLY D 481 2.38 7.90 -39.79
N ASP D 482 3.30 8.64 -39.17
CA ASP D 482 4.10 8.11 -38.07
C ASP D 482 3.26 7.97 -36.81
N GLY D 483 2.28 8.87 -36.62
CA GLY D 483 1.42 8.85 -35.44
C GLY D 483 0.77 7.49 -35.18
N LEU D 484 0.27 6.85 -36.25
CA LEU D 484 -0.44 5.58 -36.14
C LEU D 484 0.53 4.40 -36.08
N LEU D 485 1.85 4.66 -36.17
CA LEU D 485 2.85 3.63 -35.91
C LEU D 485 2.98 3.41 -34.41
N ARG D 486 2.41 4.33 -33.62
CA ARG D 486 2.67 4.44 -32.20
C ARG D 486 1.36 4.61 -31.44
N CYS D 487 0.41 3.73 -31.75
CA CYS D 487 -0.90 3.76 -31.12
C CYS D 487 -0.79 3.37 -29.65
N ASP D 488 -1.82 3.73 -28.88
CA ASP D 488 -1.85 3.48 -27.45
C ASP D 488 -1.96 1.98 -27.23
N PHE D 489 -1.17 1.45 -26.29
CA PHE D 489 -1.30 0.07 -25.89
C PHE D 489 -2.71 -0.07 -25.30
N PRO D 490 -3.54 -1.00 -25.85
CA PRO D 490 -4.91 -1.16 -25.36
C PRO D 490 -4.90 -1.75 -23.96
N GLY D 491 -5.21 -0.92 -22.95
CA GLY D 491 -5.11 -1.30 -21.55
C GLY D 491 -4.32 -0.28 -20.73
N GLY D 492 -3.62 0.64 -21.41
CA GLY D 492 -2.72 1.55 -20.73
C GLY D 492 -3.46 2.76 -20.17
N TRP D 493 -4.73 2.92 -20.56
CA TRP D 493 -5.54 4.03 -20.10
C TRP D 493 -6.71 3.50 -19.26
N PRO D 494 -7.16 4.29 -18.24
CA PRO D 494 -8.17 3.79 -17.31
C PRO D 494 -9.48 3.37 -17.97
N ASN D 495 -9.86 4.06 -19.06
CA ASN D 495 -11.18 3.91 -19.67
C ASN D 495 -11.15 3.02 -20.91
N ASP D 496 -10.03 2.33 -21.17
CA ASP D 496 -9.92 1.52 -22.38
C ASP D 496 -10.94 0.38 -22.32
N THR D 497 -11.50 0.00 -23.48
CA THR D 497 -12.53 -1.01 -23.57
C THR D 497 -11.95 -2.41 -23.27
N LYS D 498 -10.86 -2.79 -23.96
CA LYS D 498 -10.22 -4.07 -23.73
C LYS D 498 -8.86 -3.80 -23.11
N ASN D 499 -8.59 -4.38 -21.93
CA ASN D 499 -7.29 -4.23 -21.26
C ASN D 499 -6.40 -5.44 -21.56
N CYS D 500 -5.53 -5.30 -22.57
CA CYS D 500 -4.79 -6.41 -23.11
C CYS D 500 -3.55 -6.77 -22.28
N PHE D 501 -3.31 -6.06 -21.16
CA PHE D 501 -2.25 -6.47 -20.25
C PHE D 501 -2.62 -7.78 -19.54
N ASP D 502 -3.92 -8.18 -19.58
CA ASP D 502 -4.36 -9.42 -18.97
C ASP D 502 -4.94 -10.34 -20.05
N ALA D 503 -4.59 -11.63 -19.97
CA ALA D 503 -5.02 -12.62 -20.94
C ALA D 503 -6.54 -12.69 -21.04
N ALA D 504 -7.22 -12.39 -19.93
CA ALA D 504 -8.67 -12.53 -19.84
C ALA D 504 -9.41 -11.62 -20.84
N ASN D 505 -8.80 -10.49 -21.25
CA ASN D 505 -9.47 -9.53 -22.12
C ASN D 505 -8.95 -9.62 -23.56
N ARG D 506 -8.19 -10.66 -23.90
CA ARG D 506 -7.54 -10.73 -25.20
C ARG D 506 -8.31 -11.70 -26.09
N THR D 507 -8.36 -11.39 -27.40
CA THR D 507 -8.92 -12.33 -28.37
C THR D 507 -8.15 -13.64 -28.30
N PRO D 508 -8.74 -14.77 -28.76
CA PRO D 508 -8.00 -16.03 -28.77
C PRO D 508 -6.72 -15.90 -29.58
N GLN D 509 -6.80 -15.18 -30.70
CA GLN D 509 -5.67 -15.04 -31.61
C GLN D 509 -4.56 -14.23 -30.93
N GLN D 510 -4.96 -13.15 -30.25
CA GLN D 510 -4.03 -12.35 -29.46
C GLN D 510 -3.29 -13.22 -28.44
N ASN D 511 -3.99 -14.21 -27.85
CA ASN D 511 -3.38 -15.04 -26.83
C ASN D 511 -2.48 -16.11 -27.47
N GLU D 512 -2.85 -16.55 -28.69
CA GLU D 512 -2.01 -17.47 -29.43
C GLU D 512 -0.66 -16.79 -29.70
N ALA D 513 -0.71 -15.56 -30.20
CA ALA D 513 0.47 -14.77 -30.51
C ALA D 513 1.30 -14.50 -29.26
N PHE D 514 0.65 -14.02 -28.19
CA PHE D 514 1.35 -13.66 -26.97
C PHE D 514 2.03 -14.90 -26.39
N SER D 515 1.32 -16.03 -26.38
CA SER D 515 1.84 -17.25 -25.76
C SER D 515 3.06 -17.77 -26.52
N PHE D 516 3.05 -17.61 -27.84
CA PHE D 516 4.13 -18.09 -28.69
C PHE D 516 5.41 -17.32 -28.40
N MET D 517 5.33 -15.98 -28.45
CA MET D 517 6.49 -15.15 -28.20
C MET D 517 7.02 -15.42 -26.80
N GLN D 518 6.11 -15.59 -25.83
CA GLN D 518 6.48 -15.77 -24.43
C GLN D 518 7.23 -17.10 -24.26
N LYS D 519 6.78 -18.14 -24.96
CA LYS D 519 7.45 -19.43 -24.89
C LYS D 519 8.92 -19.22 -25.29
N LEU D 520 9.13 -18.64 -26.48
CA LEU D 520 10.47 -18.45 -27.03
C LEU D 520 11.30 -17.57 -26.09
N LEU D 521 10.76 -16.43 -25.67
CA LEU D 521 11.50 -15.49 -24.83
C LEU D 521 11.91 -16.12 -23.49
N GLN D 522 10.97 -16.86 -22.87
CA GLN D 522 11.21 -17.45 -21.56
C GLN D 522 12.31 -18.51 -21.69
N TRP D 523 12.29 -19.24 -22.80
CA TRP D 523 13.28 -20.27 -23.10
C TRP D 523 14.64 -19.65 -23.43
N ARG D 524 14.64 -18.51 -24.13
CA ARG D 524 15.86 -17.85 -24.57
C ARG D 524 16.60 -17.26 -23.38
N LYS D 525 15.85 -16.64 -22.44
CA LYS D 525 16.45 -16.01 -21.27
C LYS D 525 17.36 -17.04 -20.59
N GLY D 526 18.61 -16.64 -20.28
CA GLY D 526 19.57 -17.50 -19.61
C GLY D 526 20.18 -18.58 -20.51
N ASN D 527 19.68 -18.75 -21.73
CA ASN D 527 20.12 -19.82 -22.62
C ASN D 527 21.47 -19.49 -23.24
N GLU D 528 22.53 -20.16 -22.77
CA GLU D 528 23.89 -19.89 -23.21
C GLU D 528 24.10 -20.27 -24.69
N VAL D 529 23.34 -21.23 -25.20
CA VAL D 529 23.54 -21.65 -26.58
C VAL D 529 23.24 -20.49 -27.53
N ILE D 530 22.11 -19.80 -27.32
CA ILE D 530 21.68 -18.73 -28.20
C ILE D 530 22.53 -17.49 -27.91
N ALA D 531 22.89 -17.30 -26.66
CA ALA D 531 23.61 -16.10 -26.28
C ALA D 531 25.04 -16.11 -26.79
N LYS D 532 25.71 -17.28 -26.81
CA LYS D 532 27.14 -17.32 -27.06
C LYS D 532 27.55 -18.32 -28.14
N GLY D 533 26.59 -19.07 -28.69
CA GLY D 533 26.95 -20.21 -29.53
C GLY D 533 27.31 -19.77 -30.95
N GLN D 534 28.14 -20.59 -31.60
CA GLN D 534 28.43 -20.44 -33.01
C GLN D 534 27.13 -20.60 -33.77
N LEU D 535 27.12 -20.17 -35.03
CA LEU D 535 26.00 -20.37 -35.92
C LEU D 535 26.49 -21.15 -37.13
N LYS D 536 25.68 -22.10 -37.58
CA LYS D 536 25.96 -22.84 -38.80
C LYS D 536 24.63 -23.08 -39.49
N HIS D 537 24.56 -22.78 -40.80
CA HIS D 537 23.31 -22.90 -41.54
C HIS D 537 23.55 -23.61 -42.88
N PHE D 538 22.42 -23.97 -43.51
CA PHE D 538 22.39 -24.70 -44.77
C PHE D 538 21.50 -23.98 -45.75
N ALA D 539 21.87 -24.00 -47.03
CA ALA D 539 21.03 -23.42 -48.06
C ALA D 539 19.65 -24.06 -47.98
N PRO D 540 18.58 -23.29 -48.24
CA PRO D 540 17.24 -23.84 -48.29
C PRO D 540 17.24 -25.09 -49.15
N ASN D 541 16.65 -26.16 -48.61
CA ASN D 541 16.59 -27.48 -49.22
C ASN D 541 15.13 -27.80 -49.53
N LYS D 542 14.78 -27.75 -50.83
CA LYS D 542 13.40 -27.89 -51.26
C LYS D 542 12.53 -26.99 -50.37
N GLY D 543 13.02 -25.77 -50.14
CA GLY D 543 12.27 -24.73 -49.48
C GLY D 543 12.51 -24.65 -47.98
N VAL D 544 13.30 -25.58 -47.41
CA VAL D 544 13.45 -25.67 -45.96
C VAL D 544 14.84 -25.18 -45.54
N TYR D 545 14.86 -24.10 -44.75
CA TYR D 545 16.09 -23.53 -44.20
C TYR D 545 16.35 -24.21 -42.86
N VAL D 546 17.60 -24.66 -42.63
CA VAL D 546 17.98 -25.34 -41.41
C VAL D 546 19.25 -24.70 -40.86
N TYR D 547 19.32 -24.50 -39.54
CA TYR D 547 20.55 -24.00 -38.94
C TYR D 547 20.70 -24.45 -37.49
N GLU D 548 21.92 -24.29 -36.98
CA GLU D 548 22.31 -24.78 -35.67
C GLU D 548 23.01 -23.66 -34.90
N ARG D 549 22.65 -23.52 -33.63
CA ARG D 549 23.44 -22.77 -32.67
C ARG D 549 24.05 -23.80 -31.73
N LYS D 550 25.33 -23.63 -31.39
CA LYS D 550 26.09 -24.65 -30.69
C LYS D 550 27.14 -23.98 -29.82
N TYR D 551 27.08 -24.29 -28.52
CA TYR D 551 28.06 -23.82 -27.54
C TYR D 551 28.53 -25.02 -26.73
N GLY D 552 29.84 -25.28 -26.75
CA GLY D 552 30.37 -26.51 -26.20
C GLY D 552 29.66 -27.72 -26.82
N ASP D 553 28.95 -28.49 -25.99
CA ASP D 553 28.31 -29.71 -26.45
C ASP D 553 26.80 -29.56 -26.55
N LYS D 554 26.26 -28.47 -25.97
CA LYS D 554 24.83 -28.22 -26.06
C LYS D 554 24.59 -27.51 -27.40
N SER D 555 23.50 -27.86 -28.07
CA SER D 555 23.18 -27.25 -29.34
C SER D 555 21.66 -27.10 -29.49
N VAL D 556 21.26 -26.24 -30.43
CA VAL D 556 19.88 -26.04 -30.82
C VAL D 556 19.82 -26.07 -32.34
N VAL D 557 18.74 -26.66 -32.89
CA VAL D 557 18.63 -26.76 -34.33
C VAL D 557 17.23 -26.33 -34.75
N VAL D 558 17.18 -25.43 -35.74
CA VAL D 558 15.92 -24.88 -36.22
C VAL D 558 15.68 -25.42 -37.63
N PHE D 559 14.43 -25.82 -37.89
CA PHE D 559 13.93 -26.08 -39.23
C PHE D 559 12.82 -25.07 -39.49
N LEU D 560 12.90 -24.36 -40.62
CA LEU D 560 11.84 -23.48 -41.06
C LEU D 560 11.48 -23.93 -42.48
N ASN D 561 10.23 -24.38 -42.65
CA ASN D 561 9.73 -24.72 -43.96
C ASN D 561 9.24 -23.43 -44.60
N GLY D 562 9.83 -23.09 -45.75
CA GLY D 562 9.66 -21.77 -46.36
C GLY D 562 8.59 -21.76 -47.43
N ASN D 563 7.59 -22.63 -47.30
CA ASN D 563 6.53 -22.71 -48.29
C ASN D 563 5.21 -23.10 -47.61
N ASP D 564 4.13 -22.76 -48.33
CA ASP D 564 2.76 -23.02 -47.93
C ASP D 564 2.35 -24.41 -48.41
N ARG D 565 3.09 -25.46 -48.00
CA ARG D 565 2.84 -26.81 -48.50
C ARG D 565 3.68 -27.81 -47.71
N GLU D 566 3.32 -29.10 -47.83
CA GLU D 566 4.05 -30.16 -47.17
C GLU D 566 5.29 -30.47 -48.01
N GLN D 567 6.39 -30.81 -47.34
CA GLN D 567 7.64 -31.15 -48.02
C GLN D 567 8.38 -32.23 -47.25
N THR D 568 8.79 -33.27 -47.97
CA THR D 568 9.72 -34.25 -47.42
C THR D 568 11.11 -33.91 -47.94
N ILE D 569 12.11 -34.01 -47.06
CA ILE D 569 13.49 -33.70 -47.41
C ILE D 569 14.40 -34.82 -46.93
N ASP D 570 15.52 -34.97 -47.64
CA ASP D 570 16.59 -35.86 -47.25
C ASP D 570 17.35 -35.20 -46.09
N LEU D 571 17.64 -35.99 -45.04
CA LEU D 571 18.32 -35.49 -43.86
C LEU D 571 19.82 -35.77 -43.91
N VAL D 572 20.30 -36.46 -44.95
CA VAL D 572 21.70 -36.84 -45.03
C VAL D 572 22.58 -35.59 -44.98
N PRO D 573 22.24 -34.50 -45.73
CA PRO D 573 22.99 -33.24 -45.62
C PRO D 573 23.31 -32.78 -44.20
N TYR D 574 22.39 -32.99 -43.26
CA TYR D 574 22.49 -32.35 -41.96
C TYR D 574 23.17 -33.25 -40.93
N GLN D 575 23.77 -34.37 -41.35
CA GLN D 575 24.33 -35.32 -40.40
C GLN D 575 25.19 -34.60 -39.36
N GLU D 576 25.96 -33.58 -39.78
CA GLU D 576 26.95 -32.99 -38.90
C GLU D 576 26.29 -32.10 -37.82
N ILE D 577 24.99 -31.79 -37.94
CA ILE D 577 24.31 -31.01 -36.90
C ILE D 577 23.17 -31.81 -36.25
N LEU D 578 22.99 -33.09 -36.61
CA LEU D 578 21.93 -33.92 -36.04
C LEU D 578 22.56 -35.11 -35.31
N PRO D 579 23.01 -34.93 -34.05
CA PRO D 579 23.76 -35.99 -33.36
C PRO D 579 22.94 -37.13 -32.76
N ALA D 580 21.63 -37.18 -33.05
CA ALA D 580 20.75 -38.19 -32.48
C ALA D 580 19.54 -38.41 -33.38
N SER D 581 18.86 -39.54 -33.19
CA SER D 581 17.85 -40.01 -34.14
C SER D 581 16.49 -39.37 -33.87
N SER D 582 16.41 -38.60 -32.78
CA SER D 582 15.17 -37.92 -32.43
C SER D 582 15.47 -36.75 -31.49
N ALA D 583 14.50 -35.84 -31.39
CA ALA D 583 14.60 -34.74 -30.44
C ALA D 583 13.22 -34.17 -30.12
N PHE D 584 13.19 -33.32 -29.09
CA PHE D 584 11.95 -32.72 -28.61
C PHE D 584 11.86 -31.29 -29.14
N ASP D 585 10.78 -31.00 -29.87
CA ASP D 585 10.45 -29.67 -30.33
C ASP D 585 9.96 -28.84 -29.15
N LEU D 586 10.64 -27.71 -28.86
CA LEU D 586 10.30 -26.88 -27.73
C LEU D 586 8.94 -26.20 -27.94
N LEU D 587 8.50 -26.05 -29.20
CA LEU D 587 7.33 -25.21 -29.50
C LEU D 587 6.04 -26.00 -29.28
N THR D 588 5.91 -27.18 -29.90
CA THR D 588 4.73 -28.02 -29.77
C THR D 588 4.90 -29.03 -28.63
N GLU D 589 6.11 -29.11 -28.05
CA GLU D 589 6.44 -30.08 -27.02
C GLU D 589 6.20 -31.52 -27.53
N LYS D 590 6.39 -31.76 -28.84
CA LYS D 590 6.27 -33.10 -29.40
C LYS D 590 7.65 -33.66 -29.78
N LYS D 591 7.75 -34.99 -29.92
CA LYS D 591 8.97 -35.63 -30.42
C LYS D 591 9.03 -35.47 -31.93
N VAL D 592 10.24 -35.21 -32.46
CA VAL D 592 10.49 -35.17 -33.90
C VAL D 592 11.52 -36.25 -34.24
N GLU D 593 11.20 -37.02 -35.29
CA GLU D 593 12.00 -38.17 -35.69
C GLU D 593 13.05 -37.69 -36.69
N LEU D 594 14.33 -37.99 -36.41
CA LEU D 594 15.41 -37.55 -37.27
C LEU D 594 16.13 -38.76 -37.88
N ARG D 595 15.53 -39.42 -38.87
CA ARG D 595 16.18 -40.56 -39.48
C ARG D 595 15.90 -40.60 -40.98
N ASN D 596 16.91 -40.21 -41.78
CA ASN D 596 16.96 -40.46 -43.23
C ASN D 596 16.07 -39.48 -44.00
N GLU D 597 14.79 -39.34 -43.64
CA GLU D 597 13.94 -38.31 -44.24
C GLU D 597 13.10 -37.65 -43.17
N LEU D 598 12.49 -36.51 -43.52
CA LEU D 598 11.63 -35.76 -42.60
C LEU D 598 10.55 -35.05 -43.42
N THR D 599 9.30 -35.19 -42.99
CA THR D 599 8.19 -34.54 -43.67
C THR D 599 7.74 -33.33 -42.85
N LEU D 600 7.68 -32.17 -43.49
CA LEU D 600 7.34 -30.94 -42.80
C LEU D 600 6.02 -30.41 -43.33
N PRO D 601 4.98 -30.31 -42.47
CA PRO D 601 3.74 -29.63 -42.84
C PRO D 601 3.98 -28.20 -43.33
N SER D 602 2.99 -27.65 -44.01
CA SER D 602 2.98 -26.25 -44.41
C SER D 602 3.53 -25.36 -43.29
N ARG D 603 4.60 -24.60 -43.59
CA ARG D 603 5.14 -23.57 -42.72
C ARG D 603 5.57 -24.14 -41.36
N GLU D 604 5.96 -25.42 -41.33
CA GLU D 604 6.34 -26.05 -40.08
C GLU D 604 7.55 -25.33 -39.49
N ILE D 605 7.64 -25.40 -38.15
CA ILE D 605 8.77 -24.91 -37.40
C ILE D 605 9.17 -26.03 -36.43
N TYR D 606 10.45 -26.42 -36.43
CA TYR D 606 10.97 -27.29 -35.39
C TYR D 606 12.11 -26.55 -34.68
N LEU D 607 12.12 -26.59 -33.36
CA LEU D 607 13.17 -26.01 -32.54
C LEU D 607 13.65 -27.09 -31.57
N LEU D 608 14.74 -27.77 -31.96
CA LEU D 608 15.19 -28.99 -31.31
C LEU D 608 16.38 -28.69 -30.41
N SER D 609 16.51 -29.47 -29.32
CA SER D 609 17.65 -29.40 -28.42
C SER D 609 18.49 -30.67 -28.51
N PHE D 610 19.79 -30.55 -28.24
CA PHE D 610 20.67 -31.70 -28.04
C PHE D 610 21.77 -31.37 -27.01
N THR E 18 47.45 49.17 -22.30
CA THR E 18 48.55 48.68 -21.43
C THR E 18 48.89 47.24 -21.85
N ILE E 19 49.00 47.02 -23.17
CA ILE E 19 49.24 45.70 -23.74
C ILE E 19 50.72 45.52 -24.07
N LYS E 20 51.41 44.64 -23.31
CA LYS E 20 52.85 44.48 -23.33
C LYS E 20 53.29 43.49 -24.42
N LYS E 21 52.59 42.35 -24.59
CA LYS E 21 53.03 41.32 -25.53
C LYS E 21 51.83 40.68 -26.24
N VAL E 22 51.96 40.53 -27.57
CA VAL E 22 50.93 39.93 -28.41
C VAL E 22 51.55 38.79 -29.21
N ALA E 23 51.00 37.57 -29.06
CA ALA E 23 51.54 36.40 -29.74
C ALA E 23 50.45 35.64 -30.48
N PRO E 24 50.69 35.22 -31.75
CA PRO E 24 51.89 35.57 -32.51
C PRO E 24 51.90 37.06 -32.88
N THR E 25 53.10 37.56 -33.24
CA THR E 25 53.29 38.95 -33.65
C THR E 25 52.28 39.30 -34.74
N PHE E 26 52.16 38.39 -35.71
CA PHE E 26 51.16 38.48 -36.76
C PHE E 26 50.94 37.09 -37.35
N TRP E 27 49.95 36.97 -38.25
CA TRP E 27 49.64 35.70 -38.87
C TRP E 27 49.41 35.90 -40.38
N TRP E 28 48.92 34.85 -41.03
CA TRP E 28 48.66 34.86 -42.45
C TRP E 28 47.22 34.45 -42.72
N ALA E 29 46.70 34.86 -43.86
CA ALA E 29 45.43 34.37 -44.35
C ALA E 29 45.68 33.09 -45.15
N GLY E 30 44.70 32.19 -45.13
CA GLY E 30 44.71 31.01 -45.99
C GLY E 30 45.71 29.94 -45.55
N MET E 31 45.92 29.79 -44.23
CA MET E 31 46.62 28.63 -43.69
C MET E 31 45.65 27.46 -43.73
N LYS E 32 46.17 26.21 -43.84
CA LYS E 32 45.30 25.05 -43.91
C LYS E 32 44.45 24.95 -42.64
N ASN E 33 45.07 25.12 -41.48
CA ASN E 33 44.35 25.28 -40.23
C ASN E 33 43.83 26.71 -40.13
N PRO E 34 42.49 26.93 -40.16
CA PRO E 34 41.95 28.28 -40.11
C PRO E 34 41.86 28.92 -38.73
N GLU E 35 42.23 28.17 -37.67
CA GLU E 35 42.14 28.68 -36.32
C GLU E 35 43.37 29.53 -36.03
N LEU E 36 43.18 30.64 -35.31
CA LEU E 36 44.29 31.44 -34.83
C LEU E 36 44.06 31.73 -33.36
N GLN E 37 45.04 31.32 -32.53
CA GLN E 37 45.04 31.69 -31.14
C GLN E 37 45.90 32.94 -31.02
N ILE E 38 45.34 34.01 -30.46
CA ILE E 38 46.13 35.19 -30.14
C ILE E 38 46.18 35.27 -28.61
N LEU E 39 47.40 35.23 -28.06
CA LEU E 39 47.64 35.37 -26.63
C LEU E 39 48.00 36.82 -26.34
N LEU E 40 47.20 37.47 -25.48
CA LEU E 40 47.39 38.88 -25.13
C LEU E 40 47.87 38.95 -23.69
N TYR E 41 48.92 39.77 -23.47
CA TYR E 41 49.53 39.98 -22.17
C TYR E 41 49.59 41.47 -21.85
N GLY E 42 49.01 41.87 -20.71
CA GLY E 42 49.04 43.27 -20.29
C GLY E 42 48.62 43.42 -18.82
N ASP E 43 48.33 44.66 -18.41
CA ASP E 43 48.01 44.97 -17.02
C ASP E 43 46.52 44.76 -16.80
N ARG E 44 46.18 43.84 -15.89
CA ARG E 44 44.80 43.47 -15.58
C ARG E 44 43.86 43.65 -16.78
N ILE E 45 44.08 42.86 -17.85
CA ILE E 45 43.30 42.99 -19.07
C ILE E 45 42.16 41.97 -19.11
N SER E 46 42.13 41.01 -18.17
CA SER E 46 41.33 39.80 -18.34
C SER E 46 39.83 40.06 -18.23
N SER E 47 39.45 41.18 -17.59
CA SER E 47 38.05 41.49 -17.36
C SER E 47 37.46 42.20 -18.58
N ALA E 48 38.31 42.57 -19.55
CA ALA E 48 37.90 43.39 -20.68
C ALA E 48 36.79 42.71 -21.48
N ASP E 49 35.98 43.52 -22.17
CA ASP E 49 35.09 43.03 -23.23
C ASP E 49 35.84 43.13 -24.55
N VAL E 50 35.89 42.01 -25.28
CA VAL E 50 36.69 41.94 -26.48
C VAL E 50 35.76 41.97 -27.69
N SER E 51 36.19 42.69 -28.72
CA SER E 51 35.52 42.70 -30.01
C SER E 51 36.56 42.91 -31.10
N LEU E 52 36.12 42.74 -32.36
CA LEU E 52 36.98 42.93 -33.51
C LEU E 52 36.39 43.98 -34.44
N SER E 53 37.30 44.73 -35.08
CA SER E 53 36.98 45.53 -36.24
C SER E 53 37.74 44.93 -37.42
N ALA E 54 37.03 44.13 -38.22
CA ALA E 54 37.67 43.27 -39.20
C ALA E 54 36.66 42.78 -40.24
N ASP E 55 37.21 42.19 -41.29
CA ASP E 55 36.46 41.79 -42.47
C ASP E 55 36.50 40.28 -42.57
N ASN E 56 35.37 39.63 -42.21
CA ASN E 56 35.19 38.19 -42.32
C ASN E 56 36.15 37.45 -41.39
N ILE E 57 36.18 37.87 -40.13
CA ILE E 57 36.92 37.17 -39.09
C ILE E 57 35.93 36.99 -37.95
N THR E 58 35.82 35.76 -37.45
CA THR E 58 34.95 35.48 -36.31
C THR E 58 35.82 35.35 -35.06
N LEU E 59 35.45 36.13 -34.03
CA LEU E 59 35.93 35.90 -32.68
C LEU E 59 35.09 34.78 -32.08
N GLN E 60 35.68 33.58 -31.93
CA GLN E 60 34.94 32.41 -31.48
C GLN E 60 34.75 32.48 -29.96
N GLU E 61 35.82 32.85 -29.23
CA GLU E 61 35.79 32.78 -27.79
C GLU E 61 36.98 33.53 -27.21
N VAL E 62 36.77 33.97 -25.97
CA VAL E 62 37.78 34.61 -25.14
C VAL E 62 37.92 33.77 -23.87
N VAL E 63 39.17 33.38 -23.55
CA VAL E 63 39.44 32.51 -22.42
C VAL E 63 40.14 33.33 -21.33
N LYS E 64 39.54 33.30 -20.12
CA LYS E 64 40.06 33.97 -18.94
C LYS E 64 40.61 32.89 -18.00
N GLN E 65 41.72 33.22 -17.32
CA GLN E 65 42.42 32.28 -16.47
C GLN E 65 42.83 32.99 -15.17
N GLU E 66 43.35 32.21 -14.21
CA GLU E 66 43.73 32.71 -12.89
C GLU E 66 44.43 34.07 -13.00
N ASN E 67 45.46 34.16 -13.84
CA ASN E 67 46.23 35.38 -13.93
C ASN E 67 45.43 36.42 -14.71
N PRO E 68 45.13 37.60 -14.15
CA PRO E 68 44.37 38.62 -14.89
C PRO E 68 45.16 39.41 -15.92
N ASN E 69 46.46 39.09 -16.09
CA ASN E 69 47.28 39.80 -17.06
C ASN E 69 47.17 39.20 -18.46
N TYR E 70 46.32 38.18 -18.64
CA TYR E 70 46.27 37.46 -19.90
C TYR E 70 44.84 37.37 -20.40
N LEU E 71 44.71 37.39 -21.73
CA LEU E 71 43.52 36.90 -22.41
C LEU E 71 44.00 35.95 -23.51
N VAL E 72 43.22 34.88 -23.74
CA VAL E 72 43.45 34.02 -24.89
C VAL E 72 42.26 34.15 -25.84
N LEU E 73 42.55 34.62 -27.07
CA LEU E 73 41.53 34.78 -28.09
C LEU E 73 41.67 33.65 -29.10
N TYR E 74 40.52 33.11 -29.51
CA TYR E 74 40.44 32.15 -30.60
C TYR E 74 39.63 32.78 -31.74
N LEU E 75 40.30 32.97 -32.89
CA LEU E 75 39.67 33.52 -34.08
C LEU E 75 39.52 32.40 -35.11
N ASP E 76 38.46 32.49 -35.93
CA ASP E 76 38.29 31.65 -37.11
C ASP E 76 38.57 32.50 -38.36
N LEU E 77 39.54 32.06 -39.18
CA LEU E 77 40.02 32.82 -40.33
C LEU E 77 39.62 32.16 -41.64
N SER E 78 38.62 31.25 -41.62
CA SER E 78 38.37 30.39 -42.76
C SER E 78 37.89 31.21 -43.97
N LYS E 79 37.17 32.31 -43.69
CA LYS E 79 36.54 33.12 -44.72
C LYS E 79 37.29 34.43 -44.92
N ALA E 80 38.54 34.54 -44.45
CA ALA E 80 39.17 35.84 -44.31
C ALA E 80 40.30 36.03 -45.32
N ALA E 81 40.40 37.26 -45.84
CA ALA E 81 41.45 37.58 -46.77
C ALA E 81 42.49 38.43 -46.04
N PRO E 82 43.70 38.56 -46.65
CA PRO E 82 44.75 39.38 -46.06
C PRO E 82 44.18 40.76 -45.75
N GLN E 83 44.60 41.32 -44.61
CA GLN E 83 44.04 42.58 -44.16
C GLN E 83 44.79 43.05 -42.91
N ASN E 84 44.61 44.32 -42.56
CA ASN E 84 44.92 44.83 -41.22
C ASN E 84 43.60 45.01 -40.48
N PHE E 85 43.57 44.68 -39.20
CA PHE E 85 42.34 44.70 -38.43
C PHE E 85 42.70 45.07 -37.00
N ASP E 86 41.69 45.36 -36.19
CA ASP E 86 41.90 45.84 -34.84
C ASP E 86 41.19 44.90 -33.86
N ILE E 87 41.88 44.62 -32.74
CA ILE E 87 41.29 43.96 -31.58
C ILE E 87 40.99 45.05 -30.57
N ILE E 88 39.80 45.01 -29.98
CA ILE E 88 39.33 46.13 -29.18
C ILE E 88 38.93 45.63 -27.79
N LEU E 89 39.62 46.16 -26.77
CA LEU E 89 39.33 45.89 -25.38
C LEU E 89 38.63 47.10 -24.77
N LYS E 90 37.40 46.91 -24.27
CA LYS E 90 36.65 47.96 -23.60
C LYS E 90 36.55 47.60 -22.11
N GLN E 91 37.15 48.44 -21.26
CA GLN E 91 37.16 48.25 -19.80
C GLN E 91 36.59 49.52 -19.17
N GLY E 92 35.39 49.41 -18.60
CA GLY E 92 34.63 50.57 -18.12
C GLY E 92 34.46 51.61 -19.23
N LYS E 93 35.11 52.76 -19.07
CA LYS E 93 35.03 53.83 -20.05
C LYS E 93 36.17 53.70 -21.06
N LYS E 94 37.32 53.16 -20.62
CA LYS E 94 38.55 53.11 -21.39
C LYS E 94 38.46 52.07 -22.51
N GLN E 95 39.08 52.35 -23.66
CA GLN E 95 39.08 51.45 -24.81
C GLN E 95 40.48 51.39 -25.44
N THR E 96 41.03 50.18 -25.60
CA THR E 96 42.35 49.98 -26.20
C THR E 96 42.20 49.29 -27.56
N LYS E 97 42.87 49.83 -28.58
CA LYS E 97 42.89 49.26 -29.92
C LYS E 97 44.23 48.55 -30.14
N ILE E 98 44.19 47.22 -30.33
CA ILE E 98 45.38 46.45 -30.70
C ILE E 98 45.33 46.15 -32.19
N PRO E 99 46.23 46.71 -33.01
CA PRO E 99 46.25 46.42 -34.45
C PRO E 99 46.84 45.04 -34.69
N TYR E 100 46.43 44.37 -35.78
CA TYR E 100 46.89 43.02 -36.09
C TYR E 100 46.86 42.81 -37.61
N GLU E 101 47.90 42.17 -38.15
CA GLU E 101 48.02 41.97 -39.58
C GLU E 101 47.85 40.50 -39.93
N LEU E 102 47.01 40.24 -40.94
CA LEU E 102 46.99 38.96 -41.65
C LEU E 102 47.74 39.14 -42.97
N LYS E 103 49.00 38.68 -43.02
CA LYS E 103 49.80 38.83 -44.21
C LYS E 103 49.25 37.94 -45.31
N GLN E 104 49.73 38.18 -46.53
CA GLN E 104 49.37 37.38 -47.68
C GLN E 104 50.51 36.41 -47.90
N ARG E 105 50.17 35.13 -48.11
CA ARG E 105 51.19 34.11 -48.22
C ARG E 105 51.93 34.25 -49.54
N ARG E 106 53.27 34.17 -49.47
CA ARG E 106 54.06 33.90 -50.66
C ARG E 106 53.39 32.75 -51.40
N PRO E 107 53.46 32.73 -52.75
CA PRO E 107 52.89 31.60 -53.49
C PRO E 107 53.78 30.37 -53.27
N ASN E 108 53.13 29.21 -53.13
CA ASN E 108 53.79 27.91 -52.98
C ASN E 108 54.60 27.82 -51.67
N ALA E 109 54.17 28.53 -50.62
CA ALA E 109 54.80 28.42 -49.31
C ALA E 109 54.63 27.00 -48.76
N SER E 110 53.44 26.42 -49.00
CA SER E 110 53.12 25.04 -48.65
C SER E 110 54.13 24.06 -49.21
N ALA E 111 54.76 24.38 -50.34
CA ALA E 111 55.48 23.35 -51.08
C ALA E 111 56.99 23.42 -50.78
N VAL E 112 57.37 24.14 -49.74
CA VAL E 112 58.78 24.26 -49.42
C VAL E 112 59.38 22.86 -49.22
N GLU E 113 60.54 22.63 -49.85
CA GLU E 113 61.28 21.40 -49.69
C GLU E 113 61.67 21.17 -48.25
N GLY E 114 61.67 19.89 -47.85
CA GLY E 114 62.22 19.46 -46.57
C GLY E 114 63.70 19.16 -46.75
N PHE E 115 64.23 18.27 -45.91
CA PHE E 115 65.53 17.68 -46.14
C PHE E 115 65.43 16.17 -46.00
N ASP E 116 66.42 15.44 -46.51
CA ASP E 116 66.30 14.01 -46.64
C ASP E 116 67.70 13.43 -46.89
N SER E 117 67.77 12.15 -47.30
CA SER E 117 69.04 11.46 -47.35
C SER E 117 69.92 11.97 -48.50
N SER E 118 69.36 12.80 -49.39
CA SER E 118 70.16 13.46 -50.40
C SER E 118 70.95 14.61 -49.79
N ASP E 119 70.59 15.02 -48.57
CA ASP E 119 71.23 16.15 -47.93
C ASP E 119 72.34 15.70 -46.98
N VAL E 120 73.20 16.67 -46.60
CA VAL E 120 74.11 16.57 -45.47
C VAL E 120 73.97 17.87 -44.68
N LEU E 121 73.79 17.75 -43.36
CA LEU E 121 73.53 18.91 -42.51
C LEU E 121 74.82 19.35 -41.81
N TYR E 122 75.00 20.68 -41.70
CA TYR E 122 76.16 21.26 -41.04
C TYR E 122 75.67 21.98 -39.79
N LEU E 123 76.06 21.45 -38.63
CA LEU E 123 75.51 21.91 -37.36
C LEU E 123 76.39 23.02 -36.79
N ILE E 124 75.76 24.18 -36.51
CA ILE E 124 76.45 25.38 -36.07
C ILE E 124 75.81 25.89 -34.77
N MET E 125 76.66 26.15 -33.77
CA MET E 125 76.27 26.87 -32.57
C MET E 125 76.54 28.36 -32.80
N PRO E 126 75.51 29.19 -33.08
CA PRO E 126 75.74 30.56 -33.57
C PRO E 126 76.71 31.43 -32.76
N ASP E 127 76.62 31.35 -31.44
CA ASP E 127 77.45 32.18 -30.59
C ASP E 127 78.94 31.81 -30.69
N ARG E 128 79.28 30.74 -31.41
CA ARG E 128 80.64 30.20 -31.38
C ARG E 128 81.17 29.97 -32.78
N PHE E 129 80.48 30.49 -33.81
CA PHE E 129 80.91 30.25 -35.17
C PHE E 129 81.64 31.48 -35.71
N ALA E 130 80.96 32.63 -35.80
CA ALA E 130 81.59 33.84 -36.31
C ALA E 130 80.91 35.11 -35.79
N ASN E 131 81.75 36.09 -35.43
CA ASN E 131 81.30 37.41 -35.00
C ASN E 131 81.42 38.39 -36.17
N GLY E 132 80.29 38.63 -36.83
CA GLY E 132 80.26 39.50 -38.01
C GLY E 132 79.78 40.90 -37.65
N ASN E 133 79.32 41.09 -36.41
CA ASN E 133 78.88 42.39 -35.93
C ASN E 133 79.16 42.48 -34.44
N PRO E 134 80.32 43.03 -34.01
CA PRO E 134 80.65 43.10 -32.59
C PRO E 134 79.78 44.04 -31.76
N SER E 135 79.02 44.92 -32.44
CA SER E 135 78.22 45.93 -31.76
C SER E 135 77.05 45.30 -31.00
N ASN E 136 76.70 44.06 -31.34
CA ASN E 136 75.55 43.39 -30.72
C ASN E 136 76.01 42.34 -29.70
N ASP E 137 77.33 42.21 -29.48
CA ASP E 137 77.84 41.28 -28.48
C ASP E 137 77.24 41.55 -27.11
N ILE E 138 77.02 42.82 -26.78
CA ILE E 138 76.35 43.20 -25.55
C ILE E 138 75.15 44.06 -25.94
N ILE E 139 74.00 43.81 -25.28
CA ILE E 139 72.77 44.52 -25.59
C ILE E 139 72.26 45.16 -24.30
N PRO E 140 72.15 46.51 -24.27
CA PRO E 140 71.68 47.21 -23.08
C PRO E 140 70.35 46.61 -22.62
N GLY E 141 70.26 46.31 -21.32
CA GLY E 141 69.01 45.87 -20.72
C GLY E 141 68.98 44.35 -20.48
N MET E 142 69.68 43.58 -21.33
CA MET E 142 69.66 42.13 -21.25
C MET E 142 70.42 41.68 -19.98
N LEU E 143 69.89 40.64 -19.34
CA LEU E 143 70.30 40.21 -18.02
C LEU E 143 71.76 39.74 -18.00
N GLU E 144 72.22 39.13 -19.11
CA GLU E 144 73.63 38.71 -19.19
C GLU E 144 74.37 39.78 -19.97
N GLY E 145 75.06 40.66 -19.25
CA GLY E 145 75.61 41.88 -19.82
C GLY E 145 77.12 41.78 -20.05
N ASN E 146 77.64 40.56 -20.19
CA ASN E 146 79.07 40.36 -20.37
C ASN E 146 79.30 39.47 -21.58
N VAL E 147 80.49 39.64 -22.19
CA VAL E 147 81.08 38.65 -23.09
C VAL E 147 82.50 38.38 -22.62
N ASP E 148 82.96 37.15 -22.83
CA ASP E 148 84.26 36.73 -22.35
C ASP E 148 84.67 35.47 -23.10
N ARG E 149 85.48 35.65 -24.15
CA ARG E 149 85.89 34.55 -25.00
C ARG E 149 86.82 33.57 -24.28
N ASN E 150 87.26 33.90 -23.07
CA ASN E 150 88.15 33.01 -22.30
C ASN E 150 87.36 32.22 -21.27
N GLU E 151 86.05 32.47 -21.14
CA GLU E 151 85.17 31.66 -20.31
C GLU E 151 84.36 30.71 -21.21
N PRO E 152 84.51 29.37 -21.06
CA PRO E 152 83.73 28.43 -21.89
C PRO E 152 82.21 28.58 -21.80
N PHE E 153 81.68 29.01 -20.65
CA PHE E 153 80.25 29.07 -20.41
C PHE E 153 79.69 30.49 -20.53
N ALA E 154 80.46 31.41 -21.12
CA ALA E 154 79.98 32.77 -21.32
C ALA E 154 79.73 33.01 -22.81
N ARG E 155 79.01 34.09 -23.11
CA ARG E 155 78.80 34.50 -24.49
C ARG E 155 80.14 34.92 -25.07
N HIS E 156 80.35 34.59 -26.34
CA HIS E 156 81.58 34.90 -27.06
C HIS E 156 81.34 35.91 -28.18
N GLY E 157 80.08 36.09 -28.59
CA GLY E 157 79.71 37.16 -29.49
C GLY E 157 79.40 36.71 -30.93
N GLY E 158 79.27 35.40 -31.17
CA GLY E 158 78.88 34.92 -32.48
C GLY E 158 77.49 35.44 -32.86
N ASP E 159 77.24 35.55 -34.17
CA ASP E 159 75.96 36.11 -34.64
C ASP E 159 75.62 35.64 -36.05
N LEU E 160 74.42 36.04 -36.50
CA LEU E 160 73.87 35.63 -37.78
C LEU E 160 74.70 36.23 -38.92
N LYS E 161 75.08 37.50 -38.79
CA LYS E 161 75.93 38.17 -39.77
C LYS E 161 77.19 37.33 -40.02
N GLY E 162 77.75 36.80 -38.92
CA GLY E 162 78.90 35.90 -38.98
C GLY E 162 78.63 34.68 -39.86
N ILE E 163 77.46 34.06 -39.70
CA ILE E 163 77.12 32.91 -40.53
C ILE E 163 76.98 33.39 -41.96
N GLU E 164 76.25 34.50 -42.16
CA GLU E 164 76.03 35.05 -43.48
C GLU E 164 77.37 35.31 -44.17
N ASN E 165 78.35 35.84 -43.43
CA ASN E 165 79.64 36.18 -44.01
C ASN E 165 80.35 34.93 -44.55
N HIS E 166 80.05 33.74 -44.00
CA HIS E 166 80.83 32.55 -44.31
C HIS E 166 80.00 31.46 -45.00
N LEU E 167 78.84 31.82 -45.55
CA LEU E 167 78.06 30.89 -46.36
C LEU E 167 78.91 30.31 -47.48
N ASP E 168 79.78 31.12 -48.07
CA ASP E 168 80.66 30.71 -49.16
C ASP E 168 81.49 29.50 -48.71
N TYR E 169 81.99 29.56 -47.46
CA TYR E 169 82.85 28.51 -46.92
C TYR E 169 82.05 27.23 -46.74
N ILE E 170 80.84 27.39 -46.17
CA ILE E 170 79.95 26.28 -45.90
C ILE E 170 79.61 25.55 -47.22
N ALA E 171 79.18 26.30 -48.25
CA ALA E 171 78.79 25.70 -49.51
C ALA E 171 79.97 25.02 -50.18
N ASP E 172 81.15 25.63 -50.06
CA ASP E 172 82.34 25.12 -50.73
C ASP E 172 82.77 23.82 -50.07
N LEU E 173 82.50 23.69 -48.76
CA LEU E 173 82.82 22.47 -48.03
C LEU E 173 82.07 21.30 -48.64
N GLY E 174 80.83 21.54 -49.10
CA GLY E 174 80.07 20.56 -49.86
C GLY E 174 78.79 20.08 -49.17
N VAL E 175 78.46 20.66 -48.01
CA VAL E 175 77.24 20.34 -47.30
C VAL E 175 76.06 20.94 -48.06
N THR E 176 74.83 20.51 -47.75
CA THR E 176 73.67 20.98 -48.47
C THR E 176 72.76 21.81 -47.58
N SER E 177 73.03 21.82 -46.26
CA SER E 177 72.13 22.48 -45.32
C SER E 177 72.92 23.00 -44.12
N ILE E 178 72.52 24.16 -43.60
CA ILE E 178 72.98 24.63 -42.31
C ILE E 178 71.90 24.28 -41.30
N TRP E 179 72.33 23.80 -40.13
CA TRP E 179 71.44 23.50 -39.02
C TRP E 179 71.93 24.29 -37.81
N LEU E 180 71.07 25.19 -37.31
CA LEU E 180 71.45 26.10 -36.24
C LEU E 180 70.89 25.59 -34.91
N ASN E 181 71.74 25.58 -33.88
CA ASN E 181 71.26 25.53 -32.52
C ASN E 181 70.32 26.71 -32.31
N PRO E 182 69.52 26.72 -31.23
CA PRO E 182 68.43 27.68 -31.11
C PRO E 182 68.86 29.13 -31.25
N ILE E 183 68.09 29.87 -32.06
CA ILE E 183 68.33 31.27 -32.32
C ILE E 183 67.27 32.13 -31.60
N GLN E 184 66.24 31.49 -31.02
CA GLN E 184 65.25 32.26 -30.29
C GLN E 184 65.87 32.82 -29.02
N GLU E 185 65.37 33.98 -28.57
CA GLU E 185 66.03 34.77 -27.54
C GLU E 185 66.10 34.01 -26.22
N ASN E 186 67.30 34.03 -25.63
CA ASN E 186 67.59 33.49 -24.30
C ASN E 186 68.04 34.62 -23.37
N ASP E 187 67.08 35.44 -22.91
CA ASP E 187 67.43 36.53 -22.01
C ASP E 187 67.51 35.97 -20.59
N MET E 188 68.58 35.22 -20.31
CA MET E 188 68.83 34.62 -19.01
C MET E 188 70.06 35.27 -18.37
N LYS E 189 70.13 35.21 -17.02
CA LYS E 189 71.24 35.75 -16.26
C LYS E 189 72.54 35.03 -16.61
N GLU E 190 72.52 33.69 -16.57
CA GLU E 190 73.68 32.88 -16.94
C GLU E 190 73.26 31.84 -17.98
N GLY E 191 74.24 31.34 -18.75
CA GLY E 191 74.06 30.19 -19.61
C GLY E 191 73.28 30.50 -20.90
N SER E 192 73.21 31.79 -21.26
CA SER E 192 72.34 32.21 -22.36
C SER E 192 72.92 31.82 -23.71
N TYR E 193 74.21 31.49 -23.75
CA TYR E 193 74.96 31.37 -24.99
C TYR E 193 74.44 30.21 -25.85
N HIS E 194 73.90 29.16 -25.22
CA HIS E 194 73.65 27.90 -25.92
C HIS E 194 72.27 27.88 -26.59
N GLY E 195 71.30 28.61 -26.01
CA GLY E 195 70.03 28.88 -26.67
C GLY E 195 68.86 28.04 -26.16
N TYR E 196 69.08 27.13 -25.20
CA TYR E 196 68.08 26.10 -24.88
C TYR E 196 67.15 26.53 -23.75
N ALA E 197 67.18 27.84 -23.41
CA ALA E 197 66.27 28.40 -22.43
C ALA E 197 65.64 29.67 -22.99
N ILE E 198 64.58 29.48 -23.78
CA ILE E 198 63.99 30.52 -24.58
C ILE E 198 63.14 31.43 -23.70
N THR E 199 63.27 32.75 -23.88
CA THR E 199 62.47 33.71 -23.13
C THR E 199 61.48 34.42 -24.06
N ASP E 200 61.68 34.32 -25.37
CA ASP E 200 60.68 34.82 -26.32
C ASP E 200 60.65 33.92 -27.54
N TYR E 201 59.51 33.23 -27.76
CA TYR E 201 59.42 32.30 -28.87
C TYR E 201 59.30 33.03 -30.21
N TYR E 202 59.00 34.33 -30.20
CA TYR E 202 58.72 35.04 -31.43
C TYR E 202 59.81 36.07 -31.76
N GLN E 203 60.98 36.00 -31.11
CA GLN E 203 62.05 36.94 -31.36
C GLN E 203 63.40 36.23 -31.43
N VAL E 204 64.17 36.49 -32.50
CA VAL E 204 65.58 36.08 -32.50
C VAL E 204 66.29 36.78 -31.35
N ASP E 205 67.28 36.10 -30.77
CA ASP E 205 68.08 36.70 -29.71
C ASP E 205 68.75 37.95 -30.26
N ARG E 206 68.55 39.10 -29.58
CA ARG E 206 69.03 40.38 -30.05
C ARG E 206 70.56 40.40 -30.20
N ARG E 207 71.27 39.50 -29.50
CA ARG E 207 72.71 39.39 -29.63
C ARG E 207 73.12 38.63 -30.90
N PHE E 208 72.17 37.94 -31.55
CA PHE E 208 72.43 37.24 -32.80
C PHE E 208 72.01 38.09 -34.01
N GLY E 209 70.98 38.93 -33.82
CA GLY E 209 70.40 39.71 -34.90
C GLY E 209 68.91 39.94 -34.64
N SER E 210 68.22 40.52 -35.64
CA SER E 210 66.78 40.69 -35.64
C SER E 210 66.12 39.55 -36.42
N ASN E 211 64.79 39.49 -36.33
CA ASN E 211 64.02 38.55 -37.13
C ASN E 211 64.36 38.69 -38.61
N GLU E 212 64.38 39.94 -39.08
CA GLU E 212 64.63 40.23 -40.49
C GLU E 212 66.00 39.70 -40.91
N GLU E 213 66.99 39.81 -40.02
CA GLU E 213 68.32 39.31 -40.31
C GLU E 213 68.25 37.81 -40.58
N PHE E 214 67.41 37.08 -39.83
CA PHE E 214 67.32 35.63 -39.96
C PHE E 214 66.69 35.31 -41.31
N ARG E 215 65.62 36.02 -41.69
CA ARG E 215 65.00 35.80 -42.99
C ARG E 215 66.03 36.03 -44.11
N LYS E 216 66.84 37.08 -43.96
CA LYS E 216 67.85 37.42 -44.96
C LYS E 216 68.88 36.29 -45.04
N LEU E 217 69.36 35.83 -43.87
CA LEU E 217 70.29 34.71 -43.81
C LEU E 217 69.74 33.53 -44.59
N THR E 218 68.46 33.22 -44.39
CA THR E 218 67.84 32.09 -45.05
C THR E 218 67.84 32.32 -46.57
N GLN E 219 67.39 33.51 -46.99
CA GLN E 219 67.41 33.89 -48.40
C GLN E 219 68.82 33.70 -48.98
N GLU E 220 69.81 34.19 -48.25
CA GLU E 220 71.19 34.17 -48.71
C GLU E 220 71.64 32.71 -48.83
N ALA E 221 71.31 31.91 -47.82
CA ALA E 221 71.66 30.50 -47.81
C ALA E 221 71.03 29.76 -48.99
N ASN E 222 69.73 29.99 -49.20
CA ASN E 222 68.99 29.34 -50.28
C ASN E 222 69.63 29.66 -51.63
N ALA E 223 70.11 30.90 -51.80
CA ALA E 223 70.64 31.34 -53.09
C ALA E 223 71.99 30.67 -53.36
N LYS E 224 72.71 30.29 -52.30
CA LYS E 224 73.94 29.50 -52.47
C LYS E 224 73.64 28.00 -52.47
N GLY E 225 72.36 27.61 -52.55
CA GLY E 225 71.97 26.20 -52.66
C GLY E 225 71.94 25.46 -51.32
N LEU E 226 71.75 26.18 -50.21
CA LEU E 226 71.78 25.58 -48.89
C LEU E 226 70.40 25.64 -48.26
N LYS E 227 69.97 24.53 -47.62
CA LYS E 227 68.78 24.52 -46.82
C LYS E 227 69.08 25.03 -45.41
N VAL E 228 68.03 25.39 -44.66
CA VAL E 228 68.21 25.85 -43.30
C VAL E 228 67.32 25.03 -42.36
N VAL E 229 67.92 24.49 -41.30
CA VAL E 229 67.20 23.76 -40.28
C VAL E 229 67.35 24.47 -38.94
N MET E 230 66.27 24.49 -38.16
CA MET E 230 66.17 25.30 -36.96
C MET E 230 65.83 24.40 -35.77
N ASP E 231 66.59 24.57 -34.67
CA ASP E 231 66.32 23.92 -33.40
C ASP E 231 65.20 24.65 -32.67
N MET E 232 64.26 23.88 -32.12
CA MET E 232 63.19 24.43 -31.31
C MET E 232 63.00 23.54 -30.08
N ILE E 233 62.38 24.12 -29.03
CA ILE E 233 62.24 23.42 -27.77
C ILE E 233 60.85 23.69 -27.22
N PHE E 234 60.03 22.64 -27.15
CA PHE E 234 58.68 22.71 -26.62
C PHE E 234 58.63 22.16 -25.20
N ASN E 235 59.59 21.31 -24.84
CA ASN E 235 59.59 20.65 -23.54
C ASN E 235 59.68 21.70 -22.44
N HIS E 236 60.50 22.73 -22.67
CA HIS E 236 60.75 23.73 -21.66
C HIS E 236 61.13 25.08 -22.26
N CYS E 237 60.91 26.14 -21.47
CA CYS E 237 61.42 27.47 -21.75
C CYS E 237 62.35 27.89 -20.62
N GLY E 238 62.99 29.06 -20.77
CA GLY E 238 63.79 29.63 -19.71
C GLY E 238 62.91 30.23 -18.62
N SER E 239 63.42 30.24 -17.39
CA SER E 239 62.65 30.75 -16.27
C SER E 239 62.40 32.26 -16.36
N ASP E 240 63.08 32.96 -17.28
CA ASP E 240 62.84 34.40 -17.44
C ASP E 240 61.89 34.71 -18.60
N ASN E 241 61.28 33.68 -19.19
CA ASN E 241 60.20 33.86 -20.15
C ASN E 241 58.99 34.47 -19.42
N TYR E 242 58.33 35.45 -20.05
CA TYR E 242 57.17 36.06 -19.43
C TYR E 242 56.12 34.99 -19.13
N LEU E 243 56.04 33.96 -19.97
CA LEU E 243 55.03 32.93 -19.81
C LEU E 243 55.24 32.20 -18.49
N PHE E 244 56.49 32.09 -18.04
CA PHE E 244 56.80 31.42 -16.78
C PHE E 244 56.81 32.42 -15.62
N LYS E 245 57.62 33.49 -15.73
CA LYS E 245 57.74 34.52 -14.70
C LYS E 245 56.36 34.96 -14.23
N ASP E 246 55.45 35.20 -15.18
CA ASP E 246 54.10 35.64 -14.90
C ASP E 246 53.10 34.66 -15.53
N MET E 247 52.96 33.49 -14.91
CA MET E 247 52.21 32.37 -15.48
C MET E 247 50.76 32.73 -15.73
N PRO E 248 50.20 32.43 -16.93
CA PRO E 248 48.75 32.51 -17.13
C PRO E 248 47.98 31.71 -16.09
N SER E 249 48.44 30.48 -15.82
CA SER E 249 47.85 29.63 -14.79
C SER E 249 48.83 28.54 -14.39
N LYS E 250 48.54 27.90 -13.25
CA LYS E 250 49.35 26.82 -12.71
C LYS E 250 49.39 25.66 -13.71
N ASP E 251 48.40 25.58 -14.61
CA ASP E 251 48.28 24.42 -15.49
C ASP E 251 49.23 24.53 -16.70
N TRP E 252 49.88 25.68 -16.90
CA TRP E 252 50.77 25.88 -18.04
C TRP E 252 52.10 25.14 -17.87
N PHE E 253 52.47 24.83 -16.64
CA PHE E 253 53.72 24.15 -16.39
C PHE E 253 53.45 22.97 -15.46
N ASN E 254 54.26 21.92 -15.62
CA ASN E 254 54.00 20.68 -14.91
C ASN E 254 54.43 20.86 -13.45
N PHE E 255 53.83 20.01 -12.60
CA PHE E 255 53.96 20.07 -11.15
C PHE E 255 53.46 21.43 -10.66
N GLU E 256 52.38 21.90 -11.31
CA GLU E 256 51.67 23.11 -10.95
C GLU E 256 52.64 24.27 -10.75
N GLY E 257 53.69 24.34 -11.58
CA GLY E 257 54.59 25.47 -11.59
C GLY E 257 55.72 25.37 -10.57
N ASN E 258 55.75 24.27 -9.79
CA ASN E 258 56.78 24.04 -8.79
C ASN E 258 57.86 23.11 -9.35
N TYR E 259 59.13 23.46 -9.07
CA TYR E 259 60.28 22.70 -9.54
C TYR E 259 60.27 21.29 -8.97
N VAL E 260 60.19 20.30 -9.86
CA VAL E 260 60.50 18.92 -9.55
C VAL E 260 61.42 18.40 -10.65
N GLN E 261 62.56 17.83 -10.24
CA GLN E 261 63.64 17.45 -11.15
C GLN E 261 63.29 16.17 -11.88
N THR E 262 63.48 16.15 -13.21
CA THR E 262 63.26 14.97 -14.02
C THR E 262 64.34 13.93 -13.68
N SER E 263 63.98 12.65 -13.83
CA SER E 263 64.91 11.52 -13.75
C SER E 263 65.71 11.32 -15.03
N PHE E 264 65.23 11.88 -16.15
CA PHE E 264 65.80 11.65 -17.47
C PHE E 264 65.47 10.24 -17.99
N LYS E 265 64.65 9.49 -17.26
CA LYS E 265 64.31 8.12 -17.65
C LYS E 265 63.10 8.17 -18.60
N THR E 266 63.37 8.45 -19.89
CA THR E 266 62.32 8.65 -20.89
C THR E 266 61.87 7.31 -21.49
N ALA E 267 62.56 6.21 -21.13
CA ALA E 267 62.08 4.87 -21.45
C ALA E 267 60.68 4.63 -20.89
N THR E 268 60.26 5.44 -19.91
CA THR E 268 58.97 5.24 -19.27
C THR E 268 57.81 5.44 -20.26
N GLN E 269 58.05 6.12 -21.39
CA GLN E 269 56.99 6.34 -22.38
C GLN E 269 56.61 5.02 -23.02
N MET E 270 57.55 4.09 -23.23
CA MET E 270 57.27 2.89 -23.99
C MET E 270 57.53 1.59 -23.21
N ASP E 271 58.21 1.68 -22.06
CA ASP E 271 58.48 0.50 -21.26
C ASP E 271 57.17 -0.17 -20.90
N PRO E 272 56.93 -1.44 -21.27
CA PRO E 272 55.66 -2.11 -20.95
C PRO E 272 55.50 -2.31 -19.44
N TYR E 273 56.61 -2.19 -18.68
CA TYR E 273 56.61 -2.43 -17.25
C TYR E 273 56.71 -1.12 -16.47
N ALA E 274 56.51 0.03 -17.11
CA ALA E 274 56.71 1.30 -16.43
C ALA E 274 55.72 1.51 -15.28
N SER E 275 56.18 2.22 -14.23
CA SER E 275 55.30 2.69 -13.17
C SER E 275 54.68 4.03 -13.53
N ASP E 276 53.49 4.31 -12.97
CA ASP E 276 52.83 5.59 -13.13
C ASP E 276 53.69 6.68 -12.50
N TYR E 277 54.20 6.40 -11.30
CA TYR E 277 54.99 7.38 -10.56
C TYR E 277 56.18 7.82 -11.41
N GLU E 278 56.89 6.86 -12.02
CA GLU E 278 58.12 7.18 -12.74
C GLU E 278 57.84 7.87 -14.08
N LYS E 279 56.75 7.51 -14.76
CA LYS E 279 56.37 8.20 -16.00
C LYS E 279 56.21 9.69 -15.70
N LYS E 280 55.55 10.03 -14.58
CA LYS E 280 55.28 11.41 -14.22
C LYS E 280 56.59 12.13 -13.91
N ILE E 281 57.44 11.54 -13.08
CA ILE E 281 58.70 12.16 -12.73
C ILE E 281 59.51 12.48 -14.00
N ALA E 282 59.55 11.54 -14.95
CA ALA E 282 60.34 11.73 -16.15
C ALA E 282 59.74 12.81 -17.07
N ILE E 283 58.46 12.70 -17.37
CA ILE E 283 57.89 13.42 -18.52
C ILE E 283 57.33 14.76 -18.06
N ASP E 284 56.91 14.83 -16.79
CA ASP E 284 56.47 16.06 -16.18
C ASP E 284 57.60 16.73 -15.39
N GLY E 285 58.75 16.06 -15.22
CA GLY E 285 59.85 16.65 -14.47
C GLY E 285 60.61 17.72 -15.24
N TRP E 286 61.17 18.71 -14.53
CA TRP E 286 61.93 19.80 -15.12
C TRP E 286 63.37 19.37 -15.37
N PHE E 287 63.95 19.87 -16.46
CA PHE E 287 65.31 19.53 -16.83
C PHE E 287 66.30 20.14 -15.83
N THR E 288 66.09 21.41 -15.46
CA THR E 288 66.73 22.05 -14.32
C THR E 288 65.77 23.11 -13.77
N LEU E 289 66.21 23.86 -12.76
CA LEU E 289 65.39 24.87 -12.12
C LEU E 289 65.02 25.98 -13.10
N THR E 290 65.97 26.37 -13.96
CA THR E 290 65.77 27.53 -14.83
C THR E 290 65.22 27.12 -16.19
N MET E 291 64.81 25.85 -16.33
CA MET E 291 64.20 25.33 -17.55
C MET E 291 62.88 24.65 -17.20
N PRO E 292 61.86 25.41 -16.79
CA PRO E 292 60.59 24.83 -16.37
C PRO E 292 59.88 24.07 -17.49
N ASP E 293 59.13 23.03 -17.11
CA ASP E 293 58.58 22.05 -18.03
C ASP E 293 57.18 22.49 -18.41
N PHE E 294 56.99 22.77 -19.70
CA PHE E 294 55.67 23.09 -20.22
C PHE E 294 54.74 21.89 -20.02
N ASN E 295 53.48 22.18 -19.72
CA ASN E 295 52.42 21.20 -19.74
C ASN E 295 51.78 21.13 -21.14
N GLN E 296 52.28 20.25 -22.00
CA GLN E 296 51.76 20.21 -23.36
C GLN E 296 50.34 19.64 -23.40
N ARG E 297 49.82 19.14 -22.29
CA ARG E 297 48.46 18.64 -22.30
C ARG E 297 47.47 19.80 -22.18
N ASN E 298 47.96 21.00 -21.86
CA ASN E 298 47.10 22.17 -21.83
C ASN E 298 46.89 22.65 -23.27
N ARG E 299 45.61 22.79 -23.67
CA ARG E 299 45.21 23.15 -25.02
C ARG E 299 45.88 24.45 -25.48
N HIS E 300 45.94 25.45 -24.59
CA HIS E 300 46.47 26.76 -24.91
C HIS E 300 47.99 26.69 -25.09
N VAL E 301 48.66 25.96 -24.20
CA VAL E 301 50.12 25.81 -24.31
C VAL E 301 50.44 25.17 -25.65
N ALA E 302 49.69 24.12 -25.99
CA ALA E 302 49.98 23.32 -27.17
C ALA E 302 49.84 24.17 -28.42
N THR E 303 48.71 24.86 -28.54
CA THR E 303 48.48 25.67 -29.74
C THR E 303 49.53 26.78 -29.79
N TYR E 304 49.82 27.42 -28.65
CA TYR E 304 50.84 28.46 -28.61
C TYR E 304 52.13 27.95 -29.25
N LEU E 305 52.59 26.78 -28.78
CA LEU E 305 53.87 26.24 -29.25
C LEU E 305 53.77 25.80 -30.71
N ILE E 306 52.69 25.11 -31.07
CA ILE E 306 52.51 24.64 -32.43
C ILE E 306 52.58 25.85 -33.40
N GLN E 307 51.80 26.88 -33.09
CA GLN E 307 51.74 28.09 -33.90
C GLN E 307 53.14 28.67 -34.05
N SER E 308 53.89 28.72 -32.95
CA SER E 308 55.24 29.28 -32.98
C SER E 308 56.08 28.57 -34.06
N SER E 309 55.97 27.25 -34.17
CA SER E 309 56.80 26.53 -35.11
C SER E 309 56.38 26.89 -36.54
N ILE E 310 55.07 26.97 -36.74
CA ILE E 310 54.54 27.23 -38.07
C ILE E 310 54.92 28.64 -38.50
N TRP E 311 54.85 29.58 -37.56
CA TRP E 311 55.21 30.96 -37.80
C TRP E 311 56.60 31.07 -38.42
N TRP E 312 57.58 30.41 -37.80
CA TRP E 312 58.94 30.47 -38.30
C TRP E 312 59.06 29.81 -39.66
N ILE E 313 58.22 28.82 -39.97
CA ILE E 313 58.31 28.18 -41.27
C ILE E 313 57.81 29.15 -42.34
N GLU E 314 56.62 29.73 -42.12
CA GLU E 314 56.06 30.71 -43.04
C GLU E 314 57.01 31.91 -43.17
N TYR E 315 57.37 32.49 -42.03
CA TYR E 315 58.09 33.76 -42.04
C TYR E 315 59.48 33.62 -42.64
N ALA E 316 60.23 32.57 -42.27
CA ALA E 316 61.66 32.52 -42.57
C ALA E 316 62.01 31.58 -43.73
N GLY E 317 61.07 30.72 -44.13
CA GLY E 317 61.30 29.83 -45.27
C GLY E 317 62.28 28.70 -44.96
N ILE E 318 62.29 28.20 -43.70
CA ILE E 318 63.18 27.12 -43.32
C ILE E 318 62.68 25.79 -43.88
N ASN E 319 63.60 24.81 -43.92
CA ASN E 319 63.33 23.52 -44.56
C ASN E 319 63.13 22.40 -43.54
N GLY E 320 63.37 22.69 -42.26
CA GLY E 320 63.47 21.62 -41.26
C GLY E 320 63.49 22.18 -39.84
N ILE E 321 62.98 21.36 -38.92
CA ILE E 321 63.07 21.62 -37.51
C ILE E 321 63.66 20.39 -36.83
N ARG E 322 64.55 20.65 -35.87
CA ARG E 322 64.92 19.62 -34.91
C ARG E 322 64.26 19.99 -33.58
N GLN E 323 63.40 19.10 -33.08
CA GLN E 323 62.78 19.27 -31.78
C GLN E 323 63.68 18.57 -30.77
N ASP E 324 64.40 19.38 -29.99
CA ASP E 324 65.19 18.86 -28.91
C ASP E 324 64.25 18.35 -27.83
N THR E 325 64.69 17.32 -27.10
CA THR E 325 64.01 16.90 -25.90
C THR E 325 62.70 16.23 -26.27
N HIS E 326 62.53 15.78 -27.54
CA HIS E 326 61.25 15.31 -28.04
C HIS E 326 60.64 14.27 -27.06
N PRO E 327 61.42 13.25 -26.61
CA PRO E 327 60.91 12.23 -25.70
C PRO E 327 60.45 12.65 -24.31
N TYR E 328 60.84 13.86 -23.87
CA TYR E 328 60.48 14.38 -22.55
C TYR E 328 59.14 15.09 -22.61
N ALA E 329 58.54 15.13 -23.81
CA ALA E 329 57.27 15.84 -24.00
C ALA E 329 56.13 14.83 -24.18
N ASP E 330 54.89 15.33 -24.00
CA ASP E 330 53.70 14.51 -24.13
C ASP E 330 53.66 13.90 -25.52
N PHE E 331 53.46 12.59 -25.58
CA PHE E 331 53.55 11.84 -26.82
C PHE E 331 52.45 12.25 -27.79
N ASP E 332 51.23 12.34 -27.28
CA ASP E 332 50.03 12.63 -28.08
C ASP E 332 50.12 14.03 -28.69
N MET E 333 50.63 14.99 -27.93
CA MET E 333 50.66 16.36 -28.41
C MET E 333 51.76 16.51 -29.46
N MET E 334 52.87 15.79 -29.29
CA MET E 334 53.93 15.85 -30.27
C MET E 334 53.50 15.16 -31.57
N ALA E 335 52.66 14.12 -31.49
CA ALA E 335 52.06 13.53 -32.68
C ALA E 335 51.13 14.53 -33.38
N ARG E 336 50.34 15.28 -32.61
CA ARG E 336 49.45 16.29 -33.19
C ARG E 336 50.29 17.36 -33.87
N TRP E 337 51.42 17.73 -33.25
CA TRP E 337 52.31 18.77 -33.77
C TRP E 337 52.87 18.36 -35.13
N CYS E 338 53.44 17.15 -35.21
CA CYS E 338 54.01 16.66 -36.44
C CYS E 338 52.94 16.62 -37.53
N LYS E 339 51.77 16.08 -37.21
CA LYS E 339 50.67 16.05 -38.14
C LYS E 339 50.32 17.47 -38.59
N ALA E 340 50.23 18.43 -37.67
CA ALA E 340 49.79 19.76 -38.04
C ALA E 340 50.82 20.43 -38.96
N VAL E 341 52.11 20.16 -38.73
CA VAL E 341 53.14 20.76 -39.55
C VAL E 341 53.08 20.15 -40.94
N ASN E 342 52.90 18.84 -41.05
CA ASN E 342 52.94 18.17 -42.34
C ASN E 342 51.66 18.46 -43.14
N GLU E 343 50.54 18.72 -42.45
CA GLU E 343 49.31 19.11 -43.13
C GLU E 343 49.51 20.47 -43.82
N GLU E 344 50.33 21.35 -43.24
CA GLU E 344 50.60 22.66 -43.83
C GLU E 344 51.74 22.58 -44.85
N TYR E 345 52.77 21.78 -44.57
CA TYR E 345 53.96 21.70 -45.41
C TYR E 345 54.27 20.24 -45.71
N PRO E 346 53.64 19.61 -46.72
CA PRO E 346 53.75 18.16 -46.91
C PRO E 346 55.16 17.59 -47.13
N LYS E 347 56.12 18.42 -47.58
CA LYS E 347 57.46 17.92 -47.83
C LYS E 347 58.40 18.21 -46.66
N PHE E 348 57.93 18.95 -45.64
CA PHE E 348 58.79 19.39 -44.55
C PHE E 348 59.24 18.20 -43.72
N ASN E 349 60.46 18.25 -43.18
CA ASN E 349 61.01 17.18 -42.37
C ASN E 349 61.25 17.69 -40.94
N ILE E 350 60.87 16.85 -39.97
CA ILE E 350 61.13 17.15 -38.57
C ILE E 350 61.98 16.00 -38.04
N VAL E 351 63.02 16.35 -37.30
CA VAL E 351 63.83 15.34 -36.65
C VAL E 351 63.66 15.57 -35.15
N GLY E 352 63.45 14.47 -34.41
CA GLY E 352 63.41 14.55 -32.95
C GLY E 352 64.68 14.00 -32.31
N GLU E 353 65.11 14.64 -31.22
CA GLU E 353 66.23 14.12 -30.43
C GLU E 353 65.77 12.86 -29.72
N THR E 354 66.28 11.71 -30.16
CA THR E 354 65.90 10.45 -29.55
C THR E 354 67.14 9.89 -28.87
N TRP E 355 67.55 10.52 -27.76
CA TRP E 355 68.79 10.14 -27.12
C TRP E 355 68.57 8.99 -26.13
N LEU E 356 68.70 7.77 -26.65
CA LEU E 356 68.38 6.55 -25.94
C LEU E 356 69.45 5.54 -26.30
N GLY E 357 69.50 4.43 -25.56
CA GLY E 357 70.66 3.56 -25.60
C GLY E 357 70.63 2.57 -26.75
N ASN E 358 69.45 2.34 -27.36
CA ASN E 358 69.28 1.24 -28.28
C ASN E 358 68.25 1.58 -29.36
N ASN E 359 68.35 0.82 -30.46
CA ASN E 359 67.50 0.99 -31.63
C ASN E 359 66.04 0.67 -31.30
N VAL E 360 65.79 -0.24 -30.35
CA VAL E 360 64.42 -0.62 -30.07
C VAL E 360 63.65 0.59 -29.56
N LEU E 361 64.18 1.29 -28.57
CA LEU E 361 63.47 2.39 -27.95
C LEU E 361 63.42 3.57 -28.91
N ILE E 362 64.48 3.79 -29.68
CA ILE E 362 64.49 4.88 -30.63
C ILE E 362 63.43 4.63 -31.71
N SER E 363 63.30 3.38 -32.15
CA SER E 363 62.42 3.05 -33.26
C SER E 363 60.97 3.41 -32.90
N TYR E 364 60.63 3.34 -31.62
CA TYR E 364 59.29 3.63 -31.15
C TYR E 364 58.89 5.05 -31.53
N TRP E 365 59.85 5.98 -31.53
CA TRP E 365 59.57 7.38 -31.79
C TRP E 365 59.43 7.71 -33.27
N GLN E 366 59.80 6.79 -34.15
CA GLN E 366 59.72 7.12 -35.55
C GLN E 366 58.31 6.86 -36.08
N LYS E 367 57.87 7.71 -37.02
CA LYS E 367 56.59 7.57 -37.67
C LYS E 367 56.41 6.16 -38.24
N ASP E 368 55.23 5.55 -37.99
CA ASP E 368 54.85 4.23 -38.47
C ASP E 368 55.64 3.12 -37.79
N SER E 369 56.21 3.39 -36.60
CA SER E 369 56.90 2.37 -35.80
C SER E 369 56.04 1.12 -35.69
N ARG E 370 56.64 -0.03 -36.01
CA ARG E 370 55.89 -1.27 -35.85
C ARG E 370 55.68 -1.57 -34.37
N LEU E 371 56.63 -1.17 -33.53
CA LEU E 371 56.59 -1.52 -32.12
C LEU E 371 55.69 -0.55 -31.37
N ALA E 372 55.49 0.66 -31.88
CA ALA E 372 54.58 1.58 -31.21
C ALA E 372 53.13 1.33 -31.59
N TYR E 373 52.91 0.66 -32.73
CA TYR E 373 51.57 0.50 -33.26
C TYR E 373 50.70 -0.05 -32.13
N PRO E 374 49.45 0.44 -31.91
CA PRO E 374 48.80 1.39 -32.81
C PRO E 374 49.05 2.88 -32.55
N LYS E 375 49.85 3.21 -31.54
CA LYS E 375 50.30 4.58 -31.36
C LYS E 375 51.17 4.97 -32.56
N ASN E 376 51.23 6.28 -32.88
CA ASN E 376 52.07 6.72 -33.99
C ASN E 376 52.56 8.14 -33.77
N SER E 377 53.89 8.31 -33.66
CA SER E 377 54.48 9.60 -33.32
C SER E 377 54.31 10.63 -34.44
N ASN E 378 54.17 10.13 -35.69
CA ASN E 378 54.15 10.95 -36.90
C ASN E 378 55.46 11.72 -37.09
N LEU E 379 56.52 11.32 -36.36
CA LEU E 379 57.80 11.99 -36.42
C LEU E 379 58.64 11.36 -37.52
N PRO E 380 58.88 12.06 -38.66
CA PRO E 380 59.55 11.43 -39.78
C PRO E 380 60.97 10.97 -39.49
N THR E 381 61.75 11.80 -38.80
CA THR E 381 63.17 11.55 -38.64
C THR E 381 63.52 11.51 -37.16
N VAL E 382 64.31 10.49 -36.79
CA VAL E 382 64.87 10.38 -35.44
C VAL E 382 66.38 10.27 -35.56
N MET E 383 67.07 10.36 -34.43
CA MET E 383 68.52 10.49 -34.39
C MET E 383 69.17 9.18 -33.95
N ASP E 384 70.13 8.71 -34.74
CA ASP E 384 70.73 7.40 -34.52
C ASP E 384 71.94 7.51 -33.59
N PHE E 385 71.67 7.80 -32.31
CA PHE E 385 72.74 7.87 -31.33
C PHE E 385 73.47 6.54 -31.21
N PRO E 386 72.82 5.36 -31.26
CA PRO E 386 73.56 4.10 -31.17
C PRO E 386 74.60 3.98 -32.27
N LEU E 387 74.27 4.41 -33.50
CA LEU E 387 75.22 4.32 -34.59
C LEU E 387 76.41 5.23 -34.27
N MET E 388 76.14 6.38 -33.65
CA MET E 388 77.21 7.26 -33.25
C MET E 388 78.16 6.55 -32.29
N GLU E 389 77.61 5.93 -31.23
CA GLU E 389 78.44 5.22 -30.27
C GLU E 389 79.31 4.20 -30.99
N GLU E 390 78.73 3.44 -31.93
CA GLU E 390 79.48 2.40 -32.60
C GLU E 390 80.58 3.02 -33.44
N MET E 391 80.29 4.13 -34.14
CA MET E 391 81.25 4.73 -35.05
C MET E 391 82.44 5.32 -34.30
N ASN E 392 82.21 5.74 -33.06
CA ASN E 392 83.27 6.30 -32.23
C ASN E 392 84.18 5.21 -31.64
N LYS E 393 83.91 3.93 -31.92
CA LYS E 393 84.76 2.85 -31.46
C LYS E 393 85.18 1.94 -32.62
N ALA E 394 84.38 1.89 -33.70
CA ALA E 394 84.53 0.87 -34.73
C ALA E 394 85.80 1.05 -35.55
N PHE E 395 86.36 2.27 -35.59
CA PHE E 395 87.51 2.55 -36.45
C PHE E 395 88.80 2.52 -35.65
N ASP E 396 88.72 2.29 -34.33
CA ASP E 396 89.89 2.27 -33.47
C ASP E 396 90.23 0.85 -33.03
N GLU E 397 89.29 -0.08 -33.11
CA GLU E 397 89.52 -1.42 -32.60
C GLU E 397 90.04 -2.30 -33.73
N GLU E 398 90.69 -3.39 -33.34
CA GLU E 398 91.00 -4.47 -34.26
C GLU E 398 89.69 -5.11 -34.72
N THR E 399 89.59 -5.39 -36.03
CA THR E 399 88.50 -6.21 -36.54
C THR E 399 89.00 -7.65 -36.70
N THR E 400 88.67 -8.53 -35.74
CA THR E 400 89.12 -9.92 -35.80
C THR E 400 88.27 -10.71 -36.80
N GLU E 401 88.38 -12.03 -36.75
CA GLU E 401 87.62 -12.90 -37.65
C GLU E 401 86.18 -12.96 -37.15
N TRP E 402 85.96 -12.75 -35.84
CA TRP E 402 84.67 -12.98 -35.20
C TRP E 402 84.00 -11.69 -34.71
N ASN E 403 84.78 -10.71 -34.22
CA ASN E 403 84.19 -9.57 -33.52
C ASN E 403 85.12 -8.36 -33.53
N GLY E 404 84.61 -7.23 -33.02
CA GLY E 404 85.39 -6.03 -32.84
C GLY E 404 85.41 -5.14 -34.08
N GLY E 405 85.70 -3.86 -33.86
CA GLY E 405 85.96 -2.93 -34.95
C GLY E 405 84.76 -2.81 -35.88
N LEU E 406 84.97 -3.13 -37.16
CA LEU E 406 83.97 -2.93 -38.18
C LEU E 406 82.77 -3.88 -38.00
N PHE E 407 82.92 -4.92 -37.19
CA PHE E 407 81.79 -5.77 -36.86
C PHE E 407 80.68 -4.96 -36.21
N ARG E 408 81.04 -3.94 -35.43
CA ARG E 408 80.04 -3.13 -34.77
C ARG E 408 79.05 -2.57 -35.78
N LEU E 409 79.56 -2.19 -36.96
CA LEU E 409 78.75 -1.57 -38.01
C LEU E 409 77.90 -2.63 -38.70
N TYR E 410 78.52 -3.77 -39.02
CA TYR E 410 77.81 -4.86 -39.66
C TYR E 410 76.63 -5.29 -38.78
N GLU E 411 76.93 -5.52 -37.50
CA GLU E 411 75.96 -6.09 -36.58
C GLU E 411 74.85 -5.08 -36.32
N TYR E 412 75.18 -3.79 -36.20
CA TYR E 412 74.15 -2.82 -35.87
C TYR E 412 73.19 -2.66 -37.04
N LEU E 413 73.74 -2.54 -38.25
CA LEU E 413 72.91 -2.25 -39.41
C LEU E 413 71.99 -3.42 -39.72
N SER E 414 72.42 -4.65 -39.43
CA SER E 414 71.62 -5.83 -39.75
C SER E 414 70.32 -5.85 -38.92
N GLN E 415 70.27 -5.05 -37.84
CA GLN E 415 69.07 -4.93 -37.02
C GLN E 415 68.09 -3.90 -37.56
N ASP E 416 68.33 -3.34 -38.75
CA ASP E 416 67.53 -2.22 -39.22
C ASP E 416 66.07 -2.59 -39.48
N ILE E 417 65.69 -3.86 -39.40
CA ILE E 417 64.28 -4.24 -39.44
C ILE E 417 63.48 -3.53 -38.34
N VAL E 418 64.10 -3.11 -37.22
CA VAL E 418 63.36 -2.42 -36.17
C VAL E 418 62.84 -1.07 -36.65
N TYR E 419 63.56 -0.44 -37.61
CA TYR E 419 63.29 0.95 -37.95
C TYR E 419 62.29 1.00 -39.10
N SER E 420 61.26 1.85 -38.97
CA SER E 420 60.22 1.90 -39.99
C SER E 420 60.74 2.60 -41.25
N HIS E 421 61.63 3.61 -41.08
CA HIS E 421 62.15 4.37 -42.19
C HIS E 421 63.65 4.60 -42.00
N PRO E 422 64.50 3.58 -42.29
CA PRO E 422 65.95 3.69 -42.03
C PRO E 422 66.66 4.82 -42.77
N MET E 423 66.12 5.21 -43.93
CA MET E 423 66.68 6.34 -44.68
C MET E 423 66.24 7.70 -44.11
N SER E 424 65.41 7.71 -43.07
CA SER E 424 65.12 8.93 -42.32
C SER E 424 65.72 8.86 -40.91
N LEU E 425 66.93 8.33 -40.81
CA LEU E 425 67.67 8.38 -39.56
C LEU E 425 68.80 9.38 -39.71
N LEU E 426 68.87 10.37 -38.83
CA LEU E 426 69.99 11.28 -38.78
C LEU E 426 71.21 10.55 -38.20
N THR E 427 72.31 10.59 -38.94
CA THR E 427 73.55 9.92 -38.58
C THR E 427 74.64 10.96 -38.40
N PHE E 428 75.59 10.70 -37.50
CA PHE E 428 76.53 11.70 -37.08
C PHE E 428 77.61 11.10 -36.19
N LEU E 429 78.81 11.70 -36.25
CA LEU E 429 79.93 11.26 -35.45
C LEU E 429 79.87 11.92 -34.07
N ASP E 430 79.27 13.11 -34.00
CA ASP E 430 79.25 13.87 -32.77
C ASP E 430 78.26 15.01 -32.92
N ASN E 431 78.05 15.77 -31.84
CA ASN E 431 77.32 17.02 -31.90
C ASN E 431 77.68 17.86 -30.68
N HIS E 432 76.93 18.96 -30.47
CA HIS E 432 77.26 19.95 -29.46
C HIS E 432 77.08 19.42 -28.03
N ASP E 433 76.55 18.19 -27.88
CA ASP E 433 76.34 17.61 -26.56
C ASP E 433 77.30 16.44 -26.30
N THR E 434 78.14 16.09 -27.27
CA THR E 434 79.07 14.97 -27.11
C THR E 434 80.51 15.46 -27.19
N SER E 435 81.41 14.60 -26.71
CA SER E 435 82.80 14.65 -27.14
C SER E 435 82.79 14.78 -28.65
N ARG E 436 83.73 15.58 -29.19
CA ARG E 436 83.97 15.63 -30.62
C ARG E 436 84.63 14.32 -31.05
N PHE E 437 84.53 14.01 -32.35
CA PHE E 437 85.08 12.78 -32.92
C PHE E 437 86.49 12.55 -32.40
N TYR E 438 87.33 13.60 -32.47
CA TYR E 438 88.64 13.64 -31.85
C TYR E 438 88.53 14.29 -30.47
N ARG E 439 88.96 13.56 -29.43
CA ARG E 439 88.72 13.98 -28.06
C ARG E 439 89.73 15.08 -27.68
N SER E 440 90.96 14.98 -28.20
CA SER E 440 92.01 15.94 -27.90
C SER E 440 92.77 16.33 -29.18
N GLU E 441 93.48 17.46 -29.12
CA GLU E 441 94.27 17.95 -30.24
C GLU E 441 95.32 16.91 -30.64
N ALA E 442 95.89 16.24 -29.63
CA ALA E 442 96.91 15.22 -29.83
C ALA E 442 96.41 14.05 -30.68
N ASP E 443 95.13 13.68 -30.50
CA ASP E 443 94.58 12.51 -31.17
C ASP E 443 94.51 12.75 -32.69
N THR E 444 94.49 14.03 -33.13
CA THR E 444 94.27 14.37 -34.52
C THR E 444 95.50 14.08 -35.38
N LYS E 445 96.59 13.59 -34.76
CA LYS E 445 97.84 13.32 -35.46
C LYS E 445 97.61 12.19 -36.46
N ASN E 446 96.66 11.28 -36.21
CA ASN E 446 96.36 10.21 -37.16
C ASN E 446 94.96 10.39 -37.74
N LEU E 447 94.88 10.42 -39.09
CA LEU E 447 93.65 10.76 -39.81
C LEU E 447 92.98 9.51 -40.41
N ASP E 448 93.55 8.32 -40.18
CA ASP E 448 92.96 7.09 -40.69
C ASP E 448 91.50 6.97 -40.24
N ARG E 449 91.28 7.07 -38.93
CA ARG E 449 89.94 6.93 -38.37
C ARG E 449 89.01 7.98 -38.97
N TYR E 450 89.50 9.21 -39.14
CA TYR E 450 88.69 10.28 -39.73
C TYR E 450 88.26 9.88 -41.13
N LYS E 451 89.17 9.27 -41.89
CA LYS E 451 88.91 9.01 -43.30
C LYS E 451 87.91 7.87 -43.44
N GLN E 452 88.10 6.82 -42.64
CA GLN E 452 87.20 5.68 -42.66
C GLN E 452 85.83 6.09 -42.14
N ALA E 453 85.79 6.78 -41.00
CA ALA E 453 84.53 7.17 -40.39
C ALA E 453 83.69 7.98 -41.37
N LEU E 454 84.31 8.98 -42.01
CA LEU E 454 83.55 9.87 -42.87
C LEU E 454 83.18 9.15 -44.16
N THR E 455 84.03 8.23 -44.65
CA THR E 455 83.67 7.47 -45.84
C THR E 455 82.38 6.68 -45.56
N PHE E 456 82.36 6.00 -44.40
CA PHE E 456 81.23 5.20 -43.97
C PHE E 456 80.00 6.11 -43.83
N LEU E 457 80.13 7.17 -43.03
CA LEU E 457 79.02 8.07 -42.76
C LEU E 457 78.38 8.54 -44.06
N LEU E 458 79.21 8.89 -45.05
CA LEU E 458 78.69 9.60 -46.21
C LEU E 458 78.35 8.65 -47.35
N THR E 459 78.48 7.33 -47.13
CA THR E 459 78.06 6.36 -48.14
C THR E 459 76.98 5.40 -47.63
N THR E 460 76.87 5.19 -46.31
CA THR E 460 75.88 4.24 -45.79
C THR E 460 74.53 4.94 -45.70
N ARG E 461 73.56 4.22 -45.13
CA ARG E 461 72.18 4.67 -45.13
C ARG E 461 72.05 5.83 -44.18
N GLY E 462 71.02 6.67 -44.40
CA GLY E 462 70.67 7.72 -43.45
C GLY E 462 70.93 9.14 -43.99
N ILE E 463 70.77 10.11 -43.08
CA ILE E 463 70.90 11.53 -43.35
C ILE E 463 72.08 12.06 -42.54
N PRO E 464 73.28 12.23 -43.14
CA PRO E 464 74.47 12.66 -42.39
C PRO E 464 74.41 14.08 -41.88
N GLN E 465 75.07 14.30 -40.73
CA GLN E 465 75.24 15.61 -40.14
C GLN E 465 76.71 15.75 -39.72
N ILE E 466 77.33 16.89 -40.10
CA ILE E 466 78.66 17.24 -39.68
C ILE E 466 78.57 18.39 -38.69
N TYR E 467 79.27 18.25 -37.56
CA TYR E 467 79.36 19.31 -36.57
C TYR E 467 80.45 20.30 -37.01
N TYR E 468 80.18 21.61 -36.86
CA TYR E 468 81.08 22.66 -37.31
C TYR E 468 82.47 22.47 -36.70
N GLY E 469 83.50 22.59 -37.54
CA GLY E 469 84.88 22.49 -37.08
C GLY E 469 85.45 21.08 -37.23
N THR E 470 84.60 20.10 -37.58
CA THR E 470 85.07 18.74 -37.77
C THR E 470 86.08 18.73 -38.90
N GLU E 471 85.80 19.55 -39.93
CA GLU E 471 86.55 19.58 -41.16
C GLU E 471 87.94 20.21 -40.97
N ILE E 472 88.22 20.81 -39.80
CA ILE E 472 89.53 21.38 -39.52
C ILE E 472 90.11 20.81 -38.21
N LEU E 473 89.60 19.64 -37.79
CA LEU E 473 90.17 18.87 -36.69
C LEU E 473 90.09 19.60 -35.35
N MET E 474 89.02 20.39 -35.11
CA MET E 474 88.74 20.85 -33.76
C MET E 474 88.48 19.62 -32.88
N ALA E 475 88.98 19.65 -31.64
CA ALA E 475 88.90 18.52 -30.74
C ALA E 475 88.29 18.95 -29.41
N ALA E 476 87.73 17.98 -28.67
CA ALA E 476 87.09 18.27 -27.39
C ALA E 476 86.63 16.97 -26.74
N ASP E 477 86.64 16.96 -25.40
CA ASP E 477 86.26 15.80 -24.62
C ASP E 477 85.18 16.24 -23.62
N LYS E 478 84.10 15.44 -23.57
CA LYS E 478 82.94 15.72 -22.73
C LYS E 478 83.36 16.00 -21.28
N ALA E 479 84.44 15.35 -20.84
CA ALA E 479 84.88 15.45 -19.46
C ALA E 479 85.29 16.88 -19.08
N ASN E 480 85.67 17.72 -20.06
CA ASN E 480 86.10 19.08 -19.78
C ASN E 480 84.94 20.07 -19.86
N GLY E 481 83.70 19.57 -19.80
CA GLY E 481 82.54 20.45 -19.74
C GLY E 481 82.02 20.83 -21.12
N ASP E 482 80.76 21.28 -21.16
CA ASP E 482 80.05 21.48 -22.42
C ASP E 482 80.60 22.71 -23.15
N GLY E 483 81.05 23.72 -22.40
CA GLY E 483 81.57 24.95 -22.99
C GLY E 483 82.66 24.70 -24.02
N LEU E 484 83.59 23.78 -23.70
CA LEU E 484 84.73 23.50 -24.57
C LEU E 484 84.35 22.52 -25.69
N LEU E 485 83.10 22.05 -25.72
CA LEU E 485 82.60 21.27 -26.85
C LEU E 485 82.26 22.22 -28.01
N ARG E 486 82.22 23.53 -27.69
CA ARG E 486 81.65 24.53 -28.57
C ARG E 486 82.60 25.73 -28.65
N CYS E 487 83.87 25.43 -28.91
CA CYS E 487 84.89 26.45 -29.02
C CYS E 487 84.67 27.30 -30.27
N ASP E 488 85.26 28.49 -30.27
CA ASP E 488 85.11 29.43 -31.36
C ASP E 488 85.79 28.86 -32.61
N PHE E 489 85.11 28.96 -33.75
CA PHE E 489 85.73 28.58 -35.00
C PHE E 489 86.92 29.53 -35.19
N PRO E 490 88.15 29.01 -35.35
CA PRO E 490 89.32 29.86 -35.50
C PRO E 490 89.28 30.59 -36.85
N GLY E 491 88.98 31.90 -36.80
CA GLY E 491 88.77 32.72 -37.99
C GLY E 491 87.47 33.50 -37.92
N GLY E 492 86.60 33.18 -36.96
CA GLY E 492 85.29 33.79 -36.89
C GLY E 492 85.32 35.16 -36.21
N TRP E 493 86.45 35.47 -35.57
CA TRP E 493 86.63 36.74 -34.87
C TRP E 493 87.70 37.57 -35.54
N PRO E 494 87.58 38.93 -35.51
CA PRO E 494 88.48 39.80 -36.25
C PRO E 494 89.96 39.61 -35.91
N ASN E 495 90.26 39.32 -34.64
CA ASN E 495 91.63 39.33 -34.14
C ASN E 495 92.23 37.92 -34.03
N ASP E 496 91.56 36.90 -34.59
CA ASP E 496 92.03 35.53 -34.43
C ASP E 496 93.38 35.37 -35.14
N THR E 497 94.27 34.55 -34.56
CA THR E 497 95.64 34.40 -35.03
C THR E 497 95.67 33.65 -36.37
N LYS E 498 95.02 32.48 -36.44
CA LYS E 498 94.90 31.73 -37.68
C LYS E 498 93.43 31.79 -38.13
N ASN E 499 93.18 32.27 -39.35
CA ASN E 499 91.84 32.32 -39.94
C ASN E 499 91.61 31.10 -40.84
N CYS E 500 91.01 30.04 -40.25
CA CYS E 500 90.94 28.74 -40.89
C CYS E 500 89.83 28.65 -41.93
N PHE E 501 89.08 29.73 -42.16
CA PHE E 501 88.12 29.76 -43.26
C PHE E 501 88.85 29.76 -44.61
N ASP E 502 90.16 30.06 -44.63
CA ASP E 502 90.93 30.05 -45.87
C ASP E 502 92.05 29.01 -45.75
N ALA E 503 92.24 28.24 -46.84
CA ALA E 503 93.24 27.18 -46.88
C ALA E 503 94.64 27.72 -46.57
N ALA E 504 94.90 28.99 -46.95
CA ALA E 504 96.03 29.74 -46.41
C ALA E 504 95.65 30.07 -44.97
N ASN E 505 96.60 29.84 -44.06
CA ASN E 505 96.39 29.83 -42.61
C ASN E 505 96.12 28.42 -42.05
N ARG E 506 95.91 27.37 -42.88
CA ARG E 506 95.63 26.08 -42.27
C ARG E 506 96.88 25.22 -42.25
N THR E 507 97.07 24.43 -41.20
CA THR E 507 98.15 23.46 -41.15
C THR E 507 98.00 22.50 -42.33
N PRO E 508 99.07 21.81 -42.75
CA PRO E 508 98.95 20.83 -43.84
C PRO E 508 97.92 19.77 -43.48
N GLN E 509 97.93 19.34 -42.21
CA GLN E 509 97.06 18.27 -41.75
C GLN E 509 95.60 18.75 -41.81
N GLN E 510 95.35 19.98 -41.35
CA GLN E 510 94.04 20.58 -41.45
C GLN E 510 93.55 20.59 -42.90
N ASN E 511 94.45 20.80 -43.87
CA ASN E 511 94.05 20.87 -45.27
C ASN E 511 93.83 19.46 -45.82
N GLU E 512 94.58 18.49 -45.30
CA GLU E 512 94.38 17.10 -45.68
C GLU E 512 92.96 16.68 -45.27
N ALA E 513 92.60 16.98 -44.02
CA ALA E 513 91.29 16.66 -43.46
C ALA E 513 90.18 17.38 -44.23
N PHE E 514 90.34 18.69 -44.42
CA PHE E 514 89.31 19.49 -45.07
C PHE E 514 89.10 18.99 -46.50
N SER E 515 90.19 18.70 -47.21
CA SER E 515 90.11 18.31 -48.61
C SER E 515 89.43 16.95 -48.76
N PHE E 516 89.65 16.06 -47.79
CA PHE E 516 89.07 14.72 -47.81
C PHE E 516 87.55 14.79 -47.68
N MET E 517 87.08 15.50 -46.64
CA MET E 517 85.66 15.63 -46.41
C MET E 517 85.00 16.30 -47.62
N GLN E 518 85.68 17.32 -48.17
CA GLN E 518 85.14 18.09 -49.29
C GLN E 518 85.00 17.21 -50.53
N LYS E 519 85.98 16.33 -50.76
CA LYS E 519 85.91 15.41 -51.89
C LYS E 519 84.61 14.62 -51.77
N LEU E 520 84.42 13.96 -50.61
CA LEU E 520 83.27 13.08 -50.39
C LEU E 520 81.97 13.88 -50.51
N LEU E 521 81.88 15.02 -49.83
CA LEU E 521 80.66 15.84 -49.82
C LEU E 521 80.30 16.33 -51.21
N GLN E 522 81.31 16.81 -51.96
CA GLN E 522 81.07 17.37 -53.28
C GLN E 522 80.58 16.27 -54.23
N TRP E 523 81.12 15.05 -54.05
CA TRP E 523 80.72 13.88 -54.82
C TRP E 523 79.33 13.40 -54.44
N ARG E 524 79.00 13.48 -53.14
CA ARG E 524 77.73 13.00 -52.62
C ARG E 524 76.59 13.90 -53.09
N LYS E 525 76.81 15.22 -53.09
CA LYS E 525 75.80 16.17 -53.52
C LYS E 525 75.28 15.76 -54.90
N GLY E 526 73.96 15.72 -55.06
CA GLY E 526 73.33 15.35 -56.33
C GLY E 526 73.33 13.84 -56.60
N ASN E 527 74.11 13.05 -55.85
CA ASN E 527 74.33 11.65 -56.17
C ASN E 527 73.12 10.80 -55.77
N GLU E 528 72.36 10.35 -56.78
CA GLU E 528 71.14 9.60 -56.53
C GLU E 528 71.43 8.20 -55.97
N VAL E 529 72.60 7.65 -56.22
CA VAL E 529 72.92 6.32 -55.71
C VAL E 529 72.91 6.33 -54.18
N ILE E 530 73.57 7.31 -53.57
CA ILE E 530 73.69 7.38 -52.12
C ILE E 530 72.36 7.86 -51.55
N ALA E 531 71.69 8.75 -52.26
CA ALA E 531 70.47 9.33 -51.75
C ALA E 531 69.33 8.32 -51.71
N LYS E 532 69.23 7.43 -52.71
CA LYS E 532 68.03 6.62 -52.88
C LYS E 532 68.33 5.14 -53.06
N GLY E 533 69.59 4.74 -53.09
CA GLY E 533 69.93 3.38 -53.50
C GLY E 533 69.72 2.36 -52.37
N GLN E 534 69.42 1.11 -52.73
CA GLN E 534 69.45 0.00 -51.81
C GLN E 534 70.83 -0.05 -51.17
N LEU E 535 70.92 -0.79 -50.05
CA LEU E 535 72.19 -1.06 -49.39
C LEU E 535 72.35 -2.56 -49.30
N LYS E 536 73.57 -3.04 -49.55
CA LYS E 536 73.90 -4.45 -49.38
C LYS E 536 75.32 -4.52 -48.84
N HIS E 537 75.51 -5.29 -47.77
CA HIS E 537 76.80 -5.36 -47.10
C HIS E 537 77.16 -6.82 -46.80
N PHE E 538 78.43 -7.00 -46.44
CA PHE E 538 79.03 -8.31 -46.19
C PHE E 538 79.71 -8.26 -44.83
N ALA E 539 79.65 -9.38 -44.11
CA ALA E 539 80.37 -9.49 -42.85
C ALA E 539 81.85 -9.18 -43.10
N PRO E 540 82.52 -8.50 -42.14
CA PRO E 540 83.96 -8.28 -42.25
C PRO E 540 84.64 -9.59 -42.63
N ASN E 541 85.49 -9.50 -43.66
CA ASN E 541 86.22 -10.61 -44.26
C ASN E 541 87.70 -10.41 -43.98
N LYS E 542 88.26 -11.21 -43.06
CA LYS E 542 89.62 -11.03 -42.59
C LYS E 542 89.84 -9.55 -42.30
N GLY E 543 88.84 -8.94 -41.65
CA GLY E 543 88.94 -7.58 -41.14
C GLY E 543 88.39 -6.52 -42.09
N VAL E 544 87.95 -6.91 -43.30
CA VAL E 544 87.58 -5.94 -44.33
C VAL E 544 86.06 -5.94 -44.52
N TYR E 545 85.44 -4.80 -44.24
CA TYR E 545 84.01 -4.60 -44.43
C TYR E 545 83.78 -4.07 -45.84
N VAL E 546 82.82 -4.66 -46.56
CA VAL E 546 82.52 -4.28 -47.93
C VAL E 546 81.01 -4.08 -48.06
N TYR E 547 80.59 -3.04 -48.78
CA TYR E 547 79.16 -2.87 -49.05
C TYR E 547 78.92 -2.09 -50.35
N GLU E 548 77.65 -2.13 -50.79
CA GLU E 548 77.24 -1.58 -52.06
C GLU E 548 76.00 -0.71 -51.85
N ARG E 549 75.98 0.46 -52.48
CA ARG E 549 74.76 1.21 -52.71
C ARG E 549 74.44 1.10 -54.20
N LYS E 550 73.17 0.88 -54.55
CA LYS E 550 72.78 0.58 -55.93
C LYS E 550 71.40 1.14 -56.20
N TYR E 551 71.29 1.98 -57.24
CA TYR E 551 70.04 2.57 -57.69
C TYR E 551 69.94 2.37 -59.21
N GLY E 552 68.88 1.69 -59.65
CA GLY E 552 68.82 1.20 -61.02
C GLY E 552 70.07 0.39 -61.36
N ASP E 553 70.87 0.86 -62.32
CA ASP E 553 72.03 0.13 -62.79
C ASP E 553 73.32 0.80 -62.33
N LYS E 554 73.24 2.03 -61.82
CA LYS E 554 74.42 2.71 -61.30
C LYS E 554 74.60 2.25 -59.86
N SER E 555 75.85 2.03 -59.45
CA SER E 555 76.15 1.51 -58.12
C SER E 555 77.45 2.10 -57.59
N VAL E 556 77.64 2.00 -56.27
CA VAL E 556 78.86 2.39 -55.59
C VAL E 556 79.26 1.26 -54.65
N VAL E 557 80.58 1.00 -54.51
CA VAL E 557 81.04 -0.07 -53.65
C VAL E 557 82.17 0.45 -52.78
N VAL E 558 82.07 0.20 -51.46
CA VAL E 558 83.07 0.65 -50.51
C VAL E 558 83.79 -0.57 -49.96
N PHE E 559 85.12 -0.45 -49.83
CA PHE E 559 85.95 -1.37 -49.07
C PHE E 559 86.58 -0.58 -47.93
N LEU E 560 86.46 -1.08 -46.71
CA LEU E 560 87.12 -0.50 -45.56
C LEU E 560 87.91 -1.62 -44.89
N ASN E 561 89.22 -1.46 -44.86
CA ASN E 561 90.07 -2.40 -44.16
C ASN E 561 90.11 -2.00 -42.70
N GLY E 562 89.66 -2.92 -41.82
CA GLY E 562 89.40 -2.62 -40.43
C GLY E 562 90.57 -2.96 -39.52
N ASN E 563 91.79 -2.90 -40.06
CA ASN E 563 92.97 -3.24 -39.28
C ASN E 563 94.16 -2.38 -39.73
N ASP E 564 95.13 -2.29 -38.82
CA ASP E 564 96.37 -1.54 -39.01
C ASP E 564 97.41 -2.45 -39.64
N ARG E 565 97.12 -3.00 -40.83
CA ARG E 565 98.00 -3.98 -41.47
C ARG E 565 97.49 -4.28 -42.88
N GLU E 566 98.36 -4.89 -43.69
CA GLU E 566 98.02 -5.29 -45.05
C GLU E 566 97.21 -6.58 -44.97
N GLN E 567 96.23 -6.74 -45.87
CA GLN E 567 95.42 -7.95 -45.94
C GLN E 567 95.05 -8.24 -47.38
N THR E 568 95.23 -9.49 -47.78
CA THR E 568 94.69 -9.97 -49.04
C THR E 568 93.41 -10.73 -48.73
N ILE E 569 92.39 -10.54 -49.57
CA ILE E 569 91.11 -11.23 -49.42
C ILE E 569 90.70 -11.83 -50.76
N ASP E 570 89.92 -12.89 -50.69
CA ASP E 570 89.27 -13.49 -51.85
C ASP E 570 88.11 -12.58 -52.24
N LEU E 571 87.97 -12.31 -53.54
CA LEU E 571 86.91 -11.44 -54.06
C LEU E 571 85.72 -12.25 -54.57
N VAL E 572 85.80 -13.59 -54.53
CA VAL E 572 84.74 -14.43 -55.09
C VAL E 572 83.42 -14.12 -54.37
N PRO E 573 83.41 -14.00 -53.02
CA PRO E 573 82.21 -13.58 -52.31
C PRO E 573 81.44 -12.40 -52.89
N TYR E 574 82.15 -11.41 -53.44
CA TYR E 574 81.53 -10.15 -53.80
C TYR E 574 81.11 -10.11 -55.27
N GLN E 575 81.13 -11.26 -55.96
CA GLN E 575 80.83 -11.27 -57.39
C GLN E 575 79.53 -10.52 -57.67
N GLU E 576 78.54 -10.63 -56.77
CA GLU E 576 77.21 -10.08 -57.02
C GLU E 576 77.20 -8.55 -56.97
N ILE E 577 78.27 -7.91 -56.46
CA ILE E 577 78.32 -6.45 -56.45
C ILE E 577 79.49 -5.90 -57.27
N LEU E 578 80.24 -6.79 -57.96
CA LEU E 578 81.37 -6.37 -58.76
C LEU E 578 81.12 -6.73 -60.23
N PRO E 579 80.41 -5.85 -60.99
CA PRO E 579 80.03 -6.20 -62.37
C PRO E 579 81.13 -6.04 -63.43
N ALA E 580 82.37 -5.76 -63.00
CA ALA E 580 83.47 -5.49 -63.92
C ALA E 580 84.80 -5.81 -63.25
N SER E 581 85.83 -5.97 -64.06
CA SER E 581 87.12 -6.51 -63.60
C SER E 581 88.00 -5.40 -63.04
N SER E 582 87.53 -4.15 -63.12
CA SER E 582 88.26 -3.01 -62.56
C SER E 582 87.31 -1.84 -62.30
N ALA E 583 87.79 -0.88 -61.52
CA ALA E 583 87.04 0.35 -61.32
C ALA E 583 87.95 1.46 -60.78
N PHE E 584 87.42 2.69 -60.80
CA PHE E 584 88.17 3.87 -60.43
C PHE E 584 87.78 4.28 -59.01
N ASP E 585 88.79 4.35 -58.12
CA ASP E 585 88.61 4.83 -56.76
C ASP E 585 88.47 6.35 -56.78
N LEU E 586 87.35 6.86 -56.24
CA LEU E 586 87.08 8.29 -56.24
C LEU E 586 88.07 9.04 -55.33
N LEU E 587 88.69 8.35 -54.36
CA LEU E 587 89.44 9.03 -53.31
C LEU E 587 90.86 9.32 -53.79
N THR E 588 91.58 8.30 -54.28
CA THR E 588 92.95 8.43 -54.76
C THR E 588 92.96 8.69 -56.27
N GLU E 589 91.79 8.62 -56.92
CA GLU E 589 91.68 8.76 -58.37
C GLU E 589 92.54 7.71 -59.09
N LYS E 590 92.75 6.54 -58.49
CA LYS E 590 93.53 5.47 -59.10
C LYS E 590 92.63 4.32 -59.54
N LYS E 591 93.12 3.46 -60.44
CA LYS E 591 92.38 2.27 -60.84
C LYS E 591 92.59 1.20 -59.77
N VAL E 592 91.53 0.42 -59.49
CA VAL E 592 91.64 -0.77 -58.65
C VAL E 592 91.24 -1.98 -59.50
N GLU E 593 92.09 -3.01 -59.44
CA GLU E 593 91.89 -4.21 -60.23
C GLU E 593 91.06 -5.20 -59.42
N LEU E 594 89.95 -5.67 -60.00
CA LEU E 594 89.01 -6.52 -59.31
C LEU E 594 88.98 -7.91 -59.96
N ARG E 595 89.99 -8.74 -59.64
CA ARG E 595 90.11 -10.04 -60.26
C ARG E 595 90.67 -11.03 -59.23
N ASN E 596 89.78 -11.88 -58.69
CA ASN E 596 90.12 -13.06 -57.92
C ASN E 596 90.58 -12.72 -56.49
N GLU E 597 91.56 -11.81 -56.33
CA GLU E 597 92.00 -11.41 -55.01
C GLU E 597 92.28 -9.91 -55.00
N LEU E 598 92.41 -9.34 -53.80
CA LEU E 598 92.67 -7.92 -53.63
C LEU E 598 93.48 -7.74 -52.35
N THR E 599 94.57 -6.98 -52.46
CA THR E 599 95.44 -6.70 -51.32
C THR E 599 95.17 -5.28 -50.86
N LEU E 600 94.88 -5.11 -49.58
CA LEU E 600 94.51 -3.82 -49.04
C LEU E 600 95.58 -3.38 -48.04
N PRO E 601 96.28 -2.25 -48.32
CA PRO E 601 97.17 -1.63 -47.34
C PRO E 601 96.47 -1.37 -46.02
N SER E 602 97.27 -1.16 -44.96
CA SER E 602 96.77 -0.71 -43.67
C SER E 602 95.70 0.36 -43.85
N ARG E 603 94.49 0.09 -43.31
CA ARG E 603 93.41 1.05 -43.20
C ARG E 603 92.98 1.57 -44.58
N GLU E 604 93.15 0.76 -45.63
CA GLU E 604 92.83 1.20 -46.98
C GLU E 604 91.33 1.52 -47.07
N ILE E 605 91.00 2.43 -47.98
CA ILE E 605 89.64 2.76 -48.35
C ILE E 605 89.55 2.73 -49.87
N TYR E 606 88.59 1.99 -50.42
CA TYR E 606 88.28 2.08 -51.84
C TYR E 606 86.81 2.50 -51.98
N LEU E 607 86.54 3.47 -52.85
CA LEU E 607 85.19 3.94 -53.13
C LEU E 607 85.00 3.91 -54.66
N LEU E 608 84.38 2.82 -55.13
CA LEU E 608 84.33 2.49 -56.55
C LEU E 608 82.96 2.84 -57.11
N SER E 609 82.94 3.26 -58.39
CA SER E 609 81.70 3.45 -59.13
C SER E 609 81.55 2.39 -60.22
N PHE E 610 80.30 2.06 -60.57
CA PHE E 610 80.00 1.24 -61.73
C PHE E 610 78.66 1.66 -62.37
N SER F 17 57.12 -44.87 -80.46
CA SER F 17 57.45 -45.99 -79.54
C SER F 17 56.43 -46.05 -78.39
N THR F 18 56.88 -46.25 -77.14
CA THR F 18 55.96 -46.58 -76.06
C THR F 18 55.34 -45.31 -75.46
N ILE F 19 55.84 -44.11 -75.82
CA ILE F 19 55.45 -42.87 -75.17
C ILE F 19 54.45 -42.11 -76.05
N LYS F 20 53.18 -42.02 -75.59
CA LYS F 20 52.10 -41.38 -76.33
C LYS F 20 52.09 -39.86 -76.10
N LYS F 21 52.24 -39.39 -74.86
CA LYS F 21 52.06 -37.96 -74.56
C LYS F 21 53.07 -37.48 -73.50
N VAL F 22 53.67 -36.30 -73.76
CA VAL F 22 54.71 -35.75 -72.91
C VAL F 22 54.36 -34.30 -72.56
N ALA F 23 54.19 -33.99 -71.27
CA ALA F 23 53.77 -32.66 -70.84
C ALA F 23 54.68 -32.09 -69.76
N PRO F 24 55.12 -30.81 -69.86
CA PRO F 24 54.88 -29.97 -71.04
C PRO F 24 55.67 -30.44 -72.26
N THR F 25 55.25 -29.99 -73.44
CA THR F 25 55.89 -30.31 -74.71
C THR F 25 57.38 -30.03 -74.60
N PHE F 26 57.70 -28.85 -74.04
CA PHE F 26 59.07 -28.45 -73.77
C PHE F 26 59.05 -27.36 -72.71
N TRP F 27 60.24 -26.97 -72.24
CA TRP F 27 60.37 -25.93 -71.23
C TRP F 27 61.48 -24.95 -71.61
N TRP F 28 61.84 -24.08 -70.66
CA TRP F 28 62.87 -23.08 -70.86
C TRP F 28 63.90 -23.19 -69.75
N ALA F 29 65.11 -22.69 -70.04
CA ALA F 29 66.14 -22.52 -69.02
C ALA F 29 65.95 -21.15 -68.38
N GLY F 30 66.29 -21.06 -67.09
CA GLY F 30 66.34 -19.79 -66.38
C GLY F 30 64.96 -19.21 -66.04
N MET F 31 63.99 -20.08 -65.74
CA MET F 31 62.74 -19.63 -65.14
C MET F 31 63.02 -19.37 -63.65
N LYS F 32 62.26 -18.45 -63.03
CA LYS F 32 62.46 -18.14 -61.62
C LYS F 32 62.27 -19.39 -60.76
N ASN F 33 61.20 -20.14 -60.99
CA ASN F 33 61.04 -21.47 -60.41
C ASN F 33 61.88 -22.47 -61.19
N PRO F 34 62.93 -23.06 -60.61
CA PRO F 34 63.80 -23.98 -61.35
C PRO F 34 63.29 -25.41 -61.48
N GLU F 35 62.13 -25.71 -60.87
CA GLU F 35 61.57 -27.05 -60.90
C GLU F 35 60.85 -27.26 -62.24
N LEU F 36 60.95 -28.46 -62.80
CA LEU F 36 60.16 -28.84 -63.97
C LEU F 36 59.56 -30.21 -63.71
N GLN F 37 58.23 -30.27 -63.78
CA GLN F 37 57.53 -31.54 -63.71
C GLN F 37 57.28 -31.97 -65.16
N ILE F 38 57.76 -33.15 -65.53
CA ILE F 38 57.44 -33.72 -66.83
C ILE F 38 56.56 -34.94 -66.57
N LEU F 39 55.33 -34.90 -67.12
CA LEU F 39 54.35 -35.99 -67.01
C LEU F 39 54.45 -36.84 -68.28
N LEU F 40 54.73 -38.14 -68.10
CA LEU F 40 54.91 -39.05 -69.21
C LEU F 40 53.73 -40.02 -69.21
N TYR F 41 53.17 -40.22 -70.42
CA TYR F 41 52.03 -41.12 -70.63
C TYR F 41 52.36 -42.11 -71.73
N GLY F 42 52.25 -43.42 -71.42
CA GLY F 42 52.48 -44.46 -72.41
C GLY F 42 51.93 -45.81 -71.97
N ASP F 43 52.36 -46.88 -72.67
CA ASP F 43 51.92 -48.24 -72.38
C ASP F 43 52.79 -48.82 -71.27
N ARG F 44 52.15 -49.18 -70.14
CA ARG F 44 52.79 -49.76 -68.97
C ARG F 44 54.24 -49.25 -68.82
N ILE F 45 54.40 -47.94 -68.58
CA ILE F 45 55.71 -47.32 -68.47
C ILE F 45 56.17 -47.19 -67.02
N SER F 46 55.27 -47.46 -66.05
CA SER F 46 55.48 -47.02 -64.67
C SER F 46 56.58 -47.82 -63.95
N SER F 47 56.90 -49.00 -64.47
CA SER F 47 57.91 -49.84 -63.82
C SER F 47 59.32 -49.42 -64.28
N ALA F 48 59.40 -48.56 -65.30
CA ALA F 48 60.68 -48.25 -65.94
C ALA F 48 61.65 -47.62 -64.95
N ASP F 49 62.96 -47.79 -65.21
CA ASP F 49 64.01 -47.08 -64.49
C ASP F 49 64.35 -45.84 -65.31
N VAL F 50 64.34 -44.67 -64.67
CA VAL F 50 64.50 -43.42 -65.38
C VAL F 50 65.89 -42.87 -65.13
N SER F 51 66.50 -42.32 -66.19
CA SER F 51 67.74 -41.58 -66.10
C SER F 51 67.73 -40.47 -67.13
N LEU F 52 68.70 -39.57 -67.04
CA LEU F 52 68.82 -38.44 -67.97
C LEU F 52 70.21 -38.45 -68.60
N SER F 53 70.25 -38.07 -69.88
CA SER F 53 71.48 -37.76 -70.57
C SER F 53 71.44 -36.28 -70.93
N ALA F 54 72.13 -35.47 -70.11
CA ALA F 54 71.95 -34.03 -70.10
C ALA F 54 73.13 -33.33 -69.46
N ASP F 55 73.11 -32.00 -69.56
CA ASP F 55 74.16 -31.13 -69.05
C ASP F 55 73.59 -30.32 -67.88
N ASN F 56 73.95 -30.72 -66.65
CA ASN F 56 73.63 -29.99 -65.43
C ASN F 56 72.13 -29.96 -65.17
N ILE F 57 71.51 -31.15 -65.24
CA ILE F 57 70.12 -31.31 -64.87
C ILE F 57 70.06 -32.46 -63.88
N THR F 58 69.36 -32.27 -62.75
CA THR F 58 69.16 -33.34 -61.80
C THR F 58 67.74 -33.89 -61.96
N LEU F 59 67.64 -35.21 -62.15
CA LEU F 59 66.38 -35.90 -61.97
C LEU F 59 66.19 -36.17 -60.47
N GLN F 60 65.31 -35.40 -59.83
CA GLN F 60 65.18 -35.41 -58.38
C GLN F 60 64.40 -36.64 -57.94
N GLU F 61 63.31 -36.97 -58.64
CA GLU F 61 62.28 -37.88 -58.14
C GLU F 61 61.50 -38.45 -59.33
N VAL F 62 61.13 -39.74 -59.26
CA VAL F 62 60.21 -40.34 -60.21
C VAL F 62 59.03 -40.89 -59.42
N VAL F 63 57.80 -40.49 -59.79
CA VAL F 63 56.61 -40.78 -58.98
C VAL F 63 55.72 -41.77 -59.73
N LYS F 64 55.42 -42.89 -59.08
CA LYS F 64 54.58 -43.96 -59.62
C LYS F 64 53.23 -43.92 -58.92
N GLN F 65 52.15 -44.21 -59.66
CA GLN F 65 50.80 -44.17 -59.13
C GLN F 65 50.01 -45.38 -59.64
N GLU F 66 48.78 -45.58 -59.12
CA GLU F 66 47.93 -46.72 -59.43
C GLU F 66 47.99 -47.06 -60.92
N ASN F 67 47.77 -46.07 -61.79
CA ASN F 67 47.73 -46.34 -63.21
C ASN F 67 49.16 -46.55 -63.72
N PRO F 68 49.48 -47.72 -64.32
CA PRO F 68 50.83 -47.97 -64.82
C PRO F 68 51.18 -47.27 -66.14
N ASN F 69 50.26 -46.48 -66.69
CA ASN F 69 50.51 -45.80 -67.95
C ASN F 69 51.22 -44.46 -67.75
N TYR F 70 51.54 -44.10 -66.50
CA TYR F 70 52.08 -42.77 -66.23
C TYR F 70 53.36 -42.87 -65.41
N LEU F 71 54.25 -41.92 -65.68
CA LEU F 71 55.31 -41.57 -64.75
C LEU F 71 55.29 -40.05 -64.56
N VAL F 72 55.57 -39.59 -63.33
CA VAL F 72 55.76 -38.17 -63.08
C VAL F 72 57.22 -37.93 -62.70
N LEU F 73 57.91 -37.12 -63.50
CA LEU F 73 59.32 -36.81 -63.28
C LEU F 73 59.42 -35.38 -62.75
N TYR F 74 60.29 -35.20 -61.74
CA TYR F 74 60.63 -33.87 -61.23
C TYR F 74 62.10 -33.62 -61.49
N LEU F 75 62.41 -32.61 -62.32
CA LEU F 75 63.77 -32.23 -62.62
C LEU F 75 64.08 -30.89 -61.93
N ASP F 76 65.35 -30.71 -61.56
CA ASP F 76 65.86 -29.42 -61.08
C ASP F 76 66.73 -28.79 -62.17
N LEU F 77 66.37 -27.57 -62.60
CA LEU F 77 66.99 -26.91 -63.73
C LEU F 77 67.82 -25.70 -63.29
N SER F 78 68.17 -25.62 -62.00
CA SER F 78 68.71 -24.38 -61.45
C SER F 78 70.07 -24.06 -62.06
N LYS F 79 70.83 -25.11 -62.40
CA LYS F 79 72.20 -24.95 -62.87
C LYS F 79 72.30 -25.24 -64.37
N ALA F 80 71.17 -25.20 -65.08
CA ALA F 80 71.12 -25.74 -66.44
C ALA F 80 70.99 -24.63 -67.47
N ALA F 81 71.67 -24.79 -68.60
CA ALA F 81 71.58 -23.85 -69.70
C ALA F 81 70.72 -24.44 -70.80
N PRO F 82 70.27 -23.60 -71.76
CA PRO F 82 69.46 -24.08 -72.88
C PRO F 82 70.18 -25.26 -73.52
N GLN F 83 69.42 -26.28 -73.94
CA GLN F 83 70.03 -27.50 -74.45
C GLN F 83 68.94 -28.44 -74.94
N ASN F 84 69.33 -29.46 -75.72
CA ASN F 84 68.51 -30.63 -75.97
C ASN F 84 69.09 -31.78 -75.15
N PHE F 85 68.20 -32.61 -74.58
CA PHE F 85 68.64 -33.68 -73.71
C PHE F 85 67.67 -34.85 -73.89
N ASP F 86 68.04 -36.01 -73.32
CA ASP F 86 67.24 -37.20 -73.50
C ASP F 86 66.83 -37.74 -72.12
N ILE F 87 65.56 -38.16 -72.02
CA ILE F 87 65.04 -38.90 -70.87
C ILE F 87 65.02 -40.36 -71.29
N ILE F 88 65.52 -41.24 -70.41
CA ILE F 88 65.78 -42.62 -70.81
C ILE F 88 65.07 -43.57 -69.85
N LEU F 89 64.11 -44.32 -70.40
CA LEU F 89 63.28 -45.26 -69.64
C LEU F 89 63.70 -46.68 -70.04
N LYS F 90 64.17 -47.48 -69.07
CA LYS F 90 64.56 -48.87 -69.31
C LYS F 90 63.33 -49.76 -69.08
N GLN F 95 64.33 -50.26 -74.02
CA GLN F 95 64.84 -48.93 -73.58
C GLN F 95 64.35 -47.84 -74.55
N THR F 96 63.69 -46.81 -74.02
CA THR F 96 63.12 -45.74 -74.83
C THR F 96 63.86 -44.44 -74.53
N LYS F 97 64.25 -43.71 -75.59
CA LYS F 97 64.85 -42.39 -75.47
C LYS F 97 63.79 -41.33 -75.80
N ILE F 98 63.43 -40.50 -74.81
CA ILE F 98 62.51 -39.38 -75.02
C ILE F 98 63.33 -38.10 -75.11
N PRO F 99 63.38 -37.43 -76.29
CA PRO F 99 64.12 -36.17 -76.40
C PRO F 99 63.31 -35.04 -75.76
N TYR F 100 64.02 -34.00 -75.25
CA TYR F 100 63.38 -32.91 -74.54
C TYR F 100 64.22 -31.64 -74.69
N GLU F 101 63.54 -30.52 -74.95
CA GLU F 101 64.22 -29.27 -75.22
C GLU F 101 64.05 -28.29 -74.06
N LEU F 102 65.15 -27.66 -73.61
CA LEU F 102 65.11 -26.45 -72.81
C LEU F 102 65.40 -25.27 -73.72
N LYS F 103 64.36 -24.53 -74.12
CA LYS F 103 64.55 -23.40 -75.01
C LYS F 103 65.26 -22.27 -74.27
N GLN F 104 65.70 -21.29 -75.03
CA GLN F 104 66.37 -20.12 -74.49
C GLN F 104 65.34 -19.00 -74.43
N ARG F 105 65.27 -18.31 -73.30
CA ARG F 105 64.23 -17.30 -73.13
C ARG F 105 64.59 -16.07 -73.95
N ARG F 106 63.58 -15.53 -74.64
CA ARG F 106 63.65 -14.16 -75.11
C ARG F 106 64.18 -13.31 -73.98
N PRO F 107 64.95 -12.23 -74.25
CA PRO F 107 65.29 -11.28 -73.20
C PRO F 107 64.03 -10.51 -72.79
N ASN F 108 63.92 -10.25 -71.48
CA ASN F 108 62.83 -9.48 -70.89
C ASN F 108 61.47 -10.14 -71.08
N ALA F 109 61.43 -11.49 -71.10
CA ALA F 109 60.19 -12.22 -71.08
C ALA F 109 59.42 -11.94 -69.79
N SER F 110 60.18 -11.87 -68.68
CA SER F 110 59.67 -11.55 -67.36
C SER F 110 58.92 -10.23 -67.35
N ALA F 111 59.28 -9.31 -68.25
CA ALA F 111 58.83 -7.94 -68.09
C ALA F 111 57.62 -7.64 -68.99
N VAL F 112 56.96 -8.68 -69.48
CA VAL F 112 55.79 -8.47 -70.31
C VAL F 112 54.77 -7.65 -69.54
N GLU F 113 54.21 -6.62 -70.20
CA GLU F 113 53.14 -5.82 -69.62
C GLU F 113 51.91 -6.68 -69.35
N GLY F 114 51.18 -6.36 -68.27
CA GLY F 114 49.87 -6.91 -67.99
C GLY F 114 48.81 -6.06 -68.68
N PHE F 115 47.60 -6.04 -68.12
CA PHE F 115 46.60 -5.05 -68.49
C PHE F 115 46.02 -4.41 -67.23
N ASP F 116 45.36 -3.27 -67.39
CA ASP F 116 44.98 -2.46 -66.26
C ASP F 116 43.92 -1.45 -66.72
N SER F 117 43.61 -0.47 -65.87
CA SER F 117 42.47 0.41 -66.11
C SER F 117 42.71 1.35 -67.30
N SER F 118 43.94 1.41 -67.80
CA SER F 118 44.22 2.14 -69.03
C SER F 118 43.71 1.36 -70.24
N ASP F 119 43.43 0.08 -70.05
CA ASP F 119 43.02 -0.79 -71.14
C ASP F 119 41.50 -0.89 -71.23
N VAL F 120 41.05 -1.35 -72.40
CA VAL F 120 39.69 -1.84 -72.60
C VAL F 120 39.81 -3.16 -73.33
N LEU F 121 39.11 -4.19 -72.82
CA LEU F 121 39.23 -5.52 -73.37
C LEU F 121 38.07 -5.81 -74.32
N TYR F 122 38.38 -6.51 -75.42
CA TYR F 122 37.38 -6.90 -76.40
C TYR F 122 37.27 -8.42 -76.37
N LEU F 123 36.11 -8.92 -75.93
CA LEU F 123 35.93 -10.34 -75.70
C LEU F 123 35.39 -11.01 -76.96
N ILE F 124 36.11 -12.05 -77.42
CA ILE F 124 35.81 -12.76 -78.66
C ILE F 124 35.68 -14.26 -78.37
N MET F 125 34.58 -14.85 -78.84
CA MET F 125 34.41 -16.29 -78.90
C MET F 125 34.92 -16.77 -80.27
N PRO F 126 36.13 -17.37 -80.36
CA PRO F 126 36.76 -17.62 -81.65
C PRO F 126 35.93 -18.33 -82.71
N ASP F 127 35.17 -19.35 -82.30
CA ASP F 127 34.38 -20.13 -83.23
C ASP F 127 33.26 -19.31 -83.88
N ARG F 128 33.05 -18.06 -83.43
CA ARG F 128 31.86 -17.30 -83.82
C ARG F 128 32.23 -15.89 -84.26
N PHE F 129 33.53 -15.64 -84.48
CA PHE F 129 33.97 -14.30 -84.86
C PHE F 129 34.22 -14.24 -86.35
N ALA F 130 35.19 -15.03 -86.85
CA ALA F 130 35.52 -15.02 -88.27
C ALA F 130 36.16 -16.32 -88.72
N ASN F 131 35.73 -16.79 -89.90
CA ASN F 131 36.29 -17.97 -90.54
C ASN F 131 37.27 -17.53 -91.62
N GLY F 132 38.56 -17.56 -91.29
CA GLY F 132 39.60 -17.12 -92.21
C GLY F 132 40.28 -18.29 -92.91
N ASN F 133 39.94 -19.52 -92.50
CA ASN F 133 40.46 -20.72 -93.13
C ASN F 133 39.41 -21.83 -93.04
N PRO F 134 38.53 -21.99 -94.06
CA PRO F 134 37.47 -23.01 -94.00
C PRO F 134 37.95 -24.46 -94.01
N SER F 135 39.23 -24.68 -94.39
CA SER F 135 39.78 -26.01 -94.53
C SER F 135 39.91 -26.73 -93.18
N ASN F 136 39.88 -25.96 -92.08
CA ASN F 136 40.07 -26.54 -90.75
C ASN F 136 38.74 -26.61 -89.99
N ASP F 137 37.63 -26.22 -90.64
CA ASP F 137 36.31 -26.30 -90.00
C ASP F 137 36.01 -27.73 -89.54
N ILE F 138 36.44 -28.72 -90.33
CA ILE F 138 36.31 -30.12 -89.95
C ILE F 138 37.70 -30.72 -89.94
N ILE F 139 38.00 -31.50 -88.88
CA ILE F 139 39.31 -32.12 -88.74
C ILE F 139 39.12 -33.63 -88.63
N PRO F 140 39.67 -34.40 -89.59
CA PRO F 140 39.49 -35.86 -89.58
C PRO F 140 39.95 -36.42 -88.23
N GLY F 141 39.10 -37.26 -87.63
CA GLY F 141 39.47 -37.99 -86.44
C GLY F 141 38.83 -37.40 -85.19
N MET F 142 38.58 -36.08 -85.19
CA MET F 142 38.00 -35.41 -84.03
C MET F 142 36.54 -35.85 -83.85
N LEU F 143 36.16 -36.02 -82.59
CA LEU F 143 34.90 -36.66 -82.19
C LEU F 143 33.69 -35.88 -82.69
N GLU F 144 33.78 -34.55 -82.76
CA GLU F 144 32.69 -33.75 -83.28
C GLU F 144 33.02 -33.41 -84.75
N ASN F 146 31.40 -32.33 -87.51
CA ASN F 146 30.50 -31.55 -88.41
C ASN F 146 30.60 -30.08 -88.06
N VAL F 147 30.21 -29.23 -89.02
CA VAL F 147 29.89 -27.83 -88.76
C VAL F 147 28.49 -27.54 -89.30
N ASP F 148 27.80 -26.60 -88.65
CA ASP F 148 26.43 -26.29 -88.99
C ASP F 148 26.10 -24.90 -88.42
N ARG F 149 26.24 -23.88 -89.26
CA ARG F 149 26.03 -22.50 -88.85
C ARG F 149 24.57 -22.22 -88.50
N ASN F 150 23.65 -23.17 -88.76
CA ASN F 150 22.24 -22.97 -88.47
C ASN F 150 21.86 -23.67 -87.17
N GLU F 151 22.81 -24.38 -86.54
CA GLU F 151 22.61 -24.93 -85.20
C GLU F 151 23.36 -24.06 -84.18
N PRO F 152 22.66 -23.40 -83.23
CA PRO F 152 23.34 -22.54 -82.25
C PRO F 152 24.41 -23.24 -81.40
N PHE F 153 24.25 -24.55 -81.13
CA PHE F 153 25.14 -25.28 -80.23
C PHE F 153 26.15 -26.15 -80.99
N ALA F 154 26.34 -25.89 -82.29
CA ALA F 154 27.31 -26.62 -83.07
C ALA F 154 28.46 -25.70 -83.45
N ARG F 155 29.56 -26.30 -83.93
CA ARG F 155 30.68 -25.52 -84.42
C ARG F 155 30.24 -24.81 -85.69
N HIS F 156 30.73 -23.58 -85.86
CA HIS F 156 30.40 -22.72 -86.99
C HIS F 156 31.61 -22.46 -87.87
N GLY F 157 32.82 -22.73 -87.35
CA GLY F 157 34.04 -22.73 -88.16
C GLY F 157 34.93 -21.49 -87.96
N GLY F 158 34.67 -20.67 -86.92
CA GLY F 158 35.55 -19.54 -86.63
C GLY F 158 36.95 -20.03 -86.29
N ASP F 159 37.98 -19.18 -86.52
CA ASP F 159 39.35 -19.59 -86.27
C ASP F 159 40.28 -18.37 -86.04
N LEU F 160 41.56 -18.70 -85.75
CA LEU F 160 42.57 -17.71 -85.39
C LEU F 160 42.85 -16.77 -86.57
N LYS F 161 42.98 -17.38 -87.76
CA LYS F 161 43.22 -16.63 -88.98
C LYS F 161 42.15 -15.56 -89.14
N GLY F 162 40.90 -15.94 -88.83
CA GLY F 162 39.78 -15.01 -88.83
C GLY F 162 40.02 -13.78 -87.94
N ILE F 163 40.53 -14.02 -86.71
CA ILE F 163 40.82 -12.90 -85.82
C ILE F 163 41.96 -12.09 -86.43
N GLU F 164 43.01 -12.79 -86.88
CA GLU F 164 44.17 -12.13 -87.47
C GLU F 164 43.73 -11.24 -88.64
N ASN F 165 42.79 -11.72 -89.47
CA ASN F 165 42.35 -10.97 -90.63
C ASN F 165 41.70 -9.64 -90.22
N HIS F 166 41.15 -9.54 -89.00
CA HIS F 166 40.35 -8.37 -88.64
C HIS F 166 40.95 -7.58 -87.48
N LEU F 167 42.26 -7.78 -87.19
CA LEU F 167 42.95 -6.97 -86.21
C LEU F 167 42.81 -5.46 -86.52
N ASP F 168 42.84 -5.12 -87.80
CA ASP F 168 42.74 -3.73 -88.26
C ASP F 168 41.43 -3.14 -87.73
N TYR F 169 40.34 -3.93 -87.78
CA TYR F 169 39.01 -3.48 -87.39
C TYR F 169 39.00 -3.26 -85.88
N ILE F 170 39.56 -4.22 -85.15
CA ILE F 170 39.60 -4.18 -83.69
C ILE F 170 40.37 -2.94 -83.23
N ALA F 171 41.56 -2.69 -83.79
CA ALA F 171 42.37 -1.55 -83.38
C ALA F 171 41.66 -0.24 -83.70
N ASP F 172 40.98 -0.21 -84.84
CA ASP F 172 40.35 1.02 -85.30
C ASP F 172 39.15 1.33 -84.38
N LEU F 173 38.51 0.27 -83.86
CA LEU F 173 37.37 0.44 -82.95
C LEU F 173 37.82 1.23 -81.72
N GLY F 174 39.06 1.00 -81.27
CA GLY F 174 39.66 1.79 -80.21
C GLY F 174 39.94 0.99 -78.93
N VAL F 175 39.68 -0.32 -78.92
CA VAL F 175 39.98 -1.16 -77.78
C VAL F 175 41.50 -1.36 -77.72
N THR F 176 42.02 -1.83 -76.58
CA THR F 176 43.46 -1.94 -76.42
C THR F 176 43.88 -3.41 -76.32
N SER F 177 42.91 -4.33 -76.19
CA SER F 177 43.25 -5.72 -75.94
C SER F 177 42.17 -6.63 -76.51
N ILE F 178 42.59 -7.79 -77.02
CA ILE F 178 41.66 -8.84 -77.39
C ILE F 178 41.71 -9.86 -76.25
N TRP F 179 40.53 -10.36 -75.88
CA TRP F 179 40.39 -11.40 -74.88
C TRP F 179 39.62 -12.56 -75.52
N LEU F 180 40.26 -13.72 -75.58
CA LEU F 180 39.70 -14.88 -76.28
C LEU F 180 39.13 -15.85 -75.26
N ASN F 181 37.90 -16.33 -75.52
CA ASN F 181 37.40 -17.53 -74.87
C ASN F 181 38.39 -18.64 -75.18
N PRO F 182 38.30 -19.78 -74.47
CA PRO F 182 39.36 -20.79 -74.51
C PRO F 182 39.70 -21.27 -75.93
N ILE F 183 41.02 -21.31 -76.22
CA ILE F 183 41.54 -21.75 -77.49
C ILE F 183 42.18 -23.14 -77.33
N GLN F 184 42.32 -23.64 -76.11
CA GLN F 184 42.86 -24.98 -75.92
C GLN F 184 41.85 -26.02 -76.43
N GLU F 185 42.39 -27.15 -76.92
CA GLU F 185 41.62 -28.12 -77.68
C GLU F 185 40.48 -28.72 -76.84
N ASN F 186 39.29 -28.75 -77.44
CA ASN F 186 38.10 -29.38 -76.88
C ASN F 186 37.65 -30.52 -77.80
N ASP F 187 38.35 -31.65 -77.75
CA ASP F 187 37.99 -32.79 -78.57
C ASP F 187 36.87 -33.57 -77.88
N MET F 188 35.66 -32.98 -77.88
CA MET F 188 34.49 -33.60 -77.26
C MET F 188 33.46 -33.96 -78.34
N LYS F 189 32.58 -34.94 -78.03
CA LYS F 189 31.52 -35.37 -78.93
C LYS F 189 30.54 -34.21 -79.19
N GLU F 190 30.05 -33.57 -78.13
CA GLU F 190 29.13 -32.45 -78.27
C GLU F 190 29.66 -31.23 -77.48
N GLY F 191 29.23 -30.04 -77.89
CA GLY F 191 29.46 -28.81 -77.13
C GLY F 191 30.89 -28.28 -77.22
N SER F 192 31.66 -28.70 -78.23
CA SER F 192 33.09 -28.42 -78.29
C SER F 192 33.34 -26.96 -78.66
N TYR F 193 32.32 -26.28 -79.18
CA TYR F 193 32.50 -24.98 -79.82
C TYR F 193 32.96 -23.92 -78.82
N HIS F 194 32.56 -24.04 -77.54
CA HIS F 194 32.68 -22.95 -76.59
C HIS F 194 34.05 -22.96 -75.91
N GLY F 195 34.66 -24.13 -75.75
CA GLY F 195 36.06 -24.25 -75.35
C GLY F 195 36.26 -24.64 -73.88
N TYR F 196 35.18 -24.84 -73.11
CA TYR F 196 35.29 -24.93 -71.65
C TYR F 196 35.44 -26.37 -71.18
N ALA F 197 35.72 -27.29 -72.11
CA ALA F 197 35.99 -28.68 -71.77
C ALA F 197 37.25 -29.14 -72.49
N ILE F 198 38.40 -28.82 -71.87
CA ILE F 198 39.68 -28.96 -72.52
C ILE F 198 40.12 -30.43 -72.48
N THR F 199 40.62 -30.92 -73.63
CA THR F 199 41.12 -32.28 -73.70
C THR F 199 42.64 -32.31 -73.85
N ASP F 200 43.24 -31.18 -74.23
CA ASP F 200 44.70 -31.08 -74.22
C ASP F 200 45.11 -29.67 -73.82
N TYR F 201 45.77 -29.54 -72.65
CA TYR F 201 46.14 -28.23 -72.14
C TYR F 201 47.31 -27.62 -72.91
N TYR F 202 48.01 -28.43 -73.73
CA TYR F 202 49.22 -27.93 -74.40
C TYR F 202 49.03 -27.78 -75.91
N GLN F 203 47.77 -27.83 -76.40
CA GLN F 203 47.53 -27.72 -77.83
C GLN F 203 46.35 -26.79 -78.11
N VAL F 204 46.53 -25.83 -79.02
CA VAL F 204 45.39 -25.12 -79.55
C VAL F 204 44.46 -26.11 -80.25
N ASP F 205 43.16 -25.85 -80.19
CA ASP F 205 42.19 -26.68 -80.89
C ASP F 205 42.50 -26.63 -82.38
N ARG F 206 42.68 -27.83 -82.98
CA ARG F 206 43.10 -27.94 -84.37
C ARG F 206 42.11 -27.26 -85.33
N ARG F 207 40.85 -27.08 -84.90
CA ARG F 207 39.87 -26.38 -85.71
C ARG F 207 40.05 -24.85 -85.66
N PHE F 208 40.84 -24.35 -84.71
CA PHE F 208 41.13 -22.92 -84.61
C PHE F 208 42.48 -22.60 -85.28
N GLY F 209 43.41 -23.56 -85.22
CA GLY F 209 44.75 -23.34 -85.73
C GLY F 209 45.76 -24.21 -84.99
N SER F 210 47.04 -23.94 -85.27
CA SER F 210 48.15 -24.55 -84.55
C SER F 210 48.64 -23.62 -83.44
N ASN F 211 49.51 -24.15 -82.58
CA ASN F 211 50.16 -23.34 -81.57
C ASN F 211 50.85 -22.13 -82.21
N GLU F 212 51.58 -22.38 -83.31
CA GLU F 212 52.32 -21.33 -83.99
C GLU F 212 51.38 -20.23 -84.47
N GLU F 213 50.18 -20.60 -84.92
CA GLU F 213 49.22 -19.62 -85.36
C GLU F 213 48.89 -18.67 -84.20
N PHE F 214 48.78 -19.21 -82.98
CA PHE F 214 48.42 -18.40 -81.82
C PHE F 214 49.55 -17.41 -81.53
N ARG F 215 50.80 -17.91 -81.56
CA ARG F 215 51.96 -17.05 -81.35
C ARG F 215 51.96 -15.91 -82.37
N LYS F 216 51.66 -16.24 -83.63
CA LYS F 216 51.66 -15.28 -84.72
C LYS F 216 50.58 -14.24 -84.47
N LEU F 217 49.36 -14.72 -84.12
CA LEU F 217 48.25 -13.84 -83.80
C LEU F 217 48.69 -12.81 -82.76
N THR F 218 49.37 -13.30 -81.71
CA THR F 218 49.79 -12.44 -80.62
C THR F 218 50.78 -11.40 -81.14
N GLN F 219 51.80 -11.87 -81.88
CA GLN F 219 52.78 -10.99 -82.48
C GLN F 219 52.08 -9.91 -83.30
N GLU F 220 51.12 -10.34 -84.13
CA GLU F 220 50.45 -9.44 -85.06
C GLU F 220 49.65 -8.43 -84.24
N ALA F 221 48.95 -8.92 -83.22
CA ALA F 221 48.15 -8.05 -82.37
C ALA F 221 49.01 -7.01 -81.67
N ASN F 222 50.14 -7.46 -81.09
CA ASN F 222 51.05 -6.57 -80.37
C ASN F 222 51.53 -5.45 -81.28
N ALA F 223 51.81 -5.78 -82.56
CA ALA F 223 52.37 -4.82 -83.49
C ALA F 223 51.34 -3.75 -83.86
N LYS F 224 50.05 -4.08 -83.78
CA LYS F 224 49.00 -3.10 -83.98
C LYS F 224 48.60 -2.44 -82.66
N GLY F 225 49.37 -2.67 -81.58
CA GLY F 225 49.15 -2.00 -80.31
C GLY F 225 48.08 -2.67 -79.44
N LEU F 226 47.84 -3.97 -79.63
CA LEU F 226 46.80 -4.67 -78.91
C LEU F 226 47.43 -5.70 -77.98
N LYS F 227 46.91 -5.79 -76.73
CA LYS F 227 47.30 -6.85 -75.81
C LYS F 227 46.44 -8.08 -76.06
N VAL F 228 46.84 -9.22 -75.51
CA VAL F 228 46.10 -10.46 -75.69
C VAL F 228 45.87 -11.12 -74.34
N VAL F 229 44.61 -11.46 -74.06
CA VAL F 229 44.23 -12.16 -72.85
C VAL F 229 43.60 -13.50 -73.18
N MET F 230 43.92 -14.51 -72.37
CA MET F 230 43.57 -15.89 -72.67
C MET F 230 42.77 -16.48 -71.50
N ASP F 231 41.63 -17.12 -71.83
CA ASP F 231 40.83 -17.86 -70.88
C ASP F 231 41.46 -19.23 -70.60
N MET F 232 41.51 -19.61 -69.32
CA MET F 232 41.98 -20.93 -68.92
C MET F 232 41.05 -21.48 -67.84
N ILE F 233 41.05 -22.80 -67.66
CA ILE F 233 40.13 -23.46 -66.75
C ILE F 233 40.89 -24.55 -66.00
N PHE F 234 41.05 -24.37 -64.68
CA PHE F 234 41.73 -25.33 -63.82
C PHE F 234 40.72 -26.15 -63.02
N ASN F 235 39.50 -25.62 -62.86
CA ASN F 235 38.48 -26.29 -62.05
C ASN F 235 38.17 -27.65 -62.67
N HIS F 236 38.11 -27.70 -64.00
CA HIS F 236 37.69 -28.92 -64.68
C HIS F 236 38.30 -29.01 -66.08
N CYS F 237 38.36 -30.26 -66.57
CA CYS F 237 38.67 -30.54 -67.96
C CYS F 237 37.49 -31.28 -68.59
N GLY F 238 37.57 -31.52 -69.91
CA GLY F 238 36.58 -32.31 -70.59
C GLY F 238 36.76 -33.80 -70.27
N SER F 239 35.68 -34.58 -70.29
CA SER F 239 35.75 -35.99 -69.96
C SER F 239 36.56 -36.78 -71.00
N ASP F 240 36.89 -36.19 -72.15
CA ASP F 240 37.70 -36.90 -73.15
C ASP F 240 39.17 -36.51 -73.09
N ASN F 241 39.58 -35.75 -72.06
CA ASN F 241 40.98 -35.50 -71.77
C ASN F 241 41.64 -36.82 -71.34
N TYR F 242 42.83 -37.10 -71.85
CA TYR F 242 43.50 -38.34 -71.49
C TYR F 242 43.68 -38.41 -69.97
N LEU F 243 43.88 -37.25 -69.34
CA LEU F 243 44.12 -37.22 -67.90
C LEU F 243 42.90 -37.78 -67.15
N PHE F 244 41.69 -37.60 -67.71
CA PHE F 244 40.47 -38.10 -67.08
C PHE F 244 40.14 -39.50 -67.60
N LYS F 245 40.03 -39.67 -68.93
CA LYS F 245 39.71 -40.94 -69.56
C LYS F 245 40.57 -42.06 -68.96
N ASP F 246 41.88 -41.78 -68.84
CA ASP F 246 42.83 -42.75 -68.33
C ASP F 246 43.55 -42.14 -67.12
N MET F 247 42.84 -42.07 -65.98
CA MET F 247 43.29 -41.32 -64.81
C MET F 247 44.61 -41.88 -64.28
N PRO F 248 45.62 -41.02 -64.00
CA PRO F 248 46.80 -41.45 -63.23
C PRO F 248 46.42 -42.12 -61.91
N SER F 249 45.47 -41.51 -61.19
CA SER F 249 44.92 -42.11 -59.98
C SER F 249 43.57 -41.47 -59.64
N LYS F 250 42.83 -42.12 -58.73
CA LYS F 250 41.53 -41.65 -58.29
C LYS F 250 41.68 -40.28 -57.62
N ASP F 251 42.88 -39.93 -57.16
CA ASP F 251 43.07 -38.71 -56.38
C ASP F 251 43.17 -37.48 -57.30
N TRP F 252 43.26 -37.67 -58.62
CA TRP F 252 43.40 -36.54 -59.54
C TRP F 252 42.08 -35.79 -59.72
N PHE F 253 40.95 -36.44 -59.40
CA PHE F 253 39.66 -35.82 -59.57
C PHE F 253 38.85 -36.02 -58.29
N ASN F 254 37.97 -35.05 -58.00
CA ASN F 254 37.27 -35.05 -56.73
C ASN F 254 36.16 -36.08 -56.77
N PHE F 255 35.75 -36.49 -55.56
CA PHE F 255 34.81 -37.59 -55.33
C PHE F 255 35.39 -38.87 -55.94
N GLU F 256 36.71 -39.02 -55.80
CA GLU F 256 37.45 -40.20 -56.22
C GLU F 256 37.08 -40.61 -57.65
N GLY F 257 36.84 -39.62 -58.52
CA GLY F 257 36.63 -39.88 -59.93
C GLY F 257 35.18 -40.19 -60.30
N ASN F 258 34.29 -40.19 -59.28
CA ASN F 258 32.86 -40.45 -59.49
C ASN F 258 32.09 -39.13 -59.58
N TYR F 259 31.17 -39.07 -60.55
CA TYR F 259 30.35 -37.89 -60.79
C TYR F 259 29.47 -37.62 -59.58
N VAL F 260 29.67 -36.44 -58.96
CA VAL F 260 28.74 -35.86 -58.00
C VAL F 260 28.58 -34.40 -58.42
N GLN F 261 27.32 -33.98 -58.57
CA GLN F 261 26.97 -32.69 -59.14
C GLN F 261 27.17 -31.59 -58.10
N THR F 262 27.83 -30.49 -58.50
CA THR F 262 28.02 -29.33 -57.64
C THR F 262 26.68 -28.64 -57.41
N SER F 263 26.54 -28.01 -56.25
CA SER F 263 25.43 -27.13 -55.89
C SER F 263 25.54 -25.74 -56.53
N PHE F 264 26.75 -25.35 -56.93
CA PHE F 264 27.06 -24.02 -57.44
C PHE F 264 27.11 -23.01 -56.28
N LYS F 265 26.98 -23.47 -55.03
CA LYS F 265 26.94 -22.56 -53.89
C LYS F 265 28.39 -22.28 -53.45
N THR F 266 29.05 -21.34 -54.12
CA THR F 266 30.47 -21.08 -53.91
C THR F 266 30.68 -20.11 -52.75
N ALA F 267 29.59 -19.52 -52.25
CA ALA F 267 29.62 -18.75 -51.01
C ALA F 267 30.17 -19.58 -49.84
N THR F 268 30.19 -20.91 -49.98
CA THR F 268 30.64 -21.78 -48.91
C THR F 268 32.12 -21.57 -48.60
N GLN F 269 32.88 -20.98 -49.53
CA GLN F 269 34.30 -20.76 -49.28
C GLN F 269 34.50 -19.69 -48.19
N MET F 270 33.60 -18.70 -48.11
CA MET F 270 33.81 -17.60 -47.18
C MET F 270 32.67 -17.41 -46.18
N ASP F 271 31.53 -18.07 -46.39
CA ASP F 271 30.41 -17.98 -45.46
C ASP F 271 30.89 -18.42 -44.09
N PRO F 272 30.83 -17.57 -43.04
CA PRO F 272 31.33 -17.97 -41.73
C PRO F 272 30.48 -19.08 -41.11
N TYR F 273 29.27 -19.28 -41.64
CA TYR F 273 28.32 -20.23 -41.10
C TYR F 273 28.20 -21.47 -41.99
N ALA F 274 29.12 -21.65 -42.94
CA ALA F 274 29.02 -22.77 -43.87
C ALA F 274 29.16 -24.09 -43.15
N SER F 275 28.44 -25.11 -43.67
CA SER F 275 28.56 -26.49 -43.22
C SER F 275 29.68 -27.19 -43.98
N ASP F 276 30.25 -28.24 -43.35
CA ASP F 276 31.25 -29.06 -43.98
C ASP F 276 30.67 -29.75 -45.21
N TYR F 277 29.45 -30.30 -45.04
CA TYR F 277 28.79 -31.03 -46.10
C TYR F 277 28.66 -30.15 -47.34
N GLU F 278 28.22 -28.89 -47.17
CA GLU F 278 27.93 -28.03 -48.31
C GLU F 278 29.22 -27.52 -48.98
N LYS F 279 30.27 -27.24 -48.19
CA LYS F 279 31.54 -26.83 -48.77
C LYS F 279 32.02 -27.91 -49.74
N LYS F 280 31.91 -29.19 -49.34
CA LYS F 280 32.40 -30.29 -50.15
C LYS F 280 31.59 -30.41 -51.44
N ILE F 281 30.26 -30.40 -51.31
CA ILE F 281 29.40 -30.54 -52.47
C ILE F 281 29.72 -29.42 -53.48
N ALA F 282 29.92 -28.19 -52.99
CA ALA F 282 30.16 -27.08 -53.90
C ALA F 282 31.53 -27.17 -54.58
N ILE F 283 32.59 -27.36 -53.80
CA ILE F 283 33.94 -27.06 -54.29
C ILE F 283 34.55 -28.33 -54.88
N ASP F 284 34.12 -29.50 -54.37
CA ASP F 284 34.53 -30.77 -54.93
C ASP F 284 33.52 -31.30 -55.94
N GLY F 285 32.35 -30.67 -56.07
CA GLY F 285 31.34 -31.14 -57.00
C GLY F 285 31.67 -30.81 -58.46
N TRP F 286 31.20 -31.66 -59.38
CA TRP F 286 31.44 -31.48 -60.82
C TRP F 286 30.41 -30.52 -61.40
N PHE F 287 30.84 -29.72 -62.38
CA PHE F 287 29.94 -28.77 -63.01
C PHE F 287 28.88 -29.48 -63.83
N THR F 288 29.28 -30.51 -64.61
CA THR F 288 28.40 -31.48 -65.24
C THR F 288 29.17 -32.80 -65.36
N LEU F 289 28.53 -33.80 -65.97
CA LEU F 289 29.10 -35.13 -66.12
C LEU F 289 30.37 -35.08 -66.97
N THR F 290 30.37 -34.28 -68.03
CA THR F 290 31.45 -34.29 -69.00
C THR F 290 32.51 -33.23 -68.68
N MET F 291 32.40 -32.60 -67.49
CA MET F 291 33.37 -31.63 -67.01
C MET F 291 33.84 -32.03 -65.62
N PRO F 292 34.59 -33.13 -65.49
CA PRO F 292 35.00 -33.62 -64.17
C PRO F 292 35.90 -32.63 -63.43
N ASP F 293 35.79 -32.66 -62.09
CA ASP F 293 36.39 -31.65 -61.23
C ASP F 293 37.79 -32.10 -60.83
N PHE F 294 38.80 -31.33 -61.25
CA PHE F 294 40.17 -31.58 -60.82
C PHE F 294 40.25 -31.45 -59.30
N ASN F 295 41.08 -32.32 -58.71
CA ASN F 295 41.49 -32.18 -57.32
C ASN F 295 42.76 -31.34 -57.24
N GLN F 296 42.61 -30.02 -57.06
CA GLN F 296 43.78 -29.15 -57.04
C GLN F 296 44.61 -29.37 -55.78
N ARG F 297 44.13 -30.16 -54.81
CA ARG F 297 44.92 -30.42 -53.63
C ARG F 297 45.98 -31.48 -53.91
N ASN F 298 45.88 -32.15 -55.06
CA ASN F 298 46.91 -33.10 -55.46
C ASN F 298 48.10 -32.33 -56.03
N ARG F 299 49.30 -32.58 -55.47
CA ARG F 299 50.51 -31.84 -55.83
C ARG F 299 50.79 -31.92 -57.33
N HIS F 300 50.61 -33.10 -57.92
CA HIS F 300 50.90 -33.31 -59.34
C HIS F 300 49.90 -32.56 -60.22
N VAL F 301 48.60 -32.62 -59.86
CA VAL F 301 47.59 -31.91 -60.61
C VAL F 301 47.93 -30.41 -60.62
N ALA F 302 48.28 -29.91 -59.44
CA ALA F 302 48.48 -28.47 -59.27
C ALA F 302 49.66 -28.00 -60.11
N THR F 303 50.79 -28.71 -60.01
CA THR F 303 51.96 -28.30 -60.77
C THR F 303 51.66 -28.41 -62.27
N TYR F 304 51.00 -29.50 -62.67
CA TYR F 304 50.65 -29.68 -64.07
C TYR F 304 49.92 -28.43 -64.58
N LEU F 305 48.89 -28.01 -63.84
CA LEU F 305 48.06 -26.90 -64.28
C LEU F 305 48.83 -25.57 -64.21
N ILE F 306 49.56 -25.36 -63.11
CA ILE F 306 50.33 -24.13 -62.97
C ILE F 306 51.29 -23.98 -64.14
N GLN F 307 52.07 -25.05 -64.41
CA GLN F 307 53.05 -25.06 -65.49
C GLN F 307 52.37 -24.71 -66.81
N SER F 308 51.19 -25.31 -67.06
CA SER F 308 50.47 -25.06 -68.29
C SER F 308 50.25 -23.57 -68.50
N SER F 309 49.89 -22.83 -67.44
CA SER F 309 49.60 -21.41 -67.60
C SER F 309 50.87 -20.67 -67.93
N ILE F 310 51.96 -21.06 -67.26
CA ILE F 310 53.23 -20.36 -67.44
C ILE F 310 53.73 -20.60 -68.87
N TRP F 311 53.57 -21.85 -69.32
CA TRP F 311 53.98 -22.25 -70.66
C TRP F 311 53.39 -21.31 -71.71
N TRP F 312 52.08 -21.08 -71.65
CA TRP F 312 51.44 -20.22 -72.63
C TRP F 312 51.91 -18.77 -72.50
N ILE F 313 52.33 -18.33 -71.30
CA ILE F 313 52.80 -16.96 -71.16
C ILE F 313 54.16 -16.83 -71.85
N GLU F 314 55.08 -17.76 -71.54
CA GLU F 314 56.40 -17.76 -72.17
C GLU F 314 56.25 -17.91 -73.68
N TYR F 315 55.53 -18.96 -74.09
CA TYR F 315 55.49 -19.35 -75.49
C TYR F 315 54.82 -18.28 -76.35
N ALA F 316 53.68 -17.74 -75.90
CA ALA F 316 52.84 -16.95 -76.79
C ALA F 316 52.94 -15.45 -76.53
N GLY F 317 53.51 -15.03 -75.40
CA GLY F 317 53.69 -13.62 -75.11
C GLY F 317 52.37 -12.91 -74.75
N ILE F 318 51.44 -13.61 -74.09
CA ILE F 318 50.16 -13.01 -73.71
C ILE F 318 50.36 -12.06 -72.53
N ASN F 319 49.37 -11.19 -72.31
CA ASN F 319 49.44 -10.13 -71.31
C ASN F 319 48.53 -10.42 -70.11
N GLY F 320 47.70 -11.47 -70.18
CA GLY F 320 46.65 -11.65 -69.21
C GLY F 320 46.00 -13.04 -69.31
N ILE F 321 45.50 -13.51 -68.18
CA ILE F 321 44.69 -14.71 -68.11
C ILE F 321 43.40 -14.40 -67.37
N ARG F 322 42.30 -14.95 -67.88
CA ARG F 322 41.08 -15.02 -67.10
C ARG F 322 40.89 -16.47 -66.69
N GLN F 323 40.86 -16.71 -65.38
CA GLN F 323 40.61 -18.03 -64.83
C GLN F 323 39.11 -18.13 -64.60
N ASP F 324 38.45 -18.89 -65.46
CA ASP F 324 37.04 -19.18 -65.27
C ASP F 324 36.89 -20.08 -64.06
N THR F 325 35.76 -19.95 -63.37
CA THR F 325 35.35 -20.91 -62.37
C THR F 325 36.25 -20.77 -61.15
N HIS F 326 36.95 -19.63 -60.99
CA HIS F 326 38.00 -19.48 -59.96
C HIS F 326 37.45 -19.92 -58.60
N PRO F 327 36.25 -19.45 -58.16
CA PRO F 327 35.71 -19.80 -56.85
C PRO F 327 35.33 -21.27 -56.60
N TYR F 328 35.24 -22.08 -57.67
CA TYR F 328 34.91 -23.50 -57.55
C TYR F 328 36.17 -24.32 -57.29
N ALA F 329 37.32 -23.65 -57.26
CA ALA F 329 38.60 -24.33 -57.06
C ALA F 329 39.14 -24.10 -55.64
N ASP F 330 40.08 -24.97 -55.24
CA ASP F 330 40.73 -24.88 -53.95
C ASP F 330 41.38 -23.51 -53.79
N PHE F 331 41.07 -22.85 -52.66
CA PHE F 331 41.47 -21.47 -52.44
C PHE F 331 42.99 -21.36 -52.36
N ASP F 332 43.60 -22.26 -51.56
CA ASP F 332 45.03 -22.24 -51.29
C ASP F 332 45.84 -22.43 -52.56
N MET F 333 45.38 -23.34 -53.42
CA MET F 333 46.15 -23.66 -54.61
C MET F 333 46.05 -22.52 -55.61
N MET F 334 44.89 -21.87 -55.69
CA MET F 334 44.74 -20.74 -56.59
C MET F 334 45.55 -19.54 -56.12
N ALA F 335 45.71 -19.36 -54.80
CA ALA F 335 46.63 -18.36 -54.28
C ALA F 335 48.08 -18.70 -54.64
N ARG F 336 48.48 -19.99 -54.55
CA ARG F 336 49.81 -20.40 -54.94
C ARG F 336 50.03 -20.12 -56.43
N TRP F 337 48.99 -20.38 -57.23
CA TRP F 337 49.05 -20.17 -58.68
C TRP F 337 49.31 -18.71 -59.01
N CYS F 338 48.50 -17.81 -58.45
CA CYS F 338 48.67 -16.38 -58.71
C CYS F 338 50.05 -15.92 -58.27
N LYS F 339 50.50 -16.34 -57.08
CA LYS F 339 51.83 -16.02 -56.61
C LYS F 339 52.87 -16.54 -57.61
N ALA F 340 52.74 -17.78 -58.09
CA ALA F 340 53.76 -18.35 -58.97
C ALA F 340 53.83 -17.58 -60.28
N VAL F 341 52.67 -17.14 -60.77
CA VAL F 341 52.65 -16.41 -62.03
C VAL F 341 53.31 -15.06 -61.84
N ASN F 342 53.00 -14.36 -60.73
CA ASN F 342 53.49 -13.00 -60.53
C ASN F 342 54.97 -13.01 -60.17
N GLU F 343 55.47 -14.10 -59.56
CA GLU F 343 56.90 -14.23 -59.28
C GLU F 343 57.68 -14.29 -60.60
N GLU F 344 57.08 -14.90 -61.65
CA GLU F 344 57.74 -15.00 -62.93
C GLU F 344 57.49 -13.75 -63.78
N TYR F 345 56.28 -13.18 -63.71
CA TYR F 345 55.91 -12.05 -64.55
C TYR F 345 55.29 -10.96 -63.69
N PRO F 346 56.11 -10.07 -63.07
CA PRO F 346 55.61 -9.15 -62.06
C PRO F 346 54.51 -8.18 -62.48
N LYS F 347 54.40 -7.87 -63.78
CA LYS F 347 53.39 -6.92 -64.23
C LYS F 347 52.14 -7.62 -64.76
N PHE F 348 52.17 -8.96 -64.85
CA PHE F 348 51.08 -9.71 -65.46
C PHE F 348 49.82 -9.59 -64.60
N ASN F 349 48.65 -9.55 -65.27
CA ASN F 349 47.38 -9.43 -64.57
C ASN F 349 46.56 -10.69 -64.79
N ILE F 350 45.93 -11.16 -63.71
CA ILE F 350 45.01 -12.29 -63.79
C ILE F 350 43.66 -11.79 -63.30
N VAL F 351 42.60 -12.14 -64.02
CA VAL F 351 41.26 -11.86 -63.57
C VAL F 351 40.59 -13.20 -63.31
N GLY F 352 39.89 -13.29 -62.18
CA GLY F 352 39.10 -14.48 -61.85
C GLY F 352 37.60 -14.22 -62.04
N GLU F 353 36.89 -15.25 -62.51
CA GLU F 353 35.45 -15.17 -62.59
C GLU F 353 34.89 -15.23 -61.18
N THR F 354 34.35 -14.13 -60.70
CA THR F 354 33.78 -14.07 -59.37
C THR F 354 32.29 -13.85 -59.53
N TRP F 355 31.58 -14.89 -59.98
CA TRP F 355 30.16 -14.74 -60.30
C TRP F 355 29.32 -14.98 -59.04
N LEU F 356 29.08 -13.90 -58.30
CA LEU F 356 28.41 -13.95 -57.02
C LEU F 356 27.46 -12.77 -56.96
N GLY F 357 26.58 -12.77 -55.98
CA GLY F 357 25.45 -11.86 -55.94
C GLY F 357 25.81 -10.45 -55.44
N ASN F 358 26.93 -10.30 -54.72
CA ASN F 358 27.20 -9.06 -54.01
C ASN F 358 28.70 -8.76 -53.91
N ASN F 359 28.99 -7.48 -53.66
CA ASN F 359 30.35 -6.97 -53.55
C ASN F 359 31.08 -7.58 -52.35
N VAL F 360 30.36 -7.93 -51.29
CA VAL F 360 31.03 -8.45 -50.11
C VAL F 360 31.74 -9.76 -50.47
N LEU F 361 31.02 -10.70 -51.08
CA LEU F 361 31.58 -12.01 -51.35
C LEU F 361 32.62 -11.90 -52.46
N ILE F 362 32.40 -11.02 -53.43
CA ILE F 362 33.36 -10.85 -54.52
C ILE F 362 34.67 -10.28 -53.96
N SER F 363 34.56 -9.33 -53.01
CA SER F 363 35.73 -8.64 -52.51
C SER F 363 36.69 -9.62 -51.84
N TYR F 364 36.14 -10.71 -51.29
CA TYR F 364 36.94 -11.71 -50.60
C TYR F 364 37.97 -12.31 -51.55
N TRP F 365 37.63 -12.43 -52.83
CA TRP F 365 38.50 -13.08 -53.80
C TRP F 365 39.58 -12.16 -54.33
N GLN F 366 39.50 -10.86 -54.06
CA GLN F 366 40.50 -9.97 -54.59
C GLN F 366 41.73 -9.96 -53.68
N LYS F 367 42.90 -9.84 -54.29
CA LYS F 367 44.16 -9.73 -53.58
C LYS F 367 44.09 -8.62 -52.54
N ASP F 368 44.59 -8.92 -51.32
CA ASP F 368 44.66 -8.00 -50.19
C ASP F 368 43.28 -7.65 -49.64
N SER F 369 42.29 -8.51 -49.89
CA SER F 369 40.95 -8.35 -49.32
C SER F 369 41.05 -8.11 -47.82
N ARG F 370 40.38 -7.06 -47.36
CA ARG F 370 40.35 -6.81 -45.94
C ARG F 370 39.51 -7.88 -45.24
N LEU F 371 38.49 -8.38 -45.92
CA LEU F 371 37.57 -9.32 -45.31
C LEU F 371 38.14 -10.72 -45.35
N ALA F 372 39.06 -11.02 -46.26
CA ALA F 372 39.66 -12.36 -46.28
C ALA F 372 40.83 -12.45 -45.29
N TYR F 373 41.39 -11.30 -44.93
CA TYR F 373 42.62 -11.30 -44.14
C TYR F 373 42.41 -12.17 -42.92
N PRO F 374 43.35 -13.06 -42.52
CA PRO F 374 44.69 -13.11 -43.11
C PRO F 374 44.91 -13.96 -44.35
N LYS F 375 43.86 -14.62 -44.82
CA LYS F 375 43.91 -15.32 -46.10
C LYS F 375 44.13 -14.27 -47.19
N ASN F 376 44.74 -14.69 -48.31
CA ASN F 376 44.96 -13.77 -49.41
C ASN F 376 44.99 -14.53 -50.73
N SER F 377 44.04 -14.23 -51.61
CA SER F 377 43.89 -14.94 -52.89
C SER F 377 45.04 -14.65 -53.84
N ASN F 378 45.69 -13.49 -53.67
CA ASN F 378 46.72 -12.98 -54.57
C ASN F 378 46.17 -12.75 -55.99
N LEU F 379 44.84 -12.72 -56.13
CA LEU F 379 44.20 -12.54 -57.41
C LEU F 379 44.01 -11.05 -57.66
N PRO F 380 44.77 -10.43 -58.60
CA PRO F 380 44.73 -8.99 -58.75
C PRO F 380 43.37 -8.45 -59.18
N THR F 381 42.72 -9.14 -60.13
CA THR F 381 41.51 -8.61 -60.74
C THR F 381 40.37 -9.60 -60.56
N VAL F 382 39.20 -9.06 -60.17
CA VAL F 382 37.97 -9.84 -60.08
C VAL F 382 36.91 -9.12 -60.92
N MET F 383 35.78 -9.80 -61.14
CA MET F 383 34.78 -9.36 -62.10
C MET F 383 33.57 -8.79 -61.37
N ASP F 384 33.19 -7.56 -61.74
CA ASP F 384 32.14 -6.82 -61.05
C ASP F 384 30.76 -7.17 -61.63
N PHE F 385 30.31 -8.41 -61.40
CA PHE F 385 29.01 -8.83 -61.84
C PHE F 385 27.90 -7.96 -61.24
N PRO F 386 27.96 -7.55 -59.96
CA PRO F 386 26.91 -6.70 -59.41
C PRO F 386 26.76 -5.40 -60.19
N LEU F 387 27.88 -4.79 -60.60
CA LEU F 387 27.82 -3.54 -61.36
C LEU F 387 27.09 -3.82 -62.67
N MET F 388 27.35 -5.00 -63.25
CA MET F 388 26.68 -5.37 -64.48
C MET F 388 25.17 -5.39 -64.27
N GLU F 389 24.71 -6.10 -63.23
CA GLU F 389 23.28 -6.17 -62.96
C GLU F 389 22.70 -4.76 -62.84
N GLU F 390 23.38 -3.86 -62.13
CA GLU F 390 22.84 -2.52 -61.92
C GLU F 390 22.80 -1.77 -63.26
N MET F 391 23.85 -1.92 -64.08
CA MET F 391 23.93 -1.15 -65.32
C MET F 391 22.86 -1.60 -66.32
N ASN F 392 22.43 -2.86 -66.23
CA ASN F 392 21.40 -3.40 -67.09
C ASN F 392 20.00 -2.95 -66.67
N LYS F 393 19.88 -2.15 -65.60
CA LYS F 393 18.59 -1.63 -65.17
C LYS F 393 18.65 -0.11 -64.97
N ALA F 394 19.83 0.44 -64.73
CA ALA F 394 19.97 1.83 -64.29
C ALA F 394 19.60 2.84 -65.37
N PHE F 395 19.71 2.43 -66.65
CA PHE F 395 19.50 3.36 -67.75
C PHE F 395 18.09 3.25 -68.32
N ASP F 396 17.28 2.32 -67.78
CA ASP F 396 15.92 2.09 -68.25
C ASP F 396 14.89 2.65 -67.28
N GLU F 397 15.25 2.86 -66.02
CA GLU F 397 14.27 3.26 -65.03
C GLU F 397 14.25 4.78 -64.93
N GLU F 398 13.13 5.29 -64.39
CA GLU F 398 13.06 6.68 -63.98
C GLU F 398 14.03 6.91 -62.81
N THR F 399 14.78 8.01 -62.84
CA THR F 399 15.56 8.43 -61.70
C THR F 399 14.77 9.50 -60.94
N THR F 400 14.09 9.13 -59.84
CA THR F 400 13.30 10.09 -59.07
C THR F 400 14.22 10.97 -58.21
N GLU F 401 13.63 11.69 -57.26
CA GLU F 401 14.42 12.51 -56.36
C GLU F 401 15.11 11.63 -55.32
N TRP F 402 14.54 10.45 -55.04
CA TRP F 402 15.00 9.60 -53.94
C TRP F 402 15.66 8.29 -54.39
N ASN F 403 15.17 7.68 -55.47
CA ASN F 403 15.59 6.33 -55.83
C ASN F 403 15.37 6.05 -57.32
N GLY F 404 15.83 4.87 -57.74
CA GLY F 404 15.62 4.38 -59.09
C GLY F 404 16.69 4.86 -60.08
N GLY F 405 16.83 4.11 -61.18
CA GLY F 405 17.65 4.54 -62.30
C GLY F 405 19.10 4.74 -61.89
N LEU F 406 19.59 5.96 -62.09
CA LEU F 406 20.99 6.27 -61.89
C LEU F 406 21.38 6.19 -60.41
N PHE F 407 20.39 6.17 -59.49
CA PHE F 407 20.70 5.96 -58.09
C PHE F 407 21.40 4.61 -57.89
N ARG F 408 21.06 3.62 -58.70
CA ARG F 408 21.68 2.31 -58.57
C ARG F 408 23.20 2.42 -58.66
N LEU F 409 23.68 3.33 -59.51
CA LEU F 409 25.10 3.50 -59.75
C LEU F 409 25.73 4.27 -58.60
N TYR F 410 25.06 5.35 -58.17
CA TYR F 410 25.54 6.14 -57.06
C TYR F 410 25.69 5.25 -55.83
N GLU F 411 24.64 4.49 -55.52
CA GLU F 411 24.59 3.70 -54.31
C GLU F 411 25.61 2.58 -54.37
N TYR F 412 25.78 1.93 -55.52
CA TYR F 412 26.68 0.80 -55.59
C TYR F 412 28.13 1.27 -55.42
N LEU F 413 28.48 2.35 -56.13
CA LEU F 413 29.87 2.79 -56.12
C LEU F 413 30.28 3.29 -54.74
N SER F 414 29.35 3.87 -53.97
CA SER F 414 29.66 4.41 -52.66
C SER F 414 30.10 3.29 -51.69
N GLN F 415 29.79 2.03 -52.02
CA GLN F 415 30.19 0.89 -51.23
C GLN F 415 31.60 0.40 -51.60
N ASP F 416 32.35 1.15 -52.41
CA ASP F 416 33.62 0.64 -52.90
C ASP F 416 34.68 0.47 -51.81
N ILE F 417 34.40 0.91 -50.57
CA ILE F 417 35.27 0.62 -49.45
C ILE F 417 35.46 -0.88 -49.27
N VAL F 418 34.51 -1.74 -49.71
CA VAL F 418 34.69 -3.18 -49.57
C VAL F 418 35.87 -3.68 -50.41
N TYR F 419 36.19 -3.00 -51.52
CA TYR F 419 37.09 -3.56 -52.51
C TYR F 419 38.50 -3.05 -52.24
N SER F 420 39.47 -3.98 -52.24
CA SER F 420 40.84 -3.62 -51.92
C SER F 420 41.47 -2.83 -53.07
N HIS F 421 41.10 -3.16 -54.31
CA HIS F 421 41.67 -2.51 -55.48
C HIS F 421 40.57 -2.22 -56.49
N PRO F 422 39.77 -1.14 -56.29
CA PRO F 422 38.63 -0.84 -57.17
C PRO F 422 38.99 -0.64 -58.64
N MET F 423 40.20 -0.14 -58.92
CA MET F 423 40.67 0.05 -60.27
C MET F 423 41.15 -1.26 -60.90
N SER F 424 41.12 -2.37 -60.17
CA SER F 424 41.34 -3.70 -60.76
C SER F 424 40.06 -4.52 -60.70
N LEU F 425 38.93 -3.88 -60.99
CA LEU F 425 37.67 -4.58 -61.16
C LEU F 425 37.32 -4.56 -62.64
N LEU F 426 37.10 -5.74 -63.21
CA LEU F 426 36.62 -5.82 -64.58
C LEU F 426 35.15 -5.43 -64.59
N THR F 427 34.81 -4.46 -65.46
CA THR F 427 33.47 -3.94 -65.58
C THR F 427 32.97 -4.23 -66.99
N PHE F 428 31.66 -4.43 -67.13
CA PHE F 428 31.12 -4.93 -68.38
C PHE F 428 29.58 -4.91 -68.34
N LEU F 429 28.98 -4.71 -69.52
CA LEU F 429 27.54 -4.72 -69.67
C LEU F 429 27.04 -6.14 -69.86
N ASP F 430 27.89 -7.01 -70.41
CA ASP F 430 27.48 -8.36 -70.70
C ASP F 430 28.72 -9.19 -71.04
N ASN F 431 28.50 -10.50 -71.25
CA ASN F 431 29.54 -11.36 -71.79
C ASN F 431 28.87 -12.61 -72.36
N HIS F 432 29.70 -13.61 -72.71
CA HIS F 432 29.23 -14.78 -73.44
C HIS F 432 28.31 -15.66 -72.61
N ASP F 433 28.13 -15.35 -71.32
CA ASP F 433 27.27 -16.14 -70.46
C ASP F 433 26.00 -15.40 -70.06
N THR F 434 25.85 -14.15 -70.52
CA THR F 434 24.67 -13.36 -70.17
C THR F 434 23.88 -13.02 -71.43
N SER F 435 22.63 -12.62 -71.20
CA SER F 435 21.92 -11.79 -72.16
C SER F 435 22.87 -10.68 -72.58
N ARG F 436 22.83 -10.33 -73.88
CA ARG F 436 23.53 -9.15 -74.38
C ARG F 436 22.81 -7.91 -73.87
N PHE F 437 23.53 -6.78 -73.87
CA PHE F 437 22.99 -5.51 -73.38
C PHE F 437 21.60 -5.28 -73.94
N TYR F 438 21.46 -5.45 -75.27
CA TYR F 438 20.17 -5.48 -75.95
C TYR F 438 19.70 -6.93 -76.08
N ARG F 439 18.50 -7.20 -75.54
CA ARG F 439 18.02 -8.57 -75.44
C ARG F 439 17.51 -9.05 -76.79
N SER F 440 16.90 -8.14 -77.58
CA SER F 440 16.35 -8.47 -78.89
C SER F 440 16.70 -7.40 -79.92
N GLU F 441 16.61 -7.77 -81.20
CA GLU F 441 16.89 -6.85 -82.30
C GLU F 441 15.97 -5.63 -82.21
N ALA F 442 14.70 -5.88 -81.81
CA ALA F 442 13.70 -4.82 -81.69
C ALA F 442 14.11 -3.75 -80.67
N ASP F 443 14.76 -4.16 -79.58
CA ASP F 443 15.09 -3.24 -78.51
C ASP F 443 16.13 -2.21 -78.97
N THR F 444 16.89 -2.52 -80.04
CA THR F 444 18.01 -1.69 -80.47
C THR F 444 17.52 -0.42 -81.18
N LYS F 445 16.19 -0.26 -81.31
CA LYS F 445 15.61 0.89 -81.99
C LYS F 445 15.93 2.18 -81.22
N ASN F 446 16.14 2.08 -79.89
CA ASN F 446 16.49 3.26 -79.10
C ASN F 446 17.90 3.10 -78.53
N LEU F 447 18.77 4.09 -78.80
CA LEU F 447 20.18 4.02 -78.49
C LEU F 447 20.55 4.86 -77.27
N ASP F 448 19.57 5.52 -76.62
CA ASP F 448 19.83 6.32 -75.44
C ASP F 448 20.55 5.49 -74.38
N ARG F 449 19.97 4.34 -74.04
CA ARG F 449 20.53 3.48 -73.01
C ARG F 449 21.94 3.06 -73.39
N TYR F 450 22.17 2.74 -74.67
CA TYR F 450 23.49 2.35 -75.15
C TYR F 450 24.48 3.47 -74.88
N LYS F 451 24.05 4.71 -75.13
CA LYS F 451 24.98 5.83 -75.11
C LYS F 451 25.34 6.16 -73.66
N GLN F 452 24.33 6.17 -72.79
CA GLN F 452 24.56 6.44 -71.37
C GLN F 452 25.39 5.31 -70.76
N ALA F 453 24.98 4.05 -70.99
CA ALA F 453 25.68 2.92 -70.41
C ALA F 453 27.16 2.94 -70.77
N LEU F 454 27.48 3.15 -72.04
CA LEU F 454 28.85 3.07 -72.47
C LEU F 454 29.62 4.32 -72.02
N THR F 455 28.95 5.47 -71.92
CA THR F 455 29.63 6.66 -71.40
C THR F 455 30.09 6.37 -69.97
N PHE F 456 29.17 5.82 -69.17
CA PHE F 456 29.43 5.47 -67.78
C PHE F 456 30.56 4.46 -67.72
N LEU F 457 30.39 3.34 -68.42
CA LEU F 457 31.38 2.27 -68.39
C LEU F 457 32.77 2.79 -68.67
N LEU F 458 32.89 3.68 -69.66
CA LEU F 458 34.21 4.02 -70.18
C LEU F 458 34.77 5.27 -69.51
N THR F 459 34.04 5.84 -68.53
CA THR F 459 34.58 6.96 -67.77
C THR F 459 34.69 6.67 -66.27
N THR F 460 33.92 5.73 -65.73
CA THR F 460 33.96 5.45 -64.30
C THR F 460 35.15 4.54 -64.00
N ARG F 461 35.24 4.12 -62.73
CA ARG F 461 36.40 3.37 -62.26
C ARG F 461 36.35 1.98 -62.87
N GLY F 462 37.52 1.32 -62.97
CA GLY F 462 37.57 -0.09 -63.34
C GLY F 462 38.27 -0.32 -64.68
N ILE F 463 38.22 -1.58 -65.13
CA ILE F 463 38.80 -2.06 -66.36
C ILE F 463 37.66 -2.52 -67.27
N PRO F 464 37.23 -1.70 -68.26
CA PRO F 464 36.09 -2.07 -69.12
C PRO F 464 36.36 -3.23 -70.07
N GLN F 465 35.31 -4.00 -70.34
CA GLN F 465 35.34 -5.06 -71.33
C GLN F 465 34.11 -4.91 -72.23
N ILE F 466 34.33 -4.96 -73.54
CA ILE F 466 33.26 -4.97 -74.53
C ILE F 466 33.19 -6.37 -75.13
N TYR F 467 31.96 -6.90 -75.19
CA TYR F 467 31.72 -8.18 -75.84
C TYR F 467 31.57 -7.95 -77.34
N TYR F 468 32.18 -8.83 -78.16
CA TYR F 468 32.21 -8.68 -79.61
C TYR F 468 30.80 -8.54 -80.15
N GLY F 469 30.61 -7.57 -81.04
CA GLY F 469 29.32 -7.35 -81.69
C GLY F 469 28.47 -6.31 -80.98
N THR F 470 28.89 -5.87 -79.80
CA THR F 470 28.15 -4.86 -79.06
C THR F 470 28.12 -3.58 -79.89
N GLU F 471 29.24 -3.32 -80.57
CA GLU F 471 29.45 -2.09 -81.31
C GLU F 471 28.60 -2.03 -82.59
N ILE F 472 27.94 -3.14 -82.97
CA ILE F 472 27.04 -3.14 -84.12
C ILE F 472 25.65 -3.64 -83.74
N LEU F 473 25.31 -3.56 -82.45
CA LEU F 473 23.96 -3.81 -81.95
C LEU F 473 23.51 -5.25 -82.12
N MET F 474 24.44 -6.23 -82.05
CA MET F 474 24.00 -7.62 -81.94
C MET F 474 23.21 -7.77 -80.64
N ALA F 475 22.15 -8.58 -80.68
CA ALA F 475 21.24 -8.74 -79.58
C ALA F 475 21.06 -10.21 -79.26
N ALA F 476 20.64 -10.51 -78.02
CA ALA F 476 20.46 -11.87 -77.58
C ALA F 476 19.88 -11.87 -76.17
N ASP F 477 19.09 -12.91 -75.87
CA ASP F 477 18.42 -13.06 -74.59
C ASP F 477 18.74 -14.44 -74.05
N LYS F 478 19.17 -14.49 -72.78
CA LYS F 478 19.59 -15.71 -72.11
C LYS F 478 18.54 -16.81 -72.26
N ALA F 479 17.26 -16.41 -72.32
CA ALA F 479 16.16 -17.36 -72.35
C ALA F 479 16.18 -18.23 -73.61
N ASN F 480 16.84 -17.76 -74.69
CA ASN F 480 16.88 -18.53 -75.93
C ASN F 480 18.11 -19.42 -76.00
N GLY F 481 18.76 -19.67 -74.86
CA GLY F 481 19.88 -20.60 -74.81
C GLY F 481 21.22 -19.92 -75.10
N ASP F 482 22.31 -20.59 -74.72
CA ASP F 482 23.63 -20.00 -74.72
C ASP F 482 24.15 -19.85 -76.16
N GLY F 483 23.77 -20.77 -77.04
CA GLY F 483 24.21 -20.76 -78.43
C GLY F 483 23.94 -19.42 -79.12
N LEU F 484 22.75 -18.84 -78.89
CA LEU F 484 22.37 -17.60 -79.53
C LEU F 484 22.93 -16.37 -78.82
N LEU F 485 23.66 -16.58 -77.70
CA LEU F 485 24.40 -15.50 -77.08
C LEU F 485 25.69 -15.22 -77.85
N ARG F 486 26.02 -16.14 -78.76
CA ARG F 486 27.34 -16.19 -79.39
C ARG F 486 27.16 -16.37 -80.90
N CYS F 487 26.30 -15.55 -81.49
CA CYS F 487 26.02 -15.61 -82.91
C CYS F 487 27.25 -15.15 -83.70
N ASP F 488 27.27 -15.54 -84.98
CA ASP F 488 28.40 -15.25 -85.85
C ASP F 488 28.44 -13.73 -86.10
N PHE F 489 29.64 -13.16 -86.02
CA PHE F 489 29.81 -11.77 -86.41
C PHE F 489 29.43 -11.67 -87.89
N PRO F 490 28.46 -10.82 -88.26
CA PRO F 490 28.05 -10.71 -89.66
C PRO F 490 29.16 -10.05 -90.48
N GLY F 491 29.83 -10.87 -91.30
CA GLY F 491 31.00 -10.43 -92.06
C GLY F 491 32.19 -11.39 -91.87
N GLY F 492 32.10 -12.30 -90.90
CA GLY F 492 33.22 -13.15 -90.57
C GLY F 492 33.31 -14.37 -91.48
N TRP F 493 32.24 -14.60 -92.25
CA TRP F 493 32.18 -15.73 -93.17
C TRP F 493 32.15 -15.23 -94.62
N PRO F 494 32.74 -15.99 -95.58
CA PRO F 494 32.89 -15.51 -96.95
C PRO F 494 31.57 -15.14 -97.63
N ASN F 495 30.51 -15.88 -97.30
CA ASN F 495 29.24 -15.79 -98.01
C ASN F 495 28.19 -14.96 -97.25
N ASP F 496 28.60 -14.25 -96.19
CA ASP F 496 27.66 -13.45 -95.41
C ASP F 496 27.12 -12.32 -96.30
N THR F 497 25.84 -11.98 -96.12
CA THR F 497 25.16 -11.00 -96.97
C THR F 497 25.67 -9.58 -96.66
N LYS F 498 25.69 -9.19 -95.38
CA LYS F 498 26.17 -7.87 -94.98
C LYS F 498 27.48 -8.07 -94.21
N ASN F 499 28.57 -7.45 -94.66
CA ASN F 499 29.88 -7.54 -93.99
C ASN F 499 30.08 -6.32 -93.10
N CYS F 500 29.76 -6.47 -91.81
CA CYS F 500 29.68 -5.33 -90.90
C CYS F 500 31.05 -4.88 -90.38
N PHE F 501 32.13 -5.53 -90.82
CA PHE F 501 33.47 -5.05 -90.53
C PHE F 501 33.76 -3.74 -91.26
N ASP F 502 32.95 -3.39 -92.26
CA ASP F 502 33.14 -2.15 -93.01
C ASP F 502 31.89 -1.28 -92.84
N ALA F 503 32.10 0.03 -92.64
CA ALA F 503 30.99 0.97 -92.41
C ALA F 503 30.02 0.96 -93.59
N ALA F 504 30.52 0.68 -94.79
CA ALA F 504 29.75 0.74 -96.01
C ALA F 504 28.55 -0.23 -96.01
N ASN F 505 28.63 -1.33 -95.26
CA ASN F 505 27.59 -2.35 -95.26
C ASN F 505 26.73 -2.30 -94.00
N ARG F 506 26.84 -1.23 -93.21
CA ARG F 506 26.17 -1.19 -91.92
C ARG F 506 24.94 -0.30 -92.04
N THR F 507 23.86 -0.66 -91.33
CA THR F 507 22.70 0.20 -91.22
C THR F 507 23.13 1.56 -90.65
N PRO F 508 22.36 2.64 -90.87
CA PRO F 508 22.69 3.93 -90.27
C PRO F 508 22.79 3.81 -88.75
N GLN F 509 21.87 3.05 -88.16
CA GLN F 509 21.80 2.92 -86.72
C GLN F 509 23.04 2.17 -86.20
N GLN F 510 23.42 1.11 -86.90
CA GLN F 510 24.65 0.39 -86.60
C GLN F 510 25.86 1.33 -86.62
N ASN F 511 25.87 2.30 -87.54
CA ASN F 511 27.02 3.21 -87.66
C ASN F 511 26.94 4.27 -86.56
N GLU F 512 25.73 4.64 -86.14
CA GLU F 512 25.56 5.57 -85.03
C GLU F 512 26.18 4.95 -83.78
N ALA F 513 25.81 3.68 -83.53
CA ALA F 513 26.30 2.92 -82.38
C ALA F 513 27.82 2.76 -82.44
N PHE F 514 28.32 2.29 -83.59
CA PHE F 514 29.75 2.01 -83.75
C PHE F 514 30.54 3.29 -83.55
N SER F 515 30.06 4.40 -84.14
CA SER F 515 30.81 5.65 -84.12
C SER F 515 30.89 6.21 -82.70
N PHE F 516 29.82 6.00 -81.93
CA PHE F 516 29.75 6.50 -80.56
C PHE F 516 30.79 5.80 -79.68
N MET F 517 30.76 4.46 -79.70
CA MET F 517 31.69 3.68 -78.90
C MET F 517 33.13 4.03 -79.31
N GLN F 518 33.36 4.19 -80.62
CA GLN F 518 34.69 4.44 -81.15
C GLN F 518 35.18 5.81 -80.68
N LYS F 519 34.29 6.79 -80.62
CA LYS F 519 34.68 8.12 -80.15
C LYS F 519 35.25 7.95 -78.74
N LEU F 520 34.45 7.34 -77.84
CA LEU F 520 34.82 7.17 -76.45
C LEU F 520 36.12 6.37 -76.33
N LEU F 521 36.20 5.22 -77.00
CA LEU F 521 37.36 4.33 -76.90
C LEU F 521 38.63 5.03 -77.39
N GLN F 522 38.54 5.74 -78.52
CA GLN F 522 39.70 6.37 -79.13
C GLN F 522 40.21 7.46 -78.19
N TRP F 523 39.27 8.18 -77.55
CA TRP F 523 39.59 9.22 -76.59
C TRP F 523 40.15 8.66 -75.29
N ARG F 524 39.64 7.50 -74.86
CA ARG F 524 40.05 6.88 -73.61
C ARG F 524 41.46 6.33 -73.71
N LYS F 525 41.80 5.72 -74.85
CA LYS F 525 43.12 5.13 -75.05
C LYS F 525 44.17 6.19 -74.77
N GLY F 526 45.18 5.84 -73.95
CA GLY F 526 46.24 6.77 -73.60
C GLY F 526 45.86 7.85 -72.59
N ASN F 527 44.55 7.98 -72.27
CA ASN F 527 44.08 9.06 -71.41
C ASN F 527 44.40 8.76 -69.94
N GLU F 528 45.37 9.47 -69.38
CA GLU F 528 45.79 9.26 -68.00
C GLU F 528 44.70 9.63 -66.98
N VAL F 529 43.80 10.55 -67.32
CA VAL F 529 42.76 10.94 -66.39
C VAL F 529 41.87 9.75 -66.05
N ILE F 530 41.43 9.01 -67.07
CA ILE F 530 40.52 7.90 -66.85
C ILE F 530 41.29 6.72 -66.30
N ALA F 531 42.53 6.58 -66.74
CA ALA F 531 43.31 5.42 -66.35
C ALA F 531 43.73 5.49 -64.89
N LYS F 532 44.03 6.69 -64.36
CA LYS F 532 44.65 6.79 -63.05
C LYS F 532 43.96 7.78 -62.12
N GLY F 533 42.95 8.50 -62.60
CA GLY F 533 42.48 9.68 -61.87
C GLY F 533 41.54 9.29 -60.73
N GLN F 534 41.49 10.16 -59.71
CA GLN F 534 40.48 10.09 -58.67
C GLN F 534 39.11 10.07 -59.30
N LEU F 535 38.13 9.57 -58.55
CA LEU F 535 36.74 9.63 -58.94
C LEU F 535 36.01 10.38 -57.84
N LYS F 536 35.12 11.28 -58.26
CA LYS F 536 34.27 12.00 -57.34
C LYS F 536 32.89 12.14 -57.98
N HIS F 537 31.83 11.76 -57.25
CA HIS F 537 30.49 11.78 -57.80
C HIS F 537 29.53 12.46 -56.84
N PHE F 538 28.33 12.75 -57.38
CA PHE F 538 27.26 13.43 -56.68
C PHE F 538 25.99 12.60 -56.80
N ALA F 539 25.17 12.60 -55.76
CA ALA F 539 23.87 11.96 -55.82
C ALA F 539 23.10 12.54 -57.02
N PRO F 540 22.31 11.71 -57.72
CA PRO F 540 21.42 12.22 -58.74
C PRO F 540 20.68 13.45 -58.23
N ASN F 541 20.70 14.51 -59.05
CA ASN F 541 20.12 15.80 -58.75
C ASN F 541 18.98 16.03 -59.73
N LYS F 542 17.73 15.93 -59.24
CA LYS F 542 16.56 15.99 -60.08
C LYS F 542 16.79 15.08 -61.29
N GLY F 543 17.35 13.89 -61.01
CA GLY F 543 17.47 12.85 -62.00
C GLY F 543 18.82 12.84 -62.71
N VAL F 544 19.69 13.82 -62.44
CA VAL F 544 20.93 13.95 -63.18
C VAL F 544 22.14 13.55 -62.31
N TYR F 545 22.84 12.49 -62.73
CA TYR F 545 24.03 11.99 -62.07
C TYR F 545 25.23 12.71 -62.65
N VAL F 546 26.13 13.21 -61.80
CA VAL F 546 27.30 13.98 -62.22
C VAL F 546 28.53 13.41 -61.52
N TYR F 547 29.65 13.28 -62.22
CA TYR F 547 30.88 12.85 -61.59
C TYR F 547 32.11 13.35 -62.34
N GLU F 548 33.27 13.26 -61.67
CA GLU F 548 34.52 13.85 -62.13
C GLU F 548 35.61 12.78 -62.02
N ARG F 549 36.43 12.67 -63.06
CA ARG F 549 37.71 12.01 -62.98
C ARG F 549 38.77 13.10 -63.07
N LYS F 550 39.82 13.01 -62.26
CA LYS F 550 40.79 14.09 -62.10
C LYS F 550 42.15 13.49 -61.80
N TYR F 551 43.16 13.83 -62.62
CA TYR F 551 44.54 13.42 -62.40
C TYR F 551 45.43 14.65 -62.56
N GLY F 552 46.19 14.98 -61.52
CA GLY F 552 46.91 16.25 -61.48
C GLY F 552 45.94 17.40 -61.70
N ASP F 553 46.15 18.14 -62.80
CA ASP F 553 45.36 19.33 -63.07
C ASP F 553 44.38 19.11 -64.21
N LYS F 554 44.53 18.01 -64.96
CA LYS F 554 43.58 17.70 -66.00
C LYS F 554 42.41 16.95 -65.36
N SER F 555 41.19 17.26 -65.82
CA SER F 555 40.02 16.60 -65.28
C SER F 555 38.96 16.42 -66.36
N VAL F 556 38.03 15.50 -66.09
CA VAL F 556 36.90 15.22 -66.96
C VAL F 556 35.65 15.19 -66.11
N VAL F 557 34.52 15.67 -66.63
CA VAL F 557 33.29 15.69 -65.88
C VAL F 557 32.15 15.15 -66.74
N VAL F 558 31.37 14.22 -66.21
CA VAL F 558 30.27 13.58 -66.91
C VAL F 558 28.97 14.04 -66.28
N PHE F 559 28.00 14.37 -67.15
CA PHE F 559 26.61 14.58 -66.76
C PHE F 559 25.80 13.52 -67.48
N LEU F 560 24.95 12.79 -66.75
CA LEU F 560 24.01 11.85 -67.32
C LEU F 560 22.64 12.22 -66.79
N ASN F 561 21.75 12.61 -67.69
CA ASN F 561 20.37 12.88 -67.31
C ASN F 561 19.63 11.55 -67.30
N GLY F 562 19.08 11.19 -66.13
CA GLY F 562 18.56 9.86 -65.89
C GLY F 562 17.05 9.77 -66.10
N ASN F 563 16.53 10.60 -67.00
CA ASN F 563 15.09 10.61 -67.26
C ASN F 563 14.83 10.95 -68.72
N ASP F 564 13.62 10.56 -69.15
CA ASP F 564 13.09 10.79 -70.47
C ASP F 564 12.41 12.17 -70.54
N ARG F 565 13.13 13.24 -70.21
CA ARG F 565 12.54 14.57 -70.15
C ARG F 565 13.63 15.63 -69.97
N GLU F 566 13.28 16.89 -70.22
CA GLU F 566 14.21 18.00 -70.06
C GLU F 566 14.25 18.34 -68.57
N GLN F 567 15.44 18.73 -68.07
CA GLN F 567 15.62 19.11 -66.68
C GLN F 567 16.65 20.22 -66.57
N THR F 568 16.29 21.28 -65.84
CA THR F 568 17.24 22.29 -65.45
C THR F 568 17.66 21.99 -64.02
N ILE F 569 18.96 22.16 -63.74
CA ILE F 569 19.52 21.95 -62.42
C ILE F 569 20.38 23.14 -62.05
N ASP F 570 20.50 23.37 -60.74
CA ASP F 570 21.41 24.35 -60.18
C ASP F 570 22.81 23.76 -60.25
N LEU F 571 23.79 24.57 -60.68
CA LEU F 571 25.18 24.13 -60.81
C LEU F 571 26.01 24.51 -59.58
N VAL F 572 25.41 25.20 -58.60
CA VAL F 572 26.15 25.65 -57.43
C VAL F 572 26.77 24.45 -56.71
N PRO F 573 26.01 23.34 -56.49
CA PRO F 573 26.59 22.13 -55.92
C PRO F 573 27.94 21.69 -56.47
N TYR F 574 28.14 21.86 -57.80
CA TYR F 574 29.27 21.24 -58.47
C TYR F 574 30.46 22.20 -58.58
N GLN F 575 30.42 23.34 -57.87
CA GLN F 575 31.47 24.34 -58.04
C GLN F 575 32.85 23.70 -57.94
N GLU F 576 33.01 22.71 -57.05
CA GLU F 576 34.32 22.15 -56.75
C GLU F 576 34.84 21.28 -57.90
N ILE F 577 34.00 20.93 -58.89
CA ILE F 577 34.48 20.18 -60.05
C ILE F 577 34.31 20.96 -61.36
N LEU F 578 33.87 22.22 -61.30
CA LEU F 578 33.68 23.05 -62.49
C LEU F 578 34.60 24.26 -62.41
N PRO F 579 35.90 24.14 -62.79
CA PRO F 579 36.83 25.24 -62.62
C PRO F 579 36.75 26.39 -63.62
N ALA F 580 35.76 26.36 -64.52
CA ALA F 580 35.59 27.44 -65.49
C ALA F 580 34.13 27.51 -65.94
N SER F 581 33.78 28.66 -66.53
CA SER F 581 32.41 29.03 -66.82
C SER F 581 31.94 28.42 -68.15
N SER F 582 32.83 27.69 -68.83
CA SER F 582 32.48 26.92 -70.01
C SER F 582 33.43 25.75 -70.19
N ALA F 583 33.04 24.81 -71.06
CA ALA F 583 33.89 23.67 -71.38
C ALA F 583 33.47 23.04 -72.70
N PHE F 584 34.32 22.15 -73.20
CA PHE F 584 34.13 21.50 -74.48
C PHE F 584 33.60 20.09 -74.27
N ASP F 585 32.41 19.81 -74.82
CA ASP F 585 31.84 18.47 -74.82
C ASP F 585 32.57 17.62 -75.85
N LEU F 586 33.18 16.51 -75.43
CA LEU F 586 33.95 15.66 -76.32
C LEU F 586 33.01 14.92 -77.27
N LEU F 587 31.71 14.79 -76.95
CA LEU F 587 30.81 13.93 -77.72
C LEU F 587 30.28 14.69 -78.95
N THR F 588 29.71 15.88 -78.74
CA THR F 588 29.17 16.69 -79.81
C THR F 588 30.21 17.68 -80.34
N GLU F 589 31.37 17.75 -79.67
CA GLU F 589 32.45 18.65 -80.02
C GLU F 589 31.98 20.11 -80.00
N LYS F 590 30.99 20.44 -79.15
CA LYS F 590 30.51 21.81 -79.01
C LYS F 590 30.95 22.39 -77.66
N LYS F 591 30.93 23.72 -77.55
CA LYS F 591 31.11 24.41 -76.28
C LYS F 591 29.83 24.33 -75.47
N VAL F 592 29.96 24.12 -74.15
CA VAL F 592 28.84 24.11 -73.22
C VAL F 592 29.07 25.19 -72.17
N GLU F 593 28.04 26.00 -71.92
CA GLU F 593 28.13 27.12 -71.00
C GLU F 593 27.79 26.65 -69.59
N LEU F 594 28.67 26.94 -68.64
CA LEU F 594 28.50 26.50 -67.26
C LEU F 594 28.31 27.72 -66.36
N ARG F 595 27.08 28.25 -66.30
CA ARG F 595 26.83 29.48 -65.55
C ARG F 595 25.52 29.39 -64.79
N ASN F 596 25.61 29.08 -63.49
CA ASN F 596 24.50 29.18 -62.55
C ASN F 596 23.53 28.00 -62.67
N GLU F 597 23.04 27.73 -63.89
CA GLU F 597 22.10 26.66 -64.14
C GLU F 597 22.46 25.97 -65.45
N LEU F 598 21.89 24.79 -65.67
CA LEU F 598 22.17 23.99 -66.86
C LEU F 598 20.92 23.18 -67.20
N THR F 599 20.51 23.26 -68.48
CA THR F 599 19.31 22.59 -68.93
C THR F 599 19.73 21.39 -69.77
N LEU F 600 19.22 20.21 -69.41
CA LEU F 600 19.63 18.97 -70.04
C LEU F 600 18.43 18.38 -70.77
N PRO F 601 18.48 18.26 -72.12
CA PRO F 601 17.45 17.54 -72.86
C PRO F 601 17.29 16.11 -72.35
N SER F 602 16.17 15.48 -72.73
CA SER F 602 15.93 14.08 -72.46
C SER F 602 17.20 13.26 -72.69
N ARG F 603 17.64 12.54 -71.65
CA ARG F 603 18.72 11.56 -71.71
C ARG F 603 20.02 12.19 -72.20
N GLU F 604 20.22 13.49 -71.94
CA GLU F 604 21.42 14.15 -72.39
C GLU F 604 22.66 13.53 -71.75
N ILE F 605 23.79 13.64 -72.45
CA ILE F 605 25.09 13.24 -71.96
C ILE F 605 26.04 14.39 -72.24
N TYR F 606 26.79 14.85 -71.24
CA TYR F 606 27.89 15.78 -71.45
C TYR F 606 29.17 15.14 -70.93
N LEU F 607 30.26 15.25 -71.69
CA LEU F 607 31.56 14.74 -71.29
C LEU F 607 32.57 15.88 -71.46
N LEU F 608 32.85 16.60 -70.37
CA LEU F 608 33.53 17.88 -70.39
C LEU F 608 34.99 17.74 -70.00
N SER F 609 35.86 18.55 -70.61
CA SER F 609 37.29 18.54 -70.31
C SER F 609 37.69 19.85 -69.66
N PHE F 610 38.68 19.80 -68.75
CA PHE F 610 39.27 21.00 -68.19
C PHE F 610 40.77 20.76 -67.84
#